data_3NIF
#
_entry.id   3NIF
#
_cell.length_a   259.530
_cell.length_b   144.280
_cell.length_c   104.350
_cell.angle_alpha   90.00
_cell.angle_beta   90.00
_cell.angle_gamma   90.00
#
_symmetry.space_group_name_H-M   'P 21 21 2'
#
loop_
_entity.id
_entity.type
_entity.pdbx_description
1 polymer 'Integrin alphaIIB beta3'
2 polymer 'Integrin beta-3'
3 polymer 'Monoclonal antibody 10E5 heavy chain'
4 polymer 'Monoclonal antibody 10E5 light chain'
5 branched alpha-D-mannopyranose-(1-3)-alpha-D-mannopyranose-(1-4)-2-acetamido-2-deoxy-beta-D-glucopyranose-(1-4)-2-acetamido-2-deoxy-beta-D-glucopyranose
6 branched 2-acetamido-2-deoxy-beta-D-glucopyranose-(1-4)-2-acetamido-2-deoxy-beta-D-glucopyranose
7 branched alpha-D-mannopyranose-(1-4)-2-acetamido-2-deoxy-beta-D-glucopyranose-(1-4)-2-acetamido-2-deoxy-beta-D-glucopyranose
8 non-polymer 'CALCIUM ION'
9 non-polymer 2-ethyl-7-piperazin-1-yl-5H-[1,3,4]thiadiazolo[3,2-a]pyrimidin-5-one
10 non-polymer GLYCEROL
11 non-polymer 'SULFATE ION'
12 non-polymer 'MAGNESIUM ION'
13 non-polymer 2-acetamido-2-deoxy-beta-D-glucopyranose
14 water water
#
loop_
_entity_poly.entity_id
_entity_poly.type
_entity_poly.pdbx_seq_one_letter_code
_entity_poly.pdbx_strand_id
1 'polypeptide(L)'
;LNLDPVQLTFYAGPNGSQFGFSLDFHKDSHGRVAIVVGAPRTLGPSQEETGGVFLCPWRAEGGQCPSLLFDLRDETRNVG
SQTLQTFKARQGLGASVVSWSDVIVACAPWQHWNVLEKTEEAEKTPVGSCFLAQPESGRRAEYSPCRGNTLSRIYVENDF
SWDKRYCEAGFSSVVTQAGELVLGAPGGYYFLGLLAQAPVADIFSSYRPGILLWHVSSQSLSFDSSNPEYFDGYWGYSVA
VGEFDGDLNTTEYVVGAPTWSWTLGAVEILDSYYQRLHRLRGEQMASYFGHSVAVTDVNGDGRHDLLVGAPLYMESRADR
KLAEVGRVYLFLQPRGPHALGAPSLLLTGTQLYGRFGSAIAPLGDLDRDGYNDIAVAAPYGGPSGRGQVLVFLGQSEGLR
SRPSQVLDSPFPTGSAFGFSLRGAVDIDDNGYPDLIVGAYGANQVAVYRAQPVVKAS
;
A,C
2 'polypeptide(L)'
;GPNICTTRGVSSCQQCLAVSPMCAWCSDEALPLGSPRCDLKENLLKDNCAPESIEFPVSEARVLEDRPLSDKGSGDSSQV
TQVSPQRIALRLRPDDSKNFSIQVRQVEDYPVDIYYLMDLSYSMKDDLWSIQNLGTKLATQMRKLTSNLRIGFGAFVDKP
VSPYMYISPPEALENPCYDMKTTCLPMFGYKHVLTLTDQVTRFNEEVKKQSVSRNRDAPEGGFDAIMQATVCDEKIGWRN
DASHLLVFTTDAKTHIALDGRLAGIVQPNDGQCHVGSDNHYSASTTMDYPSLGLMTEKLSQKNINLIFAVTENVVNLYQN
YSELIPGTTVGVLSMDSSNVLQLIVDAYGKIRSKVELEVRDLPEELSLSFNATCLNNEVIPGLKSCMGLKIGDTVSFSIE
AKVRGCPQEKEKSFTIKPVGFKDSLIVQVTFDCDCACQAQAEPNSHRCNNGNGTFECGVCRCGPGWLGSQC
;
B,D
3 'polypeptide(L)'
;EVQLQQSGAELVKPGASVKLSCTASGFNIKDTYVHWVKQRPEQGLEWIGRIDPANGYTKYDPKFQGKATITADTSSNTAY
LQLSSLTSEDTAVYYCVRPLYDYYAMDYWGQGTSVTVSSAKTTAPSVYPLAPVCGDTTGSSVTLGCLVKGYFPEPVTLTW
NSGSLSSGVHTFPAVLQSDLYTLSSSVTVTSSTWPSQSITCNVAHPASSTKVDKKIEPRGP
;
E,H
4 'polypeptide(L)'
;DILMTQSPSSMSVSLGDTVSITCHASQGISSNIGWLQQKPGKSFMGLIYYGTNLVDGVPSRFSGSGSGADYSLTISSLDS
EDFADYYCVQYAQLPYTFGGGTKLEIKRADAAPTVSIFPPSSEQLTSGGASVVCFLNNFYPKDINVKWKIDGSERQNGVL
NSWTDQDSKDSTYSMSSTLTLTKDEYERHNSYTCEATHKTSTSPIVKSFNRNEC
;
F,L
#
loop_
_chem_comp.id
_chem_comp.type
_chem_comp.name
_chem_comp.formula
CA non-polymer 'CALCIUM ION' 'Ca 2'
GOL non-polymer GLYCEROL 'C3 H8 O3'
MAN D-saccharide, alpha linking alpha-D-mannopyranose 'C6 H12 O6'
MG non-polymer 'MAGNESIUM ION' 'Mg 2'
NAG D-saccharide, beta linking 2-acetamido-2-deoxy-beta-D-glucopyranose 'C8 H15 N O6'
NIF non-polymer 2-ethyl-7-piperazin-1-yl-5H-[1,3,4]thiadiazolo[3,2-a]pyrimidin-5-one 'C11 H15 N5 O S'
SO4 non-polymer 'SULFATE ION' 'O4 S -2'
#
# COMPACT_ATOMS: atom_id res chain seq x y z
N LEU A 1 -8.69 31.71 -34.56
CA LEU A 1 -8.10 32.63 -35.60
C LEU A 1 -9.13 33.55 -36.23
N ASN A 2 -10.21 32.97 -36.73
CA ASN A 2 -11.12 33.69 -37.63
C ASN A 2 -12.54 33.85 -37.10
N LEU A 3 -12.74 33.76 -35.79
CA LEU A 3 -14.02 34.19 -35.22
C LEU A 3 -14.06 35.68 -35.32
N ASP A 4 -15.22 36.24 -35.63
CA ASP A 4 -15.38 37.70 -35.77
C ASP A 4 -15.72 38.34 -34.43
N PRO A 5 -14.79 39.13 -33.88
CA PRO A 5 -15.03 39.79 -32.60
C PRO A 5 -15.55 41.25 -32.74
N VAL A 6 -15.90 41.66 -33.96
CA VAL A 6 -16.44 43.00 -34.19
C VAL A 6 -17.97 43.02 -34.16
N GLN A 7 -18.59 42.13 -34.91
CA GLN A 7 -20.05 42.07 -34.99
C GLN A 7 -20.56 40.83 -34.29
N LEU A 8 -20.84 40.97 -32.99
CA LEU A 8 -21.37 39.87 -32.18
C LEU A 8 -22.88 39.90 -32.17
N THR A 9 -23.47 38.81 -31.70
CA THR A 9 -24.90 38.72 -31.47
C THR A 9 -25.10 38.42 -30.00
N PHE A 10 -26.02 39.15 -29.38
CA PHE A 10 -26.30 39.00 -27.95
C PHE A 10 -27.71 38.54 -27.71
N TYR A 11 -27.87 37.54 -26.85
CA TYR A 11 -29.17 37.16 -26.37
C TYR A 11 -29.20 37.43 -24.87
N ALA A 12 -30.37 37.78 -24.35
CA ALA A 12 -30.50 38.24 -22.97
C ALA A 12 -31.69 37.59 -22.30
N GLY A 13 -31.50 37.16 -21.05
CA GLY A 13 -32.60 36.68 -20.21
C GLY A 13 -32.95 37.68 -19.12
N PRO A 14 -33.91 37.33 -18.25
CA PRO A 14 -34.29 38.23 -17.18
C PRO A 14 -33.18 38.49 -16.18
N ASN A 15 -33.18 39.67 -15.58
CA ASN A 15 -32.19 40.02 -14.55
CA ASN A 15 -32.20 40.03 -14.56
C ASN A 15 -32.23 39.01 -13.42
N GLY A 16 -31.07 38.59 -12.95
CA GLY A 16 -30.98 37.64 -11.85
C GLY A 16 -31.25 36.18 -12.19
N SER A 17 -31.58 35.90 -13.45
CA SER A 17 -31.95 34.53 -13.86
C SER A 17 -30.77 33.62 -14.09
N GLN A 18 -29.59 34.20 -14.24
CA GLN A 18 -28.39 33.47 -14.61
C GLN A 18 -28.48 32.79 -16.00
N PHE A 19 -29.25 33.40 -16.89
CA PHE A 19 -29.32 33.07 -18.31
C PHE A 19 -27.94 33.02 -18.89
N GLY A 20 -27.56 31.86 -19.42
CA GLY A 20 -26.22 31.63 -19.95
C GLY A 20 -25.36 30.70 -19.10
N PHE A 21 -25.90 30.24 -17.97
CA PHE A 21 -25.17 29.31 -17.12
C PHE A 21 -24.81 28.06 -17.92
N SER A 22 -25.75 27.57 -18.72
CA SER A 22 -25.54 26.45 -19.62
C SER A 22 -26.15 26.80 -20.97
N LEU A 23 -25.65 26.20 -22.03
CA LEU A 23 -26.17 26.39 -23.36
C LEU A 23 -25.75 25.26 -24.28
N ASP A 24 -26.46 25.14 -25.39
CA ASP A 24 -26.10 24.22 -26.45
C ASP A 24 -26.77 24.61 -27.75
N PHE A 25 -26.24 24.13 -28.86
CA PHE A 25 -26.92 24.29 -30.13
C PHE A 25 -28.03 23.25 -30.24
N HIS A 26 -29.14 23.61 -30.86
CA HIS A 26 -30.26 22.70 -31.07
C HIS A 26 -30.69 22.73 -32.53
N LYS A 27 -30.73 21.58 -33.18
CA LYS A 27 -31.25 21.49 -34.55
C LYS A 27 -32.66 20.96 -34.45
N ASP A 28 -33.61 21.59 -35.12
CA ASP A 28 -34.95 21.04 -35.21
C ASP A 28 -34.98 19.93 -36.27
N SER A 29 -36.11 19.26 -36.42
CA SER A 29 -36.21 18.11 -37.34
C SER A 29 -35.85 18.50 -38.79
N HIS A 30 -35.98 19.78 -39.11
CA HIS A 30 -35.60 20.32 -40.42
C HIS A 30 -34.13 20.77 -40.51
N GLY A 31 -33.38 20.65 -39.41
CA GLY A 31 -31.97 21.06 -39.40
C GLY A 31 -31.68 22.55 -39.16
N ARG A 32 -32.71 23.34 -38.88
CA ARG A 32 -32.55 24.76 -38.52
C ARG A 32 -31.94 24.84 -37.11
N VAL A 33 -30.79 25.50 -36.98
CA VAL A 33 -30.08 25.65 -35.71
C VAL A 33 -30.62 26.81 -34.87
N ALA A 34 -30.98 26.50 -33.63
CA ALA A 34 -31.31 27.46 -32.60
C ALA A 34 -30.35 27.27 -31.43
N ILE A 35 -30.51 28.08 -30.39
CA ILE A 35 -29.68 27.98 -29.19
C ILE A 35 -30.54 27.74 -27.96
N VAL A 36 -30.34 26.61 -27.30
CA VAL A 36 -31.02 26.37 -26.02
C VAL A 36 -30.15 26.94 -24.91
N VAL A 37 -30.77 27.71 -24.03
CA VAL A 37 -30.07 28.38 -22.94
C VAL A 37 -30.72 28.06 -21.60
N GLY A 38 -29.89 27.66 -20.64
CA GLY A 38 -30.36 27.45 -19.27
C GLY A 38 -30.19 28.70 -18.44
N ALA A 39 -31.17 28.93 -17.56
CA ALA A 39 -31.19 30.10 -16.69
C ALA A 39 -31.67 29.64 -15.33
N PRO A 40 -30.74 29.09 -14.51
CA PRO A 40 -31.13 28.32 -13.34
C PRO A 40 -31.70 29.07 -12.16
N ARG A 41 -31.77 30.41 -12.22
CA ARG A 41 -32.37 31.18 -11.14
C ARG A 41 -33.62 31.93 -11.56
N THR A 42 -34.10 31.65 -12.77
CA THR A 42 -35.36 32.20 -13.27
C THR A 42 -36.47 31.97 -12.25
N LEU A 43 -37.33 32.96 -12.06
CA LEU A 43 -38.40 32.87 -11.07
C LEU A 43 -39.53 31.98 -11.59
N GLY A 44 -40.03 31.12 -10.71
CA GLY A 44 -41.16 30.27 -11.03
C GLY A 44 -42.49 30.92 -10.64
N PRO A 45 -43.57 30.12 -10.53
CA PRO A 45 -44.89 30.68 -10.27
C PRO A 45 -45.04 31.35 -8.89
N SER A 46 -44.39 30.81 -7.87
CA SER A 46 -44.52 31.32 -6.50
C SER A 46 -43.57 32.48 -6.18
N GLN A 47 -43.01 33.10 -7.22
CA GLN A 47 -41.88 34.03 -7.07
C GLN A 47 -40.71 33.43 -6.24
N GLU A 48 -40.62 32.10 -6.22
CA GLU A 48 -39.41 31.42 -5.80
C GLU A 48 -38.59 31.15 -7.05
N GLU A 49 -37.28 31.15 -6.90
CA GLU A 49 -36.39 30.73 -7.94
C GLU A 49 -36.57 29.23 -8.14
N THR A 50 -36.74 28.82 -9.39
CA THR A 50 -36.83 27.41 -9.76
C THR A 50 -35.97 27.09 -10.99
N GLY A 51 -35.59 28.13 -11.73
CA GLY A 51 -34.86 27.97 -12.96
C GLY A 51 -35.80 27.95 -14.15
N GLY A 52 -35.22 28.05 -15.34
CA GLY A 52 -35.97 28.03 -16.57
C GLY A 52 -35.04 27.79 -17.73
N VAL A 53 -35.66 27.50 -18.87
CA VAL A 53 -34.93 27.20 -20.09
C VAL A 53 -35.52 28.05 -21.19
N PHE A 54 -34.65 28.50 -22.10
CA PHE A 54 -35.08 29.34 -23.21
C PHE A 54 -34.61 28.71 -24.51
N LEU A 55 -35.40 28.86 -25.56
CA LEU A 55 -35.04 28.33 -26.87
C LEU A 55 -34.95 29.50 -27.83
N CYS A 56 -33.73 29.92 -28.13
CA CYS A 56 -33.44 31.11 -28.90
C CYS A 56 -33.30 30.83 -30.39
N PRO A 57 -34.26 31.32 -31.22
CA PRO A 57 -34.01 31.22 -32.67
C PRO A 57 -32.82 32.07 -33.11
N TRP A 58 -32.14 31.65 -34.16
CA TRP A 58 -31.00 32.39 -34.67
C TRP A 58 -31.43 33.67 -35.36
N ARG A 59 -30.86 34.80 -34.95
CA ARG A 59 -31.06 36.09 -35.63
C ARG A 59 -29.80 36.88 -35.40
N ALA A 60 -29.24 37.46 -36.46
CA ALA A 60 -27.99 38.22 -36.35
C ALA A 60 -28.07 39.27 -35.24
N GLU A 61 -29.24 39.91 -35.14
CA GLU A 61 -29.48 40.97 -34.15
C GLU A 61 -29.74 40.43 -32.72
N GLY A 62 -29.98 39.13 -32.58
CA GLY A 62 -30.17 38.56 -31.25
C GLY A 62 -31.45 39.02 -30.59
N GLY A 63 -31.39 39.24 -29.27
CA GLY A 63 -32.51 39.79 -28.51
C GLY A 63 -33.01 38.87 -27.41
N GLN A 64 -34.33 38.81 -27.26
CA GLN A 64 -34.98 37.97 -26.26
C GLN A 64 -35.51 36.68 -26.89
N CYS A 65 -35.70 35.65 -26.07
CA CYS A 65 -36.01 34.31 -26.54
C CYS A 65 -37.27 33.80 -25.84
N PRO A 66 -38.06 32.98 -26.52
CA PRO A 66 -39.22 32.37 -25.87
C PRO A 66 -38.78 31.28 -24.89
N SER A 67 -39.60 31.04 -23.88
CA SER A 67 -39.36 29.99 -22.91
C SER A 67 -39.67 28.63 -23.52
N LEU A 68 -38.94 27.63 -23.06
CA LEU A 68 -39.29 26.23 -23.28
C LEU A 68 -39.90 25.83 -21.93
N LEU A 69 -41.23 25.74 -21.89
CA LEU A 69 -41.96 25.56 -20.64
C LEU A 69 -41.91 24.14 -20.12
N PHE A 70 -41.64 24.02 -18.82
CA PHE A 70 -41.69 22.75 -18.11
C PHE A 70 -42.54 22.94 -16.87
N ASP A 71 -43.08 21.84 -16.35
CA ASP A 71 -43.96 21.88 -15.19
C ASP A 71 -43.14 22.24 -13.95
N LEU A 72 -43.43 23.41 -13.35
CA LEU A 72 -42.68 23.90 -12.20
C LEU A 72 -43.41 23.70 -10.86
N ARG A 73 -44.48 22.91 -10.84
CA ARG A 73 -45.26 22.72 -9.62
C ARG A 73 -44.70 21.56 -8.80
N ASP A 74 -44.64 21.75 -7.49
CA ASP A 74 -44.29 20.69 -6.56
C ASP A 74 -45.37 19.61 -6.62
N GLU A 75 -44.97 18.36 -6.44
CA GLU A 75 -45.88 17.24 -6.58
C GLU A 75 -45.91 16.40 -5.32
N THR A 76 -47.08 15.82 -5.05
CA THR A 76 -47.27 14.91 -3.94
C THR A 76 -48.03 13.69 -4.42
N ARG A 77 -47.63 12.50 -3.96
CA ARG A 77 -48.35 11.27 -4.30
C ARG A 77 -48.41 10.35 -3.11
N ASN A 78 -49.64 10.04 -2.68
CA ASN A 78 -49.85 9.07 -1.63
C ASN A 78 -50.13 7.73 -2.27
N VAL A 79 -49.22 6.80 -2.06
CA VAL A 79 -49.29 5.49 -2.67
C VAL A 79 -48.45 4.52 -1.85
N GLY A 80 -48.85 3.25 -1.85
CA GLY A 80 -48.13 2.21 -1.11
C GLY A 80 -47.92 2.55 0.35
N SER A 81 -48.91 3.21 0.94
CA SER A 81 -48.84 3.72 2.32
C SER A 81 -47.63 4.64 2.59
N GLN A 82 -47.19 5.34 1.54
CA GLN A 82 -46.14 6.35 1.62
C GLN A 82 -46.63 7.63 0.95
N THR A 83 -45.96 8.75 1.25
CA THR A 83 -46.20 10.02 0.59
C THR A 83 -44.91 10.44 -0.12
N LEU A 84 -44.96 10.50 -1.45
CA LEU A 84 -43.83 10.90 -2.28
C LEU A 84 -43.93 12.38 -2.54
N GLN A 85 -42.78 13.07 -2.51
CA GLN A 85 -42.76 14.54 -2.60
C GLN A 85 -41.61 15.05 -3.45
N THR A 86 -41.92 15.85 -4.47
CA THR A 86 -40.91 16.61 -5.19
C THR A 86 -40.97 18.07 -4.74
N PHE A 87 -39.82 18.72 -4.73
CA PHE A 87 -39.67 20.10 -4.26
C PHE A 87 -38.80 20.84 -5.26
N LYS A 88 -39.39 21.81 -5.94
CA LYS A 88 -38.74 22.46 -7.07
C LYS A 88 -38.17 23.85 -6.75
N ALA A 89 -38.35 24.33 -5.52
CA ALA A 89 -37.76 25.60 -5.09
C ALA A 89 -36.24 25.49 -5.15
N ARG A 90 -35.63 26.46 -5.83
CA ARG A 90 -34.17 26.56 -5.94
CA ARG A 90 -34.17 26.57 -5.94
C ARG A 90 -33.52 25.32 -6.55
N GLN A 91 -34.27 24.63 -7.42
CA GLN A 91 -33.78 23.39 -8.03
C GLN A 91 -32.73 23.62 -9.13
N GLY A 92 -32.62 24.84 -9.64
CA GLY A 92 -31.65 25.15 -10.70
C GLY A 92 -31.95 24.54 -12.07
N LEU A 93 -33.21 24.51 -12.47
CA LEU A 93 -33.57 24.05 -13.79
C LEU A 93 -32.81 24.90 -14.82
N GLY A 94 -32.04 24.23 -15.67
CA GLY A 94 -31.21 24.91 -16.65
C GLY A 94 -29.78 25.04 -16.22
N ALA A 95 -29.39 24.36 -15.13
CA ALA A 95 -27.98 24.34 -14.70
C ALA A 95 -27.16 23.50 -15.65
N SER A 96 -27.84 22.63 -16.40
CA SER A 96 -27.26 21.99 -17.56
C SER A 96 -28.35 21.86 -18.61
N VAL A 97 -27.95 22.03 -19.86
CA VAL A 97 -28.81 21.73 -21.00
C VAL A 97 -27.96 21.05 -22.05
N VAL A 98 -28.56 20.10 -22.76
CA VAL A 98 -27.91 19.47 -23.90
C VAL A 98 -29.00 19.10 -24.89
N SER A 99 -28.68 19.16 -26.18
CA SER A 99 -29.63 18.83 -27.25
C SER A 99 -29.14 17.63 -28.01
N TRP A 100 -30.06 16.76 -28.40
CA TRP A 100 -29.71 15.62 -29.25
C TRP A 100 -30.89 15.36 -30.18
N SER A 101 -30.61 15.21 -31.48
CA SER A 101 -31.68 15.07 -32.49
C SER A 101 -32.62 16.26 -32.34
N ASP A 102 -33.93 16.02 -32.25
CA ASP A 102 -34.88 17.12 -32.02
C ASP A 102 -35.40 17.17 -30.59
N VAL A 103 -34.61 16.65 -29.65
CA VAL A 103 -34.96 16.64 -28.23
C VAL A 103 -34.01 17.54 -27.43
N ILE A 104 -34.54 18.19 -26.39
CA ILE A 104 -33.76 18.99 -25.46
C ILE A 104 -33.85 18.36 -24.08
N VAL A 105 -32.71 18.24 -23.41
CA VAL A 105 -32.65 17.75 -22.04
C VAL A 105 -32.13 18.86 -21.15
N ALA A 106 -32.93 19.27 -20.17
CA ALA A 106 -32.56 20.34 -19.26
C ALA A 106 -32.71 19.83 -17.84
N CYS A 107 -31.68 20.02 -17.02
CA CYS A 107 -31.65 19.41 -15.72
C CYS A 107 -31.71 20.42 -14.57
N ALA A 108 -32.26 19.93 -13.44
CA ALA A 108 -32.44 20.69 -12.22
C ALA A 108 -31.72 19.90 -11.18
N PRO A 109 -30.38 20.07 -11.11
CA PRO A 109 -29.59 19.23 -10.21
C PRO A 109 -29.90 19.37 -8.74
N TRP A 110 -30.46 20.50 -8.31
CA TRP A 110 -30.76 20.67 -6.88
C TRP A 110 -32.24 20.49 -6.56
N GLN A 111 -33.00 19.85 -7.46
CA GLN A 111 -34.38 19.49 -7.13
C GLN A 111 -34.35 18.50 -5.96
N HIS A 112 -35.18 18.76 -4.96
CA HIS A 112 -35.20 17.94 -3.76
C HIS A 112 -36.37 16.97 -3.79
N TRP A 113 -36.25 15.94 -2.95
CA TRP A 113 -37.18 14.84 -2.91
C TRP A 113 -37.28 14.34 -1.49
N ASN A 114 -38.45 13.83 -1.12
CA ASN A 114 -38.61 13.14 0.16
C ASN A 114 -39.73 12.11 0.06
N VAL A 115 -39.68 11.12 0.95
CA VAL A 115 -40.70 10.10 1.04
C VAL A 115 -41.06 10.00 2.53
N LEU A 116 -42.34 10.13 2.85
CA LEU A 116 -42.81 10.09 4.23
C LEU A 116 -43.56 8.79 4.46
N GLU A 117 -43.39 8.21 5.63
CA GLU A 117 -44.11 6.98 6.01
C GLU A 117 -44.35 7.06 7.51
N LYS A 118 -45.58 7.42 7.88
CA LYS A 118 -45.94 7.63 9.28
C LYS A 118 -45.05 8.72 9.90
N THR A 119 -44.25 8.37 10.91
CA THR A 119 -43.36 9.33 11.56
C THR A 119 -41.94 9.33 10.95
N GLU A 120 -41.69 8.45 9.99
CA GLU A 120 -40.38 8.37 9.36
C GLU A 120 -40.37 9.01 7.98
N GLU A 121 -39.18 9.14 7.42
CA GLU A 121 -38.98 9.71 6.09
C GLU A 121 -37.66 9.27 5.48
N ALA A 122 -37.52 9.44 4.17
CA ALA A 122 -36.24 9.20 3.47
C ALA A 122 -35.20 10.26 3.82
N GLU A 123 -35.68 11.48 4.13
CA GLU A 123 -34.88 12.71 4.26
C GLU A 123 -35.05 13.54 2.99
N LYS A 124 -35.30 14.85 3.15
CA LYS A 124 -35.44 15.78 2.03
C LYS A 124 -34.07 16.12 1.46
N THR A 125 -33.78 15.63 0.26
CA THR A 125 -32.42 15.63 -0.29
C THR A 125 -32.39 15.96 -1.78
N PRO A 126 -31.25 16.48 -2.27
CA PRO A 126 -31.18 16.89 -3.66
C PRO A 126 -30.86 15.73 -4.60
N VAL A 127 -31.86 14.97 -4.99
CA VAL A 127 -31.67 13.86 -5.93
C VAL A 127 -31.45 14.35 -7.37
N GLY A 128 -31.92 15.56 -7.66
CA GLY A 128 -31.84 16.13 -9.00
C GLY A 128 -32.88 15.51 -9.91
N SER A 129 -33.12 16.18 -11.04
CA SER A 129 -34.05 15.67 -12.04
C SER A 129 -33.77 16.30 -13.37
N CYS A 130 -34.07 15.58 -14.44
CA CYS A 130 -33.91 16.12 -15.80
C CYS A 130 -35.27 16.18 -16.48
N PHE A 131 -35.45 17.21 -17.29
CA PHE A 131 -36.66 17.43 -18.04
C PHE A 131 -36.33 17.31 -19.50
N LEU A 132 -37.14 16.52 -20.20
CA LEU A 132 -36.94 16.30 -21.61
C LEU A 132 -38.08 16.89 -22.39
N ALA A 133 -37.74 17.48 -23.53
CA ALA A 133 -38.70 18.13 -24.39
C ALA A 133 -38.41 17.81 -25.85
N GLN A 134 -39.47 17.56 -26.61
CA GLN A 134 -39.41 17.58 -28.05
C GLN A 134 -40.20 18.82 -28.44
N PRO A 135 -39.51 19.95 -28.64
CA PRO A 135 -40.22 21.21 -28.84
C PRO A 135 -41.26 21.20 -29.96
N GLU A 136 -40.91 20.65 -31.12
CA GLU A 136 -41.85 20.66 -32.26
C GLU A 136 -43.17 19.95 -32.00
N SER A 137 -43.16 18.88 -31.21
CA SER A 137 -44.36 18.06 -30.95
C SER A 137 -45.04 18.45 -29.66
N GLY A 138 -44.29 19.00 -28.73
CA GLY A 138 -44.82 19.33 -27.41
C GLY A 138 -44.64 18.21 -26.39
N ARG A 139 -44.03 17.10 -26.79
CA ARG A 139 -43.87 15.97 -25.86
C ARG A 139 -42.95 16.36 -24.70
N ARG A 140 -43.26 15.83 -23.52
CA ARG A 140 -42.46 16.09 -22.33
C ARG A 140 -42.22 14.78 -21.59
N ALA A 141 -41.07 14.66 -20.96
CA ALA A 141 -40.79 13.51 -20.09
C ALA A 141 -39.85 13.97 -19.01
N GLU A 142 -39.59 13.09 -18.05
CA GLU A 142 -38.66 13.41 -16.97
C GLU A 142 -37.82 12.19 -16.70
N TYR A 143 -36.66 12.40 -16.09
CA TYR A 143 -35.79 11.32 -15.70
C TYR A 143 -35.13 11.75 -14.40
N SER A 144 -35.32 10.94 -13.36
CA SER A 144 -34.81 11.24 -12.04
C SER A 144 -34.36 9.91 -11.41
N PRO A 145 -33.23 9.36 -11.88
CA PRO A 145 -32.79 8.02 -11.51
C PRO A 145 -32.45 7.80 -10.06
N CYS A 146 -32.22 8.88 -9.31
CA CYS A 146 -31.80 8.72 -7.94
C CYS A 146 -32.94 8.75 -6.92
N ARG A 147 -34.16 9.06 -7.36
CA ARG A 147 -35.31 8.96 -6.47
C ARG A 147 -35.43 7.56 -5.91
N GLY A 148 -35.72 7.46 -4.61
CA GLY A 148 -35.99 6.18 -3.96
C GLY A 148 -37.13 6.32 -2.95
N ASN A 149 -37.55 5.19 -2.38
CA ASN A 149 -38.58 5.16 -1.34
C ASN A 149 -38.12 4.41 -0.10
N THR A 150 -36.81 4.33 0.08
CA THR A 150 -36.22 3.76 1.28
C THR A 150 -36.19 4.84 2.38
N LEU A 151 -36.54 4.44 3.60
CA LEU A 151 -36.57 5.35 4.74
C LEU A 151 -35.19 5.48 5.37
N SER A 152 -34.99 6.58 6.07
CA SER A 152 -33.70 6.96 6.62
C SER A 152 -33.03 5.82 7.42
N ARG A 153 -33.79 5.22 8.31
CA ARG A 153 -33.32 4.15 9.18
C ARG A 153 -32.64 3.02 8.42
N ILE A 154 -33.11 2.73 7.21
CA ILE A 154 -32.61 1.58 6.46
C ILE A 154 -31.20 1.85 5.95
N TYR A 155 -30.92 3.08 5.53
CA TYR A 155 -29.56 3.42 5.13
C TYR A 155 -28.61 3.34 6.30
N VAL A 156 -29.03 3.87 7.47
CA VAL A 156 -28.23 3.79 8.68
C VAL A 156 -27.94 2.33 9.01
N GLU A 157 -28.96 1.48 8.93
CA GLU A 157 -28.81 0.06 9.27
C GLU A 157 -27.95 -0.69 8.24
N ASN A 158 -27.88 -0.15 7.02
CA ASN A 158 -27.06 -0.76 5.96
C ASN A 158 -25.79 0.03 5.68
N ASP A 159 -25.37 0.86 6.63
CA ASP A 159 -24.11 1.61 6.52
C ASP A 159 -23.98 2.50 5.26
N PHE A 160 -25.12 3.07 4.85
CA PHE A 160 -25.15 4.12 3.84
C PHE A 160 -24.64 3.64 2.49
N SER A 161 -24.82 2.35 2.24
CA SER A 161 -24.47 1.77 0.96
C SER A 161 -25.57 2.06 -0.04
N TRP A 162 -25.20 2.22 -1.32
CA TRP A 162 -26.18 2.53 -2.37
C TRP A 162 -27.07 3.73 -2.02
N ASP A 163 -26.46 4.76 -1.46
CA ASP A 163 -27.19 5.94 -1.00
C ASP A 163 -27.21 6.99 -2.11
N LYS A 164 -28.32 7.07 -2.84
CA LYS A 164 -28.42 8.01 -3.97
C LYS A 164 -29.19 9.28 -3.64
N ARG A 165 -29.41 9.54 -2.36
CA ARG A 165 -30.22 10.71 -1.93
C ARG A 165 -29.68 12.09 -2.32
N TYR A 166 -28.36 12.24 -2.41
CA TYR A 166 -27.74 13.55 -2.70
C TYR A 166 -27.13 13.59 -4.12
N CYS A 167 -27.66 12.79 -5.02
CA CYS A 167 -27.09 12.64 -6.37
C CYS A 167 -26.78 13.90 -7.11
N GLU A 168 -27.75 14.80 -7.12
CA GLU A 168 -27.73 15.95 -7.99
C GLU A 168 -27.61 15.49 -9.44
N ALA A 169 -28.45 14.54 -9.82
CA ALA A 169 -28.48 13.99 -11.17
C ALA A 169 -28.72 15.12 -12.15
N GLY A 170 -27.90 15.21 -13.19
CA GLY A 170 -28.03 16.29 -14.18
C GLY A 170 -27.05 17.43 -13.95
N PHE A 171 -26.25 17.34 -12.89
CA PHE A 171 -25.18 18.30 -12.63
C PHE A 171 -24.32 18.48 -13.88
N SER A 172 -24.09 17.37 -14.57
CA SER A 172 -23.50 17.35 -15.90
C SER A 172 -24.29 16.35 -16.71
N SER A 173 -24.25 16.51 -18.02
CA SER A 173 -25.05 15.67 -18.90
C SER A 173 -24.37 15.60 -20.26
N VAL A 174 -24.63 14.51 -20.98
CA VAL A 174 -24.15 14.36 -22.33
C VAL A 174 -25.03 13.29 -22.96
N VAL A 175 -25.18 13.33 -24.29
CA VAL A 175 -25.96 12.31 -24.99
C VAL A 175 -25.11 11.60 -26.04
N THR A 176 -25.06 10.27 -26.02
CA THR A 176 -24.32 9.51 -27.03
C THR A 176 -24.96 9.68 -28.40
N GLN A 177 -24.20 9.39 -29.45
CA GLN A 177 -24.70 9.45 -30.83
C GLN A 177 -25.96 8.64 -31.01
N ALA A 178 -25.98 7.46 -30.40
CA ALA A 178 -27.11 6.55 -30.50
C ALA A 178 -28.30 6.99 -29.63
N GLY A 179 -28.18 8.14 -28.95
CA GLY A 179 -29.28 8.70 -28.19
C GLY A 179 -29.44 8.15 -26.78
N GLU A 180 -28.31 7.87 -26.12
CA GLU A 180 -28.32 7.47 -24.72
C GLU A 180 -27.94 8.69 -23.89
N LEU A 181 -28.84 9.12 -23.02
CA LEU A 181 -28.54 10.19 -22.07
C LEU A 181 -27.67 9.67 -20.93
N VAL A 182 -26.58 10.38 -20.66
CA VAL A 182 -25.70 10.05 -19.55
C VAL A 182 -25.63 11.27 -18.64
N LEU A 183 -26.03 11.11 -17.38
CA LEU A 183 -26.05 12.16 -16.39
C LEU A 183 -24.91 11.97 -15.41
N GLY A 184 -24.21 13.07 -15.12
CA GLY A 184 -23.29 13.12 -13.98
C GLY A 184 -24.08 13.45 -12.72
N ALA A 185 -23.77 12.73 -11.64
CA ALA A 185 -24.46 12.86 -10.37
C ALA A 185 -23.39 12.89 -9.30
N PRO A 186 -22.73 14.03 -9.10
CA PRO A 186 -21.53 14.05 -8.27
C PRO A 186 -21.76 13.80 -6.77
N GLY A 187 -23.00 13.84 -6.32
CA GLY A 187 -23.30 13.54 -4.91
C GLY A 187 -23.66 12.10 -4.68
N GLY A 188 -23.68 11.31 -5.75
CA GLY A 188 -24.11 9.92 -5.69
C GLY A 188 -23.29 9.10 -4.73
N TYR A 189 -23.95 8.14 -4.10
CA TYR A 189 -23.31 7.21 -3.17
C TYR A 189 -22.51 7.95 -2.12
N TYR A 190 -23.22 8.80 -1.38
CA TYR A 190 -22.65 9.57 -0.27
C TYR A 190 -21.40 10.34 -0.70
N PHE A 191 -21.58 11.09 -1.79
CA PHE A 191 -20.61 12.05 -2.34
C PHE A 191 -19.41 11.47 -3.09
N LEU A 192 -19.46 10.18 -3.42
CA LEU A 192 -18.47 9.59 -4.35
C LEU A 192 -18.73 10.08 -5.75
N GLY A 193 -19.99 10.06 -6.12
CA GLY A 193 -20.41 10.44 -7.44
C GLY A 193 -20.81 9.21 -8.21
N LEU A 194 -21.79 9.37 -9.10
CA LEU A 194 -22.20 8.29 -9.98
C LEU A 194 -22.67 8.84 -11.31
N LEU A 195 -22.77 7.92 -12.26
CA LEU A 195 -23.32 8.17 -13.58
C LEU A 195 -24.57 7.31 -13.73
N ALA A 196 -25.58 7.87 -14.39
CA ALA A 196 -26.81 7.18 -14.70
C ALA A 196 -27.03 7.32 -16.20
N GLN A 197 -27.32 6.22 -16.88
CA GLN A 197 -27.54 6.26 -18.32
C GLN A 197 -28.86 5.59 -18.68
N ALA A 198 -29.60 6.20 -19.60
CA ALA A 198 -30.75 5.51 -20.18
C ALA A 198 -31.03 6.06 -21.58
N PRO A 199 -31.50 5.20 -22.49
CA PRO A 199 -31.88 5.72 -23.81
C PRO A 199 -33.00 6.74 -23.73
N VAL A 200 -32.88 7.83 -24.49
CA VAL A 200 -33.91 8.88 -24.53
C VAL A 200 -35.27 8.31 -24.91
N ALA A 201 -35.30 7.40 -25.88
CA ALA A 201 -36.55 6.79 -26.32
C ALA A 201 -37.28 6.11 -25.17
N ASP A 202 -36.52 5.42 -24.31
CA ASP A 202 -37.09 4.69 -23.18
C ASP A 202 -37.52 5.61 -22.06
N ILE A 203 -36.82 6.73 -21.89
CA ILE A 203 -37.24 7.75 -20.95
C ILE A 203 -38.62 8.30 -21.32
N PHE A 204 -38.81 8.62 -22.59
CA PHE A 204 -40.12 9.13 -23.03
C PHE A 204 -41.20 8.05 -22.91
N SER A 205 -40.92 6.85 -23.39
CA SER A 205 -41.94 5.79 -23.46
C SER A 205 -42.33 5.20 -22.10
N SER A 206 -41.48 5.39 -21.08
CA SER A 206 -41.74 4.88 -19.73
C SER A 206 -42.27 5.93 -18.76
N TYR A 207 -42.16 7.22 -19.11
CA TYR A 207 -42.66 8.28 -18.23
C TYR A 207 -44.15 8.53 -18.41
N ARG A 208 -44.83 8.77 -17.29
CA ARG A 208 -46.18 9.32 -17.26
C ARG A 208 -46.23 10.32 -16.12
N PRO A 209 -46.98 11.42 -16.29
CA PRO A 209 -47.01 12.41 -15.22
C PRO A 209 -47.69 11.91 -13.95
N GLY A 210 -47.18 12.36 -12.80
CA GLY A 210 -47.79 12.05 -11.51
C GLY A 210 -47.33 10.75 -10.85
N ILE A 211 -46.57 9.92 -11.57
CA ILE A 211 -46.16 8.61 -11.03
C ILE A 211 -45.03 8.82 -10.03
N LEU A 212 -44.07 9.67 -10.40
CA LEU A 212 -42.97 10.13 -9.54
C LEU A 212 -41.85 9.10 -9.31
N LEU A 213 -42.21 7.86 -8.98
CA LEU A 213 -41.26 6.75 -8.95
C LEU A 213 -41.67 5.72 -9.98
N TRP A 214 -40.84 5.51 -10.99
CA TRP A 214 -41.15 4.57 -12.06
C TRP A 214 -39.89 3.97 -12.65
N HIS A 215 -40.01 2.79 -13.24
CA HIS A 215 -38.87 2.03 -13.75
C HIS A 215 -38.54 2.37 -15.19
N VAL A 216 -37.28 2.74 -15.44
CA VAL A 216 -36.69 2.79 -16.78
C VAL A 216 -35.76 1.56 -16.89
N SER A 217 -36.28 0.44 -17.41
CA SER A 217 -35.59 -0.87 -17.26
C SER A 217 -34.24 -0.96 -17.98
N SER A 218 -34.10 -0.20 -19.06
CA SER A 218 -32.88 -0.17 -19.87
C SER A 218 -31.80 0.75 -19.27
N GLN A 219 -32.05 1.30 -18.09
CA GLN A 219 -31.08 2.19 -17.48
C GLN A 219 -29.92 1.43 -16.85
N SER A 220 -28.80 2.11 -16.72
CA SER A 220 -27.63 1.54 -16.11
C SER A 220 -26.96 2.61 -15.22
N LEU A 221 -26.76 2.29 -13.95
CA LEU A 221 -26.09 3.20 -13.03
C LEU A 221 -24.72 2.64 -12.66
N SER A 222 -23.79 3.53 -12.34
CA SER A 222 -22.45 3.11 -11.92
C SER A 222 -22.51 2.56 -10.50
N PHE A 223 -21.34 2.28 -9.91
CA PHE A 223 -21.28 1.52 -8.68
C PHE A 223 -20.68 2.30 -7.52
N ASP A 224 -21.07 1.86 -6.32
CA ASP A 224 -20.59 2.38 -5.05
C ASP A 224 -19.21 1.78 -4.83
N SER A 225 -18.49 2.28 -3.84
CA SER A 225 -17.16 1.77 -3.52
C SER A 225 -16.86 1.98 -2.04
N SER A 226 -15.97 1.15 -1.53
CA SER A 226 -15.49 1.26 -0.17
C SER A 226 -14.07 1.79 -0.15
N ASN A 227 -13.54 2.13 -1.33
CA ASN A 227 -12.18 2.67 -1.46
C ASN A 227 -12.18 4.16 -1.09
N PRO A 228 -11.47 4.55 -0.01
CA PRO A 228 -11.56 5.95 0.41
C PRO A 228 -10.90 6.95 -0.57
N GLU A 229 -10.14 6.47 -1.53
CA GLU A 229 -9.67 7.30 -2.64
C GLU A 229 -10.79 7.92 -3.42
N TYR A 230 -11.93 7.24 -3.45
CA TYR A 230 -13.09 7.76 -4.14
C TYR A 230 -13.95 8.67 -3.28
N PHE A 231 -13.76 8.68 -1.96
CA PHE A 231 -14.71 9.38 -1.08
C PHE A 231 -14.65 10.89 -1.35
N ASP A 232 -15.82 11.50 -1.44
CA ASP A 232 -15.96 12.93 -1.73
C ASP A 232 -15.25 13.34 -3.03
N GLY A 233 -15.19 12.42 -3.99
CA GLY A 233 -14.50 12.64 -5.25
C GLY A 233 -15.29 13.42 -6.29
N TYR A 234 -16.61 13.54 -6.12
CA TYR A 234 -17.48 14.23 -7.07
C TYR A 234 -17.33 13.70 -8.49
N TRP A 235 -17.23 12.38 -8.58
CA TRP A 235 -17.14 11.68 -9.85
C TRP A 235 -18.42 11.94 -10.61
N GLY A 236 -18.34 12.66 -11.72
CA GLY A 236 -19.53 13.07 -12.45
C GLY A 236 -19.76 14.57 -12.42
N TYR A 237 -18.84 15.31 -11.80
CA TYR A 237 -18.85 16.77 -11.84
C TYR A 237 -18.85 17.23 -13.29
N SER A 238 -18.13 16.50 -14.14
CA SER A 238 -18.15 16.75 -15.59
C SER A 238 -18.24 15.44 -16.31
N VAL A 239 -18.80 15.45 -17.51
CA VAL A 239 -18.91 14.21 -18.28
C VAL A 239 -18.78 14.50 -19.79
N ALA A 240 -18.30 13.50 -20.54
CA ALA A 240 -18.21 13.59 -22.01
C ALA A 240 -18.20 12.18 -22.60
N VAL A 241 -18.37 12.07 -23.91
CA VAL A 241 -18.34 10.76 -24.55
C VAL A 241 -17.30 10.79 -25.66
N GLY A 242 -16.80 9.61 -26.00
CA GLY A 242 -15.87 9.50 -27.12
C GLY A 242 -15.56 8.06 -27.47
N GLU A 243 -14.58 7.91 -28.35
CA GLU A 243 -14.16 6.63 -28.87
C GLU A 243 -12.70 6.39 -28.50
N PHE A 244 -12.48 5.48 -27.57
CA PHE A 244 -11.16 5.29 -26.98
C PHE A 244 -10.67 3.82 -26.92
N ASP A 245 -11.50 2.86 -27.31
CA ASP A 245 -11.10 1.44 -27.28
C ASP A 245 -10.90 0.81 -28.67
N GLY A 246 -11.18 1.57 -29.74
CA GLY A 246 -10.97 1.09 -31.10
C GLY A 246 -12.14 0.33 -31.71
N ASP A 247 -13.14 0.02 -30.89
CA ASP A 247 -14.30 -0.72 -31.34
C ASP A 247 -15.44 0.25 -31.56
N LEU A 248 -15.76 0.54 -32.81
CA LEU A 248 -16.71 1.61 -33.12
C LEU A 248 -18.15 1.33 -32.70
N ASN A 249 -18.46 0.09 -32.29
CA ASN A 249 -19.79 -0.25 -31.82
C ASN A 249 -19.96 -0.11 -30.30
N THR A 250 -18.96 0.45 -29.64
CA THR A 250 -19.05 0.81 -28.22
C THR A 250 -18.70 2.28 -28.07
N THR A 251 -19.49 3.00 -27.28
CA THR A 251 -19.16 4.34 -26.86
C THR A 251 -18.53 4.30 -25.46
N GLU A 252 -17.48 5.09 -25.26
CA GLU A 252 -16.79 5.20 -23.99
C GLU A 252 -17.16 6.51 -23.30
N TYR A 253 -17.13 6.50 -21.97
CA TYR A 253 -17.51 7.65 -21.17
C TYR A 253 -16.26 8.24 -20.58
N VAL A 254 -16.23 9.57 -20.50
CA VAL A 254 -15.15 10.30 -19.87
C VAL A 254 -15.78 11.07 -18.74
N VAL A 255 -15.23 10.88 -17.54
CA VAL A 255 -15.84 11.37 -16.31
C VAL A 255 -14.83 12.11 -15.48
N GLY A 256 -15.13 13.36 -15.16
CA GLY A 256 -14.30 14.16 -14.27
C GLY A 256 -14.69 13.95 -12.81
N ALA A 257 -13.67 13.79 -11.97
CA ALA A 257 -13.81 13.58 -10.53
C ALA A 257 -12.80 14.52 -9.87
N PRO A 258 -13.12 15.81 -9.83
CA PRO A 258 -12.13 16.84 -9.49
C PRO A 258 -11.59 16.83 -8.05
N THR A 259 -12.24 16.11 -7.14
CA THR A 259 -11.74 16.01 -5.77
C THR A 259 -11.30 14.60 -5.38
N TRP A 260 -11.19 13.72 -6.39
CA TRP A 260 -10.72 12.36 -6.23
C TRP A 260 -9.39 12.27 -5.49
N SER A 261 -9.25 11.24 -4.68
CA SER A 261 -8.06 10.97 -3.88
C SER A 261 -7.60 12.19 -3.10
N TRP A 262 -8.41 12.60 -2.13
CA TRP A 262 -8.03 13.69 -1.25
C TRP A 262 -7.68 14.98 -2.00
N THR A 263 -8.53 15.31 -2.96
CA THR A 263 -8.44 16.54 -3.80
C THR A 263 -7.28 16.57 -4.81
N LEU A 264 -6.67 15.43 -5.10
CA LEU A 264 -5.73 15.35 -6.22
C LEU A 264 -6.45 15.56 -7.54
N GLY A 265 -7.64 14.96 -7.68
CA GLY A 265 -8.43 15.07 -8.90
C GLY A 265 -8.11 13.93 -9.84
N ALA A 266 -9.09 13.54 -10.65
CA ALA A 266 -8.89 12.54 -11.66
C ALA A 266 -9.89 12.69 -12.78
N VAL A 267 -9.55 12.08 -13.90
CA VAL A 267 -10.49 11.85 -14.98
C VAL A 267 -10.34 10.40 -15.34
N GLU A 268 -11.46 9.73 -15.59
CA GLU A 268 -11.45 8.33 -15.96
C GLU A 268 -12.16 8.12 -17.28
N ILE A 269 -11.67 7.12 -18.03
CA ILE A 269 -12.29 6.72 -19.29
C ILE A 269 -12.82 5.33 -19.05
N LEU A 270 -14.11 5.15 -19.27
CA LEU A 270 -14.81 3.92 -18.94
C LEU A 270 -15.50 3.37 -20.18
N ASP A 271 -15.76 2.07 -20.20
CA ASP A 271 -16.68 1.52 -21.17
C ASP A 271 -18.10 1.77 -20.69
N SER A 272 -19.10 1.35 -21.48
CA SER A 272 -20.49 1.64 -21.17
C SER A 272 -21.07 0.77 -20.04
N TYR A 273 -20.28 -0.18 -19.57
CA TYR A 273 -20.63 -0.94 -18.37
C TYR A 273 -19.96 -0.37 -17.10
N TYR A 274 -19.26 0.76 -17.26
CA TYR A 274 -18.65 1.50 -16.16
C TYR A 274 -17.37 0.84 -15.66
N GLN A 275 -16.76 0.03 -16.52
CA GLN A 275 -15.45 -0.55 -16.21
C GLN A 275 -14.38 0.42 -16.71
N ARG A 276 -13.41 0.66 -15.84
CA ARG A 276 -12.40 1.66 -16.05
C ARG A 276 -11.38 1.19 -17.08
N LEU A 277 -11.18 1.98 -18.12
CA LEU A 277 -10.16 1.72 -19.14
C LEU A 277 -8.89 2.53 -18.91
N HIS A 278 -9.01 3.80 -18.48
CA HIS A 278 -7.85 4.58 -18.10
CA HIS A 278 -7.88 4.70 -18.21
C HIS A 278 -8.18 5.58 -16.99
N ARG A 279 -7.15 6.00 -16.29
CA ARG A 279 -7.30 7.00 -15.26
C ARG A 279 -6.16 7.98 -15.39
N LEU A 280 -6.51 9.27 -15.43
CA LEU A 280 -5.52 10.33 -15.45
C LEU A 280 -5.64 11.04 -14.12
N ARG A 281 -4.53 11.18 -13.42
CA ARG A 281 -4.52 11.80 -12.09
C ARG A 281 -4.13 13.26 -12.20
N GLY A 282 -4.65 14.06 -11.29
CA GLY A 282 -4.27 15.45 -11.25
C GLY A 282 -2.82 15.60 -10.87
N GLU A 283 -2.30 16.79 -11.09
CA GLU A 283 -0.89 17.10 -10.91
C GLU A 283 -0.69 17.79 -9.56
N GLN A 284 -1.70 18.53 -9.11
CA GLN A 284 -1.60 19.39 -7.94
C GLN A 284 -2.92 19.35 -7.21
N MET A 285 -2.87 19.11 -5.90
CA MET A 285 -4.07 19.00 -5.09
C MET A 285 -4.81 20.32 -5.07
N ALA A 286 -6.15 20.26 -5.07
CA ALA A 286 -6.99 21.45 -5.03
C ALA A 286 -7.06 22.23 -6.38
N SER A 287 -6.37 21.74 -7.41
CA SER A 287 -6.38 22.36 -8.72
C SER A 287 -7.72 22.15 -9.45
N TYR A 288 -8.51 21.18 -8.98
CA TYR A 288 -9.80 20.88 -9.59
C TYR A 288 -9.63 20.31 -11.00
N PHE A 289 -8.59 19.47 -11.14
CA PHE A 289 -8.37 18.67 -12.34
C PHE A 289 -9.59 17.79 -12.54
N GLY A 290 -10.28 17.95 -13.66
CA GLY A 290 -11.51 17.25 -13.93
C GLY A 290 -12.73 18.13 -13.88
N HIS A 291 -12.54 19.42 -13.58
CA HIS A 291 -13.62 20.39 -13.59
C HIS A 291 -14.30 20.36 -14.94
N SER A 292 -13.50 20.30 -15.99
CA SER A 292 -14.00 20.26 -17.35
C SER A 292 -13.23 19.20 -18.13
N VAL A 293 -13.93 18.56 -19.05
CA VAL A 293 -13.34 17.58 -19.94
C VAL A 293 -13.89 17.80 -21.33
N ALA A 294 -13.05 17.62 -22.34
CA ALA A 294 -13.48 17.74 -23.73
C ALA A 294 -12.83 16.64 -24.54
N VAL A 295 -13.57 16.15 -25.53
CA VAL A 295 -13.12 15.09 -26.40
C VAL A 295 -13.20 15.55 -27.85
N THR A 296 -12.07 15.55 -28.54
CA THR A 296 -12.02 15.91 -29.94
C THR A 296 -10.67 15.47 -30.49
N ASP A 297 -10.64 15.08 -31.77
CA ASP A 297 -9.37 14.74 -32.43
C ASP A 297 -8.76 16.04 -32.92
N VAL A 298 -7.67 16.46 -32.30
CA VAL A 298 -7.07 17.75 -32.65
C VAL A 298 -5.93 17.63 -33.64
N ASN A 299 -5.45 16.41 -33.89
CA ASN A 299 -4.26 16.24 -34.68
C ASN A 299 -4.44 15.43 -35.98
N GLY A 300 -5.70 15.20 -36.38
CA GLY A 300 -6.02 14.74 -37.72
C GLY A 300 -5.69 13.29 -38.04
N ASP A 301 -5.61 12.45 -37.02
CA ASP A 301 -5.33 11.04 -37.25
C ASP A 301 -6.56 10.17 -37.05
N GLY A 302 -7.71 10.78 -36.77
CA GLY A 302 -8.97 10.06 -36.63
C GLY A 302 -9.23 9.50 -35.24
N ARG A 303 -8.25 9.65 -34.34
CA ARG A 303 -8.40 9.18 -32.95
C ARG A 303 -8.65 10.34 -31.99
N HIS A 304 -9.75 10.22 -31.26
CA HIS A 304 -10.18 11.23 -30.30
C HIS A 304 -9.12 11.49 -29.27
N ASP A 305 -8.95 12.76 -28.94
CA ASP A 305 -8.05 13.17 -27.90
C ASP A 305 -8.85 13.76 -26.76
N LEU A 306 -8.19 13.86 -25.61
CA LEU A 306 -8.81 14.28 -24.38
C LEU A 306 -8.15 15.55 -23.93
N LEU A 307 -8.98 16.53 -23.58
CA LEU A 307 -8.54 17.74 -22.93
C LEU A 307 -9.19 17.79 -21.57
N VAL A 308 -8.39 18.15 -20.58
CA VAL A 308 -8.84 18.25 -19.20
C VAL A 308 -8.50 19.60 -18.63
N GLY A 309 -9.44 20.21 -17.94
CA GLY A 309 -9.21 21.49 -17.29
C GLY A 309 -8.97 21.39 -15.80
N ALA A 310 -8.00 22.15 -15.31
CA ALA A 310 -7.72 22.31 -13.87
C ALA A 310 -7.64 23.80 -13.61
N PRO A 311 -8.81 24.44 -13.43
CA PRO A 311 -8.84 25.90 -13.41
C PRO A 311 -8.16 26.61 -12.23
N LEU A 312 -7.88 25.87 -11.15
CA LEU A 312 -7.24 26.44 -9.98
C LEU A 312 -5.78 26.03 -9.83
N TYR A 313 -5.19 25.52 -10.92
CA TYR A 313 -3.78 25.14 -10.92
C TYR A 313 -2.90 26.34 -10.60
N MET A 314 -1.99 26.15 -9.65
CA MET A 314 -1.05 27.20 -9.25
C MET A 314 0.30 26.98 -9.92
N GLU A 315 0.67 27.93 -10.77
CA GLU A 315 1.92 27.85 -11.50
C GLU A 315 3.07 28.30 -10.63
N SER A 316 4.22 27.65 -10.78
CA SER A 316 5.42 28.03 -10.05
C SER A 316 6.01 29.28 -10.64
N ARG A 317 6.29 30.25 -9.78
CA ARG A 317 6.91 31.51 -10.20
C ARG A 317 8.18 31.79 -9.39
N ALA A 318 8.82 32.92 -9.69
CA ALA A 318 10.11 33.28 -9.10
C ALA A 318 10.04 33.38 -7.58
N ASP A 319 11.12 32.93 -6.93
CA ASP A 319 11.28 33.00 -5.49
C ASP A 319 10.33 32.05 -4.74
N ARG A 320 10.12 30.87 -5.34
CA ARG A 320 9.29 29.80 -4.75
C ARG A 320 7.87 30.25 -4.39
N LYS A 321 7.29 31.08 -5.26
CA LYS A 321 5.92 31.54 -5.10
C LYS A 321 5.04 30.78 -6.09
N LEU A 322 3.77 30.64 -5.74
CA LEU A 322 2.79 29.93 -6.55
C LEU A 322 1.75 30.94 -6.99
N ALA A 323 1.24 30.81 -8.21
CA ALA A 323 0.21 31.73 -8.70
C ALA A 323 -0.94 30.97 -9.34
N GLU A 324 -2.13 31.12 -8.77
CA GLU A 324 -3.33 30.44 -9.29
C GLU A 324 -3.70 31.06 -10.63
N VAL A 325 -3.61 30.27 -11.69
CA VAL A 325 -3.88 30.76 -13.05
C VAL A 325 -4.72 29.77 -13.89
N GLY A 326 -4.70 28.48 -13.53
CA GLY A 326 -5.44 27.48 -14.28
C GLY A 326 -4.57 26.83 -15.35
N ARG A 327 -4.92 25.61 -15.72
CA ARG A 327 -4.13 24.82 -16.66
C ARG A 327 -5.01 23.83 -17.39
N VAL A 328 -4.68 23.60 -18.66
CA VAL A 328 -5.36 22.63 -19.51
C VAL A 328 -4.33 21.59 -19.96
N TYR A 329 -4.74 20.34 -19.94
CA TYR A 329 -3.89 19.19 -20.25
C TYR A 329 -4.41 18.50 -21.48
N LEU A 330 -3.55 18.30 -22.50
CA LEU A 330 -3.94 17.55 -23.70
C LEU A 330 -3.31 16.17 -23.68
N PHE A 331 -4.14 15.15 -23.91
CA PHE A 331 -3.67 13.78 -24.04
C PHE A 331 -4.09 13.24 -25.41
N LEU A 332 -3.13 12.99 -26.29
CA LEU A 332 -3.39 12.43 -27.59
C LEU A 332 -3.55 10.92 -27.48
N GLN A 333 -4.58 10.37 -28.14
CA GLN A 333 -4.80 8.93 -28.13
C GLN A 333 -3.83 8.25 -29.09
N PRO A 334 -3.08 7.24 -28.60
CA PRO A 334 -2.15 6.50 -29.45
C PRO A 334 -2.83 5.40 -30.28
N ARG A 335 -2.08 4.86 -31.23
CA ARG A 335 -2.53 3.72 -32.05
C ARG A 335 -2.61 2.48 -31.16
N GLY A 336 -3.64 1.67 -31.38
CA GLY A 336 -3.74 0.38 -30.70
C GLY A 336 -4.25 0.49 -29.28
N PRO A 337 -4.13 -0.59 -28.50
CA PRO A 337 -4.74 -0.67 -27.16
C PRO A 337 -3.96 0.02 -26.03
N HIS A 338 -2.92 0.80 -26.37
CA HIS A 338 -1.97 1.30 -25.37
C HIS A 338 -2.56 2.35 -24.43
N ALA A 339 -1.80 2.69 -23.41
CA ALA A 339 -2.21 3.69 -22.44
C ALA A 339 -2.11 5.09 -23.03
N LEU A 340 -3.03 5.97 -22.61
CA LEU A 340 -2.82 7.40 -22.77
C LEU A 340 -1.66 7.68 -21.85
N GLY A 341 -0.69 8.45 -22.34
CA GLY A 341 0.56 8.61 -21.62
C GLY A 341 0.57 9.85 -20.76
N ALA A 342 1.76 10.39 -20.56
CA ALA A 342 1.92 11.71 -20.02
C ALA A 342 1.19 12.68 -20.97
N PRO A 343 0.81 13.85 -20.46
CA PRO A 343 0.21 14.83 -21.36
C PRO A 343 1.13 15.15 -22.54
N SER A 344 0.54 15.43 -23.68
CA SER A 344 1.28 15.79 -24.88
C SER A 344 1.59 17.29 -24.88
N LEU A 345 0.71 18.07 -24.24
CA LEU A 345 0.86 19.52 -24.14
C LEU A 345 0.22 20.02 -22.85
N LEU A 346 0.86 20.97 -22.19
CA LEU A 346 0.29 21.69 -21.06
C LEU A 346 0.06 23.14 -21.48
N LEU A 347 -1.20 23.61 -21.43
CA LEU A 347 -1.51 25.03 -21.60
C LEU A 347 -1.77 25.63 -20.22
N THR A 348 -1.19 26.79 -19.95
CA THR A 348 -1.26 27.40 -18.61
C THR A 348 -1.73 28.83 -18.69
N GLY A 349 -2.61 29.22 -17.78
CA GLY A 349 -3.13 30.59 -17.75
C GLY A 349 -2.06 31.60 -17.34
N THR A 350 -2.37 32.89 -17.53
CA THR A 350 -1.44 33.96 -17.21
C THR A 350 -1.99 34.93 -16.17
N GLN A 351 -3.31 35.14 -16.16
CA GLN A 351 -3.92 36.10 -15.26
C GLN A 351 -4.27 35.46 -13.93
N LEU A 352 -3.79 36.05 -12.85
CA LEU A 352 -4.02 35.52 -11.52
C LEU A 352 -5.54 35.45 -11.28
N TYR A 353 -5.98 34.33 -10.72
CA TYR A 353 -7.40 34.04 -10.45
C TYR A 353 -8.28 33.99 -11.71
N GLY A 354 -7.68 33.79 -12.87
CA GLY A 354 -8.41 33.77 -14.16
C GLY A 354 -9.23 32.52 -14.42
N ARG A 355 -8.85 31.41 -13.78
CA ARG A 355 -9.52 30.14 -13.94
C ARG A 355 -9.50 29.65 -15.38
N PHE A 356 -8.35 29.81 -16.02
CA PHE A 356 -8.06 29.17 -17.31
C PHE A 356 -8.32 27.67 -17.20
N GLY A 357 -9.12 27.16 -18.11
CA GLY A 357 -9.46 25.74 -18.14
C GLY A 357 -10.78 25.42 -17.48
N SER A 358 -11.53 26.45 -17.14
CA SER A 358 -12.83 26.29 -16.49
C SER A 358 -13.85 25.64 -17.45
N ALA A 359 -13.76 25.99 -18.73
CA ALA A 359 -14.56 25.34 -19.78
C ALA A 359 -13.64 25.13 -20.96
N ILE A 360 -13.82 24.01 -21.66
CA ILE A 360 -13.09 23.69 -22.86
C ILE A 360 -14.08 23.20 -23.90
N ALA A 361 -14.14 23.87 -25.04
CA ALA A 361 -15.10 23.58 -26.09
C ALA A 361 -14.38 23.18 -27.41
N PRO A 362 -14.66 21.97 -27.90
CA PRO A 362 -14.30 21.65 -29.30
C PRO A 362 -14.96 22.66 -30.23
N LEU A 363 -14.22 23.15 -31.22
CA LEU A 363 -14.75 24.15 -32.19
C LEU A 363 -15.01 23.51 -33.55
N GLY A 364 -14.72 22.22 -33.68
CA GLY A 364 -14.56 21.64 -35.01
C GLY A 364 -13.33 22.29 -35.64
N ASP A 365 -13.30 22.34 -36.96
CA ASP A 365 -12.20 22.96 -37.70
C ASP A 365 -12.59 24.39 -38.05
N LEU A 366 -12.13 25.33 -37.25
CA LEU A 366 -12.52 26.73 -37.36
C LEU A 366 -11.94 27.39 -38.62
N ASP A 367 -10.63 27.21 -38.85
CA ASP A 367 -9.92 27.84 -39.97
C ASP A 367 -9.85 26.96 -41.21
N ARG A 368 -10.43 25.76 -41.15
CA ARG A 368 -10.62 24.90 -42.32
C ARG A 368 -9.31 24.44 -42.94
N ASP A 369 -8.38 24.02 -42.09
CA ASP A 369 -7.06 23.58 -42.53
C ASP A 369 -6.89 22.08 -42.39
N GLY A 370 -7.93 21.39 -41.90
CA GLY A 370 -7.90 19.94 -41.74
C GLY A 370 -7.75 19.42 -40.32
N TYR A 371 -7.56 20.32 -39.36
CA TYR A 371 -7.34 19.93 -37.97
C TYR A 371 -8.36 20.62 -37.11
N ASN A 372 -8.93 19.88 -36.16
CA ASN A 372 -9.91 20.44 -35.23
C ASN A 372 -9.24 21.29 -34.18
N ASP A 373 -10.00 22.25 -33.66
CA ASP A 373 -9.47 23.30 -32.80
C ASP A 373 -10.29 23.37 -31.53
N ILE A 374 -9.79 24.09 -30.52
CA ILE A 374 -10.53 24.25 -29.28
C ILE A 374 -10.58 25.68 -28.81
N ALA A 375 -11.53 25.96 -27.92
CA ALA A 375 -11.63 27.22 -27.22
C ALA A 375 -11.54 26.91 -25.73
N VAL A 376 -10.66 27.60 -25.01
CA VAL A 376 -10.55 27.48 -23.55
C VAL A 376 -11.04 28.76 -22.87
N ALA A 377 -11.90 28.62 -21.86
CA ALA A 377 -12.39 29.78 -21.09
C ALA A 377 -11.49 30.09 -19.92
N ALA A 378 -11.25 31.37 -19.69
CA ALA A 378 -10.76 31.92 -18.41
C ALA A 378 -11.77 32.96 -17.96
N PRO A 379 -12.81 32.54 -17.24
CA PRO A 379 -13.95 33.44 -16.96
C PRO A 379 -13.62 34.69 -16.14
N TYR A 380 -12.48 34.69 -15.43
CA TYR A 380 -12.03 35.88 -14.73
C TYR A 380 -10.67 36.32 -15.22
N GLY A 381 -10.33 35.90 -16.44
CA GLY A 381 -9.07 36.22 -17.04
C GLY A 381 -9.09 37.54 -17.78
N GLY A 382 -8.03 37.74 -18.56
CA GLY A 382 -7.81 38.97 -19.28
C GLY A 382 -7.16 39.95 -18.35
N PRO A 383 -6.49 40.97 -18.90
CA PRO A 383 -5.84 41.98 -18.07
C PRO A 383 -6.80 42.73 -17.16
N SER A 384 -8.07 42.77 -17.54
CA SER A 384 -9.09 43.52 -16.82
C SER A 384 -9.78 42.64 -15.81
N GLY A 385 -9.54 41.34 -15.87
CA GLY A 385 -10.22 40.38 -15.02
C GLY A 385 -11.67 40.10 -15.42
N ARG A 386 -12.11 40.58 -16.58
CA ARG A 386 -13.51 40.48 -16.97
C ARG A 386 -13.85 39.19 -17.69
N GLY A 387 -12.82 38.45 -18.08
CA GLY A 387 -13.03 37.17 -18.73
C GLY A 387 -12.47 37.13 -20.14
N GLN A 388 -11.92 35.97 -20.51
CA GLN A 388 -11.36 35.75 -21.81
C GLN A 388 -11.61 34.33 -22.27
N VAL A 389 -11.75 34.18 -23.58
CA VAL A 389 -11.78 32.89 -24.24
C VAL A 389 -10.61 32.84 -25.21
N LEU A 390 -9.82 31.76 -25.13
CA LEU A 390 -8.64 31.62 -25.95
C LEU A 390 -8.82 30.48 -26.94
N VAL A 391 -8.53 30.74 -28.23
CA VAL A 391 -8.62 29.72 -29.27
C VAL A 391 -7.24 29.09 -29.55
N PHE A 392 -7.20 27.76 -29.60
CA PHE A 392 -5.99 27.03 -29.92
C PHE A 392 -6.29 26.14 -31.10
N LEU A 393 -5.44 26.22 -32.11
CA LEU A 393 -5.64 25.46 -33.35
C LEU A 393 -4.92 24.11 -33.29
N GLY A 394 -5.56 23.10 -33.86
CA GLY A 394 -4.96 21.80 -33.97
C GLY A 394 -3.89 21.78 -35.05
N GLN A 395 -3.04 20.76 -34.99
CA GLN A 395 -1.95 20.57 -35.95
C GLN A 395 -1.49 19.13 -35.82
N SER A 396 -0.63 18.68 -36.74
CA SER A 396 -0.26 17.26 -36.81
C SER A 396 0.32 16.70 -35.49
N GLU A 397 0.99 17.54 -34.71
CA GLU A 397 1.58 17.11 -33.43
C GLU A 397 0.70 17.34 -32.20
N GLY A 398 -0.52 17.84 -32.39
CA GLY A 398 -1.43 18.11 -31.28
C GLY A 398 -2.20 19.41 -31.43
N LEU A 399 -1.89 20.37 -30.55
CA LEU A 399 -2.41 21.73 -30.61
C LEU A 399 -1.24 22.69 -30.60
N ARG A 400 -1.44 23.88 -31.14
CA ARG A 400 -0.48 24.96 -30.99
C ARG A 400 -0.43 25.42 -29.52
N SER A 401 0.73 25.87 -29.05
CA SER A 401 0.93 26.19 -27.65
C SER A 401 0.57 27.65 -27.37
N ARG A 402 0.42 28.43 -28.43
CA ARG A 402 0.01 29.82 -28.32
C ARG A 402 -1.33 30.04 -29.02
N PRO A 403 -2.23 30.81 -28.38
CA PRO A 403 -3.56 30.94 -28.94
C PRO A 403 -3.55 31.69 -30.27
N SER A 404 -4.46 31.34 -31.17
CA SER A 404 -4.50 32.01 -32.46
C SER A 404 -5.29 33.30 -32.34
N GLN A 405 -6.06 33.42 -31.26
CA GLN A 405 -7.05 34.46 -31.11
C GLN A 405 -7.53 34.48 -29.67
N VAL A 406 -7.85 35.66 -29.18
CA VAL A 406 -8.34 35.84 -27.81
C VAL A 406 -9.59 36.70 -27.91
N LEU A 407 -10.63 36.30 -27.20
CA LEU A 407 -11.89 37.03 -27.20
C LEU A 407 -12.08 37.61 -25.81
N ASP A 408 -12.01 38.94 -25.70
CA ASP A 408 -12.19 39.59 -24.40
C ASP A 408 -13.67 39.80 -24.17
N SER A 409 -14.13 39.53 -22.95
CA SER A 409 -15.54 39.69 -22.60
C SER A 409 -16.01 41.07 -22.99
N PRO A 410 -17.13 41.15 -23.73
CA PRO A 410 -17.83 42.41 -23.99
C PRO A 410 -18.72 42.87 -22.83
N PHE A 411 -18.80 42.07 -21.77
CA PHE A 411 -19.70 42.36 -20.66
C PHE A 411 -18.90 42.99 -19.51
N PRO A 412 -19.59 43.57 -18.52
CA PRO A 412 -18.90 44.16 -17.37
C PRO A 412 -18.25 43.14 -16.45
N THR A 413 -17.52 43.62 -15.46
CA THR A 413 -16.89 42.79 -14.44
C THR A 413 -17.93 41.92 -13.77
N GLY A 414 -17.54 40.69 -13.43
CA GLY A 414 -18.45 39.76 -12.77
C GLY A 414 -19.36 38.94 -13.68
N SER A 415 -19.22 39.06 -15.00
CA SER A 415 -20.14 38.39 -15.92
C SER A 415 -19.94 36.88 -15.98
N ALA A 416 -18.75 36.42 -15.61
CA ALA A 416 -18.37 35.00 -15.78
C ALA A 416 -18.36 34.56 -17.24
N PHE A 417 -18.11 35.51 -18.15
CA PHE A 417 -17.91 35.23 -19.58
C PHE A 417 -17.05 34.03 -19.80
N GLY A 418 -17.59 32.99 -20.42
CA GLY A 418 -16.79 31.81 -20.75
C GLY A 418 -17.06 30.61 -19.84
N PHE A 419 -17.85 30.82 -18.80
CA PHE A 419 -18.13 29.77 -17.85
C PHE A 419 -18.81 28.62 -18.54
N SER A 420 -19.59 28.93 -19.56
CA SER A 420 -20.12 27.91 -20.48
C SER A 420 -19.75 28.29 -21.91
N LEU A 421 -19.49 27.28 -22.73
CA LEU A 421 -18.99 27.44 -24.10
C LEU A 421 -19.52 26.33 -24.93
N ARG A 422 -19.90 26.60 -26.17
CA ARG A 422 -20.19 25.54 -27.11
C ARG A 422 -19.79 25.99 -28.50
N GLY A 423 -19.15 25.10 -29.27
CA GLY A 423 -18.72 25.39 -30.63
C GLY A 423 -19.07 24.27 -31.59
N ALA A 424 -18.38 24.24 -32.74
CA ALA A 424 -18.50 23.14 -33.72
C ALA A 424 -19.82 23.09 -34.50
N VAL A 425 -20.65 24.12 -34.40
CA VAL A 425 -21.88 24.15 -35.16
C VAL A 425 -21.97 25.45 -35.94
N ASP A 426 -22.41 25.33 -37.20
CA ASP A 426 -22.52 26.47 -38.10
C ASP A 426 -23.95 26.95 -37.99
N ILE A 427 -24.14 28.06 -37.31
CA ILE A 427 -25.49 28.53 -36.96
C ILE A 427 -26.08 29.38 -38.07
N ASP A 428 -25.23 30.09 -38.83
CA ASP A 428 -25.67 30.97 -39.92
C ASP A 428 -25.47 30.38 -41.32
N ASP A 429 -25.10 29.11 -41.37
CA ASP A 429 -24.95 28.37 -42.62
C ASP A 429 -23.98 29.05 -43.60
N ASN A 430 -22.85 29.54 -43.12
CA ASN A 430 -21.84 30.14 -44.01
C ASN A 430 -20.65 29.21 -44.27
N GLY A 431 -20.74 27.96 -43.77
CA GLY A 431 -19.69 26.95 -43.98
C GLY A 431 -18.53 26.95 -42.98
N TYR A 432 -18.60 27.79 -41.95
CA TYR A 432 -17.61 27.81 -40.88
C TYR A 432 -18.33 27.66 -39.52
N PRO A 433 -17.81 26.79 -38.64
CA PRO A 433 -18.46 26.52 -37.38
C PRO A 433 -18.23 27.64 -36.36
N ASP A 434 -19.25 27.90 -35.56
CA ASP A 434 -19.32 29.12 -34.74
C ASP A 434 -19.24 28.82 -33.25
N LEU A 435 -19.12 29.87 -32.43
CA LEU A 435 -18.95 29.73 -30.99
C LEU A 435 -20.01 30.53 -30.22
N ILE A 436 -20.65 29.88 -29.25
CA ILE A 436 -21.54 30.57 -28.31
C ILE A 436 -20.91 30.56 -26.92
N VAL A 437 -20.96 31.72 -26.25
CA VAL A 437 -20.33 31.91 -24.96
C VAL A 437 -21.35 32.48 -23.98
N GLY A 438 -21.59 31.74 -22.90
CA GLY A 438 -22.46 32.19 -21.82
C GLY A 438 -21.76 33.12 -20.86
N ALA A 439 -22.51 34.12 -20.39
CA ALA A 439 -22.03 35.07 -19.36
C ALA A 439 -23.15 35.19 -18.33
N TYR A 440 -23.28 34.19 -17.47
CA TYR A 440 -24.46 34.05 -16.63
C TYR A 440 -24.61 35.21 -15.66
N GLY A 441 -23.47 35.77 -15.26
CA GLY A 441 -23.43 36.91 -14.35
C GLY A 441 -24.02 38.15 -14.95
N ALA A 442 -24.08 38.21 -16.28
CA ALA A 442 -24.72 39.31 -16.99
C ALA A 442 -26.04 38.85 -17.63
N ASN A 443 -26.42 37.60 -17.38
CA ASN A 443 -27.65 37.04 -17.93
C ASN A 443 -27.73 37.12 -19.44
N GLN A 444 -26.60 36.86 -20.09
CA GLN A 444 -26.50 36.98 -21.53
C GLN A 444 -25.64 35.92 -22.15
N VAL A 445 -25.86 35.74 -23.45
CA VAL A 445 -25.10 34.84 -24.29
C VAL A 445 -24.61 35.63 -25.52
N ALA A 446 -23.35 35.44 -25.85
CA ALA A 446 -22.75 36.08 -27.01
C ALA A 446 -22.48 35.02 -28.07
N VAL A 447 -22.82 35.32 -29.32
CA VAL A 447 -22.56 34.40 -30.41
C VAL A 447 -21.44 34.99 -31.25
N TYR A 448 -20.36 34.22 -31.42
CA TYR A 448 -19.27 34.60 -32.32
C TYR A 448 -19.37 33.80 -33.62
N ARG A 449 -19.56 34.50 -34.71
CA ARG A 449 -19.59 33.90 -36.02
C ARG A 449 -18.18 33.77 -36.62
N ALA A 450 -17.86 32.57 -37.10
CA ALA A 450 -16.62 32.36 -37.81
C ALA A 450 -16.75 32.93 -39.24
N GLN A 451 -15.68 33.53 -39.73
CA GLN A 451 -15.67 34.13 -41.06
C GLN A 451 -14.45 33.63 -41.83
N PRO A 452 -14.38 33.92 -43.13
CA PRO A 452 -13.21 33.53 -43.89
C PRO A 452 -11.92 34.08 -43.29
N VAL A 453 -10.88 33.28 -43.31
CA VAL A 453 -9.59 33.69 -42.78
C VAL A 453 -9.05 34.88 -43.58
N VAL A 454 -8.43 35.84 -42.88
CA VAL A 454 -7.91 37.05 -43.50
C VAL A 454 -6.50 36.86 -44.05
N GLY B 1 50.53 52.02 -20.89
CA GLY B 1 50.06 52.18 -22.30
C GLY B 1 48.57 52.50 -22.38
N PRO B 2 48.02 52.52 -23.61
CA PRO B 2 46.60 52.77 -23.81
C PRO B 2 45.67 51.74 -23.14
N ASN B 3 44.98 52.16 -22.09
CA ASN B 3 43.98 51.34 -21.40
C ASN B 3 42.61 51.43 -22.10
N ILE B 4 41.60 50.76 -21.54
CA ILE B 4 40.26 50.76 -22.14
C ILE B 4 39.59 52.15 -22.15
N CYS B 5 39.88 52.97 -21.13
CA CYS B 5 39.37 54.33 -21.05
C CYS B 5 39.78 55.14 -22.28
N THR B 6 41.08 55.11 -22.57
CA THR B 6 41.67 55.93 -23.64
C THR B 6 41.43 55.35 -25.04
N THR B 7 41.57 54.02 -25.17
CA THR B 7 41.46 53.36 -26.48
C THR B 7 40.05 53.41 -27.07
N ARG B 8 39.04 53.60 -26.22
CA ARG B 8 37.66 53.73 -26.66
C ARG B 8 37.45 55.02 -27.46
N GLY B 9 38.23 56.06 -27.15
CA GLY B 9 38.16 57.34 -27.87
C GLY B 9 36.84 58.06 -27.66
N VAL B 10 36.53 58.34 -26.40
CA VAL B 10 35.21 58.87 -26.03
C VAL B 10 35.02 60.34 -26.44
N SER B 11 33.76 60.74 -26.59
CA SER B 11 33.39 62.07 -27.08
C SER B 11 33.02 63.06 -25.97
N SER B 12 32.75 62.56 -24.76
CA SER B 12 32.29 63.42 -23.66
C SER B 12 32.60 62.83 -22.28
N CYS B 13 32.37 63.64 -21.25
CA CYS B 13 32.57 63.23 -19.86
C CYS B 13 31.59 62.14 -19.43
N GLN B 14 30.36 62.21 -19.93
CA GLN B 14 29.35 61.18 -19.65
C GLN B 14 29.80 59.84 -20.22
N GLN B 15 30.14 59.83 -21.50
CA GLN B 15 30.58 58.61 -22.20
C GLN B 15 31.84 58.01 -21.56
N CYS B 16 32.71 58.87 -21.05
CA CYS B 16 33.93 58.44 -20.38
C CYS B 16 33.64 57.56 -19.16
N LEU B 17 32.73 58.02 -18.31
CA LEU B 17 32.36 57.29 -17.09
C LEU B 17 31.69 55.94 -17.40
N ALA B 18 30.90 55.90 -18.48
CA ALA B 18 30.18 54.69 -18.88
C ALA B 18 31.09 53.57 -19.41
N VAL B 19 32.36 53.87 -19.67
CA VAL B 19 33.28 52.86 -20.17
C VAL B 19 33.68 51.87 -19.06
N SER B 20 34.05 52.39 -17.90
CA SER B 20 34.45 51.56 -16.77
C SER B 20 34.45 52.37 -15.45
N PRO B 21 34.18 51.70 -14.32
CA PRO B 21 34.21 52.39 -13.03
C PRO B 21 35.58 52.94 -12.59
N MET B 22 36.66 52.51 -13.26
CA MET B 22 38.01 53.02 -12.99
C MET B 22 38.42 54.20 -13.88
N CYS B 23 37.52 54.64 -14.77
CA CYS B 23 37.80 55.77 -15.65
C CYS B 23 37.48 57.10 -14.99
N ALA B 24 38.27 58.12 -15.32
CA ALA B 24 38.06 59.50 -14.85
C ALA B 24 38.21 60.46 -16.02
N TRP B 25 37.69 61.68 -15.85
CA TRP B 25 37.73 62.71 -16.90
C TRP B 25 38.30 64.01 -16.37
N CYS B 26 39.07 64.68 -17.22
CA CYS B 26 39.70 65.95 -16.87
C CYS B 26 39.06 67.10 -17.64
N SER B 27 38.56 68.10 -16.91
CA SER B 27 37.90 69.27 -17.50
C SER B 27 38.87 70.43 -17.80
N ASP B 28 40.11 70.32 -17.33
CA ASP B 28 41.11 71.40 -17.42
C ASP B 28 41.11 72.09 -18.79
N GLU B 29 41.11 73.42 -18.78
CA GLU B 29 41.21 74.21 -20.00
C GLU B 29 42.51 73.94 -20.77
N ALA B 30 43.62 73.93 -20.04
CA ALA B 30 44.96 73.79 -20.64
C ALA B 30 45.48 72.36 -20.58
N LEU B 31 44.93 71.50 -21.44
CA LEU B 31 45.44 70.13 -21.63
C LEU B 31 46.20 70.08 -22.96
N PRO B 32 47.38 69.41 -22.98
CA PRO B 32 48.26 69.35 -24.16
C PRO B 32 47.59 69.07 -25.51
N LEU B 33 48.30 69.43 -26.58
CA LEU B 33 47.83 69.33 -27.98
C LEU B 33 46.74 68.28 -28.22
N GLY B 34 47.02 67.04 -27.84
CA GLY B 34 46.08 65.93 -28.06
C GLY B 34 46.27 64.76 -27.13
N SER B 35 46.30 65.02 -25.83
CA SER B 35 46.33 63.96 -24.82
C SER B 35 44.90 63.47 -24.55
N PRO B 36 44.76 62.17 -24.20
CA PRO B 36 43.43 61.60 -23.98
C PRO B 36 42.78 62.09 -22.69
N ARG B 37 41.53 62.53 -22.79
CA ARG B 37 40.81 63.08 -21.64
C ARG B 37 40.23 62.02 -20.71
N CYS B 38 39.96 60.84 -21.25
CA CYS B 38 39.48 59.72 -20.46
C CYS B 38 40.60 58.71 -20.20
N ASP B 39 40.98 58.58 -18.92
CA ASP B 39 42.10 57.71 -18.52
C ASP B 39 42.00 57.42 -17.01
N LEU B 40 42.87 56.55 -16.51
CA LEU B 40 42.96 56.31 -15.06
C LEU B 40 43.30 57.60 -14.32
N LYS B 41 42.77 57.75 -13.10
CA LYS B 41 43.03 58.94 -12.29
C LYS B 41 44.53 59.14 -12.02
N GLU B 42 45.26 58.02 -11.92
CA GLU B 42 46.71 58.04 -11.74
C GLU B 42 47.39 58.64 -12.97
N ASN B 43 46.87 58.31 -14.15
CA ASN B 43 47.42 58.81 -15.42
C ASN B 43 47.07 60.28 -15.68
N LEU B 44 45.94 60.74 -15.17
CA LEU B 44 45.51 62.14 -15.39
C LEU B 44 46.29 63.13 -14.54
N LEU B 45 46.46 62.82 -13.25
CA LEU B 45 47.21 63.68 -12.33
C LEU B 45 48.68 63.86 -12.75
N LYS B 46 49.30 62.77 -13.20
CA LYS B 46 50.69 62.81 -13.65
C LYS B 46 50.86 63.65 -14.91
N ASP B 47 49.79 63.83 -15.67
CA ASP B 47 49.81 64.68 -16.88
C ASP B 47 49.38 66.13 -16.62
N ASN B 48 49.50 66.58 -15.37
CA ASN B 48 49.27 67.98 -14.97
C ASN B 48 47.81 68.43 -15.03
N CYS B 49 46.88 67.50 -14.84
CA CYS B 49 45.46 67.84 -14.74
C CYS B 49 45.17 68.38 -13.34
N ALA B 50 44.47 69.52 -13.27
CA ALA B 50 44.20 70.20 -12.01
C ALA B 50 43.35 69.35 -11.05
N PRO B 51 43.65 69.41 -9.74
CA PRO B 51 42.89 68.65 -8.74
C PRO B 51 41.37 68.89 -8.77
N GLU B 52 40.96 70.12 -9.08
CA GLU B 52 39.54 70.48 -9.09
C GLU B 52 38.85 70.08 -10.42
N SER B 53 39.64 69.69 -11.41
CA SER B 53 39.12 69.37 -12.74
C SER B 53 38.82 67.88 -12.95
N ILE B 54 39.14 67.05 -11.95
CA ILE B 54 38.95 65.60 -12.05
C ILE B 54 37.52 65.18 -11.72
N GLU B 55 36.86 64.55 -12.70
CA GLU B 55 35.58 63.90 -12.47
C GLU B 55 35.85 62.40 -12.30
N PHE B 56 35.60 61.90 -11.08
CA PHE B 56 35.82 60.50 -10.76
C PHE B 56 34.95 60.09 -9.58
N PRO B 57 33.66 59.82 -9.84
CA PRO B 57 32.77 59.33 -8.80
C PRO B 57 33.17 57.94 -8.33
N VAL B 58 33.04 57.70 -7.03
CA VAL B 58 33.30 56.38 -6.47
C VAL B 58 32.00 55.84 -5.91
N SER B 59 31.73 54.55 -6.15
CA SER B 59 30.55 53.90 -5.59
C SER B 59 30.75 53.74 -4.08
N GLU B 60 29.67 53.92 -3.32
CA GLU B 60 29.74 53.85 -1.86
C GLU B 60 28.41 53.44 -1.25
N ALA B 61 28.50 52.92 -0.03
CA ALA B 61 27.32 52.52 0.74
C ALA B 61 27.45 53.10 2.13
N ARG B 62 26.71 54.19 2.40
CA ARG B 62 26.72 54.79 3.73
C ARG B 62 25.37 54.60 4.45
N VAL B 63 25.44 54.35 5.75
CA VAL B 63 24.25 54.11 6.56
C VAL B 63 23.60 55.44 6.94
N LEU B 64 22.27 55.47 6.91
CA LEU B 64 21.50 56.65 7.32
C LEU B 64 20.83 56.41 8.68
N GLU B 65 20.29 55.22 8.88
CA GLU B 65 19.71 54.81 10.15
C GLU B 65 20.24 53.44 10.53
N ASP B 66 20.84 53.34 11.72
CA ASP B 66 21.29 52.04 12.22
C ASP B 66 21.12 51.94 13.73
N ARG B 67 19.87 52.09 14.18
CA ARG B 67 19.54 51.85 15.57
C ARG B 67 19.95 50.43 15.92
N PRO B 68 20.45 50.22 17.15
CA PRO B 68 20.90 48.90 17.55
C PRO B 68 19.76 47.90 17.73
N LEU B 69 20.04 46.62 17.50
CA LEU B 69 19.08 45.56 17.72
C LEU B 69 18.63 45.53 19.19
N SER B 70 17.32 45.39 19.39
CA SER B 70 16.72 45.31 20.71
C SER B 70 17.09 43.99 21.39
N ASP B 71 17.30 44.04 22.70
CA ASP B 71 17.56 42.84 23.49
C ASP B 71 16.24 42.19 23.86
N LYS B 72 15.25 43.03 24.17
CA LYS B 72 13.91 42.57 24.53
C LYS B 72 12.88 43.12 23.53
N GLY B 73 11.88 42.29 23.21
CA GLY B 73 10.80 42.66 22.29
C GLY B 73 9.52 43.10 23.00
N SER B 74 9.51 43.00 24.32
CA SER B 74 8.37 43.44 25.12
C SER B 74 8.87 44.10 26.41
N GLY B 75 9.37 45.33 26.34
CA GLY B 75 9.50 46.11 25.11
C GLY B 75 8.25 46.87 24.72
N ASP B 76 7.51 47.34 25.73
CA ASP B 76 6.23 48.04 25.53
C ASP B 76 6.37 49.29 24.63
N SER B 77 5.24 49.74 24.10
CA SER B 77 5.17 50.79 23.05
C SER B 77 5.56 50.21 21.68
N SER B 78 6.56 49.34 21.67
CA SER B 78 6.96 48.55 20.50
C SER B 78 7.72 49.39 19.47
N GLN B 79 8.78 50.03 19.96
CA GLN B 79 9.84 50.57 19.11
C GLN B 79 11.00 49.59 19.17
N VAL B 80 10.70 48.33 18.87
CA VAL B 80 11.65 47.24 18.90
C VAL B 80 12.36 47.23 17.54
N THR B 81 13.63 46.87 17.54
CA THR B 81 14.42 46.83 16.33
C THR B 81 14.95 45.42 16.10
N GLN B 82 14.56 44.85 14.95
CA GLN B 82 14.92 43.48 14.60
C GLN B 82 15.81 43.40 13.36
N VAL B 83 15.98 44.52 12.68
CA VAL B 83 16.81 44.60 11.46
C VAL B 83 17.71 45.81 11.55
N SER B 84 19.01 45.60 11.39
CA SER B 84 19.97 46.69 11.41
C SER B 84 20.94 46.53 10.25
N PRO B 85 21.26 47.62 9.54
CA PRO B 85 20.70 48.97 9.69
C PRO B 85 19.31 49.03 9.09
N GLN B 86 18.62 50.16 9.28
CA GLN B 86 17.25 50.31 8.81
C GLN B 86 17.17 51.08 7.49
N ARG B 87 18.16 51.92 7.22
CA ARG B 87 18.18 52.70 5.99
C ARG B 87 19.61 53.04 5.61
N ILE B 88 20.00 52.70 4.38
CA ILE B 88 21.32 53.09 3.86
C ILE B 88 21.15 53.77 2.50
N ALA B 89 22.21 54.48 2.09
CA ALA B 89 22.24 55.20 0.81
C ALA B 89 23.31 54.63 -0.09
N LEU B 90 22.90 53.98 -1.18
CA LEU B 90 23.83 53.47 -2.17
C LEU B 90 24.04 54.51 -3.24
N ARG B 91 25.30 54.72 -3.61
CA ARG B 91 25.66 55.51 -4.77
C ARG B 91 26.40 54.57 -5.71
N LEU B 92 25.95 54.46 -6.96
CA LEU B 92 26.56 53.56 -7.94
C LEU B 92 26.81 54.25 -9.28
N ARG B 93 28.02 54.10 -9.81
CA ARG B 93 28.33 54.58 -11.16
C ARG B 93 28.12 53.42 -12.15
N PRO B 94 28.02 53.72 -13.46
CA PRO B 94 27.58 52.70 -14.42
C PRO B 94 28.34 51.37 -14.35
N ASP B 95 27.59 50.26 -14.44
CA ASP B 95 28.17 48.90 -14.48
C ASP B 95 29.00 48.52 -13.25
N ASP B 96 28.82 49.25 -12.14
CA ASP B 96 29.63 49.04 -10.95
C ASP B 96 28.82 48.32 -9.89
N SER B 97 29.51 47.74 -8.92
CA SER B 97 28.84 47.08 -7.81
C SER B 97 29.40 47.57 -6.49
N LYS B 98 28.54 47.56 -5.46
CA LYS B 98 28.94 47.87 -4.09
C LYS B 98 28.26 46.90 -3.13
N ASN B 99 28.98 46.54 -2.07
CA ASN B 99 28.49 45.60 -1.08
C ASN B 99 28.08 46.30 0.22
N PHE B 100 27.09 45.74 0.90
CA PHE B 100 26.65 46.23 2.20
C PHE B 100 26.10 45.07 3.03
N SER B 101 25.79 45.35 4.30
CA SER B 101 25.48 44.31 5.26
C SER B 101 24.13 44.57 5.93
N ILE B 102 23.48 43.49 6.37
CA ILE B 102 22.25 43.58 7.16
C ILE B 102 22.25 42.52 8.27
N GLN B 103 21.89 42.92 9.47
CA GLN B 103 21.75 42.01 10.61
C GLN B 103 20.26 41.80 10.89
N VAL B 104 19.88 40.55 11.18
CA VAL B 104 18.50 40.21 11.53
C VAL B 104 18.47 39.39 12.81
N ARG B 105 17.56 39.74 13.71
CA ARG B 105 17.47 39.07 15.01
C ARG B 105 16.06 38.58 15.26
N GLN B 106 15.97 37.35 15.73
CA GLN B 106 14.72 36.79 16.21
C GLN B 106 14.64 37.21 17.68
N VAL B 107 13.98 38.33 17.93
CA VAL B 107 14.07 39.01 19.24
C VAL B 107 13.37 38.25 20.35
N GLU B 108 13.96 38.28 21.54
CA GLU B 108 13.46 37.56 22.70
C GLU B 108 12.30 38.33 23.30
N ASP B 109 11.27 37.61 23.74
CA ASP B 109 10.11 38.19 24.41
C ASP B 109 9.35 39.15 23.49
N TYR B 110 8.84 38.63 22.39
CA TYR B 110 8.04 39.41 21.45
C TYR B 110 6.58 39.03 21.67
N PRO B 111 5.65 39.96 21.42
CA PRO B 111 4.24 39.62 21.67
C PRO B 111 3.72 38.53 20.77
N VAL B 112 2.77 37.74 21.28
CA VAL B 112 2.15 36.69 20.49
C VAL B 112 0.62 36.75 20.55
N ASP B 113 -0.02 36.67 19.38
CA ASP B 113 -1.48 36.43 19.29
C ASP B 113 -1.70 34.99 18.86
N ILE B 114 -2.50 34.26 19.64
CA ILE B 114 -2.93 32.91 19.27
C ILE B 114 -4.46 32.85 19.16
N TYR B 115 -4.94 32.75 17.93
CA TYR B 115 -6.37 32.60 17.67
C TYR B 115 -6.64 31.14 17.41
N TYR B 116 -7.46 30.53 18.26
CA TYR B 116 -7.79 29.11 18.18
C TYR B 116 -9.05 28.94 17.37
N LEU B 117 -8.93 28.29 16.22
CA LEU B 117 -10.04 28.13 15.28
C LEU B 117 -10.35 26.66 15.15
N MET B 118 -11.51 26.28 15.69
CA MET B 118 -11.83 24.90 15.98
C MET B 118 -13.01 24.35 15.18
N ASP B 119 -12.79 23.17 14.60
CA ASP B 119 -13.84 22.34 14.02
C ASP B 119 -14.77 21.94 15.14
N LEU B 120 -16.05 22.29 15.03
CA LEU B 120 -17.04 21.88 16.05
C LEU B 120 -18.17 21.04 15.46
N SER B 121 -17.82 20.20 14.49
CA SER B 121 -18.67 19.11 14.07
C SER B 121 -18.72 18.07 15.20
N TYR B 122 -19.59 17.09 15.05
CA TYR B 122 -19.92 16.25 16.19
C TYR B 122 -18.76 15.42 16.74
N SER B 123 -17.83 15.02 15.87
CA SER B 123 -16.68 14.19 16.28
C SER B 123 -15.66 14.96 17.13
N MET B 124 -15.83 16.28 17.22
CA MET B 124 -14.98 17.14 18.06
C MET B 124 -15.60 17.44 19.43
N LYS B 125 -16.73 16.81 19.74
CA LYS B 125 -17.37 17.00 21.05
C LYS B 125 -16.41 16.75 22.23
N ASP B 126 -15.72 15.60 22.20
CA ASP B 126 -14.76 15.24 23.25
C ASP B 126 -13.56 16.20 23.31
N ASP B 127 -13.17 16.76 22.15
CA ASP B 127 -12.11 17.76 22.10
C ASP B 127 -12.49 19.03 22.85
N LEU B 128 -13.74 19.46 22.68
CA LEU B 128 -14.27 20.64 23.41
C LEU B 128 -14.05 20.49 24.89
N TRP B 129 -14.28 19.28 25.39
CA TRP B 129 -14.11 18.96 26.79
C TRP B 129 -12.64 19.12 27.19
N SER B 130 -11.73 18.52 26.43
CA SER B 130 -10.31 18.55 26.77
C SER B 130 -9.73 19.95 26.90
N ILE B 131 -10.16 20.88 26.06
CA ILE B 131 -9.52 22.21 26.00
C ILE B 131 -10.13 23.26 26.96
N GLN B 132 -11.01 22.87 27.86
CA GLN B 132 -11.71 23.88 28.66
C GLN B 132 -10.83 24.62 29.69
N ASN B 133 -9.63 24.09 29.97
CA ASN B 133 -8.59 24.80 30.73
C ASN B 133 -7.38 25.19 29.88
N LEU B 134 -7.49 25.06 28.56
CA LEU B 134 -6.37 25.33 27.66
C LEU B 134 -5.84 26.76 27.80
N GLY B 135 -6.73 27.72 27.96
CA GLY B 135 -6.33 29.14 28.01
C GLY B 135 -5.38 29.39 29.15
N THR B 136 -5.74 28.84 30.31
CA THR B 136 -4.92 28.91 31.50
C THR B 136 -3.60 28.16 31.33
N LYS B 137 -3.66 26.93 30.85
CA LYS B 137 -2.46 26.11 30.67
C LYS B 137 -1.53 26.68 29.61
N LEU B 138 -2.12 27.18 28.53
CA LEU B 138 -1.37 27.82 27.46
C LEU B 138 -0.66 29.09 27.95
N ALA B 139 -1.35 29.86 28.78
CA ALA B 139 -0.77 31.08 29.33
C ALA B 139 0.46 30.75 30.16
N THR B 140 0.36 29.71 30.98
CA THR B 140 1.45 29.29 31.85
C THR B 140 2.70 28.90 31.05
N GLN B 141 2.52 28.14 29.97
CA GLN B 141 3.66 27.72 29.14
C GLN B 141 4.21 28.84 28.25
N MET B 142 3.35 29.75 27.79
CA MET B 142 3.79 30.85 26.92
C MET B 142 4.45 32.00 27.70
N ARG B 143 4.24 32.01 29.01
CA ARG B 143 4.82 32.99 29.93
C ARG B 143 6.34 32.91 29.90
N LYS B 144 6.85 31.69 29.69
CA LYS B 144 8.28 31.42 29.58
C LYS B 144 8.88 32.12 28.37
N LEU B 145 8.08 32.25 27.30
CA LEU B 145 8.53 32.78 26.01
C LEU B 145 8.14 34.25 25.77
N THR B 146 7.07 34.72 26.39
CA THR B 146 6.58 36.07 26.11
C THR B 146 5.83 36.65 27.30
N SER B 147 5.90 37.97 27.44
CA SER B 147 5.16 38.68 28.48
C SER B 147 3.94 39.41 27.91
N ASN B 148 3.64 39.20 26.62
CA ASN B 148 2.48 39.80 25.95
C ASN B 148 1.73 38.79 25.10
N LEU B 149 1.10 37.83 25.76
CA LEU B 149 0.24 36.85 25.12
C LEU B 149 -1.21 37.34 25.07
N ARG B 150 -1.82 37.29 23.91
CA ARG B 150 -3.28 37.43 23.77
C ARG B 150 -3.80 36.16 23.10
N ILE B 151 -4.98 35.69 23.49
CA ILE B 151 -5.58 34.52 22.88
C ILE B 151 -7.05 34.78 22.59
N GLY B 152 -7.61 34.00 21.66
CA GLY B 152 -9.02 34.10 21.26
C GLY B 152 -9.50 32.83 20.59
N PHE B 153 -10.77 32.81 20.22
CA PHE B 153 -11.42 31.56 19.81
C PHE B 153 -12.48 31.83 18.76
N GLY B 154 -12.54 30.91 17.79
CA GLY B 154 -13.61 30.86 16.82
C GLY B 154 -13.86 29.41 16.43
N ALA B 155 -14.98 29.18 15.76
CA ALA B 155 -15.43 27.83 15.51
C ALA B 155 -16.14 27.77 14.18
N PHE B 156 -16.09 26.60 13.55
CA PHE B 156 -16.73 26.37 12.27
C PHE B 156 -17.29 24.96 12.18
N VAL B 157 -18.28 24.77 11.32
CA VAL B 157 -18.70 23.43 10.91
C VAL B 157 -18.68 23.41 9.38
N ASP B 158 -19.74 23.89 8.74
CA ASP B 158 -19.78 23.93 7.28
C ASP B 158 -20.89 24.86 6.85
N LYS B 159 -21.00 25.07 5.55
CA LYS B 159 -22.04 25.93 5.03
C LYS B 159 -23.41 25.36 5.45
N PRO B 160 -24.21 26.17 6.16
CA PRO B 160 -25.49 25.66 6.62
C PRO B 160 -26.48 25.67 5.47
N VAL B 161 -26.28 24.76 4.53
CA VAL B 161 -27.10 24.67 3.33
C VAL B 161 -27.15 23.22 2.89
N SER B 162 -28.29 22.78 2.35
CA SER B 162 -28.38 21.44 1.79
C SER B 162 -27.43 21.33 0.62
N PRO B 163 -26.75 20.18 0.46
CA PRO B 163 -26.83 18.90 1.14
C PRO B 163 -25.90 18.72 2.34
N TYR B 164 -25.11 19.73 2.68
CA TYR B 164 -24.24 19.63 3.86
C TYR B 164 -25.08 19.60 5.13
N MET B 165 -26.13 20.41 5.14
CA MET B 165 -27.04 20.53 6.28
C MET B 165 -28.22 19.59 6.13
N TYR B 166 -28.62 18.94 7.23
CA TYR B 166 -29.88 18.19 7.28
C TYR B 166 -31.03 19.19 7.31
N ILE B 167 -32.03 19.01 6.46
CA ILE B 167 -33.09 20.00 6.35
C ILE B 167 -34.49 19.43 6.55
N SER B 168 -34.58 18.24 7.14
CA SER B 168 -35.87 17.63 7.46
C SER B 168 -35.70 16.60 8.57
N PRO B 169 -36.75 16.40 9.39
CA PRO B 169 -37.98 17.18 9.48
C PRO B 169 -37.65 18.52 10.12
N PRO B 170 -38.65 19.40 10.26
CA PRO B 170 -38.38 20.76 10.79
C PRO B 170 -37.57 20.79 12.09
N GLU B 171 -37.77 19.78 12.93
CA GLU B 171 -37.02 19.64 14.18
C GLU B 171 -35.50 19.59 13.94
N ALA B 172 -35.09 19.01 12.82
CA ALA B 172 -33.66 18.84 12.50
C ALA B 172 -32.91 20.17 12.30
N LEU B 173 -33.64 21.21 11.92
CA LEU B 173 -33.04 22.53 11.71
C LEU B 173 -32.64 23.16 13.05
N GLU B 174 -33.50 23.05 14.06
CA GLU B 174 -33.25 23.58 15.40
C GLU B 174 -32.29 22.69 16.18
N ASN B 175 -32.39 21.39 15.96
CA ASN B 175 -31.55 20.43 16.66
C ASN B 175 -31.14 19.35 15.71
N PRO B 176 -29.97 19.50 15.06
CA PRO B 176 -29.50 18.48 14.11
C PRO B 176 -29.31 17.09 14.71
N CYS B 177 -29.20 16.99 16.04
CA CYS B 177 -28.99 15.73 16.71
C CYS B 177 -30.31 15.10 17.19
N TYR B 178 -31.45 15.56 16.66
CA TYR B 178 -32.76 15.11 17.15
C TYR B 178 -32.99 13.59 17.04
N ASP B 179 -32.50 12.95 15.98
CA ASP B 179 -32.72 11.52 15.75
C ASP B 179 -31.64 10.64 16.41
N MET B 180 -30.67 11.29 17.04
CA MET B 180 -29.83 10.67 18.05
C MET B 180 -30.57 11.03 19.33
N LYS B 181 -30.02 10.72 20.49
CA LYS B 181 -30.72 11.02 21.75
C LYS B 181 -30.07 12.18 22.50
N THR B 182 -29.69 13.21 21.75
CA THR B 182 -29.06 14.39 22.33
C THR B 182 -29.54 15.63 21.59
N THR B 183 -29.10 16.80 22.04
CA THR B 183 -29.32 18.04 21.32
C THR B 183 -27.96 18.67 21.02
N CYS B 184 -27.83 19.23 19.82
CA CYS B 184 -26.65 20.02 19.47
C CYS B 184 -27.16 21.33 18.88
N LEU B 185 -26.23 22.25 18.59
CA LEU B 185 -26.60 23.54 18.01
C LEU B 185 -27.07 23.42 16.57
N PRO B 186 -27.97 24.32 16.15
CA PRO B 186 -28.22 24.51 14.72
C PRO B 186 -26.90 24.72 13.98
N MET B 187 -26.81 24.23 12.76
CA MET B 187 -25.54 24.29 12.05
C MET B 187 -25.11 25.74 11.84
N PHE B 188 -23.80 25.96 11.81
CA PHE B 188 -23.25 27.29 11.55
C PHE B 188 -21.98 27.15 10.73
N GLY B 189 -21.69 28.17 9.93
CA GLY B 189 -20.54 28.15 9.04
C GLY B 189 -19.28 28.46 9.80
N TYR B 190 -19.17 29.72 10.20
CA TYR B 190 -18.07 30.16 11.03
C TYR B 190 -18.62 31.17 12.00
N LYS B 191 -18.29 31.02 13.27
CA LYS B 191 -18.59 32.06 14.24
C LYS B 191 -17.38 32.44 15.04
N HIS B 192 -17.20 33.74 15.15
CA HIS B 192 -16.20 34.31 16.01
C HIS B 192 -16.78 34.35 17.40
N VAL B 193 -15.97 33.98 18.39
CA VAL B 193 -16.46 33.86 19.76
C VAL B 193 -15.74 34.81 20.71
N LEU B 194 -14.42 34.80 20.68
CA LEU B 194 -13.61 35.61 21.60
C LEU B 194 -12.49 36.34 20.84
N THR B 195 -12.61 37.66 20.81
CA THR B 195 -11.58 38.55 20.28
C THR B 195 -10.31 38.40 21.12
N LEU B 196 -9.15 38.43 20.46
CA LEU B 196 -7.86 38.24 21.13
C LEU B 196 -7.73 39.12 22.39
N THR B 197 -7.41 38.49 23.52
CA THR B 197 -7.31 39.17 24.80
C THR B 197 -6.23 38.57 25.68
N ASP B 198 -5.68 39.38 26.59
CA ASP B 198 -4.72 38.87 27.58
C ASP B 198 -5.41 38.21 28.77
N GLN B 199 -6.74 38.30 28.83
CA GLN B 199 -7.54 37.77 29.94
C GLN B 199 -7.90 36.32 29.67
N VAL B 200 -6.98 35.41 29.96
CA VAL B 200 -7.07 34.04 29.47
C VAL B 200 -8.23 33.19 30.04
N THR B 201 -8.77 33.58 31.21
CA THR B 201 -9.93 32.91 31.75
C THR B 201 -11.18 33.21 30.92
N ARG B 202 -11.15 34.25 30.10
CA ARG B 202 -12.20 34.48 29.11
C ARG B 202 -12.28 33.33 28.11
N PHE B 203 -11.11 32.81 27.74
CA PHE B 203 -11.01 31.67 26.81
C PHE B 203 -11.62 30.43 27.45
N ASN B 204 -11.19 30.11 28.67
CA ASN B 204 -11.74 28.96 29.39
C ASN B 204 -13.25 29.07 29.49
N GLU B 205 -13.75 30.25 29.88
CA GLU B 205 -15.18 30.38 30.12
C GLU B 205 -15.99 30.40 28.81
N GLU B 206 -15.46 31.00 27.76
CA GLU B 206 -16.15 30.93 26.48
C GLU B 206 -16.23 29.48 25.99
N VAL B 207 -15.10 28.78 25.99
CA VAL B 207 -15.04 27.38 25.53
C VAL B 207 -15.98 26.44 26.29
N LYS B 208 -16.11 26.65 27.60
CA LYS B 208 -17.08 25.92 28.42
C LYS B 208 -18.55 26.11 28.02
N LYS B 209 -18.88 27.18 27.30
CA LYS B 209 -20.26 27.40 26.82
C LYS B 209 -20.47 26.96 25.37
N GLN B 210 -19.39 26.60 24.69
CA GLN B 210 -19.47 26.16 23.30
C GLN B 210 -20.04 24.77 23.21
N SER B 211 -20.73 24.47 22.12
CA SER B 211 -21.10 23.10 21.84
C SER B 211 -20.98 22.82 20.37
N VAL B 212 -21.02 21.54 20.05
CA VAL B 212 -20.91 21.07 18.68
C VAL B 212 -22.23 21.16 17.94
N SER B 213 -22.14 21.06 16.61
CA SER B 213 -23.31 20.87 15.77
C SER B 213 -23.09 19.60 14.97
N ARG B 214 -23.85 19.44 13.89
CA ARG B 214 -23.83 18.21 13.12
C ARG B 214 -24.20 18.49 11.68
N ASN B 215 -23.43 17.93 10.74
CA ASN B 215 -23.75 18.05 9.33
C ASN B 215 -23.45 16.72 8.63
N ARG B 216 -23.70 16.66 7.33
CA ARG B 216 -23.81 15.38 6.63
C ARG B 216 -22.50 14.85 6.03
N ASP B 217 -21.67 15.73 5.47
CA ASP B 217 -20.53 15.26 4.71
C ASP B 217 -19.21 15.54 5.41
N ALA B 218 -18.24 14.66 5.13
CA ALA B 218 -16.98 14.60 5.86
C ALA B 218 -16.14 15.86 5.69
N PRO B 219 -15.99 16.34 4.45
CA PRO B 219 -15.21 17.58 4.33
C PRO B 219 -15.93 18.72 5.04
N GLU B 220 -15.18 19.56 5.74
CA GLU B 220 -15.78 20.64 6.50
C GLU B 220 -15.43 22.01 5.94
N GLY B 221 -16.05 23.06 6.51
CA GLY B 221 -15.98 24.42 5.95
C GLY B 221 -14.92 25.29 6.60
N GLY B 222 -13.84 24.67 7.07
CA GLY B 222 -12.78 25.40 7.76
C GLY B 222 -12.03 26.44 6.96
N PHE B 223 -11.91 26.24 5.64
CA PHE B 223 -11.18 27.22 4.83
C PHE B 223 -11.94 28.55 4.78
N ASP B 224 -13.26 28.52 4.75
CA ASP B 224 -14.08 29.75 4.92
C ASP B 224 -13.66 30.48 6.20
N ALA B 225 -13.52 29.71 7.28
CA ALA B 225 -13.20 30.24 8.58
C ALA B 225 -11.77 30.79 8.63
N ILE B 226 -10.84 30.11 7.98
CA ILE B 226 -9.46 30.63 7.92
C ILE B 226 -9.47 31.98 7.22
N MET B 227 -10.20 32.07 6.12
CA MET B 227 -10.27 33.33 5.40
C MET B 227 -10.80 34.45 6.32
N GLN B 228 -11.93 34.20 6.97
CA GLN B 228 -12.57 35.25 7.78
C GLN B 228 -11.74 35.64 8.99
N ALA B 229 -11.16 34.66 9.67
CA ALA B 229 -10.28 34.91 10.80
C ALA B 229 -9.03 35.67 10.38
N THR B 230 -8.70 35.63 9.09
CA THR B 230 -7.55 36.34 8.53
C THR B 230 -7.89 37.77 8.13
N VAL B 231 -9.01 37.97 7.43
CA VAL B 231 -9.33 39.30 6.84
C VAL B 231 -10.25 40.17 7.73
N CYS B 232 -10.86 39.58 8.75
CA CYS B 232 -11.59 40.35 9.74
C CYS B 232 -10.65 40.78 10.88
N ASP B 233 -9.66 41.63 10.56
CA ASP B 233 -8.58 41.97 11.50
C ASP B 233 -9.11 42.58 12.76
N GLU B 234 -10.02 43.54 12.59
CA GLU B 234 -10.49 44.35 13.69
C GLU B 234 -11.34 43.49 14.60
N LYS B 235 -12.20 42.68 14.03
CA LYS B 235 -13.02 41.77 14.83
C LYS B 235 -12.20 40.69 15.56
N ILE B 236 -11.22 40.10 14.89
CA ILE B 236 -10.40 39.07 15.55
C ILE B 236 -9.40 39.72 16.50
N GLY B 237 -8.98 40.94 16.18
CA GLY B 237 -8.15 41.75 17.07
C GLY B 237 -6.65 41.54 16.98
N TRP B 238 -6.17 41.05 15.85
CA TRP B 238 -4.72 40.88 15.64
C TRP B 238 -4.01 42.19 15.89
N ARG B 239 -2.88 42.12 16.59
CA ARG B 239 -2.06 43.31 16.92
C ARG B 239 -0.98 43.57 15.87
N ASN B 240 -0.75 44.84 15.57
CA ASN B 240 0.30 45.22 14.61
C ASN B 240 1.68 44.65 14.92
N ASP B 241 2.07 44.69 16.19
CA ASP B 241 3.41 44.30 16.60
C ASP B 241 3.39 43.04 17.45
N ALA B 242 3.08 41.92 16.79
CA ALA B 242 3.02 40.61 17.43
C ALA B 242 3.17 39.52 16.37
N SER B 243 3.65 38.35 16.77
CA SER B 243 3.53 37.14 15.95
C SER B 243 2.07 36.76 15.91
N HIS B 244 1.56 36.41 14.73
CA HIS B 244 0.17 35.96 14.60
C HIS B 244 0.14 34.49 14.33
N LEU B 245 -0.38 33.71 15.30
CA LEU B 245 -0.56 32.27 15.16
C LEU B 245 -2.05 31.95 15.06
N LEU B 246 -2.43 31.33 13.95
CA LEU B 246 -3.80 30.90 13.72
C LEU B 246 -3.81 29.39 13.80
N VAL B 247 -4.37 28.84 14.89
CA VAL B 247 -4.37 27.41 15.14
C VAL B 247 -5.65 26.76 14.66
N PHE B 248 -5.53 25.98 13.59
CA PHE B 248 -6.66 25.34 12.94
C PHE B 248 -6.69 23.88 13.37
N THR B 249 -7.72 23.49 14.12
CA THR B 249 -7.82 22.12 14.61
C THR B 249 -8.99 21.41 13.93
N THR B 250 -8.72 20.23 13.37
CA THR B 250 -9.77 19.42 12.78
C THR B 250 -9.33 17.97 12.69
N ASP B 251 -10.30 17.07 12.54
CA ASP B 251 -10.04 15.64 12.40
C ASP B 251 -10.49 15.11 11.03
N ALA B 252 -10.76 16.02 10.09
CA ALA B 252 -11.43 15.67 8.83
C ALA B 252 -10.87 16.41 7.60
N LYS B 253 -11.23 15.91 6.42
CA LYS B 253 -10.88 16.52 5.13
C LYS B 253 -11.49 17.92 5.08
N THR B 254 -11.17 18.70 4.04
CA THR B 254 -11.70 20.05 3.94
C THR B 254 -12.31 20.35 2.59
N HIS B 255 -13.34 21.18 2.62
CA HIS B 255 -13.90 21.69 1.38
C HIS B 255 -12.94 22.71 0.84
N ILE B 256 -12.91 22.78 -0.48
CA ILE B 256 -12.03 23.68 -1.22
C ILE B 256 -12.86 24.42 -2.27
N ALA B 257 -12.28 25.47 -2.84
CA ALA B 257 -12.90 26.21 -3.92
C ALA B 257 -13.44 25.30 -5.03
N LEU B 258 -14.66 25.61 -5.46
CA LEU B 258 -15.41 24.90 -6.51
C LEU B 258 -16.28 23.73 -5.99
N ASP B 259 -16.09 23.36 -4.71
CA ASP B 259 -16.98 22.44 -4.01
C ASP B 259 -18.37 23.01 -3.80
N GLY B 260 -18.46 24.33 -3.64
CA GLY B 260 -19.73 25.01 -3.34
C GLY B 260 -20.87 24.78 -4.32
N ARG B 261 -20.50 24.40 -5.55
CA ARG B 261 -21.47 24.19 -6.59
C ARG B 261 -22.43 23.06 -6.24
N LEU B 262 -21.98 22.13 -5.40
CA LEU B 262 -22.89 21.11 -4.87
C LEU B 262 -24.02 21.65 -3.99
N ALA B 263 -23.85 22.87 -3.49
CA ALA B 263 -24.91 23.57 -2.76
C ALA B 263 -25.49 24.70 -3.61
N GLY B 264 -25.20 24.70 -4.91
CA GLY B 264 -25.67 25.76 -5.80
C GLY B 264 -24.92 27.08 -5.69
N ILE B 265 -23.77 27.07 -5.06
CA ILE B 265 -23.01 28.29 -4.83
C ILE B 265 -21.91 28.34 -5.86
N VAL B 266 -21.96 29.35 -6.73
CA VAL B 266 -20.95 29.51 -7.79
C VAL B 266 -20.13 30.80 -7.65
N GLN B 267 -20.63 31.76 -6.87
CA GLN B 267 -19.91 33.02 -6.69
C GLN B 267 -18.56 32.80 -6.02
N PRO B 268 -17.48 33.22 -6.66
CA PRO B 268 -16.17 33.06 -6.05
C PRO B 268 -16.01 33.84 -4.76
N ASN B 269 -15.15 33.35 -3.90
CA ASN B 269 -14.83 34.03 -2.68
C ASN B 269 -14.19 35.35 -3.03
N ASP B 270 -14.62 36.43 -2.38
CA ASP B 270 -14.13 37.79 -2.68
C ASP B 270 -13.03 38.25 -1.73
N GLY B 271 -12.61 37.38 -0.82
CA GLY B 271 -11.52 37.70 0.08
C GLY B 271 -11.76 38.85 1.05
N GLN B 272 -13.03 39.20 1.29
CA GLN B 272 -13.42 40.31 2.16
C GLN B 272 -14.07 39.79 3.43
N CYS B 273 -14.11 40.63 4.45
CA CYS B 273 -14.71 40.25 5.73
C CYS B 273 -16.23 40.35 5.60
N HIS B 274 -16.92 39.31 6.07
CA HIS B 274 -18.38 39.28 6.09
C HIS B 274 -18.89 38.78 7.43
N VAL B 275 -18.18 39.12 8.49
CA VAL B 275 -18.59 38.80 9.84
C VAL B 275 -18.97 40.09 10.52
N GLY B 276 -20.26 40.26 10.75
CA GLY B 276 -20.80 41.48 11.36
C GLY B 276 -20.99 41.37 12.86
N SER B 277 -21.96 42.13 13.38
CA SER B 277 -22.16 42.28 14.81
C SER B 277 -22.66 41.02 15.50
N ASP B 278 -23.37 40.17 14.77
CA ASP B 278 -23.80 38.87 15.33
C ASP B 278 -22.70 37.83 15.35
N ASN B 279 -21.52 38.17 14.85
CA ASN B 279 -20.34 37.30 14.88
C ASN B 279 -20.40 36.00 14.06
N HIS B 280 -21.34 35.92 13.13
CA HIS B 280 -21.37 34.79 12.18
C HIS B 280 -21.00 35.28 10.80
N TYR B 281 -20.47 34.36 9.99
CA TYR B 281 -20.06 34.64 8.62
C TYR B 281 -21.31 34.62 7.76
N SER B 282 -21.74 35.79 7.30
CA SER B 282 -23.02 35.95 6.61
C SER B 282 -23.00 35.58 5.12
N ALA B 283 -21.84 35.52 4.50
CA ALA B 283 -21.72 35.06 3.10
C ALA B 283 -21.50 33.53 2.97
N SER B 284 -21.61 32.80 4.08
CA SER B 284 -21.39 31.36 4.08
C SER B 284 -22.29 30.63 3.09
N THR B 285 -23.55 31.04 3.00
CA THR B 285 -24.50 30.37 2.10
C THR B 285 -24.56 30.98 0.70
N THR B 286 -23.75 32.00 0.43
CA THR B 286 -23.84 32.70 -0.85
C THR B 286 -22.52 32.84 -1.61
N MET B 287 -21.43 32.36 -1.04
CA MET B 287 -20.10 32.57 -1.61
C MET B 287 -19.30 31.29 -1.47
N ASP B 288 -18.51 30.98 -2.47
CA ASP B 288 -17.81 29.71 -2.51
C ASP B 288 -16.68 29.69 -1.47
N TYR B 289 -16.23 28.48 -1.16
CA TYR B 289 -15.08 28.27 -0.33
C TYR B 289 -13.90 28.94 -1.04
N PRO B 290 -12.89 29.40 -0.28
CA PRO B 290 -11.75 30.09 -0.88
C PRO B 290 -10.72 29.14 -1.47
N SER B 291 -9.97 29.60 -2.48
CA SER B 291 -8.91 28.81 -3.09
C SER B 291 -7.65 28.93 -2.25
N LEU B 292 -6.74 27.99 -2.43
CA LEU B 292 -5.47 28.05 -1.68
C LEU B 292 -4.72 29.37 -1.94
N GLY B 293 -4.71 29.80 -3.19
CA GLY B 293 -3.97 30.99 -3.58
C GLY B 293 -4.54 32.24 -2.97
N LEU B 294 -5.87 32.33 -2.87
CA LEU B 294 -6.49 33.46 -2.19
C LEU B 294 -6.17 33.45 -0.69
N MET B 295 -6.23 32.27 -0.07
CA MET B 295 -5.86 32.14 1.35
C MET B 295 -4.41 32.57 1.56
N THR B 296 -3.53 32.07 0.71
CA THR B 296 -2.13 32.41 0.79
C THR B 296 -1.94 33.91 0.72
N GLU B 297 -2.57 34.56 -0.25
CA GLU B 297 -2.46 36.03 -0.39
C GLU B 297 -2.87 36.78 0.89
N LYS B 298 -4.01 36.39 1.46
CA LYS B 298 -4.52 37.08 2.66
C LYS B 298 -3.72 36.79 3.90
N LEU B 299 -3.35 35.52 4.09
CA LEU B 299 -2.46 35.12 5.18
C LEU B 299 -1.16 35.94 5.14
N SER B 300 -0.63 36.10 3.95
CA SER B 300 0.63 36.82 3.74
C SER B 300 0.48 38.32 3.99
N GLN B 301 -0.59 38.90 3.45
CA GLN B 301 -0.86 40.33 3.63
C GLN B 301 -1.09 40.70 5.12
N LYS B 302 -1.75 39.83 5.88
CA LYS B 302 -1.97 40.08 7.33
C LYS B 302 -0.89 39.47 8.25
N ASN B 303 0.15 38.86 7.68
CA ASN B 303 1.24 38.23 8.43
C ASN B 303 0.77 37.20 9.43
N ILE B 304 -0.06 36.27 8.95
CA ILE B 304 -0.62 35.24 9.79
C ILE B 304 0.13 33.96 9.49
N ASN B 305 0.52 33.27 10.56
CA ASN B 305 1.15 31.97 10.49
C ASN B 305 0.10 30.93 10.74
N LEU B 306 -0.30 30.23 9.68
CA LEU B 306 -1.32 29.20 9.79
C LEU B 306 -0.71 27.89 10.32
N ILE B 307 -1.35 27.29 11.31
CA ILE B 307 -0.90 26.02 11.87
C ILE B 307 -2.03 25.02 11.66
N PHE B 308 -1.74 23.96 10.91
CA PHE B 308 -2.69 22.87 10.77
C PHE B 308 -2.43 21.90 11.91
N ALA B 309 -3.34 21.89 12.88
CA ALA B 309 -3.27 20.98 14.00
C ALA B 309 -4.33 19.93 13.75
N VAL B 310 -3.93 18.81 13.15
CA VAL B 310 -4.88 17.85 12.60
C VAL B 310 -4.54 16.42 13.02
N THR B 311 -5.56 15.56 13.01
CA THR B 311 -5.39 14.20 13.48
C THR B 311 -4.64 13.34 12.49
N GLU B 312 -4.20 12.19 12.97
CA GLU B 312 -3.28 11.33 12.24
C GLU B 312 -3.89 10.88 10.91
N ASN B 313 -5.19 10.68 10.89
CA ASN B 313 -5.87 10.23 9.69
C ASN B 313 -5.84 11.23 8.55
N VAL B 314 -5.64 12.52 8.84
CA VAL B 314 -5.50 13.54 7.77
C VAL B 314 -4.18 14.30 7.72
N VAL B 315 -3.17 13.83 8.45
CA VAL B 315 -1.87 14.50 8.51
C VAL B 315 -1.21 14.66 7.13
N ASN B 316 -1.18 13.60 6.35
CA ASN B 316 -0.55 13.64 5.03
C ASN B 316 -1.21 14.69 4.14
N LEU B 317 -2.54 14.71 4.19
CA LEU B 317 -3.36 15.67 3.46
C LEU B 317 -2.97 17.10 3.74
N TYR B 318 -2.97 17.47 5.01
CA TYR B 318 -2.72 18.85 5.39
C TYR B 318 -1.24 19.22 5.24
N GLN B 319 -0.36 18.23 5.37
CA GLN B 319 1.05 18.45 5.08
C GLN B 319 1.21 18.78 3.59
N ASN B 320 0.42 18.13 2.75
CA ASN B 320 0.51 18.40 1.33
C ASN B 320 -0.09 19.75 0.96
N TYR B 321 -1.15 20.17 1.64
CA TYR B 321 -1.66 21.54 1.51
C TYR B 321 -0.62 22.55 2.01
N SER B 322 0.02 22.25 3.13
CA SER B 322 1.07 23.07 3.69
C SER B 322 2.16 23.40 2.67
N GLU B 323 2.50 22.42 1.84
CA GLU B 323 3.53 22.64 0.82
C GLU B 323 3.07 23.65 -0.23
N LEU B 324 1.77 23.80 -0.40
CA LEU B 324 1.20 24.76 -1.34
C LEU B 324 0.86 26.12 -0.72
N ILE B 325 1.04 26.24 0.59
CA ILE B 325 0.82 27.50 1.32
C ILE B 325 2.07 27.77 2.19
N PRO B 326 3.14 28.30 1.58
CA PRO B 326 4.44 28.42 2.25
C PRO B 326 4.39 29.15 3.58
N GLY B 327 5.17 28.66 4.55
CA GLY B 327 5.15 29.22 5.91
C GLY B 327 4.08 28.60 6.82
N THR B 328 3.26 27.70 6.26
CA THR B 328 2.30 26.97 7.08
C THR B 328 3.03 25.87 7.82
N THR B 329 2.61 25.57 9.04
CA THR B 329 3.22 24.48 9.81
C THR B 329 2.16 23.47 10.17
N VAL B 330 2.55 22.20 10.27
CA VAL B 330 1.63 21.12 10.56
C VAL B 330 2.07 20.43 11.82
N GLY B 331 1.11 20.12 12.70
CA GLY B 331 1.36 19.31 13.88
C GLY B 331 0.27 18.25 14.01
N VAL B 332 0.63 17.12 14.62
CA VAL B 332 -0.29 15.99 14.79
C VAL B 332 -1.15 16.14 16.04
N LEU B 333 -2.45 16.32 15.85
CA LEU B 333 -3.40 16.52 16.95
C LEU B 333 -3.96 15.19 17.41
N SER B 334 -4.00 14.93 18.71
CA SER B 334 -4.62 13.69 19.22
C SER B 334 -6.16 13.72 19.02
N MET B 335 -6.80 12.57 19.14
CA MET B 335 -8.22 12.45 18.76
C MET B 335 -9.16 13.22 19.69
N ASP B 336 -8.64 13.69 20.82
CA ASP B 336 -9.40 14.53 21.73
C ASP B 336 -8.71 15.87 22.01
N SER B 337 -7.71 16.22 21.20
CA SER B 337 -6.98 17.49 21.36
C SER B 337 -6.23 17.64 22.68
N SER B 338 -5.96 16.53 23.36
CA SER B 338 -5.28 16.58 24.66
C SER B 338 -3.81 17.03 24.56
N ASN B 339 -3.25 17.00 23.36
CA ASN B 339 -1.85 17.39 23.15
C ASN B 339 -1.68 18.73 22.44
N VAL B 340 -2.75 19.50 22.34
CA VAL B 340 -2.73 20.70 21.51
C VAL B 340 -1.86 21.83 22.08
N LEU B 341 -1.70 21.89 23.39
CA LEU B 341 -0.85 22.90 24.04
C LEU B 341 0.61 22.79 23.57
N GLN B 342 1.17 21.59 23.65
CA GLN B 342 2.55 21.35 23.25
C GLN B 342 2.69 21.51 21.75
N LEU B 343 1.65 21.15 21.02
CA LEU B 343 1.64 21.33 19.57
C LEU B 343 1.79 22.82 19.25
N ILE B 344 1.05 23.67 19.95
CA ILE B 344 1.12 25.11 19.75
C ILE B 344 2.50 25.66 20.15
N VAL B 345 3.05 25.20 21.28
CA VAL B 345 4.35 25.68 21.74
C VAL B 345 5.49 25.27 20.81
N ASP B 346 5.41 24.06 20.25
CA ASP B 346 6.38 23.61 19.26
C ASP B 346 6.22 24.36 17.94
N ALA B 347 4.98 24.61 17.52
CA ALA B 347 4.72 25.36 16.30
C ALA B 347 5.31 26.78 16.39
N TYR B 348 5.09 27.45 17.51
CA TYR B 348 5.66 28.77 17.77
C TYR B 348 7.18 28.77 17.59
N GLY B 349 7.84 27.76 18.15
CA GLY B 349 9.31 27.64 18.03
C GLY B 349 9.74 27.44 16.60
N LYS B 350 9.09 26.51 15.90
CA LYS B 350 9.37 26.26 14.50
C LYS B 350 9.15 27.55 13.69
N ILE B 351 8.07 28.27 13.99
CA ILE B 351 7.78 29.51 13.29
C ILE B 351 8.91 30.53 13.43
N ARG B 352 9.47 30.63 14.63
CA ARG B 352 10.51 31.62 14.89
C ARG B 352 11.91 31.04 14.83
N SER B 353 12.09 29.99 14.01
CA SER B 353 13.41 29.39 13.78
C SER B 353 14.00 29.73 12.41
N LYS B 354 13.37 30.64 11.67
CA LYS B 354 13.79 30.94 10.31
C LYS B 354 13.87 32.44 10.07
N VAL B 355 14.87 32.84 9.29
CA VAL B 355 14.97 34.19 8.77
C VAL B 355 15.13 34.06 7.27
N GLU B 356 14.20 34.60 6.51
CA GLU B 356 14.24 34.52 5.05
C GLU B 356 14.07 35.91 4.44
N LEU B 357 15.13 36.41 3.81
CA LEU B 357 15.10 37.74 3.22
C LEU B 357 14.24 37.75 1.98
N GLU B 358 13.44 38.81 1.87
CA GLU B 358 12.62 39.08 0.71
C GLU B 358 13.01 40.47 0.19
N VAL B 359 12.99 40.64 -1.13
CA VAL B 359 13.37 41.89 -1.76
C VAL B 359 12.18 42.46 -2.50
N ARG B 360 11.81 43.69 -2.19
CA ARG B 360 10.68 44.36 -2.84
C ARG B 360 11.12 45.59 -3.62
N ASP B 361 10.55 45.75 -4.81
CA ASP B 361 10.74 46.93 -5.64
C ASP B 361 12.17 47.10 -6.15
N LEU B 362 12.89 45.99 -6.28
CA LEU B 362 14.21 46.01 -6.89
C LEU B 362 14.08 46.52 -8.32
N PRO B 363 14.79 47.59 -8.67
CA PRO B 363 14.79 48.05 -10.07
C PRO B 363 15.31 46.99 -11.05
N GLU B 364 14.72 46.95 -12.24
CA GLU B 364 15.13 46.05 -13.33
C GLU B 364 16.65 45.97 -13.51
N GLU B 365 17.32 47.11 -13.40
CA GLU B 365 18.74 47.24 -13.73
C GLU B 365 19.63 46.60 -12.66
N LEU B 366 19.14 46.60 -11.41
CA LEU B 366 19.90 46.09 -10.28
C LEU B 366 19.82 44.58 -10.15
N SER B 367 20.95 43.96 -9.78
CA SER B 367 20.99 42.56 -9.39
C SER B 367 21.58 42.51 -7.99
N LEU B 368 21.11 41.55 -7.19
CA LEU B 368 21.65 41.34 -5.86
C LEU B 368 22.18 39.91 -5.72
N SER B 369 23.23 39.76 -4.92
CA SER B 369 23.72 38.45 -4.52
C SER B 369 23.86 38.46 -3.00
N PHE B 370 23.68 37.31 -2.37
CA PHE B 370 23.66 37.23 -0.91
C PHE B 370 24.59 36.14 -0.40
N ASN B 371 25.38 36.45 0.64
CA ASN B 371 26.09 35.44 1.43
C ASN B 371 25.55 35.46 2.85
N ALA B 372 25.24 34.28 3.38
CA ALA B 372 24.60 34.15 4.69
C ALA B 372 25.57 33.67 5.78
N THR B 373 25.51 34.31 6.94
CA THR B 373 26.21 33.83 8.13
C THR B 373 25.18 33.54 9.22
N CYS B 374 24.82 32.28 9.37
CA CYS B 374 23.75 31.87 10.28
C CYS B 374 24.29 31.53 11.69
N LEU B 375 23.64 30.60 12.38
CA LEU B 375 23.91 30.34 13.81
C LEU B 375 25.36 29.87 14.06
N ASN B 376 25.88 29.06 13.16
CA ASN B 376 27.24 28.52 13.30
C ASN B 376 28.35 29.59 13.40
N ASN B 377 28.11 30.75 12.78
CA ASN B 377 29.07 31.87 12.74
C ASN B 377 30.08 31.76 11.58
N GLU B 378 29.67 31.07 10.51
CA GLU B 378 30.49 30.94 9.30
C GLU B 378 29.65 31.20 8.04
N VAL B 379 30.32 31.42 6.90
CA VAL B 379 29.67 31.92 5.69
C VAL B 379 29.17 30.84 4.72
N ILE B 380 27.89 30.93 4.35
CA ILE B 380 27.30 30.07 3.32
C ILE B 380 26.93 30.96 2.13
N PRO B 381 27.66 30.82 1.00
CA PRO B 381 27.47 31.74 -0.12
C PRO B 381 26.22 31.47 -0.96
N GLY B 382 25.74 32.50 -1.65
CA GLY B 382 24.58 32.39 -2.54
C GLY B 382 23.26 32.11 -1.84
N LEU B 383 23.15 32.53 -0.58
CA LEU B 383 22.04 32.12 0.28
C LEU B 383 21.47 33.32 1.04
N LYS B 384 20.15 33.44 1.05
CA LYS B 384 19.48 34.58 1.67
C LYS B 384 18.48 34.17 2.76
N SER B 385 18.65 32.96 3.30
CA SER B 385 17.82 32.49 4.40
C SER B 385 18.58 31.57 5.36
N CYS B 386 18.26 31.68 6.65
CA CYS B 386 18.83 30.84 7.70
C CYS B 386 17.74 30.05 8.38
N MET B 387 18.06 28.83 8.79
CA MET B 387 17.10 27.95 9.46
C MET B 387 17.71 27.35 10.74
N GLY B 388 16.86 26.71 11.55
CA GLY B 388 17.29 26.07 12.79
C GLY B 388 17.68 27.04 13.89
N LEU B 389 17.17 28.27 13.81
CA LEU B 389 17.46 29.29 14.80
C LEU B 389 16.71 29.08 16.11
N LYS B 390 17.21 29.71 17.15
CA LYS B 390 16.53 29.79 18.44
C LYS B 390 16.09 31.24 18.65
N ILE B 391 15.11 31.44 19.51
CA ILE B 391 14.69 32.79 19.85
C ILE B 391 15.86 33.46 20.57
N GLY B 392 16.24 34.65 20.10
CA GLY B 392 17.38 35.38 20.65
C GLY B 392 18.57 35.39 19.71
N ASP B 393 18.57 34.50 18.73
CA ASP B 393 19.69 34.38 17.79
C ASP B 393 19.70 35.53 16.79
N THR B 394 20.91 35.87 16.34
CA THR B 394 21.12 36.92 15.36
C THR B 394 21.89 36.31 14.19
N VAL B 395 21.48 36.67 12.97
CA VAL B 395 22.18 36.24 11.77
C VAL B 395 22.47 37.48 10.96
N SER B 396 23.39 37.35 10.00
CA SER B 396 23.76 38.47 9.15
C SER B 396 23.93 38.01 7.71
N PHE B 397 23.74 38.93 6.78
CA PHE B 397 23.89 38.65 5.35
C PHE B 397 24.75 39.71 4.67
N SER B 398 25.72 39.27 3.88
CA SER B 398 26.47 40.18 3.01
C SER B 398 25.72 40.30 1.68
N ILE B 399 25.53 41.54 1.23
CA ILE B 399 24.76 41.82 0.01
C ILE B 399 25.57 42.64 -0.97
N GLU B 400 25.55 42.25 -2.24
CA GLU B 400 26.20 43.02 -3.31
C GLU B 400 25.17 43.44 -4.35
N ALA B 401 25.14 44.74 -4.66
CA ALA B 401 24.26 45.28 -5.68
C ALA B 401 25.10 45.59 -6.92
N LYS B 402 24.69 45.05 -8.07
CA LYS B 402 25.34 45.37 -9.34
C LYS B 402 24.34 46.04 -10.28
N VAL B 403 24.71 47.21 -10.79
CA VAL B 403 23.88 47.94 -11.76
C VAL B 403 24.34 47.62 -13.18
N ARG B 404 23.38 47.40 -14.08
CA ARG B 404 23.65 47.19 -15.50
C ARG B 404 23.42 48.50 -16.24
N GLY B 405 24.46 49.01 -16.89
CA GLY B 405 24.35 50.29 -17.60
C GLY B 405 24.07 51.43 -16.63
N CYS B 406 23.30 52.41 -17.09
CA CYS B 406 22.80 53.45 -16.20
C CYS B 406 21.36 53.81 -16.60
N PRO B 407 20.42 53.67 -15.65
CA PRO B 407 19.01 53.89 -15.97
C PRO B 407 18.66 55.37 -16.17
N GLN B 408 17.47 55.60 -16.70
CA GLN B 408 16.94 56.94 -16.95
C GLN B 408 16.72 57.73 -15.64
N GLU B 409 16.07 57.10 -14.66
CA GLU B 409 15.84 57.72 -13.35
C GLU B 409 17.04 57.52 -12.46
N LYS B 410 17.64 58.61 -12.00
CA LYS B 410 18.89 58.53 -11.25
C LYS B 410 18.67 58.26 -9.77
N GLU B 411 17.43 58.33 -9.29
CA GLU B 411 17.13 58.02 -7.89
C GLU B 411 15.95 57.05 -7.79
N LYS B 412 16.23 55.89 -7.20
CA LYS B 412 15.23 54.87 -6.92
C LYS B 412 15.52 54.30 -5.52
N SER B 413 14.59 53.51 -5.01
CA SER B 413 14.77 52.89 -3.72
C SER B 413 14.02 51.57 -3.62
N PHE B 414 14.58 50.63 -2.87
CA PHE B 414 13.96 49.32 -2.71
C PHE B 414 14.09 48.86 -1.26
N THR B 415 13.47 47.73 -0.95
CA THR B 415 13.38 47.24 0.43
C THR B 415 13.86 45.79 0.56
N ILE B 416 14.56 45.51 1.64
CA ILE B 416 14.92 44.15 2.02
C ILE B 416 14.31 43.85 3.40
N LYS B 417 13.40 42.87 3.42
CA LYS B 417 12.58 42.59 4.60
C LYS B 417 12.55 41.09 4.84
N PRO B 418 12.85 40.65 6.08
CA PRO B 418 12.65 39.25 6.41
C PRO B 418 11.17 38.89 6.34
N VAL B 419 10.85 37.71 5.80
CA VAL B 419 9.46 37.28 5.70
C VAL B 419 8.82 37.30 7.08
N GLY B 420 7.67 37.96 7.19
CA GLY B 420 6.93 38.02 8.44
C GLY B 420 7.39 39.03 9.49
N PHE B 421 8.46 39.77 9.21
CA PHE B 421 8.99 40.75 10.17
C PHE B 421 8.38 42.12 9.95
N LYS B 422 8.28 42.89 11.02
CA LYS B 422 7.79 44.27 10.92
C LYS B 422 8.86 45.14 10.27
N ASP B 423 10.09 45.02 10.76
CA ASP B 423 11.15 45.93 10.39
C ASP B 423 11.88 45.52 9.11
N SER B 424 12.51 46.50 8.47
CA SER B 424 13.09 46.32 7.14
C SER B 424 14.28 47.23 6.91
N LEU B 425 15.08 46.88 5.90
CA LEU B 425 16.16 47.73 5.41
C LEU B 425 15.72 48.40 4.11
N ILE B 426 15.55 49.72 4.15
CA ILE B 426 15.29 50.52 2.95
C ILE B 426 16.62 50.94 2.35
N VAL B 427 16.82 50.66 1.07
CA VAL B 427 18.04 51.03 0.37
C VAL B 427 17.72 52.14 -0.63
N GLN B 428 18.27 53.32 -0.38
CA GLN B 428 18.09 54.47 -1.27
C GLN B 428 19.24 54.51 -2.25
N VAL B 429 18.93 54.30 -3.53
CA VAL B 429 19.96 54.23 -4.56
C VAL B 429 20.00 55.51 -5.39
N THR B 430 21.21 56.03 -5.57
CA THR B 430 21.46 57.16 -6.44
C THR B 430 22.43 56.68 -7.52
N PHE B 431 22.09 56.94 -8.78
CA PHE B 431 22.97 56.58 -9.89
C PHE B 431 23.80 57.78 -10.31
N ASP B 432 25.12 57.63 -10.18
CA ASP B 432 26.08 58.69 -10.41
C ASP B 432 26.73 58.48 -11.78
N CYS B 433 26.02 58.89 -12.83
CA CYS B 433 26.48 58.69 -14.20
C CYS B 433 26.79 60.01 -14.90
N ASP B 434 26.63 61.12 -14.19
CA ASP B 434 26.83 62.45 -14.75
C ASP B 434 28.00 63.17 -14.07
N CYS B 435 28.54 64.16 -14.77
CA CYS B 435 29.67 64.93 -14.29
C CYS B 435 29.18 66.27 -13.73
N ALA B 436 29.80 66.71 -12.64
CA ALA B 436 29.44 67.97 -12.00
C ALA B 436 29.52 69.14 -12.99
N CYS B 437 30.51 69.11 -13.88
CA CYS B 437 30.72 70.21 -14.85
C CYS B 437 29.62 70.34 -15.91
N GLN B 438 28.74 69.33 -16.02
CA GLN B 438 27.58 69.42 -16.90
C GLN B 438 26.63 70.57 -16.47
N ALA B 439 26.50 70.75 -15.16
CA ALA B 439 25.67 71.82 -14.59
C ALA B 439 26.20 73.22 -14.92
N GLN B 440 27.50 73.32 -15.17
CA GLN B 440 28.13 74.57 -15.61
C GLN B 440 28.54 74.51 -17.09
N ALA B 441 27.73 73.83 -17.90
CA ALA B 441 27.94 73.78 -19.36
C ALA B 441 27.56 75.12 -19.99
N GLU B 442 27.97 75.32 -21.24
CA GLU B 442 27.76 76.58 -21.92
C GLU B 442 27.18 76.36 -23.33
N PRO B 443 25.85 76.58 -23.47
CA PRO B 443 25.22 76.40 -24.78
C PRO B 443 25.48 77.57 -25.70
N ASN B 444 25.42 77.31 -27.00
CA ASN B 444 25.65 78.34 -28.03
C ASN B 444 26.98 79.08 -27.80
N SER B 445 28.02 78.31 -27.50
CA SER B 445 29.32 78.86 -27.14
C SER B 445 30.06 79.40 -28.36
N HIS B 446 30.50 80.65 -28.27
CA HIS B 446 31.44 81.25 -29.24
C HIS B 446 32.66 80.35 -29.45
N ARG B 447 32.98 79.53 -28.45
CA ARG B 447 34.13 78.63 -28.47
C ARG B 447 33.90 77.36 -29.31
N CYS B 448 32.65 77.06 -29.64
CA CYS B 448 32.29 75.79 -30.29
C CYS B 448 31.70 75.95 -31.69
N ASN B 449 32.56 75.90 -32.70
CA ASN B 449 32.16 75.96 -34.10
C ASN B 449 31.40 77.24 -34.43
N ASN B 450 31.79 78.33 -33.79
CA ASN B 450 31.17 79.65 -33.95
C ASN B 450 29.68 79.68 -33.56
N GLY B 451 29.36 79.15 -32.38
CA GLY B 451 28.01 79.22 -31.82
C GLY B 451 27.10 78.03 -32.06
N ASN B 452 27.50 77.11 -32.93
CA ASN B 452 26.68 75.95 -33.29
C ASN B 452 26.62 74.86 -32.22
N GLY B 453 27.61 74.84 -31.32
CA GLY B 453 27.74 73.77 -30.33
C GLY B 453 27.73 74.23 -28.87
N THR B 454 27.85 73.26 -27.97
CA THR B 454 27.79 73.50 -26.54
C THR B 454 29.12 73.09 -25.88
N PHE B 455 29.65 73.97 -25.03
CA PHE B 455 30.93 73.72 -24.35
C PHE B 455 30.69 73.18 -22.95
N GLU B 456 30.90 71.87 -22.75
CA GLU B 456 30.79 71.25 -21.42
C GLU B 456 32.02 70.41 -21.08
N CYS B 457 32.52 70.59 -19.85
CA CYS B 457 33.62 69.78 -19.33
C CYS B 457 34.87 69.79 -20.24
N GLY B 458 35.15 70.93 -20.86
CA GLY B 458 36.37 71.11 -21.65
C GLY B 458 36.31 70.81 -23.14
N VAL B 459 35.22 70.21 -23.62
CA VAL B 459 35.10 69.81 -25.03
C VAL B 459 33.81 70.39 -25.64
N CYS B 460 33.77 70.45 -26.96
CA CYS B 460 32.58 70.88 -27.69
C CYS B 460 31.68 69.71 -28.05
N ARG B 461 30.38 69.89 -27.79
CA ARG B 461 29.37 68.87 -28.08
C ARG B 461 28.40 69.40 -29.14
N CYS B 462 28.06 68.55 -30.11
CA CYS B 462 27.13 68.95 -31.16
C CYS B 462 25.75 69.12 -30.52
N GLY B 463 25.16 70.30 -30.68
CA GLY B 463 23.94 70.68 -29.96
C GLY B 463 22.66 69.99 -30.39
N PRO B 464 21.50 70.44 -29.87
CA PRO B 464 20.20 69.88 -30.21
C PRO B 464 19.55 70.63 -31.36
N GLY B 465 19.20 69.96 -32.47
CA GLY B 465 19.54 68.57 -32.76
C GLY B 465 20.31 68.48 -34.07
N TRP B 466 21.52 67.93 -34.01
CA TRP B 466 22.41 67.82 -35.17
C TRP B 466 22.85 66.38 -35.36
N LEU C 1 26.97 -49.34 6.94
CA LEU C 1 26.84 -50.83 7.00
C LEU C 1 27.66 -51.42 8.15
N ASN C 2 28.87 -50.91 8.34
CA ASN C 2 29.78 -51.47 9.34
C ASN C 2 29.98 -50.62 10.61
N LEU C 3 29.13 -49.62 10.84
CA LEU C 3 29.15 -48.90 12.12
C LEU C 3 28.58 -49.81 13.22
N ASP C 4 29.20 -49.76 14.41
CA ASP C 4 28.81 -50.61 15.54
C ASP C 4 27.74 -49.94 16.41
N PRO C 5 26.49 -50.44 16.38
CA PRO C 5 25.42 -49.81 17.16
C PRO C 5 25.25 -50.44 18.53
N VAL C 6 26.25 -51.19 18.98
CA VAL C 6 26.17 -51.90 20.25
C VAL C 6 27.06 -51.18 21.26
N GLN C 7 28.34 -51.04 20.94
CA GLN C 7 29.28 -50.35 21.83
C GLN C 7 29.53 -48.93 21.37
N LEU C 8 28.63 -48.04 21.75
CA LEU C 8 28.79 -46.62 21.49
C LEU C 8 29.70 -46.03 22.55
N THR C 9 30.17 -44.83 22.27
CA THR C 9 30.88 -44.00 23.23
C THR C 9 30.09 -42.69 23.38
N PHE C 10 29.91 -42.23 24.62
CA PHE C 10 29.12 -41.04 24.89
C PHE C 10 29.94 -40.00 25.59
N TYR C 11 29.83 -38.75 25.14
CA TYR C 11 30.42 -37.63 25.85
C TYR C 11 29.28 -36.71 26.27
N ALA C 12 29.43 -36.08 27.43
CA ALA C 12 28.35 -35.33 28.06
C ALA C 12 28.82 -33.95 28.53
N GLY C 13 27.99 -32.94 28.27
CA GLY C 13 28.26 -31.60 28.77
C GLY C 13 27.30 -31.26 29.89
N PRO C 14 27.37 -30.00 30.38
CA PRO C 14 26.49 -29.59 31.47
C PRO C 14 25.05 -29.59 31.02
N ASN C 15 24.13 -29.77 31.97
CA ASN C 15 22.72 -29.70 31.71
C ASN C 15 22.38 -28.28 31.23
N GLY C 16 21.56 -28.18 30.20
CA GLY C 16 21.13 -26.89 29.67
C GLY C 16 22.07 -26.25 28.67
N SER C 17 23.23 -26.87 28.45
CA SER C 17 24.31 -26.21 27.70
C SER C 17 24.20 -26.33 26.18
N GLN C 18 23.36 -27.26 25.72
CA GLN C 18 23.28 -27.66 24.31
C GLN C 18 24.59 -28.22 23.74
N PHE C 19 25.37 -28.86 24.62
CA PHE C 19 26.57 -29.64 24.25
C PHE C 19 26.21 -30.61 23.14
N GLY C 20 26.93 -30.51 22.02
CA GLY C 20 26.64 -31.31 20.84
C GLY C 20 25.86 -30.59 19.75
N PHE C 21 25.49 -29.33 19.99
CA PHE C 21 24.85 -28.51 18.95
C PHE C 21 25.71 -28.43 17.68
N SER C 22 27.01 -28.28 17.87
CA SER C 22 27.96 -28.35 16.77
C SER C 22 29.12 -29.22 17.19
N LEU C 23 29.84 -29.78 16.22
CA LEU C 23 31.02 -30.58 16.51
C LEU C 23 31.92 -30.79 15.30
N ASP C 24 33.16 -31.16 15.57
CA ASP C 24 34.10 -31.56 14.51
C ASP C 24 35.22 -32.41 15.09
N PHE C 25 35.91 -33.13 14.22
CA PHE C 25 37.14 -33.80 14.58
C PHE C 25 38.26 -32.77 14.58
N HIS C 26 39.20 -32.92 15.51
CA HIS C 26 40.36 -32.05 15.61
C HIS C 26 41.59 -32.91 15.79
N LYS C 27 42.56 -32.78 14.87
CA LYS C 27 43.87 -33.40 15.01
C LYS C 27 44.80 -32.41 15.67
N ASP C 28 45.58 -32.84 16.64
CA ASP C 28 46.64 -32.01 17.19
C ASP C 28 47.86 -32.10 16.28
N SER C 29 48.93 -31.38 16.62
CA SER C 29 50.13 -31.34 15.79
C SER C 29 50.89 -32.69 15.73
N HIS C 30 50.43 -33.68 16.48
CA HIS C 30 50.94 -35.05 16.40
C HIS C 30 49.98 -36.01 15.69
N GLY C 31 48.93 -35.47 15.08
CA GLY C 31 47.91 -36.30 14.41
C GLY C 31 46.97 -37.08 15.33
N ARG C 32 46.98 -36.75 16.62
CA ARG C 32 46.10 -37.39 17.59
C ARG C 32 44.73 -36.76 17.47
N VAL C 33 43.73 -37.57 17.14
CA VAL C 33 42.38 -37.08 16.90
C VAL C 33 41.59 -36.92 18.20
N ALA C 34 40.94 -35.76 18.33
CA ALA C 34 40.03 -35.46 19.44
C ALA C 34 38.74 -34.90 18.85
N ILE C 35 37.76 -34.60 19.71
CA ILE C 35 36.48 -34.06 19.24
C ILE C 35 36.23 -32.68 19.82
N VAL C 36 36.03 -31.70 18.94
CA VAL C 36 35.62 -30.34 19.35
C VAL C 36 34.12 -30.34 19.42
N VAL C 37 33.57 -29.91 20.57
CA VAL C 37 32.13 -29.84 20.74
C VAL C 37 31.69 -28.45 21.17
N GLY C 38 30.76 -27.88 20.42
CA GLY C 38 30.12 -26.63 20.78
C GLY C 38 28.92 -26.83 21.69
N ALA C 39 28.76 -25.92 22.63
CA ALA C 39 27.69 -25.96 23.63
C ALA C 39 27.18 -24.52 23.84
N PRO C 40 26.32 -24.05 22.91
CA PRO C 40 25.99 -22.63 22.81
C PRO C 40 25.20 -22.00 23.95
N ARG C 41 24.76 -22.77 24.95
CA ARG C 41 24.05 -22.19 26.11
C ARG C 41 24.75 -22.43 27.44
N THR C 42 25.98 -22.91 27.39
CA THR C 42 26.83 -23.03 28.57
C THR C 42 26.84 -21.70 29.32
N LEU C 43 26.70 -21.76 30.64
CA LEU C 43 26.75 -20.55 31.45
C LEU C 43 28.11 -19.91 31.38
N GLY C 44 28.13 -18.58 31.31
CA GLY C 44 29.36 -17.80 31.46
C GLY C 44 29.63 -17.45 32.91
N PRO C 45 30.71 -16.70 33.16
CA PRO C 45 31.14 -16.35 34.51
C PRO C 45 30.18 -15.39 35.20
N SER C 46 29.50 -14.56 34.41
CA SER C 46 28.44 -13.68 34.90
C SER C 46 27.19 -14.47 35.29
N GLN C 47 27.27 -15.80 35.14
CA GLN C 47 26.14 -16.71 35.34
C GLN C 47 24.98 -16.49 34.34
N GLU C 48 25.30 -15.80 33.24
CA GLU C 48 24.39 -15.64 32.13
C GLU C 48 24.83 -16.64 31.07
N GLU C 49 23.92 -17.04 30.18
CA GLU C 49 24.31 -17.92 29.08
C GLU C 49 25.25 -17.17 28.13
N THR C 50 26.38 -17.79 27.81
CA THR C 50 27.30 -17.25 26.80
C THR C 50 27.72 -18.30 25.76
N GLY C 51 27.51 -19.57 26.07
CA GLY C 51 28.05 -20.63 25.24
C GLY C 51 29.46 -20.98 25.63
N GLY C 52 29.95 -22.10 25.10
CA GLY C 52 31.26 -22.61 25.43
C GLY C 52 31.65 -23.68 24.45
N VAL C 53 32.91 -24.07 24.52
CA VAL C 53 33.49 -25.06 23.64
C VAL C 53 34.23 -26.09 24.49
N PHE C 54 34.14 -27.36 24.10
CA PHE C 54 34.85 -28.41 24.80
C PHE C 54 35.72 -29.12 23.81
N LEU C 55 36.81 -29.70 24.32
CA LEU C 55 37.77 -30.43 23.51
C LEU C 55 37.93 -31.80 24.14
N CYS C 56 37.20 -32.76 23.60
CA CYS C 56 37.14 -34.09 24.16
C CYS C 56 38.25 -34.97 23.59
N PRO C 57 39.19 -35.41 24.44
CA PRO C 57 40.12 -36.41 23.91
C PRO C 57 39.40 -37.72 23.66
N TRP C 58 39.94 -38.54 22.77
CA TRP C 58 39.35 -39.83 22.44
C TRP C 58 39.58 -40.82 23.57
N ARG C 59 38.48 -41.40 24.05
CA ARG C 59 38.49 -42.45 25.06
C ARG C 59 37.32 -43.38 24.73
N ALA C 60 37.56 -44.67 24.61
CA ALA C 60 36.49 -45.63 24.27
C ALA C 60 35.30 -45.46 25.20
N GLU C 61 35.58 -45.18 26.46
CA GLU C 61 34.56 -45.03 27.52
C GLU C 61 33.90 -43.64 27.55
N GLY C 62 34.45 -42.69 26.79
CA GLY C 62 33.87 -41.35 26.73
C GLY C 62 33.96 -40.62 28.05
N GLY C 63 32.89 -39.93 28.42
CA GLY C 63 32.81 -39.22 29.71
C GLY C 63 32.74 -37.71 29.55
N GLN C 64 33.24 -36.99 30.56
CA GLN C 64 33.27 -35.52 30.57
C GLN C 64 34.49 -34.99 29.82
N CYS C 65 34.43 -33.74 29.36
CA CYS C 65 35.49 -33.15 28.54
C CYS C 65 36.03 -31.86 29.15
N PRO C 66 37.30 -31.54 28.90
CA PRO C 66 37.82 -30.29 29.37
C PRO C 66 37.29 -29.10 28.55
N SER C 67 37.15 -27.97 29.22
CA SER C 67 36.74 -26.75 28.58
C SER C 67 37.89 -26.20 27.75
N LEU C 68 37.57 -25.63 26.60
CA LEU C 68 38.52 -24.86 25.80
C LEU C 68 38.17 -23.39 26.01
N LEU C 69 38.96 -22.72 26.84
CA LEU C 69 38.62 -21.41 27.39
C LEU C 69 38.75 -20.24 26.41
N PHE C 70 37.78 -19.34 26.47
CA PHE C 70 37.79 -18.10 25.69
C PHE C 70 37.45 -16.93 26.57
N ASP C 71 37.87 -15.73 26.15
CA ASP C 71 37.55 -14.50 26.86
C ASP C 71 36.06 -14.21 26.73
N LEU C 72 35.34 -14.23 27.85
CA LEU C 72 33.89 -14.03 27.85
C LEU C 72 33.44 -12.69 28.47
N ARG C 73 34.36 -11.73 28.52
CA ARG C 73 34.07 -10.40 29.07
C ARG C 73 33.51 -9.47 28.01
N ASP C 74 32.52 -8.66 28.39
CA ASP C 74 32.05 -7.58 27.54
C ASP C 74 33.15 -6.50 27.49
N GLU C 75 33.40 -5.96 26.31
CA GLU C 75 34.47 -5.00 26.09
C GLU C 75 33.92 -3.64 25.70
N THR C 76 34.57 -2.59 26.20
CA THR C 76 34.25 -1.23 25.84
C THR C 76 35.54 -0.51 25.44
N ARG C 77 35.52 0.21 24.32
CA ARG C 77 36.67 1.00 23.91
C ARG C 77 36.24 2.41 23.51
N ASN C 78 36.72 3.39 24.26
CA ASN C 78 36.47 4.78 23.93
C ASN C 78 37.61 5.27 23.04
N VAL C 79 37.30 5.52 21.77
CA VAL C 79 38.31 5.87 20.78
C VAL C 79 37.67 6.59 19.60
N GLY C 80 38.42 7.50 19.00
CA GLY C 80 37.91 8.32 17.89
C GLY C 80 36.62 9.06 18.19
N SER C 81 36.47 9.50 19.45
CA SER C 81 35.26 10.19 19.94
C SER C 81 34.00 9.33 19.86
N GLN C 82 34.20 8.02 19.85
CA GLN C 82 33.11 7.04 19.79
C GLN C 82 33.31 6.04 20.92
N THR C 83 32.26 5.27 21.19
CA THR C 83 32.32 4.20 22.18
C THR C 83 31.96 2.87 21.52
N LEU C 84 32.94 1.96 21.47
CA LEU C 84 32.74 0.64 20.88
C LEU C 84 32.40 -0.37 21.98
N GLN C 85 31.35 -1.17 21.76
CA GLN C 85 30.82 -2.08 22.77
C GLN C 85 30.55 -3.47 22.19
N THR C 86 31.07 -4.51 22.85
CA THR C 86 30.72 -5.89 22.55
C THR C 86 29.87 -6.45 23.67
N PHE C 87 28.91 -7.28 23.30
CA PHE C 87 27.99 -7.91 24.25
C PHE C 87 27.97 -9.40 23.99
N LYS C 88 28.30 -10.17 25.03
CA LYS C 88 28.46 -11.61 24.90
C LYS C 88 27.34 -12.42 25.55
N ALA C 89 26.49 -11.77 26.34
CA ALA C 89 25.31 -12.45 26.89
C ALA C 89 24.48 -13.08 25.76
N ARG C 90 24.21 -14.38 25.89
CA ARG C 90 23.38 -15.11 24.94
C ARG C 90 23.93 -15.07 23.50
N GLN C 91 25.25 -14.97 23.36
CA GLN C 91 25.91 -14.86 22.06
C GLN C 91 25.95 -16.21 21.34
N GLY C 92 25.89 -17.30 22.10
CA GLY C 92 25.88 -18.63 21.53
C GLY C 92 27.23 -19.14 21.05
N LEU C 93 28.28 -18.90 21.83
CA LEU C 93 29.60 -19.44 21.51
C LEU C 93 29.49 -20.96 21.41
N GLY C 94 29.92 -21.49 20.27
CA GLY C 94 29.84 -22.92 20.01
C GLY C 94 28.64 -23.32 19.19
N ALA C 95 27.88 -22.35 18.70
CA ALA C 95 26.78 -22.62 17.76
C ALA C 95 27.34 -23.22 16.47
N SER C 96 28.59 -22.90 16.16
CA SER C 96 29.33 -23.56 15.11
C SER C 96 30.76 -23.76 15.58
N VAL C 97 31.36 -24.89 15.20
CA VAL C 97 32.76 -25.14 15.45
C VAL C 97 33.33 -25.81 14.22
N VAL C 98 34.60 -25.53 13.92
CA VAL C 98 35.31 -26.17 12.82
C VAL C 98 36.80 -26.19 13.13
N SER C 99 37.46 -27.30 12.81
CA SER C 99 38.90 -27.47 13.04
C SER C 99 39.64 -27.49 11.72
N TRP C 100 40.81 -26.88 11.70
CA TRP C 100 41.69 -26.91 10.54
C TRP C 100 43.13 -26.91 11.05
N SER C 101 43.95 -27.84 10.57
CA SER C 101 45.30 -27.98 11.07
C SER C 101 45.23 -28.06 12.60
N ASP C 102 46.06 -27.31 13.32
CA ASP C 102 46.02 -27.33 14.79
C ASP C 102 45.22 -26.17 15.39
N VAL C 103 44.33 -25.58 14.59
CA VAL C 103 43.53 -24.45 14.99
C VAL C 103 42.06 -24.86 15.10
N ILE C 104 41.36 -24.34 16.10
CA ILE C 104 39.92 -24.50 16.21
C ILE C 104 39.27 -23.15 16.02
N VAL C 105 38.14 -23.13 15.33
CA VAL C 105 37.35 -21.91 15.17
C VAL C 105 35.96 -22.15 15.71
N ALA C 106 35.62 -21.46 16.79
CA ALA C 106 34.30 -21.55 17.41
C ALA C 106 33.65 -20.18 17.31
N CYS C 107 32.43 -20.13 16.81
CA CYS C 107 31.75 -18.86 16.52
C CYS C 107 30.54 -18.60 17.42
N ALA C 108 30.26 -17.31 17.60
CA ALA C 108 29.21 -16.84 18.49
C ALA C 108 28.31 -15.94 17.65
N PRO C 109 27.39 -16.54 16.88
CA PRO C 109 26.68 -15.79 15.86
C PRO C 109 25.76 -14.73 16.40
N TRP C 110 25.36 -14.83 17.66
CA TRP C 110 24.45 -13.82 18.23
C TRP C 110 25.18 -12.86 19.16
N GLN C 111 26.51 -12.79 19.06
CA GLN C 111 27.24 -11.77 19.78
C GLN C 111 26.80 -10.41 19.25
N HIS C 112 26.41 -9.52 20.16
CA HIS C 112 25.94 -8.20 19.77
C HIS C 112 27.05 -7.15 19.82
N TRP C 113 26.74 -5.98 19.27
CA TRP C 113 27.71 -4.93 19.06
C TRP C 113 26.98 -3.61 18.90
N ASN C 114 27.56 -2.56 19.48
CA ASN C 114 27.03 -1.23 19.31
C ASN C 114 28.18 -0.24 19.30
N VAL C 115 27.93 0.95 18.75
CA VAL C 115 28.87 2.04 18.79
C VAL C 115 28.09 3.30 19.12
N LEU C 116 28.56 4.04 20.12
CA LEU C 116 27.90 5.28 20.55
C LEU C 116 28.73 6.50 20.19
N GLU C 117 28.04 7.60 19.91
CA GLU C 117 28.68 8.88 19.65
C GLU C 117 27.69 9.96 20.03
N LYS C 118 27.93 10.58 21.19
CA LYS C 118 27.00 11.53 21.78
C LYS C 118 25.61 10.90 21.92
N THR C 119 24.59 11.48 21.27
CA THR C 119 23.22 10.98 21.39
C THR C 119 22.89 9.89 20.37
N GLU C 120 23.76 9.68 19.39
CA GLU C 120 23.50 8.72 18.32
C GLU C 120 24.20 7.36 18.56
N GLU C 121 23.96 6.40 17.66
CA GLU C 121 24.53 5.07 17.77
C GLU C 121 24.42 4.31 16.43
N ALA C 122 25.14 3.19 16.34
CA ALA C 122 24.99 2.28 15.19
C ALA C 122 23.74 1.43 15.32
N GLU C 123 23.31 1.22 16.58
CA GLU C 123 22.26 0.26 16.99
C GLU C 123 22.90 -1.02 17.51
N LYS C 124 22.34 -1.55 18.60
CA LYS C 124 22.82 -2.78 19.24
C LYS C 124 22.31 -4.00 18.49
N THR C 125 23.18 -4.57 17.66
CA THR C 125 22.76 -5.60 16.69
C THR C 125 23.66 -6.82 16.73
N PRO C 126 23.17 -7.98 16.25
CA PRO C 126 23.97 -9.21 16.26
C PRO C 126 24.87 -9.37 15.05
N VAL C 127 26.04 -8.75 15.11
CA VAL C 127 27.04 -8.90 14.07
C VAL C 127 27.70 -10.28 14.09
N GLY C 128 27.63 -10.97 15.22
CA GLY C 128 28.33 -12.24 15.39
C GLY C 128 29.83 -12.04 15.58
N SER C 129 30.52 -13.14 15.92
CA SER C 129 31.97 -13.13 16.08
C SER C 129 32.52 -14.55 16.13
N CYS C 130 33.71 -14.76 15.59
CA CYS C 130 34.37 -16.04 15.72
C CYS C 130 35.60 -15.94 16.61
N PHE C 131 35.79 -16.97 17.44
CA PHE C 131 36.94 -17.08 18.32
C PHE C 131 37.82 -18.18 17.80
N LEU C 132 39.10 -17.88 17.59
CA LEU C 132 40.05 -18.87 17.09
C LEU C 132 41.00 -19.23 18.20
N ALA C 133 41.35 -20.51 18.25
CA ALA C 133 42.23 -21.03 19.29
C ALA C 133 43.22 -21.99 18.69
N GLN C 134 44.47 -21.89 19.13
CA GLN C 134 45.46 -22.91 18.89
C GLN C 134 45.73 -23.54 20.25
N PRO C 135 45.03 -24.64 20.57
CA PRO C 135 45.07 -25.21 21.92
C PRO C 135 46.46 -25.52 22.48
N GLU C 136 47.36 -26.07 21.67
CA GLU C 136 48.66 -26.50 22.17
C GLU C 136 49.57 -25.34 22.59
N SER C 137 49.43 -24.20 21.92
CA SER C 137 50.22 -22.99 22.23
C SER C 137 49.50 -22.06 23.20
N GLY C 138 48.17 -22.14 23.24
CA GLY C 138 47.37 -21.23 24.04
C GLY C 138 46.99 -19.96 23.33
N ARG C 139 47.41 -19.80 22.07
CA ARG C 139 47.13 -18.58 21.34
C ARG C 139 45.65 -18.42 21.05
N ARG C 140 45.23 -17.16 21.00
CA ARG C 140 43.84 -16.82 20.79
C ARG C 140 43.74 -15.66 19.81
N ALA C 141 42.69 -15.69 18.99
CA ALA C 141 42.36 -14.54 18.14
C ALA C 141 40.87 -14.53 17.90
N GLU C 142 40.40 -13.44 17.33
CA GLU C 142 38.99 -13.27 17.05
C GLU C 142 38.82 -12.72 15.64
N TYR C 143 37.63 -12.89 15.10
CA TYR C 143 37.32 -12.41 13.76
C TYR C 143 35.87 -12.05 13.74
N SER C 144 35.58 -10.79 13.43
CA SER C 144 34.25 -10.25 13.46
C SER C 144 34.13 -9.25 12.31
N PRO C 145 34.00 -9.76 11.07
CA PRO C 145 34.06 -8.93 9.88
C PRO C 145 32.88 -7.96 9.69
N CYS C 146 31.79 -8.15 10.42
CA CYS C 146 30.61 -7.32 10.23
C CYS C 146 30.50 -6.11 11.19
N ARG C 147 31.41 -6.04 12.16
CA ARG C 147 31.48 -4.85 13.02
C ARG C 147 31.78 -3.60 12.19
N GLY C 148 31.06 -2.53 12.48
CA GLY C 148 31.27 -1.24 11.84
C GLY C 148 31.15 -0.12 12.85
N ASN C 149 31.43 1.11 12.41
CA ASN C 149 31.32 2.28 13.27
C ASN C 149 30.48 3.38 12.63
N THR C 150 29.57 2.98 11.73
CA THR C 150 28.66 3.90 11.06
C THR C 150 27.41 4.05 11.92
N LEU C 151 26.94 5.27 12.05
CA LEU C 151 25.77 5.56 12.87
C LEU C 151 24.49 5.30 12.08
N SER C 152 23.42 5.04 12.83
CA SER C 152 22.11 4.66 12.29
C SER C 152 21.64 5.57 11.14
N ARG C 153 21.68 6.87 11.39
CA ARG C 153 21.21 7.87 10.44
C ARG C 153 21.82 7.69 9.03
N ILE C 154 23.08 7.27 8.97
CA ILE C 154 23.78 7.14 7.69
C ILE C 154 23.25 5.96 6.86
N TYR C 155 22.92 4.84 7.50
CA TYR C 155 22.28 3.73 6.80
C TYR C 155 20.94 4.17 6.22
N VAL C 156 20.17 4.92 7.00
CA VAL C 156 18.87 5.47 6.53
C VAL C 156 19.05 6.36 5.30
N GLU C 157 20.12 7.15 5.33
CA GLU C 157 20.42 8.10 4.27
C GLU C 157 20.75 7.39 2.96
N ASN C 158 21.32 6.18 3.04
CA ASN C 158 21.75 5.44 1.86
C ASN C 158 20.93 4.19 1.57
N ASP C 159 19.65 4.21 1.95
CA ASP C 159 18.71 3.12 1.68
C ASP C 159 19.20 1.76 2.17
N PHE C 160 19.83 1.78 3.34
CA PHE C 160 20.28 0.57 4.05
C PHE C 160 21.21 -0.33 3.22
N SER C 161 22.01 0.31 2.37
CA SER C 161 23.02 -0.38 1.58
C SER C 161 24.15 -0.81 2.50
N TRP C 162 24.78 -1.93 2.15
CA TRP C 162 25.95 -2.44 2.87
C TRP C 162 25.74 -2.48 4.40
N ASP C 163 24.55 -2.93 4.81
CA ASP C 163 24.19 -2.99 6.22
C ASP C 163 24.55 -4.36 6.80
N LYS C 164 25.70 -4.42 7.47
CA LYS C 164 26.21 -5.67 8.03
C LYS C 164 25.89 -5.84 9.53
N ARG C 165 24.97 -5.05 10.05
CA ARG C 165 24.74 -4.97 11.48
C ARG C 165 24.09 -6.23 12.08
N TYR C 166 23.33 -6.98 11.27
CA TYR C 166 22.61 -8.17 11.76
C TYR C 166 23.22 -9.46 11.14
N CYS C 167 24.47 -9.37 10.70
CA CYS C 167 25.16 -10.46 10.01
C CYS C 167 25.00 -11.86 10.59
N GLU C 168 25.24 -11.96 11.89
CA GLU C 168 25.41 -13.25 12.55
C GLU C 168 26.53 -14.07 11.91
N ALA C 169 27.67 -13.40 11.67
CA ALA C 169 28.86 -14.05 11.12
C ALA C 169 29.23 -15.26 11.95
N GLY C 170 29.46 -16.39 11.29
CA GLY C 170 29.78 -17.64 11.99
C GLY C 170 28.58 -18.55 12.23
N PHE C 171 27.40 -18.10 11.86
CA PHE C 171 26.19 -18.95 11.85
C PHE C 171 26.52 -20.27 11.14
N SER C 172 27.27 -20.19 10.04
CA SER C 172 27.88 -21.37 9.44
C SER C 172 29.34 -21.08 9.21
N SER C 173 30.14 -22.12 9.03
CA SER C 173 31.56 -21.92 8.83
C SER C 173 32.18 -23.12 8.13
N VAL C 174 33.29 -22.85 7.43
CA VAL C 174 34.10 -23.89 6.83
C VAL C 174 35.47 -23.30 6.57
N VAL C 175 36.51 -24.12 6.56
CA VAL C 175 37.85 -23.65 6.23
C VAL C 175 38.33 -24.41 5.02
N THR C 176 38.91 -23.69 4.05
CA THR C 176 39.46 -24.32 2.86
C THR C 176 40.75 -25.06 3.22
N GLN C 177 41.17 -26.00 2.37
CA GLN C 177 42.43 -26.72 2.60
C GLN C 177 43.65 -25.79 2.66
N ALA C 178 43.60 -24.68 1.92
CA ALA C 178 44.67 -23.67 1.97
C ALA C 178 44.64 -22.84 3.27
N GLY C 179 43.55 -22.95 4.03
CA GLY C 179 43.47 -22.34 5.35
C GLY C 179 42.75 -21.01 5.36
N GLU C 180 41.79 -20.85 4.44
CA GLU C 180 40.94 -19.68 4.39
C GLU C 180 39.68 -19.99 5.17
N LEU C 181 39.38 -19.17 6.17
CA LEU C 181 38.10 -19.25 6.92
C LEU C 181 36.99 -18.57 6.15
N VAL C 182 35.92 -19.30 5.85
CA VAL C 182 34.74 -18.74 5.19
C VAL C 182 33.55 -18.81 6.14
N LEU C 183 33.07 -17.65 6.58
CA LEU C 183 31.94 -17.58 7.50
C LEU C 183 30.68 -17.28 6.73
N GLY C 184 29.60 -17.98 7.07
CA GLY C 184 28.28 -17.63 6.58
C GLY C 184 27.64 -16.65 7.55
N ALA C 185 26.94 -15.67 6.98
CA ALA C 185 26.34 -14.60 7.76
C ALA C 185 24.94 -14.31 7.22
N PRO C 186 23.95 -15.13 7.61
CA PRO C 186 22.63 -15.09 7.00
C PRO C 186 21.85 -13.79 7.19
N GLY C 187 22.21 -13.01 8.22
CA GLY C 187 21.55 -11.71 8.43
C GLY C 187 22.18 -10.56 7.65
N GLY C 188 23.28 -10.85 6.95
CA GLY C 188 24.05 -9.83 6.23
C GLY C 188 23.21 -9.04 5.24
N TYR C 189 23.60 -7.78 5.05
CA TYR C 189 22.91 -6.86 4.15
C TYR C 189 21.40 -6.92 4.34
N TYR C 190 20.98 -6.65 5.57
CA TYR C 190 19.58 -6.56 5.94
C TYR C 190 18.86 -7.84 5.51
N PHE C 191 19.47 -8.96 5.89
CA PHE C 191 18.90 -10.32 5.80
C PHE C 191 18.96 -10.97 4.43
N LEU C 192 19.66 -10.35 3.49
CA LEU C 192 20.04 -11.04 2.26
C LEU C 192 20.93 -12.21 2.60
N GLY C 193 21.93 -11.92 3.43
CA GLY C 193 22.97 -12.86 3.73
C GLY C 193 24.26 -12.49 3.02
N LEU C 194 25.40 -12.80 3.64
CA LEU C 194 26.69 -12.60 3.01
C LEU C 194 27.69 -13.64 3.51
N LEU C 195 28.80 -13.77 2.80
CA LEU C 195 29.90 -14.62 3.23
C LEU C 195 31.09 -13.70 3.53
N ALA C 196 31.91 -14.09 4.50
CA ALA C 196 33.14 -13.37 4.84
C ALA C 196 34.29 -14.36 4.82
N GLN C 197 35.36 -14.03 4.11
CA GLN C 197 36.52 -14.90 4.02
C GLN C 197 37.79 -14.19 4.42
N ALA C 198 38.60 -14.82 5.26
CA ALA C 198 39.94 -14.32 5.56
C ALA C 198 40.85 -15.48 5.91
N PRO C 199 42.11 -15.45 5.44
CA PRO C 199 43.06 -16.49 5.86
C PRO C 199 43.24 -16.54 7.37
N VAL C 200 43.27 -17.75 7.92
CA VAL C 200 43.43 -17.93 9.36
C VAL C 200 44.73 -17.25 9.85
N ALA C 201 45.83 -17.49 9.15
CA ALA C 201 47.12 -16.89 9.51
C ALA C 201 47.06 -15.36 9.65
N ASP C 202 46.27 -14.73 8.78
CA ASP C 202 46.14 -13.27 8.77
C ASP C 202 45.17 -12.76 9.81
N ILE C 203 44.25 -13.62 10.24
CA ILE C 203 43.41 -13.30 11.38
C ILE C 203 44.26 -13.27 12.64
N PHE C 204 45.10 -14.30 12.81
CA PHE C 204 45.98 -14.36 13.98
C PHE C 204 47.01 -13.23 14.01
N SER C 205 47.60 -12.91 12.86
CA SER C 205 48.68 -11.92 12.83
C SER C 205 48.17 -10.47 12.93
N SER C 206 46.91 -10.25 12.58
CA SER C 206 46.31 -8.91 12.62
C SER C 206 45.53 -8.61 13.91
N TYR C 207 45.14 -9.65 14.65
CA TYR C 207 44.37 -9.45 15.89
C TYR C 207 45.27 -9.01 17.05
N ARG C 208 44.77 -8.06 17.84
CA ARG C 208 45.31 -7.75 19.15
C ARG C 208 44.11 -7.50 20.05
N PRO C 209 44.20 -7.90 21.32
CA PRO C 209 43.04 -7.71 22.19
C PRO C 209 42.78 -6.25 22.49
N GLY C 210 41.51 -5.91 22.70
CA GLY C 210 41.12 -4.56 23.09
C GLY C 210 40.88 -3.60 21.94
N ILE C 211 41.38 -3.94 20.75
CA ILE C 211 41.26 -3.06 19.60
C ILE C 211 39.84 -3.04 19.02
N LEU C 212 39.20 -4.21 18.95
CA LEU C 212 37.78 -4.35 18.58
C LEU C 212 37.43 -4.10 17.10
N LEU C 213 37.94 -3.02 16.53
CA LEU C 213 37.76 -2.72 15.12
C LEU C 213 39.12 -2.61 14.42
N TRP C 214 39.47 -3.62 13.64
CA TRP C 214 40.75 -3.67 12.95
C TRP C 214 40.64 -4.21 11.52
N HIS C 215 41.68 -3.95 10.74
CA HIS C 215 41.69 -4.28 9.32
C HIS C 215 42.40 -5.60 9.06
N VAL C 216 41.70 -6.52 8.39
CA VAL C 216 42.29 -7.71 7.81
C VAL C 216 42.27 -7.49 6.30
N SER C 217 43.39 -7.00 5.75
CA SER C 217 43.43 -6.51 4.36
C SER C 217 43.21 -7.63 3.34
N SER C 218 43.60 -8.85 3.69
CA SER C 218 43.39 -9.99 2.82
C SER C 218 41.95 -10.53 2.84
N GLN C 219 41.05 -9.95 3.65
CA GLN C 219 39.69 -10.44 3.72
C GLN C 219 38.89 -10.09 2.46
N SER C 220 37.77 -10.79 2.27
CA SER C 220 36.91 -10.61 1.12
C SER C 220 35.46 -10.94 1.50
N LEU C 221 34.58 -9.96 1.39
CA LEU C 221 33.17 -10.17 1.68
C LEU C 221 32.36 -10.21 0.40
N SER C 222 31.26 -10.96 0.44
CA SER C 222 30.32 -11.01 -0.67
C SER C 222 29.60 -9.67 -0.82
N PHE C 223 28.63 -9.62 -1.72
CA PHE C 223 28.06 -8.35 -2.14
C PHE C 223 26.58 -8.21 -1.82
N ASP C 224 26.16 -6.95 -1.71
CA ASP C 224 24.77 -6.59 -1.46
C ASP C 224 24.02 -6.70 -2.78
N SER C 225 22.70 -6.63 -2.73
CA SER C 225 21.87 -6.69 -3.94
C SER C 225 20.59 -5.89 -3.78
N SER C 226 20.04 -5.43 -4.90
CA SER C 226 18.74 -4.76 -4.95
C SER C 226 17.67 -5.66 -5.58
N ASN C 227 18.06 -6.88 -5.94
CA ASN C 227 17.15 -7.86 -6.50
C ASN C 227 16.22 -8.40 -5.42
N PRO C 228 14.90 -8.15 -5.53
CA PRO C 228 13.95 -8.63 -4.51
C PRO C 228 13.92 -10.15 -4.33
N GLU C 229 14.28 -10.91 -5.37
CA GLU C 229 14.42 -12.36 -5.25
C GLU C 229 15.36 -12.76 -4.12
N TYR C 230 16.39 -11.93 -3.87
CA TYR C 230 17.40 -12.22 -2.84
C TYR C 230 17.01 -11.76 -1.43
N PHE C 231 15.95 -10.97 -1.33
CA PHE C 231 15.56 -10.38 -0.05
C PHE C 231 15.14 -11.46 0.96
N ASP C 232 15.66 -11.35 2.18
CA ASP C 232 15.35 -12.26 3.28
C ASP C 232 15.67 -13.73 2.97
N GLY C 233 16.71 -13.95 2.18
CA GLY C 233 17.08 -15.27 1.70
C GLY C 233 18.02 -16.06 2.60
N TYR C 234 18.60 -15.40 3.59
CA TYR C 234 19.50 -16.03 4.55
C TYR C 234 20.61 -16.81 3.84
N TRP C 235 21.12 -16.20 2.78
CA TRP C 235 22.23 -16.73 2.02
C TRP C 235 23.41 -16.79 2.98
N GLY C 236 23.91 -17.99 3.24
CA GLY C 236 24.92 -18.20 4.27
C GLY C 236 24.42 -19.00 5.45
N TYR C 237 23.14 -19.38 5.43
CA TYR C 237 22.56 -20.21 6.50
C TYR C 237 23.39 -21.50 6.62
N SER C 238 23.87 -21.99 5.48
CA SER C 238 24.80 -23.11 5.41
C SER C 238 25.89 -22.80 4.40
N VAL C 239 27.03 -23.46 4.54
CA VAL C 239 28.15 -23.25 3.64
C VAL C 239 29.04 -24.48 3.57
N ALA C 240 29.74 -24.63 2.44
CA ALA C 240 30.71 -25.69 2.27
C ALA C 240 31.70 -25.30 1.16
N VAL C 241 32.73 -26.11 0.95
CA VAL C 241 33.68 -25.85 -0.12
C VAL C 241 33.88 -27.07 -0.98
N GLY C 242 34.33 -26.85 -2.20
CA GLY C 242 34.63 -27.95 -3.10
C GLY C 242 35.22 -27.53 -4.42
N GLU C 243 35.35 -28.51 -5.30
CA GLU C 243 35.97 -28.34 -6.60
C GLU C 243 34.91 -28.58 -7.69
N PHE C 244 34.53 -27.49 -8.36
CA PHE C 244 33.41 -27.50 -9.32
C PHE C 244 33.66 -26.78 -10.66
N ASP C 245 34.89 -26.33 -10.93
CA ASP C 245 35.20 -25.70 -12.23
C ASP C 245 36.43 -26.27 -12.94
N GLY C 246 36.84 -27.48 -12.55
CA GLY C 246 37.98 -28.15 -13.17
C GLY C 246 39.32 -27.44 -13.07
N ASP C 247 39.44 -26.52 -12.10
CA ASP C 247 40.69 -25.80 -11.86
C ASP C 247 41.12 -26.06 -10.43
N LEU C 248 42.12 -26.90 -10.25
CA LEU C 248 42.55 -27.32 -8.92
C LEU C 248 43.23 -26.21 -8.11
N ASN C 249 43.67 -25.13 -8.78
CA ASN C 249 44.25 -23.98 -8.09
C ASN C 249 43.21 -23.18 -7.30
N THR C 250 41.98 -23.15 -7.81
CA THR C 250 40.92 -22.34 -7.23
C THR C 250 39.92 -23.19 -6.47
N THR C 251 39.47 -22.69 -5.32
CA THR C 251 38.47 -23.36 -4.51
C THR C 251 37.11 -22.68 -4.72
N GLU C 252 36.04 -23.48 -4.77
CA GLU C 252 34.69 -22.95 -4.98
C GLU C 252 33.87 -23.06 -3.70
N TYR C 253 32.99 -22.09 -3.47
CA TYR C 253 32.14 -22.07 -2.29
C TYR C 253 30.74 -22.54 -2.64
N VAL C 254 30.11 -23.23 -1.70
CA VAL C 254 28.74 -23.68 -1.83
C VAL C 254 27.95 -23.01 -0.72
N VAL C 255 26.89 -22.29 -1.08
CA VAL C 255 26.12 -21.54 -0.10
C VAL C 255 24.63 -21.87 -0.13
N GLY C 256 24.06 -22.10 1.05
CA GLY C 256 22.64 -22.33 1.22
C GLY C 256 21.90 -21.05 1.57
N ALA C 257 20.82 -20.80 0.85
CA ALA C 257 19.96 -19.65 1.06
C ALA C 257 18.55 -20.20 1.16
N PRO C 258 18.20 -20.74 2.33
CA PRO C 258 17.00 -21.57 2.42
C PRO C 258 15.67 -20.83 2.29
N THR C 259 15.68 -19.51 2.35
CA THR C 259 14.46 -18.72 2.15
C THR C 259 14.51 -17.86 0.91
N TRP C 260 15.53 -18.09 0.08
CA TRP C 260 15.72 -17.39 -1.20
C TRP C 260 14.45 -17.40 -2.05
N SER C 261 14.22 -16.29 -2.75
CA SER C 261 13.07 -16.10 -3.63
C SER C 261 11.74 -16.47 -2.98
N TRP C 262 11.33 -15.66 -2.01
CA TRP C 262 10.06 -15.84 -1.31
C TRP C 262 9.91 -17.27 -0.76
N THR C 263 10.96 -17.73 -0.09
CA THR C 263 11.02 -19.05 0.57
C THR C 263 11.04 -20.27 -0.36
N LEU C 264 11.26 -20.06 -1.66
CA LEU C 264 11.50 -21.21 -2.57
C LEU C 264 12.79 -21.93 -2.16
N GLY C 265 13.80 -21.15 -1.76
CA GLY C 265 15.08 -21.69 -1.32
C GLY C 265 16.06 -21.88 -2.48
N ALA C 266 17.35 -21.85 -2.18
CA ALA C 266 18.35 -22.06 -3.21
C ALA C 266 19.68 -22.50 -2.62
N VAL C 267 20.50 -23.09 -3.49
CA VAL C 267 21.90 -23.32 -3.19
C VAL C 267 22.67 -22.80 -4.39
N GLU C 268 23.78 -22.13 -4.14
CA GLU C 268 24.59 -21.60 -5.22
C GLU C 268 26.02 -22.09 -5.08
N ILE C 269 26.68 -22.28 -6.22
CA ILE C 269 28.09 -22.64 -6.23
C ILE C 269 28.78 -21.44 -6.83
N LEU C 270 29.78 -20.92 -6.12
CA LEU C 270 30.43 -19.68 -6.49
C LEU C 270 31.94 -19.89 -6.60
N ASP C 271 32.64 -18.98 -7.29
CA ASP C 271 34.11 -18.97 -7.22
C ASP C 271 34.55 -18.15 -6.00
N SER C 272 35.86 -18.06 -5.78
CA SER C 272 36.39 -17.42 -4.58
C SER C 272 36.22 -15.90 -4.58
N TYR C 273 35.85 -15.34 -5.73
CA TYR C 273 35.47 -13.93 -5.84
C TYR C 273 33.94 -13.75 -5.76
N TYR C 274 33.24 -14.78 -5.30
CA TYR C 274 31.79 -14.74 -5.11
C TYR C 274 31.00 -14.51 -6.39
N GLN C 275 31.57 -14.92 -7.52
CA GLN C 275 30.85 -14.92 -8.77
C GLN C 275 30.14 -16.25 -8.89
N ARG C 276 28.88 -16.20 -9.32
CA ARG C 276 28.04 -17.38 -9.35
C ARG C 276 28.39 -18.27 -10.53
N LEU C 277 28.51 -19.56 -10.27
CA LEU C 277 28.77 -20.55 -11.30
C LEU C 277 27.53 -21.40 -11.58
N HIS C 278 26.81 -21.80 -10.53
CA HIS C 278 25.50 -22.42 -10.72
CA HIS C 278 25.56 -22.57 -10.63
C HIS C 278 24.56 -22.12 -9.57
N ARG C 279 23.28 -22.19 -9.87
CA ARG C 279 22.23 -22.01 -8.87
C ARG C 279 21.31 -23.20 -8.96
N LEU C 280 20.97 -23.74 -7.80
CA LEU C 280 20.00 -24.81 -7.69
C LEU C 280 18.85 -24.25 -6.92
N ARG C 281 17.64 -24.40 -7.46
CA ARG C 281 16.45 -23.83 -6.85
C ARG C 281 15.72 -24.92 -6.10
N GLY C 282 15.04 -24.54 -5.03
CA GLY C 282 14.23 -25.48 -4.27
C GLY C 282 13.02 -25.92 -5.06
N GLU C 283 12.36 -26.96 -4.58
CA GLU C 283 11.27 -27.63 -5.28
C GLU C 283 9.92 -27.17 -4.75
N GLN C 284 9.90 -26.76 -3.49
CA GLN C 284 8.66 -26.49 -2.80
C GLN C 284 8.88 -25.44 -1.74
N MET C 285 8.05 -24.41 -1.75
CA MET C 285 8.23 -23.28 -0.86
C MET C 285 8.12 -23.74 0.58
N ALA C 286 8.94 -23.15 1.45
CA ALA C 286 8.94 -23.41 2.89
C ALA C 286 9.64 -24.71 3.28
N SER C 287 10.19 -25.43 2.31
CA SER C 287 10.83 -26.72 2.58
C SER C 287 12.24 -26.54 3.14
N TYR C 288 12.74 -25.32 3.15
CA TYR C 288 14.07 -25.03 3.67
C TYR C 288 15.20 -25.76 2.90
N PHE C 289 15.01 -25.86 1.59
CA PHE C 289 16.04 -26.32 0.66
C PHE C 289 17.27 -25.43 0.83
N GLY C 290 18.39 -26.03 1.22
CA GLY C 290 19.62 -25.26 1.49
C GLY C 290 19.93 -25.16 2.98
N HIS C 291 19.07 -25.75 3.81
CA HIS C 291 19.32 -25.84 5.25
C HIS C 291 20.69 -26.47 5.49
N SER C 292 21.01 -27.50 4.71
CA SER C 292 22.29 -28.18 4.81
C SER C 292 22.82 -28.46 3.42
N VAL C 293 24.14 -28.42 3.30
CA VAL C 293 24.82 -28.75 2.07
C VAL C 293 26.01 -29.64 2.41
N ALA C 294 26.34 -30.55 1.51
CA ALA C 294 27.52 -31.39 1.69
C ALA C 294 28.16 -31.62 0.33
N VAL C 295 29.49 -31.61 0.32
CA VAL C 295 30.27 -31.88 -0.87
C VAL C 295 31.13 -33.13 -0.67
N THR C 296 30.91 -34.13 -1.51
CA THR C 296 31.75 -35.31 -1.50
C THR C 296 31.54 -36.03 -2.81
N ASP C 297 32.62 -36.60 -3.34
CA ASP C 297 32.53 -37.44 -4.54
C ASP C 297 32.01 -38.81 -4.13
N VAL C 298 30.75 -39.09 -4.48
CA VAL C 298 30.08 -40.33 -4.07
C VAL C 298 30.17 -41.46 -5.10
N ASN C 299 30.43 -41.13 -6.37
CA ASN C 299 30.46 -42.14 -7.44
C ASN C 299 31.84 -42.52 -7.98
N GLY C 300 32.89 -42.10 -7.28
CA GLY C 300 34.25 -42.56 -7.58
C GLY C 300 34.85 -42.11 -8.90
N ASP C 301 34.30 -41.07 -9.52
CA ASP C 301 34.90 -40.51 -10.75
C ASP C 301 35.85 -39.33 -10.48
N GLY C 302 36.15 -39.06 -9.20
CA GLY C 302 37.04 -37.98 -8.81
C GLY C 302 36.42 -36.59 -8.71
N ARG C 303 35.17 -36.46 -9.17
CA ARG C 303 34.52 -35.15 -9.24
C ARG C 303 33.55 -35.02 -8.08
N HIS C 304 33.71 -33.96 -7.29
CA HIS C 304 32.83 -33.66 -6.14
C HIS C 304 31.36 -33.54 -6.55
N ASP C 305 30.48 -34.19 -5.79
CA ASP C 305 29.04 -34.09 -6.00
C ASP C 305 28.42 -33.25 -4.89
N LEU C 306 27.17 -32.83 -5.11
CA LEU C 306 26.50 -31.91 -4.18
C LEU C 306 25.29 -32.58 -3.56
N LEU C 307 25.15 -32.44 -2.26
CA LEU C 307 24.00 -32.91 -1.52
C LEU C 307 23.35 -31.73 -0.86
N VAL C 308 22.03 -31.61 -1.00
CA VAL C 308 21.28 -30.51 -0.44
C VAL C 308 20.13 -31.05 0.38
N GLY C 309 19.94 -30.50 1.57
CA GLY C 309 18.86 -30.91 2.45
C GLY C 309 17.73 -29.90 2.45
N ALA C 310 16.49 -30.40 2.42
CA ALA C 310 15.28 -29.60 2.54
C ALA C 310 14.41 -30.26 3.62
N PRO C 311 14.71 -29.99 4.90
CA PRO C 311 14.13 -30.81 5.98
C PRO C 311 12.62 -30.69 6.20
N LEU C 312 11.96 -29.70 5.61
CA LEU C 312 10.52 -29.52 5.79
C LEU C 312 9.76 -29.79 4.50
N TYR C 313 10.40 -30.50 3.58
CA TYR C 313 9.73 -30.92 2.36
C TYR C 313 8.52 -31.80 2.68
N MET C 314 7.39 -31.43 2.11
CA MET C 314 6.15 -32.16 2.28
C MET C 314 5.91 -33.08 1.08
N GLU C 315 5.94 -34.38 1.34
CA GLU C 315 5.72 -35.39 0.33
C GLU C 315 4.24 -35.51 -0.04
N SER C 316 3.94 -35.74 -1.31
CA SER C 316 2.57 -35.98 -1.74
C SER C 316 2.09 -37.37 -1.32
N ARG C 317 1.03 -37.41 -0.50
CA ARG C 317 0.35 -38.66 -0.12
C ARG C 317 -0.94 -38.85 -0.92
N ALA C 318 -1.62 -39.98 -0.72
CA ALA C 318 -2.91 -40.23 -1.39
C ALA C 318 -4.02 -39.34 -0.84
N ASP C 319 -5.02 -39.09 -1.68
CA ASP C 319 -6.18 -38.23 -1.37
C ASP C 319 -5.80 -36.75 -1.24
N ARG C 320 -5.03 -36.24 -2.21
CA ARG C 320 -4.63 -34.84 -2.29
C ARG C 320 -3.75 -34.32 -1.12
N LYS C 321 -3.22 -35.20 -0.29
CA LYS C 321 -2.59 -34.79 0.98
C LYS C 321 -1.06 -34.67 0.95
N LEU C 322 -0.53 -33.96 1.94
CA LEU C 322 0.88 -33.65 2.03
C LEU C 322 1.37 -34.03 3.42
N ALA C 323 2.56 -34.62 3.51
CA ALA C 323 3.12 -35.04 4.79
C ALA C 323 4.55 -34.51 4.91
N GLU C 324 4.80 -33.68 5.91
CA GLU C 324 6.12 -33.11 6.10
C GLU C 324 7.06 -34.22 6.58
N VAL C 325 8.04 -34.56 5.74
CA VAL C 325 9.00 -35.63 6.04
C VAL C 325 10.48 -35.25 5.81
N GLY C 326 10.72 -34.31 4.89
CA GLY C 326 12.07 -33.89 4.57
C GLY C 326 12.58 -34.61 3.33
N ARG C 327 13.53 -33.98 2.64
CA ARG C 327 14.07 -34.52 1.41
C ARG C 327 15.53 -34.09 1.21
N VAL C 328 16.31 -34.98 0.60
CA VAL C 328 17.70 -34.73 0.25
C VAL C 328 17.88 -34.92 -1.26
N TYR C 329 18.63 -34.02 -1.88
CA TYR C 329 18.83 -34.00 -3.32
C TYR C 329 20.31 -34.25 -3.62
N LEU C 330 20.60 -35.19 -4.51
CA LEU C 330 21.97 -35.44 -4.97
C LEU C 330 22.17 -34.90 -6.37
N PHE C 331 23.18 -34.04 -6.54
CA PHE C 331 23.58 -33.56 -7.85
C PHE C 331 24.98 -34.05 -8.18
N LEU C 332 25.11 -35.00 -9.11
CA LEU C 332 26.42 -35.47 -9.57
C LEU C 332 27.06 -34.42 -10.47
N GLN C 333 28.35 -34.17 -10.30
CA GLN C 333 29.06 -33.23 -11.16
C GLN C 333 29.36 -33.93 -12.49
N PRO C 334 28.80 -33.41 -13.61
CA PRO C 334 28.98 -34.04 -14.91
C PRO C 334 30.38 -33.80 -15.47
N ARG C 335 30.71 -34.52 -16.54
CA ARG C 335 32.02 -34.40 -17.20
C ARG C 335 32.13 -33.05 -17.88
N GLY C 336 33.25 -32.36 -17.63
CA GLY C 336 33.51 -31.08 -18.29
C GLY C 336 32.94 -29.90 -17.54
N PRO C 337 32.79 -28.75 -18.22
CA PRO C 337 32.40 -27.49 -17.59
C PRO C 337 30.90 -27.32 -17.36
N HIS C 338 30.12 -28.31 -17.78
CA HIS C 338 28.67 -28.15 -17.91
C HIS C 338 27.93 -27.86 -16.60
N ALA C 339 26.70 -27.40 -16.74
CA ALA C 339 25.87 -27.07 -15.60
C ALA C 339 25.40 -28.35 -14.89
N LEU C 340 25.40 -28.31 -13.55
CA LEU C 340 24.82 -29.38 -12.73
C LEU C 340 23.36 -29.47 -13.11
N GLY C 341 22.95 -30.62 -13.64
CA GLY C 341 21.63 -30.72 -14.22
C GLY C 341 20.54 -30.89 -13.19
N ALA C 342 19.56 -31.72 -13.52
CA ALA C 342 18.54 -32.11 -12.56
C ALA C 342 19.17 -32.99 -11.49
N PRO C 343 18.44 -33.24 -10.39
CA PRO C 343 18.96 -34.16 -9.38
C PRO C 343 19.16 -35.55 -9.98
N SER C 344 20.25 -36.20 -9.59
CA SER C 344 20.51 -37.58 -9.98
C SER C 344 19.71 -38.54 -9.13
N LEU C 345 19.35 -38.10 -7.92
CA LEU C 345 18.65 -38.95 -6.96
C LEU C 345 17.95 -38.09 -5.91
N LEU C 346 16.70 -38.46 -5.59
CA LEU C 346 15.93 -37.86 -4.51
C LEU C 346 15.76 -38.88 -3.38
N LEU C 347 16.16 -38.51 -2.16
CA LEU C 347 15.95 -39.34 -0.98
C LEU C 347 14.95 -38.64 -0.11
N THR C 348 13.93 -39.37 0.34
CA THR C 348 12.82 -38.76 1.03
C THR C 348 12.57 -39.41 2.37
N GLY C 349 12.27 -38.59 3.37
CA GLY C 349 12.03 -39.10 4.72
C GLY C 349 10.72 -39.84 4.78
N THR C 350 10.49 -40.55 5.88
CA THR C 350 9.26 -41.32 6.05
C THR C 350 8.49 -40.92 7.31
N GLN C 351 9.20 -40.49 8.35
CA GLN C 351 8.54 -40.11 9.60
C GLN C 351 8.06 -38.65 9.58
N LEU C 352 6.75 -38.51 9.75
CA LEU C 352 6.12 -37.21 9.90
C LEU C 352 6.90 -36.34 10.88
N TYR C 353 7.24 -35.13 10.44
CA TYR C 353 7.97 -34.15 11.24
C TYR C 353 9.40 -34.58 11.59
N GLY C 354 9.93 -35.59 10.89
CA GLY C 354 11.25 -36.13 11.20
C GLY C 354 12.41 -35.25 10.80
N ARG C 355 12.18 -34.31 9.88
CA ARG C 355 13.22 -33.40 9.35
C ARG C 355 14.43 -34.15 8.78
N PHE C 356 14.14 -35.15 7.95
CA PHE C 356 15.13 -35.83 7.15
C PHE C 356 15.86 -34.80 6.28
N GLY C 357 17.19 -34.76 6.36
CA GLY C 357 17.99 -33.84 5.56
C GLY C 357 18.39 -32.59 6.33
N SER C 358 18.17 -32.62 7.64
CA SER C 358 18.57 -31.53 8.51
C SER C 358 20.09 -31.41 8.56
N ALA C 359 20.78 -32.55 8.53
CA ALA C 359 22.23 -32.58 8.44
C ALA C 359 22.64 -33.67 7.47
N ILE C 360 23.70 -33.43 6.72
CA ILE C 360 24.23 -34.38 5.78
C ILE C 360 25.74 -34.41 5.94
N ALA C 361 26.29 -35.58 6.27
CA ALA C 361 27.71 -35.69 6.55
C ALA C 361 28.40 -36.63 5.57
N PRO C 362 29.42 -36.13 4.87
CA PRO C 362 30.29 -37.08 4.18
C PRO C 362 30.92 -38.02 5.20
N LEU C 363 30.98 -39.31 4.87
CA LEU C 363 31.54 -40.30 5.77
C LEU C 363 32.89 -40.83 5.28
N GLY C 364 33.39 -40.29 4.19
CA GLY C 364 34.49 -40.93 3.48
C GLY C 364 33.99 -42.29 3.00
N ASP C 365 34.93 -43.21 2.75
CA ASP C 365 34.56 -44.56 2.30
C ASP C 365 34.49 -45.50 3.50
N LEU C 366 33.27 -45.70 3.98
CA LEU C 366 33.02 -46.41 5.24
C LEU C 366 33.39 -47.89 5.12
N ASP C 367 32.96 -48.51 4.03
CA ASP C 367 33.20 -49.95 3.80
C ASP C 367 34.45 -50.23 2.96
N ARG C 368 35.14 -49.19 2.51
CA ARG C 368 36.38 -49.32 1.73
C ARG C 368 36.17 -50.14 0.44
N ASP C 369 35.16 -49.78 -0.33
CA ASP C 369 34.87 -50.44 -1.60
C ASP C 369 35.23 -49.59 -2.81
N GLY C 370 35.70 -48.37 -2.58
CA GLY C 370 36.09 -47.45 -3.65
C GLY C 370 35.12 -46.32 -3.92
N TYR C 371 34.03 -46.25 -3.15
CA TYR C 371 33.01 -45.22 -3.32
C TYR C 371 32.72 -44.59 -1.97
N ASN C 372 32.74 -43.26 -1.91
CA ASN C 372 32.46 -42.54 -0.65
C ASN C 372 30.98 -42.57 -0.30
N ASP C 373 30.68 -42.36 0.98
CA ASP C 373 29.34 -42.59 1.53
C ASP C 373 28.88 -41.39 2.34
N ILE C 374 27.59 -41.36 2.65
CA ILE C 374 27.04 -40.29 3.48
C ILE C 374 26.15 -40.80 4.60
N ALA C 375 26.02 -39.96 5.62
CA ALA C 375 25.00 -40.11 6.65
C ALA C 375 24.04 -38.92 6.51
N VAL C 376 22.74 -39.19 6.57
CA VAL C 376 21.73 -38.13 6.61
C VAL C 376 20.95 -38.21 7.92
N ALA C 377 20.74 -37.07 8.56
CA ALA C 377 20.01 -37.00 9.83
C ALA C 377 18.53 -36.71 9.63
N ALA C 378 17.71 -37.36 10.46
CA ALA C 378 16.32 -37.00 10.70
C ALA C 378 16.19 -36.83 12.22
N PRO C 379 16.42 -35.61 12.72
CA PRO C 379 16.55 -35.44 14.17
C PRO C 379 15.31 -35.72 15.02
N TYR C 380 14.14 -35.78 14.39
CA TYR C 380 12.92 -36.21 15.08
C TYR C 380 12.26 -37.40 14.35
N GLY C 381 13.09 -38.18 13.65
CA GLY C 381 12.64 -39.33 12.89
C GLY C 381 12.75 -40.64 13.66
N GLY C 382 12.63 -41.74 12.92
CA GLY C 382 12.44 -43.06 13.49
C GLY C 382 10.97 -43.24 13.82
N PRO C 383 10.53 -44.48 14.04
CA PRO C 383 9.13 -44.76 14.44
C PRO C 383 8.74 -44.12 15.78
N SER C 384 9.70 -43.90 16.65
CA SER C 384 9.52 -43.33 17.98
C SER C 384 9.54 -41.81 17.99
N GLY C 385 10.00 -41.19 16.90
CA GLY C 385 10.20 -39.75 16.85
C GLY C 385 11.45 -39.26 17.58
N ARG C 386 12.29 -40.16 18.08
CA ARG C 386 13.43 -39.74 18.89
C ARG C 386 14.64 -39.32 18.07
N GLY C 387 14.64 -39.62 16.79
CA GLY C 387 15.78 -39.26 15.94
C GLY C 387 16.48 -40.47 15.36
N GLN C 388 16.94 -40.34 14.12
CA GLN C 388 17.52 -41.44 13.38
C GLN C 388 18.56 -40.85 12.43
N VAL C 389 19.68 -41.57 12.24
CA VAL C 389 20.66 -41.23 11.20
C VAL C 389 20.71 -42.38 10.19
N LEU C 390 20.71 -42.04 8.90
CA LEU C 390 20.65 -43.07 7.87
C LEU C 390 21.91 -43.03 7.02
N VAL C 391 22.55 -44.19 6.87
CA VAL C 391 23.76 -44.29 6.07
C VAL C 391 23.42 -44.77 4.67
N PHE C 392 23.87 -44.02 3.66
CA PHE C 392 23.68 -44.40 2.26
C PHE C 392 25.04 -44.57 1.60
N LEU C 393 25.25 -45.71 0.95
CA LEU C 393 26.55 -46.03 0.37
C LEU C 393 26.66 -45.51 -1.06
N GLY C 394 27.85 -45.04 -1.42
CA GLY C 394 28.14 -44.62 -2.78
C GLY C 394 28.25 -45.80 -3.72
N GLN C 395 28.03 -45.53 -5.00
CA GLN C 395 28.13 -46.54 -6.06
C GLN C 395 28.44 -45.80 -7.37
N SER C 396 28.60 -46.53 -8.46
CA SER C 396 28.96 -45.93 -9.75
C SER C 396 27.86 -45.04 -10.33
N GLU C 397 26.61 -45.33 -9.98
CA GLU C 397 25.46 -44.54 -10.46
C GLU C 397 25.16 -43.34 -9.55
N GLY C 398 25.80 -43.28 -8.39
CA GLY C 398 25.60 -42.18 -7.44
C GLY C 398 25.57 -42.67 -6.00
N LEU C 399 24.37 -42.78 -5.44
CA LEU C 399 24.17 -43.36 -4.11
C LEU C 399 23.12 -44.44 -4.19
N ARG C 400 23.28 -45.48 -3.38
CA ARG C 400 22.22 -46.46 -3.17
C ARG C 400 20.94 -45.75 -2.67
N SER C 401 19.80 -46.28 -3.09
CA SER C 401 18.51 -45.63 -2.92
C SER C 401 17.94 -45.85 -1.53
N ARG C 402 18.34 -46.96 -0.91
CA ARG C 402 17.90 -47.31 0.43
C ARG C 402 19.11 -47.37 1.35
N PRO C 403 18.90 -47.11 2.65
CA PRO C 403 20.03 -47.03 3.55
C PRO C 403 20.60 -48.40 3.88
N SER C 404 21.90 -48.45 4.07
CA SER C 404 22.60 -49.69 4.37
C SER C 404 22.63 -49.92 5.87
N GLN C 405 22.34 -48.86 6.63
CA GLN C 405 22.34 -48.92 8.07
C GLN C 405 21.52 -47.76 8.60
N VAL C 406 20.73 -48.04 9.63
CA VAL C 406 19.99 -47.02 10.36
C VAL C 406 20.44 -47.03 11.81
N LEU C 407 20.79 -45.85 12.32
CA LEU C 407 21.20 -45.68 13.71
C LEU C 407 20.06 -44.95 14.41
N ASP C 408 19.41 -45.64 15.34
CA ASP C 408 18.31 -45.05 16.11
C ASP C 408 18.91 -44.35 17.33
N SER C 409 18.32 -43.21 17.70
CA SER C 409 18.81 -42.45 18.85
C SER C 409 18.78 -43.26 20.13
N PRO C 410 19.90 -43.33 20.85
CA PRO C 410 19.95 -43.96 22.16
C PRO C 410 19.51 -43.01 23.28
N PHE C 411 19.08 -41.80 22.92
CA PHE C 411 18.75 -40.77 23.89
C PHE C 411 17.23 -40.64 24.07
N PRO C 412 16.79 -39.87 25.06
CA PRO C 412 15.34 -39.73 25.19
C PRO C 412 14.72 -38.84 24.12
N THR C 413 13.40 -38.77 24.14
CA THR C 413 12.64 -37.87 23.29
C THR C 413 13.17 -36.45 23.47
N GLY C 414 13.25 -35.69 22.39
CA GLY C 414 13.68 -34.29 22.46
C GLY C 414 15.17 -33.99 22.32
N SER C 415 16.00 -35.01 22.12
CA SER C 415 17.45 -34.81 22.12
C SER C 415 17.99 -34.16 20.83
N ALA C 416 17.18 -34.19 19.77
CA ALA C 416 17.60 -33.69 18.44
C ALA C 416 18.81 -34.47 17.90
N PHE C 417 18.88 -35.75 18.25
CA PHE C 417 19.90 -36.68 17.80
C PHE C 417 20.11 -36.52 16.31
N GLY C 418 21.31 -36.11 15.92
CA GLY C 418 21.65 -36.02 14.51
C GLY C 418 21.57 -34.60 13.97
N PHE C 419 21.08 -33.66 14.77
CA PHE C 419 21.05 -32.27 14.37
C PHE C 419 22.44 -31.86 13.89
N SER C 420 23.47 -32.41 14.54
CA SER C 420 24.86 -32.26 14.09
C SER C 420 25.50 -33.62 13.82
N LEU C 421 26.32 -33.66 12.78
CA LEU C 421 26.98 -34.90 12.37
C LEU C 421 28.33 -34.59 11.78
N ARG C 422 29.24 -35.53 11.86
CA ARG C 422 30.53 -35.39 11.23
C ARG C 422 31.15 -36.76 11.07
N GLY C 423 31.67 -37.06 9.89
CA GLY C 423 32.32 -38.34 9.63
C GLY C 423 33.66 -38.15 8.96
N ALA C 424 34.14 -39.21 8.31
CA ALA C 424 35.30 -39.14 7.42
C ALA C 424 36.66 -39.12 8.12
N VAL C 425 36.68 -39.35 9.43
CA VAL C 425 37.92 -39.38 10.21
C VAL C 425 37.98 -40.65 11.07
N ASP C 426 39.14 -41.30 11.07
CA ASP C 426 39.38 -42.53 11.82
C ASP C 426 39.91 -42.18 13.20
N ILE C 427 39.02 -42.12 14.19
CA ILE C 427 39.35 -41.57 15.50
C ILE C 427 40.13 -42.55 16.36
N ASP C 428 39.97 -43.84 16.10
CA ASP C 428 40.63 -44.90 16.87
C ASP C 428 41.73 -45.61 16.10
N ASP C 429 42.06 -45.10 14.91
CA ASP C 429 43.20 -45.60 14.12
C ASP C 429 43.09 -47.07 13.72
N ASN C 430 41.88 -47.53 13.42
CA ASN C 430 41.66 -48.91 12.97
C ASN C 430 41.59 -49.03 11.44
N GLY C 431 41.84 -47.94 10.73
CA GLY C 431 41.81 -47.94 9.26
C GLY C 431 40.44 -47.65 8.64
N TYR C 432 39.42 -47.49 9.47
CA TYR C 432 38.07 -47.18 8.99
C TYR C 432 37.56 -45.88 9.59
N PRO C 433 36.92 -45.03 8.76
CA PRO C 433 36.40 -43.74 9.19
C PRO C 433 35.13 -43.88 10.06
N ASP C 434 35.02 -43.01 11.04
CA ASP C 434 34.02 -43.12 12.08
C ASP C 434 33.05 -41.97 12.01
N LEU C 435 32.02 -42.01 12.86
CA LEU C 435 30.95 -41.01 12.84
C LEU C 435 30.67 -40.52 14.24
N ILE C 436 30.59 -39.21 14.39
CA ILE C 436 30.15 -38.59 15.65
C ILE C 436 28.83 -37.86 15.42
N VAL C 437 27.92 -38.03 16.36
CA VAL C 437 26.56 -37.49 16.26
C VAL C 437 26.25 -36.70 17.52
N GLY C 438 25.81 -35.46 17.36
CA GLY C 438 25.45 -34.65 18.51
C GLY C 438 23.98 -34.78 18.82
N ALA C 439 23.63 -34.64 20.08
CA ALA C 439 22.25 -34.61 20.53
C ALA C 439 22.14 -33.47 21.54
N TYR C 440 22.05 -32.26 21.04
CA TYR C 440 22.15 -31.08 21.88
C TYR C 440 21.07 -31.00 22.96
N GLY C 441 19.88 -31.55 22.68
CA GLY C 441 18.80 -31.57 23.67
C GLY C 441 19.06 -32.48 24.87
N ALA C 442 19.96 -33.45 24.70
CA ALA C 442 20.41 -34.32 25.82
C ALA C 442 21.82 -33.90 26.28
N ASN C 443 22.37 -32.84 25.69
CA ASN C 443 23.70 -32.34 26.05
C ASN C 443 24.74 -33.46 25.96
N GLN C 444 24.69 -34.20 24.85
CA GLN C 444 25.53 -35.38 24.66
C GLN C 444 25.94 -35.56 23.23
N VAL C 445 27.05 -36.26 23.05
CA VAL C 445 27.57 -36.63 21.75
C VAL C 445 27.79 -38.14 21.74
N ALA C 446 27.39 -38.80 20.66
CA ALA C 446 27.60 -40.23 20.47
C ALA C 446 28.66 -40.45 19.42
N VAL C 447 29.57 -41.40 19.68
CA VAL C 447 30.58 -41.79 18.70
C VAL C 447 30.32 -43.21 18.24
N TYR C 448 30.19 -43.38 16.92
CA TYR C 448 30.04 -44.69 16.28
C TYR C 448 31.33 -45.04 15.56
N ARG C 449 31.87 -46.21 15.91
CA ARG C 449 33.11 -46.70 15.34
C ARG C 449 32.84 -47.68 14.21
N ALA C 450 33.56 -47.53 13.11
CA ALA C 450 33.39 -48.36 11.94
C ALA C 450 34.26 -49.58 12.15
N GLN C 451 33.68 -50.76 11.96
CA GLN C 451 34.41 -52.00 12.17
C GLN C 451 34.72 -52.61 10.80
N PRO C 452 35.70 -53.53 10.73
CA PRO C 452 36.05 -54.09 9.43
C PRO C 452 34.96 -55.00 8.86
N VAL C 453 34.89 -55.08 7.54
CA VAL C 453 33.96 -55.97 6.84
C VAL C 453 34.61 -57.34 6.60
N GLY D 1 -26.01 -76.39 -17.45
CA GLY D 1 -25.42 -77.31 -16.45
C GLY D 1 -24.07 -76.86 -15.92
N PRO D 2 -23.03 -76.88 -16.79
CA PRO D 2 -21.66 -76.58 -16.37
C PRO D 2 -21.38 -75.09 -16.22
N ASN D 3 -20.77 -74.73 -15.09
CA ASN D 3 -20.34 -73.37 -14.82
C ASN D 3 -19.32 -73.33 -13.67
N ILE D 4 -18.86 -72.14 -13.32
CA ILE D 4 -17.84 -71.98 -12.26
C ILE D 4 -18.23 -72.54 -10.89
N CYS D 5 -19.52 -72.53 -10.54
CA CYS D 5 -19.99 -73.09 -9.27
C CYS D 5 -19.81 -74.60 -9.21
N THR D 6 -20.11 -75.28 -10.31
CA THR D 6 -20.03 -76.75 -10.36
C THR D 6 -18.62 -77.26 -10.66
N THR D 7 -17.93 -76.59 -11.57
CA THR D 7 -16.65 -77.09 -12.09
C THR D 7 -15.48 -76.97 -11.11
N ARG D 8 -15.58 -76.06 -10.15
CA ARG D 8 -14.53 -75.88 -9.14
C ARG D 8 -14.42 -77.10 -8.22
N GLY D 9 -15.57 -77.68 -7.87
CA GLY D 9 -15.60 -78.87 -7.02
C GLY D 9 -15.38 -78.50 -5.57
N VAL D 10 -16.24 -77.62 -5.05
CA VAL D 10 -16.12 -77.11 -3.69
C VAL D 10 -16.44 -78.20 -2.66
N SER D 11 -15.76 -78.13 -1.51
CA SER D 11 -15.91 -79.14 -0.45
C SER D 11 -16.89 -78.71 0.64
N SER D 12 -17.28 -77.43 0.63
CA SER D 12 -18.10 -76.85 1.70
C SER D 12 -19.02 -75.75 1.20
N CYS D 13 -20.02 -75.42 2.01
CA CYS D 13 -20.94 -74.31 1.72
C CYS D 13 -20.18 -72.98 1.67
N GLN D 14 -19.28 -72.77 2.62
CA GLN D 14 -18.47 -71.55 2.64
C GLN D 14 -17.65 -71.40 1.36
N GLN D 15 -17.01 -72.49 0.92
CA GLN D 15 -16.23 -72.47 -0.32
C GLN D 15 -17.12 -72.10 -1.50
N CYS D 16 -18.31 -72.69 -1.53
CA CYS D 16 -19.27 -72.47 -2.61
C CYS D 16 -19.63 -70.99 -2.78
N LEU D 17 -19.98 -70.36 -1.67
CA LEU D 17 -20.33 -68.94 -1.68
C LEU D 17 -19.12 -68.07 -2.09
N ALA D 18 -17.91 -68.53 -1.78
CA ALA D 18 -16.68 -67.80 -2.09
C ALA D 18 -16.22 -67.91 -3.55
N VAL D 19 -16.87 -68.76 -4.34
CA VAL D 19 -16.50 -68.90 -5.75
C VAL D 19 -16.99 -67.70 -6.55
N SER D 20 -18.28 -67.39 -6.39
CA SER D 20 -18.91 -66.29 -7.09
C SER D 20 -20.16 -65.83 -6.33
N PRO D 21 -20.50 -64.52 -6.43
CA PRO D 21 -21.73 -63.99 -5.81
C PRO D 21 -23.04 -64.54 -6.37
N MET D 22 -22.98 -65.24 -7.49
CA MET D 22 -24.15 -65.90 -8.07
C MET D 22 -24.30 -67.35 -7.60
N CYS D 23 -23.26 -67.92 -7.01
CA CYS D 23 -23.31 -69.31 -6.54
C CYS D 23 -24.24 -69.47 -5.33
N ALA D 24 -24.93 -70.61 -5.31
CA ALA D 24 -25.79 -70.98 -4.19
C ALA D 24 -25.46 -72.40 -3.78
N TRP D 25 -25.81 -72.76 -2.53
CA TRP D 25 -25.52 -74.09 -2.00
C TRP D 25 -26.80 -74.77 -1.53
N CYS D 26 -26.86 -76.08 -1.72
CA CYS D 26 -27.99 -76.89 -1.28
C CYS D 26 -27.58 -77.79 -0.11
N SER D 27 -28.23 -77.59 1.04
CA SER D 27 -27.95 -78.39 2.26
C SER D 27 -28.81 -79.66 2.37
N ASP D 28 -29.75 -79.84 1.45
CA ASP D 28 -30.67 -80.98 1.49
C ASP D 28 -29.94 -82.32 1.63
N GLU D 29 -30.25 -83.04 2.70
CA GLU D 29 -29.64 -84.36 2.93
C GLU D 29 -30.10 -85.40 1.91
N ALA D 30 -31.32 -85.22 1.41
CA ALA D 30 -31.87 -86.10 0.39
C ALA D 30 -31.70 -85.52 -1.02
N LEU D 31 -30.54 -84.90 -1.27
CA LEU D 31 -30.18 -84.49 -2.63
C LEU D 31 -29.78 -85.75 -3.39
N PRO D 32 -30.11 -85.82 -4.71
CA PRO D 32 -29.65 -86.99 -5.46
C PRO D 32 -28.13 -87.18 -5.33
N LEU D 33 -27.71 -88.43 -5.16
CA LEU D 33 -26.33 -88.77 -4.77
C LEU D 33 -25.24 -88.22 -5.70
N GLY D 34 -25.57 -88.08 -6.99
CA GLY D 34 -24.62 -87.57 -7.98
C GLY D 34 -24.62 -86.05 -8.19
N SER D 35 -25.61 -85.36 -7.64
CA SER D 35 -25.83 -83.94 -7.96
C SER D 35 -24.77 -82.98 -7.37
N PRO D 36 -24.48 -81.90 -8.10
CA PRO D 36 -23.61 -80.86 -7.57
C PRO D 36 -24.34 -80.03 -6.53
N ARG D 37 -23.68 -79.80 -5.40
CA ARG D 37 -24.29 -79.08 -4.29
C ARG D 37 -24.14 -77.57 -4.50
N CYS D 38 -23.16 -77.19 -5.33
CA CYS D 38 -22.85 -75.79 -5.62
C CYS D 38 -23.20 -75.45 -7.08
N ASP D 39 -24.22 -74.61 -7.25
CA ASP D 39 -24.72 -74.27 -8.58
C ASP D 39 -25.49 -72.95 -8.47
N LEU D 40 -25.99 -72.45 -9.60
CA LEU D 40 -26.89 -71.29 -9.60
C LEU D 40 -28.18 -71.69 -8.89
N LYS D 41 -28.79 -70.75 -8.16
CA LYS D 41 -30.03 -71.01 -7.43
C LYS D 41 -31.10 -71.68 -8.31
N GLU D 42 -31.17 -71.26 -9.58
CA GLU D 42 -32.11 -71.83 -10.54
C GLU D 42 -31.86 -73.32 -10.75
N ASN D 43 -30.60 -73.67 -11.02
CA ASN D 43 -30.22 -75.05 -11.32
C ASN D 43 -30.41 -76.01 -10.15
N LEU D 44 -30.27 -75.49 -8.92
CA LEU D 44 -30.50 -76.30 -7.71
C LEU D 44 -31.98 -76.54 -7.45
N LEU D 45 -32.82 -75.56 -7.76
CA LEU D 45 -34.27 -75.69 -7.59
C LEU D 45 -34.86 -76.72 -8.55
N LYS D 46 -34.38 -76.70 -9.81
CA LYS D 46 -34.77 -77.70 -10.81
C LYS D 46 -34.46 -79.12 -10.34
N ASP D 47 -33.39 -79.27 -9.56
CA ASP D 47 -32.95 -80.58 -9.07
C ASP D 47 -33.50 -80.93 -7.68
N ASN D 48 -34.76 -80.54 -7.42
CA ASN D 48 -35.53 -81.00 -6.26
C ASN D 48 -35.02 -80.58 -4.88
N CYS D 49 -34.04 -79.68 -4.83
CA CYS D 49 -33.50 -79.21 -3.56
C CYS D 49 -34.58 -78.42 -2.82
N ALA D 50 -34.79 -78.77 -1.55
CA ALA D 50 -35.83 -78.13 -0.73
C ALA D 50 -35.67 -76.61 -0.74
N PRO D 51 -36.77 -75.87 -1.03
CA PRO D 51 -36.70 -74.41 -1.08
C PRO D 51 -36.05 -73.76 0.15
N GLU D 52 -36.41 -74.24 1.33
CA GLU D 52 -35.94 -73.66 2.60
C GLU D 52 -34.53 -74.12 3.00
N SER D 53 -33.97 -75.08 2.27
CA SER D 53 -32.62 -75.58 2.53
C SER D 53 -31.55 -74.85 1.72
N ILE D 54 -31.96 -74.04 0.75
CA ILE D 54 -31.02 -73.31 -0.11
C ILE D 54 -30.38 -72.13 0.63
N GLU D 55 -29.05 -72.08 0.58
CA GLU D 55 -28.28 -70.95 1.09
C GLU D 55 -27.89 -70.04 -0.07
N PHE D 56 -28.37 -68.81 -0.05
CA PHE D 56 -28.07 -67.85 -1.11
C PHE D 56 -28.27 -66.44 -0.60
N PRO D 57 -27.26 -65.90 0.08
CA PRO D 57 -27.35 -64.54 0.55
C PRO D 57 -27.19 -63.53 -0.58
N VAL D 58 -27.98 -62.46 -0.51
CA VAL D 58 -27.90 -61.37 -1.46
C VAL D 58 -27.27 -60.17 -0.75
N SER D 59 -26.31 -59.53 -1.41
CA SER D 59 -25.73 -58.31 -0.89
C SER D 59 -26.80 -57.24 -0.92
N GLU D 60 -26.87 -56.42 0.13
CA GLU D 60 -27.90 -55.40 0.24
C GLU D 60 -27.43 -54.15 0.96
N ALA D 61 -28.27 -53.12 0.88
CA ALA D 61 -28.07 -51.87 1.60
C ALA D 61 -29.39 -51.50 2.26
N ARG D 62 -29.33 -51.08 3.52
CA ARG D 62 -30.53 -50.79 4.29
C ARG D 62 -30.32 -49.51 5.09
N VAL D 63 -31.24 -48.56 4.96
CA VAL D 63 -31.13 -47.31 5.70
C VAL D 63 -31.60 -47.53 7.14
N LEU D 64 -30.84 -47.03 8.11
CA LEU D 64 -31.17 -47.17 9.53
C LEU D 64 -31.64 -45.84 10.12
N GLU D 65 -30.84 -44.80 9.91
CA GLU D 65 -31.21 -43.44 10.31
C GLU D 65 -31.30 -42.60 9.05
N ASP D 66 -32.43 -41.92 8.86
CA ASP D 66 -32.75 -41.26 7.60
C ASP D 66 -33.50 -39.95 7.84
N ARG D 67 -32.94 -39.10 8.70
CA ARG D 67 -33.55 -37.80 8.99
C ARG D 67 -33.55 -36.92 7.73
N PRO D 68 -34.63 -36.18 7.50
CA PRO D 68 -34.64 -35.21 6.41
C PRO D 68 -33.51 -34.18 6.54
N LEU D 69 -33.01 -33.72 5.40
CA LEU D 69 -32.08 -32.62 5.39
C LEU D 69 -32.81 -31.40 5.96
N SER D 70 -32.13 -30.65 6.84
CA SER D 70 -32.71 -29.44 7.41
C SER D 70 -32.83 -28.37 6.34
N ASP D 71 -33.89 -27.57 6.42
CA ASP D 71 -34.03 -26.40 5.55
C ASP D 71 -33.17 -25.27 6.09
N LYS D 72 -33.25 -25.02 7.40
CA LYS D 72 -32.46 -23.98 8.07
C LYS D 72 -31.55 -24.54 9.16
N GLY D 73 -30.40 -23.89 9.37
CA GLY D 73 -29.43 -24.28 10.41
C GLY D 73 -29.44 -23.41 11.66
N SER D 74 -30.53 -22.67 11.86
CA SER D 74 -30.68 -21.79 13.02
C SER D 74 -31.30 -22.55 14.20
N GLY D 75 -31.59 -21.83 15.28
CA GLY D 75 -32.24 -22.41 16.46
C GLY D 75 -31.41 -23.46 17.17
N ASP D 76 -32.07 -24.39 17.84
CA ASP D 76 -31.42 -25.47 18.58
C ASP D 76 -30.52 -26.30 17.67
N SER D 77 -29.24 -25.94 17.60
CA SER D 77 -28.26 -26.76 16.89
C SER D 77 -28.06 -28.06 17.68
N SER D 78 -27.26 -28.97 17.12
CA SER D 78 -27.23 -30.36 17.58
C SER D 78 -28.55 -31.06 17.21
N GLN D 79 -29.23 -30.52 16.20
CA GLN D 79 -30.33 -31.18 15.52
C GLN D 79 -30.50 -30.52 14.14
N VAL D 80 -29.36 -30.28 13.49
CA VAL D 80 -29.32 -29.74 12.14
C VAL D 80 -28.73 -30.85 11.27
N THR D 81 -29.46 -31.27 10.26
CA THR D 81 -29.03 -32.38 9.40
C THR D 81 -28.51 -31.85 8.08
N GLN D 82 -27.23 -32.13 7.80
CA GLN D 82 -26.57 -31.69 6.57
C GLN D 82 -26.27 -32.85 5.63
N VAL D 83 -26.31 -34.07 6.16
CA VAL D 83 -26.07 -35.28 5.37
C VAL D 83 -27.23 -36.27 5.53
N SER D 84 -27.64 -36.85 4.42
CA SER D 84 -28.75 -37.81 4.39
C SER D 84 -28.46 -38.96 3.43
N PRO D 85 -28.62 -40.22 3.88
CA PRO D 85 -28.96 -40.68 5.23
C PRO D 85 -27.75 -40.60 6.18
N GLN D 86 -27.96 -40.93 7.46
CA GLN D 86 -26.90 -40.82 8.48
C GLN D 86 -26.29 -42.18 8.88
N ARG D 87 -27.07 -43.25 8.78
CA ARG D 87 -26.57 -44.57 9.09
C ARG D 87 -27.17 -45.63 8.15
N ILE D 88 -26.30 -46.46 7.58
CA ILE D 88 -26.69 -47.52 6.67
C ILE D 88 -26.11 -48.85 7.16
N ALA D 89 -26.85 -49.93 6.94
CA ALA D 89 -26.36 -51.29 7.16
C ALA D 89 -26.06 -51.91 5.80
N LEU D 90 -24.77 -52.08 5.52
CA LEU D 90 -24.31 -52.67 4.28
C LEU D 90 -23.97 -54.14 4.56
N ARG D 91 -24.45 -55.02 3.70
CA ARG D 91 -24.24 -56.45 3.82
C ARG D 91 -23.62 -56.93 2.51
N LEU D 92 -22.43 -57.51 2.58
CA LEU D 92 -21.69 -57.91 1.37
C LEU D 92 -21.19 -59.34 1.47
N ARG D 93 -21.38 -60.12 0.41
CA ARG D 93 -20.81 -61.46 0.33
C ARG D 93 -19.52 -61.40 -0.49
N PRO D 94 -18.65 -62.42 -0.39
CA PRO D 94 -17.30 -62.35 -0.94
C PRO D 94 -17.20 -61.87 -2.41
N ASP D 95 -16.22 -61.01 -2.68
CA ASP D 95 -15.94 -60.47 -4.02
C ASP D 95 -17.18 -59.85 -4.69
N ASP D 96 -18.11 -59.34 -3.89
CA ASP D 96 -19.33 -58.76 -4.41
C ASP D 96 -19.37 -57.27 -4.11
N SER D 97 -20.18 -56.53 -4.84
CA SER D 97 -20.31 -55.09 -4.65
C SER D 97 -21.77 -54.68 -4.55
N LYS D 98 -22.02 -53.65 -3.75
CA LYS D 98 -23.35 -53.07 -3.61
C LYS D 98 -23.23 -51.56 -3.63
N ASN D 99 -24.28 -50.89 -4.10
CA ASN D 99 -24.28 -49.45 -4.17
C ASN D 99 -25.29 -48.82 -3.21
N PHE D 100 -25.01 -47.57 -2.85
CA PHE D 100 -25.92 -46.75 -2.07
C PHE D 100 -25.64 -45.30 -2.43
N SER D 101 -26.31 -44.35 -1.77
CA SER D 101 -26.09 -42.95 -2.09
C SER D 101 -26.14 -42.04 -0.86
N ILE D 102 -25.65 -40.82 -1.04
CA ILE D 102 -25.64 -39.82 0.03
C ILE D 102 -26.02 -38.45 -0.52
N GLN D 103 -26.88 -37.76 0.22
CA GLN D 103 -27.20 -36.37 -0.07
C GLN D 103 -26.45 -35.48 0.92
N VAL D 104 -25.83 -34.42 0.39
CA VAL D 104 -25.14 -33.45 1.21
C VAL D 104 -25.70 -32.07 0.88
N ARG D 105 -26.10 -31.33 1.90
CA ARG D 105 -26.64 -29.99 1.72
C ARG D 105 -25.79 -28.96 2.43
N GLN D 106 -25.55 -27.85 1.75
CA GLN D 106 -24.96 -26.68 2.38
C GLN D 106 -26.13 -25.89 2.99
N VAL D 107 -26.37 -26.09 4.29
CA VAL D 107 -27.60 -25.63 4.93
C VAL D 107 -27.64 -24.11 5.12
N GLU D 108 -28.73 -23.52 4.68
CA GLU D 108 -29.00 -22.08 4.80
C GLU D 108 -29.03 -21.65 6.27
N ASP D 109 -28.38 -20.52 6.58
CA ASP D 109 -28.40 -19.93 7.93
C ASP D 109 -27.71 -20.79 9.00
N TYR D 110 -26.45 -21.10 8.77
CA TYR D 110 -25.65 -21.84 9.74
C TYR D 110 -24.86 -20.82 10.58
N PRO D 111 -24.55 -21.15 11.86
CA PRO D 111 -23.72 -20.24 12.63
C PRO D 111 -22.34 -20.03 12.04
N VAL D 112 -21.83 -18.81 12.13
CA VAL D 112 -20.50 -18.46 11.66
C VAL D 112 -19.70 -17.77 12.78
N ASP D 113 -18.46 -18.22 12.95
CA ASP D 113 -17.48 -17.52 13.78
C ASP D 113 -16.45 -16.88 12.89
N ILE D 114 -16.15 -15.60 13.13
CA ILE D 114 -15.10 -14.91 12.40
C ILE D 114 -14.09 -14.30 13.38
N TYR D 115 -12.88 -14.87 13.43
CA TYR D 115 -11.81 -14.32 14.25
C TYR D 115 -10.86 -13.56 13.32
N TYR D 116 -10.75 -12.26 13.58
CA TYR D 116 -9.98 -11.33 12.78
C TYR D 116 -8.57 -11.22 13.36
N LEU D 117 -7.59 -11.75 12.64
CA LEU D 117 -6.21 -11.80 13.09
C LEU D 117 -5.36 -10.84 12.25
N MET D 118 -4.89 -9.77 12.89
CA MET D 118 -4.36 -8.62 12.19
C MET D 118 -2.88 -8.38 12.43
N ASP D 119 -2.15 -8.20 11.33
CA ASP D 119 -0.79 -7.68 11.34
C ASP D 119 -0.87 -6.24 11.83
N LEU D 120 -0.19 -5.95 12.94
CA LEU D 120 -0.14 -4.59 13.51
C LEU D 120 1.29 -4.04 13.58
N SER D 121 2.12 -4.42 12.62
CA SER D 121 3.36 -3.71 12.37
C SER D 121 3.03 -2.30 11.85
N TYR D 122 4.05 -1.49 11.61
CA TYR D 122 3.82 -0.05 11.38
C TYR D 122 3.08 0.25 10.08
N SER D 123 3.27 -0.57 9.05
CA SER D 123 2.63 -0.33 7.76
C SER D 123 1.12 -0.56 7.78
N MET D 124 0.61 -1.06 8.91
CA MET D 124 -0.81 -1.37 9.08
C MET D 124 -1.53 -0.34 9.95
N LYS D 125 -0.82 0.71 10.34
CA LYS D 125 -1.40 1.79 11.14
C LYS D 125 -2.57 2.45 10.43
N ASP D 126 -2.46 2.64 9.11
CA ASP D 126 -3.57 3.24 8.35
C ASP D 126 -4.70 2.21 8.20
N ASP D 127 -4.37 0.93 8.23
CA ASP D 127 -5.36 -0.14 8.19
C ASP D 127 -6.26 -0.14 9.44
N LEU D 128 -5.68 0.22 10.59
CA LEU D 128 -6.45 0.35 11.82
C LEU D 128 -7.54 1.39 11.70
N TRP D 129 -7.26 2.51 11.03
CA TRP D 129 -8.26 3.56 10.89
CA TRP D 129 -8.25 3.59 10.85
C TRP D 129 -9.43 3.06 10.06
N SER D 130 -9.16 2.29 9.01
CA SER D 130 -10.21 1.83 8.11
C SER D 130 -11.22 0.92 8.79
N ILE D 131 -10.76 0.11 9.75
CA ILE D 131 -11.59 -0.95 10.34
C ILE D 131 -12.21 -0.60 11.70
N GLN D 132 -12.26 0.70 12.03
CA GLN D 132 -12.74 1.15 13.33
C GLN D 132 -14.16 0.69 13.67
N ASN D 133 -15.05 0.72 12.69
CA ASN D 133 -16.41 0.22 12.86
C ASN D 133 -16.70 -1.00 11.99
N LEU D 134 -15.68 -1.83 11.77
CA LEU D 134 -15.84 -3.02 10.94
C LEU D 134 -16.76 -4.06 11.60
N GLY D 135 -16.75 -4.14 12.93
CA GLY D 135 -17.62 -5.07 13.66
C GLY D 135 -19.10 -4.92 13.33
N THR D 136 -19.62 -3.69 13.38
CA THR D 136 -21.04 -3.44 13.06
C THR D 136 -21.32 -3.63 11.55
N LYS D 137 -20.39 -3.16 10.73
CA LYS D 137 -20.55 -3.25 9.27
C LYS D 137 -20.48 -4.69 8.80
N LEU D 138 -19.58 -5.47 9.40
CA LEU D 138 -19.50 -6.92 9.17
C LEU D 138 -20.78 -7.63 9.60
N ALA D 139 -21.31 -7.24 10.75
CA ALA D 139 -22.57 -7.80 11.22
C ALA D 139 -23.66 -7.61 10.16
N THR D 140 -23.70 -6.41 9.57
CA THR D 140 -24.73 -6.02 8.62
C THR D 140 -24.81 -6.90 7.38
N GLN D 141 -23.66 -7.21 6.80
CA GLN D 141 -23.62 -8.06 5.61
C GLN D 141 -23.78 -9.54 5.95
N MET D 142 -23.21 -9.96 7.08
CA MET D 142 -23.26 -11.37 7.48
C MET D 142 -24.65 -11.78 7.94
N ARG D 143 -25.49 -10.84 8.35
CA ARG D 143 -26.80 -11.19 8.88
C ARG D 143 -27.84 -11.38 7.77
N LYS D 144 -27.50 -11.00 6.55
CA LYS D 144 -28.20 -11.46 5.35
C LYS D 144 -27.97 -12.97 5.16
N LEU D 145 -26.79 -13.45 5.58
CA LEU D 145 -26.43 -14.85 5.43
C LEU D 145 -26.70 -15.69 6.68
N THR D 146 -26.50 -15.13 7.87
CA THR D 146 -26.61 -15.91 9.11
C THR D 146 -27.31 -15.19 10.27
N SER D 147 -28.02 -15.97 11.09
CA SER D 147 -28.67 -15.46 12.32
C SER D 147 -27.81 -15.61 13.57
N ASN D 148 -26.68 -16.32 13.45
CA ASN D 148 -25.83 -16.65 14.61
C ASN D 148 -24.35 -16.29 14.32
N LEU D 149 -24.08 -14.99 14.27
CA LEU D 149 -22.73 -14.50 14.04
C LEU D 149 -22.03 -14.19 15.36
N ARG D 150 -20.77 -14.61 15.45
CA ARG D 150 -19.88 -14.20 16.52
C ARG D 150 -18.57 -13.71 15.89
N ILE D 151 -18.05 -12.60 16.38
CA ILE D 151 -16.80 -12.07 15.87
C ILE D 151 -15.83 -11.82 17.01
N GLY D 152 -14.53 -11.88 16.70
CA GLY D 152 -13.47 -11.65 17.69
C GLY D 152 -12.21 -11.11 17.01
N PHE D 153 -11.22 -10.76 17.83
CA PHE D 153 -10.04 -10.05 17.35
C PHE D 153 -8.77 -10.48 18.07
N GLY D 154 -7.68 -10.50 17.31
CA GLY D 154 -6.33 -10.68 17.83
C GLY D 154 -5.33 -10.04 16.91
N ALA D 155 -4.13 -9.78 17.43
CA ALA D 155 -3.14 -9.03 16.67
C ALA D 155 -1.77 -9.66 16.85
N PHE D 156 -0.89 -9.38 15.89
CA PHE D 156 0.45 -9.91 15.90
C PHE D 156 1.41 -8.93 15.25
N VAL D 157 2.69 -9.02 15.63
CA VAL D 157 3.76 -8.34 14.90
C VAL D 157 4.81 -9.40 14.56
N ASP D 158 5.69 -9.70 15.51
CA ASP D 158 6.72 -10.70 15.31
C ASP D 158 7.34 -11.09 16.66
N LYS D 159 8.24 -12.07 16.67
CA LYS D 159 8.87 -12.51 17.92
C LYS D 159 9.62 -11.34 18.54
N PRO D 160 9.26 -10.94 19.76
CA PRO D 160 9.89 -9.77 20.37
C PRO D 160 11.29 -10.06 20.89
N VAL D 161 12.21 -10.33 19.97
CA VAL D 161 13.58 -10.70 20.31
C VAL D 161 14.48 -10.16 19.20
N SER D 162 15.71 -9.80 19.55
CA SER D 162 16.68 -9.35 18.56
C SER D 162 17.03 -10.51 17.64
N PRO D 163 17.15 -10.26 16.32
CA PRO D 163 17.17 -9.00 15.59
C PRO D 163 15.84 -8.53 15.01
N TYR D 164 14.75 -9.27 15.23
CA TYR D 164 13.44 -8.79 14.78
C TYR D 164 13.08 -7.50 15.53
N MET D 165 13.41 -7.45 16.83
CA MET D 165 13.06 -6.34 17.70
C MET D 165 14.24 -5.41 17.86
N TYR D 166 13.98 -4.11 17.90
CA TYR D 166 15.00 -3.11 18.21
C TYR D 166 15.25 -3.11 19.72
N ILE D 167 16.51 -3.13 20.12
CA ILE D 167 16.87 -3.28 21.54
C ILE D 167 17.81 -2.19 22.06
N SER D 168 17.95 -1.09 21.32
CA SER D 168 18.73 0.07 21.77
C SER D 168 18.15 1.33 21.14
N PRO D 169 18.18 2.45 21.90
CA PRO D 169 18.56 2.56 23.30
C PRO D 169 17.44 1.97 24.15
N PRO D 170 17.56 2.10 25.50
CA PRO D 170 16.50 1.60 26.40
C PRO D 170 15.11 2.09 26.04
N GLU D 171 15.03 3.30 25.52
CA GLU D 171 13.78 3.94 25.13
C GLU D 171 13.07 3.20 23.98
N ALA D 172 13.83 2.54 23.12
CA ALA D 172 13.24 1.83 21.98
C ALA D 172 12.44 0.59 22.41
N LEU D 173 12.77 0.04 23.58
CA LEU D 173 12.06 -1.12 24.13
C LEU D 173 10.66 -0.73 24.58
N GLU D 174 10.55 0.42 25.24
CA GLU D 174 9.26 0.97 25.69
C GLU D 174 8.48 1.66 24.56
N ASN D 175 9.20 2.22 23.60
CA ASN D 175 8.58 2.89 22.47
C ASN D 175 9.43 2.73 21.21
N PRO D 176 9.18 1.65 20.43
CA PRO D 176 9.94 1.39 19.22
C PRO D 176 9.92 2.52 18.19
N CYS D 177 8.96 3.43 18.32
CA CYS D 177 8.85 4.57 17.43
C CYS D 177 9.52 5.83 18.00
N TYR D 178 10.43 5.66 18.97
CA TYR D 178 11.03 6.82 19.64
C TYR D 178 11.81 7.76 18.69
N ASP D 179 12.50 7.19 17.71
CA ASP D 179 13.38 7.96 16.80
C ASP D 179 12.57 8.69 15.72
N MET D 180 11.41 8.14 15.39
CA MET D 180 10.40 8.89 14.66
C MET D 180 9.76 9.78 15.72
N LYS D 181 8.96 10.75 15.30
CA LYS D 181 8.44 11.71 16.26
C LYS D 181 7.02 11.33 16.70
N THR D 182 6.86 10.06 17.07
CA THR D 182 5.59 9.51 17.54
C THR D 182 5.85 8.42 18.59
N THR D 183 4.79 7.78 19.07
CA THR D 183 4.92 6.63 19.95
C THR D 183 4.06 5.46 19.45
N CYS D 184 4.56 4.25 19.65
CA CYS D 184 3.81 3.03 19.36
C CYS D 184 4.02 2.01 20.48
N LEU D 185 3.33 0.89 20.43
CA LEU D 185 3.41 -0.12 21.50
C LEU D 185 4.74 -0.84 21.51
N PRO D 186 5.22 -1.25 22.70
CA PRO D 186 6.29 -2.23 22.73
C PRO D 186 5.94 -3.44 21.87
N MET D 187 6.95 -4.10 21.35
CA MET D 187 6.71 -5.19 20.43
C MET D 187 6.02 -6.36 21.12
N PHE D 188 5.08 -6.97 20.41
CA PHE D 188 4.39 -8.16 20.90
C PHE D 188 4.36 -9.21 19.80
N GLY D 189 4.44 -10.48 20.17
CA GLY D 189 4.38 -11.58 19.21
C GLY D 189 2.94 -11.78 18.73
N TYR D 190 2.11 -12.27 19.64
CA TYR D 190 0.69 -12.44 19.39
C TYR D 190 -0.06 -12.20 20.66
N LYS D 191 -1.10 -11.39 20.59
CA LYS D 191 -1.99 -11.21 21.71
C LYS D 191 -3.43 -11.40 21.26
N HIS D 192 -4.16 -12.17 22.06
CA HIS D 192 -5.59 -12.31 21.90
C HIS D 192 -6.21 -11.08 22.52
N VAL D 193 -7.26 -10.54 21.88
CA VAL D 193 -7.88 -9.30 22.37
C VAL D 193 -9.36 -9.51 22.73
N LEU D 194 -10.12 -10.08 21.79
CA LEU D 194 -11.56 -10.24 21.97
C LEU D 194 -12.02 -11.65 21.63
N THR D 195 -12.53 -12.34 22.64
CA THR D 195 -13.11 -13.66 22.49
C THR D 195 -14.33 -13.58 21.58
N LEU D 196 -14.51 -14.60 20.75
CA LEU D 196 -15.62 -14.62 19.80
C LEU D 196 -16.89 -14.29 20.56
N THR D 197 -17.60 -13.27 20.09
CA THR D 197 -18.82 -12.83 20.75
C THR D 197 -19.88 -12.39 19.76
N ASP D 198 -21.14 -12.48 20.18
CA ASP D 198 -22.26 -12.01 19.39
C ASP D 198 -22.50 -10.50 19.59
N GLN D 199 -21.85 -9.92 20.61
CA GLN D 199 -21.91 -8.49 20.87
C GLN D 199 -20.91 -7.73 19.99
N VAL D 200 -21.33 -7.35 18.80
CA VAL D 200 -20.43 -6.80 17.78
C VAL D 200 -19.84 -5.41 18.09
N THR D 201 -20.52 -4.62 18.91
CA THR D 201 -20.01 -3.28 19.30
C THR D 201 -18.73 -3.42 20.14
N ARG D 202 -18.66 -4.53 20.86
CA ARG D 202 -17.46 -4.96 21.57
C ARG D 202 -16.21 -5.01 20.65
N PHE D 203 -16.40 -5.51 19.44
CA PHE D 203 -15.33 -5.56 18.44
C PHE D 203 -14.87 -4.16 18.06
N ASN D 204 -15.84 -3.27 17.81
CA ASN D 204 -15.55 -1.85 17.58
C ASN D 204 -14.80 -1.23 18.76
N GLU D 205 -15.24 -1.50 19.97
CA GLU D 205 -14.63 -0.94 21.19
C GLU D 205 -13.15 -1.28 21.29
N GLU D 206 -12.83 -2.56 21.06
CA GLU D 206 -11.48 -3.07 21.23
C GLU D 206 -10.55 -2.64 20.10
N VAL D 207 -11.04 -2.64 18.85
CA VAL D 207 -10.21 -2.16 17.73
C VAL D 207 -9.87 -0.67 17.83
N LYS D 208 -10.72 0.13 18.49
CA LYS D 208 -10.41 1.54 18.71
C LYS D 208 -9.28 1.76 19.72
N LYS D 209 -9.04 0.75 20.57
CA LYS D 209 -7.99 0.85 21.59
C LYS D 209 -6.66 0.27 21.12
N GLN D 210 -6.68 -0.48 20.02
CA GLN D 210 -5.45 -1.05 19.47
C GLN D 210 -4.52 0.02 18.91
N SER D 211 -3.24 -0.34 18.79
CA SER D 211 -2.26 0.49 18.11
C SER D 211 -1.15 -0.39 17.57
N VAL D 212 -0.39 0.14 16.64
CA VAL D 212 0.68 -0.60 16.01
C VAL D 212 1.93 -0.64 16.88
N SER D 213 2.81 -1.60 16.62
CA SER D 213 4.18 -1.56 17.12
C SER D 213 5.09 -1.44 15.91
N ARG D 214 6.35 -1.85 16.07
CA ARG D 214 7.33 -1.69 15.02
C ARG D 214 8.47 -2.66 15.21
N ASN D 215 8.89 -3.27 14.11
CA ASN D 215 10.03 -4.18 14.14
C ASN D 215 10.92 -4.02 12.90
N ARG D 216 11.99 -4.80 12.83
CA ARG D 216 13.07 -4.52 11.91
C ARG D 216 12.88 -5.16 10.55
N ASP D 217 12.51 -6.44 10.54
CA ASP D 217 12.56 -7.23 9.31
C ASP D 217 11.18 -7.44 8.70
N ALA D 218 11.19 -7.58 7.37
CA ALA D 218 9.99 -7.61 6.56
C ALA D 218 9.10 -8.80 6.89
N PRO D 219 9.63 -10.03 6.87
CA PRO D 219 8.78 -11.15 7.24
C PRO D 219 8.31 -11.03 8.69
N GLU D 220 7.04 -11.35 8.92
CA GLU D 220 6.41 -11.17 10.23
C GLU D 220 6.03 -12.50 10.87
N GLY D 221 5.57 -12.41 12.12
CA GLY D 221 5.34 -13.59 12.96
C GLY D 221 3.93 -14.10 12.96
N GLY D 222 3.20 -13.87 11.87
CA GLY D 222 1.79 -14.28 11.78
C GLY D 222 1.49 -15.77 11.87
N PHE D 223 2.43 -16.61 11.46
CA PHE D 223 2.20 -18.06 11.55
C PHE D 223 2.16 -18.55 13.00
N ASP D 224 2.88 -17.87 13.89
CA ASP D 224 2.74 -18.09 15.33
C ASP D 224 1.32 -17.79 15.78
N ALA D 225 0.75 -16.72 15.25
CA ALA D 225 -0.55 -16.25 15.66
C ALA D 225 -1.64 -17.20 15.14
N ILE D 226 -1.50 -17.63 13.89
CA ILE D 226 -2.43 -18.60 13.32
C ILE D 226 -2.41 -19.90 14.14
N MET D 227 -1.24 -20.38 14.51
CA MET D 227 -1.16 -21.59 15.34
C MET D 227 -1.94 -21.38 16.65
N GLN D 228 -1.73 -20.25 17.29
CA GLN D 228 -2.34 -20.02 18.60
C GLN D 228 -3.83 -19.75 18.51
N ALA D 229 -4.25 -19.01 17.49
CA ALA D 229 -5.68 -18.74 17.27
C ALA D 229 -6.46 -20.03 16.92
N THR D 230 -5.75 -20.97 16.32
CA THR D 230 -6.31 -22.29 16.00
C THR D 230 -6.41 -23.21 17.22
N VAL D 231 -5.34 -23.25 18.02
CA VAL D 231 -5.20 -24.26 19.07
C VAL D 231 -5.68 -23.80 20.45
N CYS D 232 -5.74 -22.51 20.69
CA CYS D 232 -6.26 -22.00 21.95
C CYS D 232 -7.79 -21.94 21.91
N ASP D 233 -8.39 -23.13 21.94
CA ASP D 233 -9.85 -23.32 21.87
C ASP D 233 -10.68 -22.39 22.74
N GLU D 234 -10.50 -22.49 24.05
CA GLU D 234 -11.35 -21.78 25.00
C GLU D 234 -11.20 -20.27 24.88
N LYS D 235 -9.97 -19.81 24.70
CA LYS D 235 -9.71 -18.38 24.60
C LYS D 235 -10.36 -17.73 23.39
N ILE D 236 -10.09 -18.29 22.21
CA ILE D 236 -10.66 -17.73 20.98
C ILE D 236 -12.17 -17.90 21.03
N GLY D 237 -12.63 -19.02 21.57
CA GLY D 237 -14.06 -19.25 21.77
C GLY D 237 -14.78 -19.84 20.57
N TRP D 238 -14.05 -20.55 19.72
CA TRP D 238 -14.67 -21.28 18.61
C TRP D 238 -15.81 -22.16 19.13
N ARG D 239 -16.96 -22.09 18.46
CA ARG D 239 -18.12 -22.91 18.82
C ARG D 239 -18.12 -24.26 18.11
N ASN D 240 -18.70 -25.27 18.77
CA ASN D 240 -18.78 -26.61 18.19
C ASN D 240 -19.52 -26.62 16.85
N ASP D 241 -20.68 -25.99 16.79
CA ASP D 241 -21.55 -26.06 15.62
C ASP D 241 -21.60 -24.75 14.86
N ALA D 242 -20.52 -24.44 14.15
CA ALA D 242 -20.40 -23.18 13.43
C ALA D 242 -19.32 -23.26 12.36
N SER D 243 -19.46 -22.50 11.29
CA SER D 243 -18.34 -22.31 10.36
C SER D 243 -17.30 -21.44 11.08
N HIS D 244 -16.04 -21.79 10.93
CA HIS D 244 -14.95 -21.11 11.61
C HIS D 244 -14.10 -20.42 10.58
N LEU D 245 -14.12 -19.09 10.58
CA LEU D 245 -13.29 -18.32 9.66
C LEU D 245 -12.18 -17.64 10.45
N LEU D 246 -10.94 -17.92 10.08
CA LEU D 246 -9.79 -17.22 10.63
C LEU D 246 -9.26 -16.26 9.56
N VAL D 247 -9.55 -14.98 9.74
CA VAL D 247 -9.18 -13.96 8.76
C VAL D 247 -7.82 -13.35 9.11
N PHE D 248 -6.84 -13.63 8.26
CA PHE D 248 -5.44 -13.31 8.49
C PHE D 248 -5.06 -12.15 7.59
N THR D 249 -4.88 -10.96 8.17
CA THR D 249 -4.58 -9.79 7.35
C THR D 249 -3.16 -9.32 7.55
N THR D 250 -2.44 -9.19 6.44
CA THR D 250 -1.08 -8.70 6.44
C THR D 250 -0.71 -8.14 5.06
N ASP D 251 0.35 -7.34 5.03
CA ASP D 251 0.83 -6.72 3.78
C ASP D 251 2.25 -7.16 3.47
N ALA D 252 2.70 -8.26 4.08
CA ALA D 252 4.12 -8.63 4.07
C ALA D 252 4.35 -10.15 4.00
N LYS D 253 5.58 -10.50 3.62
CA LYS D 253 6.12 -11.85 3.78
C LYS D 253 5.87 -12.38 5.19
N THR D 254 6.06 -13.68 5.36
CA THR D 254 5.92 -14.31 6.67
C THR D 254 7.13 -15.15 7.04
N HIS D 255 7.40 -15.23 8.34
CA HIS D 255 8.41 -16.13 8.85
C HIS D 255 7.84 -17.52 8.86
N ILE D 256 8.72 -18.49 8.65
CA ILE D 256 8.33 -19.90 8.54
C ILE D 256 9.21 -20.71 9.48
N ALA D 257 8.88 -21.97 9.72
CA ALA D 257 9.71 -22.80 10.60
C ALA D 257 11.16 -22.85 10.11
N LEU D 258 12.10 -22.76 11.06
CA LEU D 258 13.57 -22.75 10.87
C LEU D 258 14.17 -21.34 10.70
N ASP D 259 13.29 -20.35 10.48
CA ASP D 259 13.68 -18.94 10.56
C ASP D 259 14.14 -18.53 11.95
N GLY D 260 13.56 -19.14 12.98
CA GLY D 260 13.80 -18.73 14.36
C GLY D 260 15.25 -18.81 14.82
N ARG D 261 16.06 -19.55 14.08
CA ARG D 261 17.45 -19.73 14.44
C ARG D 261 18.20 -18.42 14.37
N LEU D 262 17.68 -17.46 13.61
CA LEU D 262 18.29 -16.14 13.55
C LEU D 262 18.18 -15.39 14.89
N ALA D 263 17.26 -15.85 15.75
CA ALA D 263 17.09 -15.29 17.09
C ALA D 263 17.51 -16.32 18.15
N GLY D 264 18.31 -17.30 17.74
CA GLY D 264 18.78 -18.35 18.66
C GLY D 264 17.74 -19.37 19.09
N ILE D 265 16.58 -19.33 18.45
CA ILE D 265 15.45 -20.19 18.77
C ILE D 265 15.48 -21.41 17.87
N VAL D 266 15.66 -22.57 18.48
CA VAL D 266 15.75 -23.82 17.74
C VAL D 266 14.71 -24.88 18.13
N GLN D 267 14.01 -24.69 19.25
CA GLN D 267 12.97 -25.62 19.67
C GLN D 267 11.82 -25.66 18.67
N PRO D 268 11.49 -26.87 18.16
CA PRO D 268 10.35 -26.98 17.25
C PRO D 268 9.03 -26.56 17.88
N ASN D 269 8.15 -25.98 17.08
CA ASN D 269 6.82 -25.62 17.56
C ASN D 269 6.12 -26.91 18.00
N ASP D 270 5.50 -26.88 19.18
CA ASP D 270 4.82 -28.08 19.72
C ASP D 270 3.33 -28.13 19.40
N GLY D 271 2.82 -27.12 18.71
CA GLY D 271 1.40 -27.11 18.34
C GLY D 271 0.39 -27.03 19.48
N GLN D 272 0.85 -26.62 20.66
CA GLN D 272 0.01 -26.49 21.85
C GLN D 272 -0.31 -25.02 22.14
N CYS D 273 -1.33 -24.77 22.95
CA CYS D 273 -1.69 -23.40 23.37
C CYS D 273 -0.69 -22.87 24.41
N HIS D 274 -0.23 -21.64 24.22
CA HIS D 274 0.65 -20.98 25.19
C HIS D 274 0.23 -19.53 25.42
N VAL D 275 -1.08 -19.30 25.36
CA VAL D 275 -1.66 -18.01 25.68
C VAL D 275 -2.41 -18.16 26.99
N GLY D 276 -1.90 -17.55 28.06
CA GLY D 276 -2.54 -17.62 29.37
C GLY D 276 -3.27 -16.35 29.79
N SER D 277 -3.40 -16.17 31.10
CA SER D 277 -4.21 -15.08 31.68
C SER D 277 -3.95 -13.70 31.06
N ASP D 278 -2.69 -13.40 30.72
CA ASP D 278 -2.33 -12.10 30.16
C ASP D 278 -2.59 -11.96 28.65
N ASN D 279 -3.07 -13.03 28.02
CA ASN D 279 -3.50 -13.01 26.61
C ASN D 279 -2.40 -12.79 25.57
N HIS D 280 -1.15 -12.94 25.98
CA HIS D 280 -0.03 -12.92 25.04
C HIS D 280 0.51 -14.33 24.89
N TYR D 281 1.12 -14.59 23.74
CA TYR D 281 1.75 -15.86 23.45
C TYR D 281 3.10 -15.91 24.20
N SER D 282 3.17 -16.78 25.21
CA SER D 282 4.33 -16.83 26.11
C SER D 282 5.55 -17.54 25.50
N ALA D 283 5.34 -18.42 24.53
CA ALA D 283 6.43 -19.15 23.91
C ALA D 283 7.01 -18.44 22.69
N SER D 284 6.63 -17.18 22.48
CA SER D 284 7.07 -16.43 21.30
C SER D 284 8.59 -16.35 21.16
N THR D 285 9.26 -16.13 22.29
CA THR D 285 10.73 -16.03 22.33
C THR D 285 11.46 -17.35 22.61
N THR D 286 10.74 -18.45 22.85
CA THR D 286 11.37 -19.74 23.17
C THR D 286 11.11 -20.87 22.15
N MET D 287 10.19 -20.66 21.24
CA MET D 287 9.73 -21.72 20.36
C MET D 287 9.71 -21.23 18.91
N ASP D 288 10.14 -22.09 17.99
CA ASP D 288 10.26 -21.69 16.58
C ASP D 288 8.88 -21.52 15.95
N TYR D 289 8.85 -20.79 14.84
CA TYR D 289 7.65 -20.63 14.05
C TYR D 289 7.15 -22.01 13.59
N PRO D 290 5.83 -22.15 13.36
CA PRO D 290 5.33 -23.46 12.97
C PRO D 290 5.54 -23.73 11.51
N SER D 291 5.66 -25.02 11.16
CA SER D 291 5.78 -25.46 9.77
C SER D 291 4.39 -25.51 9.13
N LEU D 292 4.35 -25.54 7.80
CA LEU D 292 3.07 -25.60 7.09
C LEU D 292 2.28 -26.86 7.42
N GLY D 293 2.98 -27.99 7.51
CA GLY D 293 2.35 -29.25 7.91
C GLY D 293 1.69 -29.22 9.28
N LEU D 294 2.37 -28.64 10.26
CA LEU D 294 1.81 -28.57 11.61
C LEU D 294 0.57 -27.71 11.59
N MET D 295 0.66 -26.57 10.92
CA MET D 295 -0.47 -25.66 10.78
C MET D 295 -1.63 -26.37 10.12
N THR D 296 -1.34 -27.10 9.05
CA THR D 296 -2.35 -27.83 8.31
C THR D 296 -3.04 -28.84 9.23
N GLU D 297 -2.25 -29.56 10.03
CA GLU D 297 -2.80 -30.55 10.96
C GLU D 297 -3.80 -29.89 11.92
N LYS D 298 -3.39 -28.80 12.55
CA LYS D 298 -4.23 -28.15 13.56
C LYS D 298 -5.45 -27.44 12.97
N LEU D 299 -5.30 -26.78 11.82
CA LEU D 299 -6.46 -26.19 11.17
C LEU D 299 -7.47 -27.28 10.85
N SER D 300 -6.99 -28.41 10.34
CA SER D 300 -7.85 -29.54 10.00
C SER D 300 -8.51 -30.13 11.25
N GLN D 301 -7.74 -30.26 12.33
CA GLN D 301 -8.24 -30.87 13.56
C GLN D 301 -9.31 -30.00 14.24
N LYS D 302 -9.16 -28.69 14.14
CA LYS D 302 -10.05 -27.73 14.80
C LYS D 302 -11.12 -27.16 13.86
N ASN D 303 -11.14 -27.64 12.62
CA ASN D 303 -12.06 -27.18 11.58
C ASN D 303 -12.03 -25.68 11.29
N ILE D 304 -10.82 -25.14 11.11
CA ILE D 304 -10.67 -23.73 10.82
C ILE D 304 -10.52 -23.52 9.32
N ASN D 305 -11.28 -22.57 8.78
CA ASN D 305 -11.07 -22.08 7.43
C ASN D 305 -10.20 -20.85 7.46
N LEU D 306 -8.93 -21.03 7.11
CA LEU D 306 -7.96 -19.93 7.12
C LEU D 306 -8.12 -19.09 5.87
N ILE D 307 -8.23 -17.78 6.06
CA ILE D 307 -8.32 -16.85 4.93
C ILE D 307 -7.07 -15.95 4.95
N PHE D 308 -6.24 -16.07 3.92
CA PHE D 308 -5.14 -15.15 3.73
C PHE D 308 -5.69 -13.92 3.02
N ALA D 309 -5.86 -12.83 3.76
CA ALA D 309 -6.32 -11.55 3.21
C ALA D 309 -5.09 -10.67 3.12
N VAL D 310 -4.48 -10.65 1.95
CA VAL D 310 -3.13 -10.11 1.78
C VAL D 310 -3.07 -9.15 0.59
N THR D 311 -2.19 -8.16 0.69
CA THR D 311 -2.07 -7.15 -0.35
C THR D 311 -1.42 -7.68 -1.63
N GLU D 312 -1.59 -6.91 -2.70
CA GLU D 312 -1.18 -7.27 -4.07
C GLU D 312 0.28 -7.69 -4.20
N ASN D 313 1.14 -7.05 -3.42
CA ASN D 313 2.57 -7.32 -3.49
C ASN D 313 2.96 -8.70 -2.97
N VAL D 314 2.14 -9.31 -2.11
CA VAL D 314 2.40 -10.67 -1.60
C VAL D 314 1.30 -11.68 -1.95
N VAL D 315 0.39 -11.34 -2.87
CA VAL D 315 -0.72 -12.26 -3.20
C VAL D 315 -0.25 -13.59 -3.82
N ASN D 316 0.77 -13.55 -4.69
CA ASN D 316 1.28 -14.76 -5.35
C ASN D 316 1.94 -15.69 -4.33
N LEU D 317 2.66 -15.08 -3.40
CA LEU D 317 3.26 -15.79 -2.27
C LEU D 317 2.22 -16.59 -1.50
N TYR D 318 1.14 -15.93 -1.09
CA TYR D 318 0.16 -16.60 -0.24
C TYR D 318 -0.75 -17.56 -1.02
N GLN D 319 -1.02 -17.25 -2.29
CA GLN D 319 -1.69 -18.22 -3.16
CA GLN D 319 -1.68 -18.22 -3.17
C GLN D 319 -0.86 -19.52 -3.22
N ASN D 320 0.46 -19.37 -3.26
CA ASN D 320 1.33 -20.52 -3.33
C ASN D 320 1.38 -21.29 -2.00
N TYR D 321 1.41 -20.58 -0.87
CA TYR D 321 1.27 -21.27 0.43
C TYR D 321 -0.08 -22.00 0.50
N SER D 322 -1.13 -21.31 0.07
CA SER D 322 -2.49 -21.85 0.08
C SER D 322 -2.61 -23.18 -0.67
N GLU D 323 -1.81 -23.38 -1.71
CA GLU D 323 -1.80 -24.65 -2.43
C GLU D 323 -1.19 -25.78 -1.59
N LEU D 324 -0.30 -25.42 -0.67
CA LEU D 324 0.34 -26.37 0.24
C LEU D 324 -0.46 -26.59 1.53
N ILE D 325 -1.48 -25.75 1.76
CA ILE D 325 -2.41 -25.93 2.88
C ILE D 325 -3.84 -26.04 2.34
N PRO D 326 -4.26 -27.24 1.93
CA PRO D 326 -5.56 -27.38 1.27
C PRO D 326 -6.75 -26.88 2.10
N GLY D 327 -7.65 -26.13 1.48
CA GLY D 327 -8.83 -25.60 2.16
C GLY D 327 -8.71 -24.14 2.55
N THR D 328 -7.52 -23.58 2.37
CA THR D 328 -7.28 -22.17 2.67
C THR D 328 -7.70 -21.32 1.46
N THR D 329 -8.08 -20.07 1.73
CA THR D 329 -8.64 -19.18 0.72
C THR D 329 -7.78 -17.91 0.67
N VAL D 330 -7.69 -17.29 -0.51
CA VAL D 330 -6.89 -16.07 -0.67
C VAL D 330 -7.71 -14.92 -1.29
N GLY D 331 -7.61 -13.76 -0.67
CA GLY D 331 -8.25 -12.54 -1.18
C GLY D 331 -7.23 -11.42 -1.20
N VAL D 332 -7.43 -10.48 -2.11
CA VAL D 332 -6.54 -9.33 -2.26
C VAL D 332 -7.04 -8.21 -1.36
N LEU D 333 -6.21 -7.86 -0.39
CA LEU D 333 -6.52 -6.83 0.59
C LEU D 333 -5.94 -5.52 0.10
N SER D 334 -6.74 -4.47 0.13
CA SER D 334 -6.24 -3.14 -0.20
C SER D 334 -5.14 -2.73 0.80
N MET D 335 -4.28 -1.81 0.38
CA MET D 335 -3.18 -1.36 1.24
C MET D 335 -3.66 -0.66 2.51
N ASP D 336 -4.98 -0.45 2.62
CA ASP D 336 -5.58 0.13 3.84
C ASP D 336 -6.69 -0.73 4.44
N SER D 337 -6.84 -1.96 3.94
CA SER D 337 -7.90 -2.89 4.36
C SER D 337 -9.31 -2.35 4.12
N SER D 338 -9.44 -1.35 3.26
CA SER D 338 -10.73 -0.71 3.06
C SER D 338 -11.75 -1.66 2.42
N ASN D 339 -11.25 -2.73 1.80
CA ASN D 339 -12.09 -3.70 1.09
C ASN D 339 -12.26 -5.01 1.86
N VAL D 340 -11.79 -5.06 3.10
CA VAL D 340 -11.70 -6.36 3.80
C VAL D 340 -13.08 -6.97 4.05
N LEU D 341 -14.07 -6.14 4.33
CA LEU D 341 -15.45 -6.57 4.54
C LEU D 341 -15.99 -7.46 3.39
N GLN D 342 -15.87 -6.97 2.17
CA GLN D 342 -16.32 -7.72 0.99
C GLN D 342 -15.41 -8.92 0.72
N LEU D 343 -14.13 -8.77 1.09
CA LEU D 343 -13.17 -9.87 1.00
C LEU D 343 -13.63 -11.06 1.85
N ILE D 344 -14.16 -10.75 3.04
CA ILE D 344 -14.62 -11.78 3.99
C ILE D 344 -15.90 -12.46 3.52
N VAL D 345 -16.84 -11.66 3.01
CA VAL D 345 -18.13 -12.18 2.55
C VAL D 345 -17.95 -13.11 1.36
N ASP D 346 -17.07 -12.71 0.43
CA ASP D 346 -16.75 -13.57 -0.72
C ASP D 346 -16.05 -14.87 -0.32
N ALA D 347 -15.12 -14.77 0.63
CA ALA D 347 -14.38 -15.95 1.10
C ALA D 347 -15.31 -16.94 1.78
N TYR D 348 -16.24 -16.43 2.60
CA TYR D 348 -17.27 -17.27 3.17
C TYR D 348 -18.05 -18.00 2.08
N GLY D 349 -18.54 -17.25 1.10
CA GLY D 349 -19.25 -17.83 -0.04
C GLY D 349 -18.41 -18.89 -0.73
N LYS D 350 -17.14 -18.58 -0.95
CA LYS D 350 -16.23 -19.53 -1.58
C LYS D 350 -16.00 -20.76 -0.70
N ILE D 351 -15.92 -20.54 0.61
CA ILE D 351 -15.78 -21.65 1.55
C ILE D 351 -16.96 -22.61 1.45
N ARG D 352 -18.17 -22.07 1.31
CA ARG D 352 -19.36 -22.91 1.24
C ARG D 352 -19.84 -23.22 -0.18
N SER D 353 -18.94 -23.03 -1.16
CA SER D 353 -19.20 -23.44 -2.54
C SER D 353 -18.75 -24.88 -2.81
N LYS D 354 -18.13 -25.52 -1.81
CA LYS D 354 -17.58 -26.84 -2.00
C LYS D 354 -18.25 -27.87 -1.08
N VAL D 355 -18.48 -29.06 -1.64
CA VAL D 355 -18.74 -30.25 -0.87
C VAL D 355 -17.79 -31.31 -1.39
N GLU D 356 -17.08 -31.94 -0.47
CA GLU D 356 -15.96 -32.80 -0.79
C GLU D 356 -15.94 -33.94 0.21
N LEU D 357 -16.34 -35.13 -0.24
CA LEU D 357 -16.47 -36.27 0.66
C LEU D 357 -15.11 -36.80 1.03
N GLU D 358 -14.96 -37.23 2.28
CA GLU D 358 -13.79 -37.99 2.67
C GLU D 358 -14.21 -39.21 3.47
N VAL D 359 -13.41 -40.27 3.36
CA VAL D 359 -13.73 -41.55 3.97
C VAL D 359 -12.76 -41.83 5.11
N ARG D 360 -13.29 -42.21 6.26
CA ARG D 360 -12.48 -42.55 7.41
C ARG D 360 -12.70 -43.99 7.85
N ASP D 361 -11.61 -44.70 8.12
CA ASP D 361 -11.64 -46.06 8.66
C ASP D 361 -12.15 -47.07 7.65
N LEU D 362 -11.86 -46.86 6.36
CA LEU D 362 -12.24 -47.81 5.33
C LEU D 362 -11.39 -49.08 5.47
N PRO D 363 -12.05 -50.24 5.67
CA PRO D 363 -11.31 -51.49 5.75
C PRO D 363 -10.41 -51.73 4.54
N GLU D 364 -9.25 -52.34 4.79
CA GLU D 364 -8.33 -52.78 3.73
C GLU D 364 -9.04 -53.47 2.57
N GLU D 365 -10.00 -54.33 2.90
CA GLU D 365 -10.66 -55.18 1.91
C GLU D 365 -11.69 -54.45 1.06
N LEU D 366 -12.08 -53.24 1.48
CA LEU D 366 -13.07 -52.46 0.75
C LEU D 366 -12.42 -51.41 -0.14
N SER D 367 -12.95 -51.28 -1.35
CA SER D 367 -12.67 -50.15 -2.21
C SER D 367 -13.99 -49.49 -2.58
N LEU D 368 -13.98 -48.17 -2.72
CA LEU D 368 -15.17 -47.38 -3.05
C LEU D 368 -14.99 -46.64 -4.37
N SER D 369 -16.10 -46.49 -5.10
CA SER D 369 -16.13 -45.65 -6.29
C SER D 369 -17.30 -44.66 -6.19
N PHE D 370 -17.15 -43.48 -6.77
CA PHE D 370 -18.10 -42.36 -6.59
C PHE D 370 -18.55 -41.72 -7.90
N ASN D 371 -19.86 -41.57 -8.08
CA ASN D 371 -20.44 -40.72 -9.11
C ASN D 371 -21.06 -39.53 -8.41
N ALA D 372 -20.82 -38.34 -8.94
CA ALA D 372 -21.28 -37.10 -8.32
C ALA D 372 -22.36 -36.44 -9.16
N THR D 373 -23.47 -36.07 -8.52
CA THR D 373 -24.50 -35.26 -9.17
C THR D 373 -24.49 -33.86 -8.56
N CYS D 374 -23.89 -32.91 -9.28
CA CYS D 374 -23.81 -31.51 -8.84
C CYS D 374 -24.65 -30.63 -9.76
N LEU D 375 -24.60 -29.32 -9.51
CA LEU D 375 -25.30 -28.30 -10.35
C LEU D 375 -26.80 -28.58 -10.56
N ASN D 376 -27.14 -29.37 -11.57
CA ASN D 376 -28.53 -29.68 -11.86
C ASN D 376 -28.68 -31.04 -12.53
N ASN D 377 -28.52 -32.08 -11.72
CA ASN D 377 -28.72 -33.48 -12.12
C ASN D 377 -27.76 -33.95 -13.22
N GLU D 378 -26.56 -33.36 -13.28
CA GLU D 378 -25.54 -33.77 -14.24
C GLU D 378 -24.49 -34.64 -13.56
N VAL D 379 -24.53 -35.93 -13.89
CA VAL D 379 -23.64 -36.93 -13.29
C VAL D 379 -22.21 -36.84 -13.82
N ILE D 380 -21.25 -36.85 -12.91
CA ILE D 380 -19.82 -36.88 -13.27
C ILE D 380 -19.17 -38.11 -12.65
N PRO D 381 -18.74 -39.07 -13.49
CA PRO D 381 -18.21 -40.33 -12.96
C PRO D 381 -16.81 -40.21 -12.37
N GLY D 382 -16.54 -40.99 -11.31
CA GLY D 382 -15.23 -41.04 -10.66
C GLY D 382 -14.86 -39.76 -9.94
N LEU D 383 -15.83 -39.17 -9.24
CA LEU D 383 -15.65 -37.89 -8.57
C LEU D 383 -16.43 -37.85 -7.25
N LYS D 384 -15.79 -37.34 -6.20
CA LYS D 384 -16.38 -37.33 -4.86
C LYS D 384 -16.52 -35.91 -4.29
N SER D 385 -16.47 -34.91 -5.18
CA SER D 385 -16.62 -33.52 -4.76
C SER D 385 -17.42 -32.72 -5.78
N CYS D 386 -18.05 -31.65 -5.30
CA CYS D 386 -18.78 -30.70 -6.15
C CYS D 386 -18.31 -29.28 -5.84
N MET D 387 -18.05 -28.50 -6.89
CA MET D 387 -17.61 -27.11 -6.76
C MET D 387 -18.66 -26.17 -7.34
N GLY D 388 -18.46 -24.87 -7.11
CA GLY D 388 -19.33 -23.84 -7.68
C GLY D 388 -20.74 -23.84 -7.12
N LEU D 389 -20.89 -24.30 -5.88
CA LEU D 389 -22.20 -24.38 -5.24
C LEU D 389 -22.53 -23.07 -4.57
N LYS D 390 -23.83 -22.86 -4.36
CA LYS D 390 -24.33 -21.73 -3.62
C LYS D 390 -24.90 -22.26 -2.32
N ILE D 391 -24.93 -21.44 -1.29
CA ILE D 391 -25.56 -21.82 -0.02
C ILE D 391 -27.04 -22.16 -0.28
N GLY D 392 -27.48 -23.29 0.27
CA GLY D 392 -28.85 -23.76 0.09
C GLY D 392 -28.97 -24.86 -0.93
N ASP D 393 -27.89 -25.13 -1.66
CA ASP D 393 -27.88 -26.18 -2.69
C ASP D 393 -27.70 -27.55 -2.04
N THR D 394 -28.28 -28.57 -2.66
CA THR D 394 -28.09 -29.95 -2.26
C THR D 394 -27.47 -30.74 -3.41
N VAL D 395 -26.50 -31.59 -3.08
CA VAL D 395 -25.85 -32.44 -4.06
C VAL D 395 -25.90 -33.88 -3.57
N SER D 396 -25.72 -34.81 -4.49
CA SER D 396 -25.74 -36.23 -4.16
C SER D 396 -24.59 -36.98 -4.82
N PHE D 397 -24.28 -38.14 -4.27
CA PHE D 397 -23.25 -39.01 -4.80
C PHE D 397 -23.73 -40.45 -4.76
N SER D 398 -23.63 -41.16 -5.88
CA SER D 398 -23.83 -42.61 -5.87
C SER D 398 -22.51 -43.23 -5.48
N ILE D 399 -22.55 -44.21 -4.58
CA ILE D 399 -21.35 -44.84 -4.03
C ILE D 399 -21.48 -46.36 -4.17
N GLU D 400 -20.41 -47.01 -4.63
CA GLU D 400 -20.40 -48.47 -4.73
C GLU D 400 -19.26 -49.07 -3.89
N ALA D 401 -19.62 -49.99 -2.99
CA ALA D 401 -18.66 -50.69 -2.13
C ALA D 401 -18.29 -52.05 -2.74
N LYS D 402 -17.00 -52.29 -2.92
CA LYS D 402 -16.49 -53.53 -3.53
C LYS D 402 -15.55 -54.25 -2.56
N VAL D 403 -15.99 -55.39 -2.02
CA VAL D 403 -15.17 -56.17 -1.08
C VAL D 403 -14.30 -57.19 -1.82
N ARG D 404 -13.04 -57.30 -1.41
CA ARG D 404 -12.12 -58.31 -1.94
C ARG D 404 -12.04 -59.46 -0.95
N GLY D 405 -12.59 -60.60 -1.34
CA GLY D 405 -12.55 -61.81 -0.51
C GLY D 405 -13.41 -61.68 0.73
N CYS D 406 -13.09 -62.46 1.75
CA CYS D 406 -13.79 -62.38 3.02
C CYS D 406 -12.79 -62.02 4.12
N PRO D 407 -12.99 -60.87 4.77
CA PRO D 407 -12.09 -60.50 5.86
C PRO D 407 -12.28 -61.39 7.06
N GLN D 408 -11.27 -61.42 7.92
CA GLN D 408 -11.35 -62.12 9.19
C GLN D 408 -12.51 -61.59 10.04
N GLU D 409 -12.62 -60.27 10.14
CA GLU D 409 -13.65 -59.62 10.94
C GLU D 409 -14.93 -59.46 10.13
N LYS D 410 -15.99 -60.12 10.58
CA LYS D 410 -17.25 -60.13 9.85
C LYS D 410 -18.02 -58.81 9.96
N GLU D 411 -17.72 -58.00 10.97
CA GLU D 411 -18.40 -56.73 11.16
C GLU D 411 -17.43 -55.58 11.43
N LYS D 412 -17.49 -54.59 10.56
CA LYS D 412 -16.73 -53.36 10.70
C LYS D 412 -17.67 -52.21 10.35
N SER D 413 -17.24 -50.98 10.61
CA SER D 413 -17.99 -49.81 10.14
C SER D 413 -17.05 -48.68 9.76
N PHE D 414 -17.49 -47.81 8.85
CA PHE D 414 -16.69 -46.67 8.45
C PHE D 414 -17.55 -45.42 8.24
N THR D 415 -16.88 -44.30 8.01
CA THR D 415 -17.55 -43.01 7.97
C THR D 415 -17.30 -42.34 6.63
N ILE D 416 -18.34 -41.78 6.04
CA ILE D 416 -18.22 -40.89 4.90
C ILE D 416 -18.66 -39.52 5.38
N LYS D 417 -17.74 -38.57 5.43
CA LYS D 417 -18.02 -37.22 5.95
C LYS D 417 -17.55 -36.16 4.95
N PRO D 418 -18.40 -35.15 4.66
CA PRO D 418 -17.91 -34.03 3.87
C PRO D 418 -16.89 -33.23 4.66
N VAL D 419 -15.84 -32.79 3.99
CA VAL D 419 -14.77 -32.05 4.65
C VAL D 419 -15.34 -30.79 5.30
N GLY D 420 -15.03 -30.59 6.57
CA GLY D 420 -15.52 -29.45 7.32
C GLY D 420 -16.93 -29.56 7.90
N PHE D 421 -17.67 -30.61 7.56
CA PHE D 421 -19.03 -30.77 8.07
C PHE D 421 -19.01 -31.48 9.42
N LYS D 422 -20.01 -31.19 10.26
CA LYS D 422 -20.21 -31.94 11.51
C LYS D 422 -20.82 -33.30 11.20
N ASP D 423 -21.84 -33.32 10.36
CA ASP D 423 -22.62 -34.54 10.10
C ASP D 423 -21.92 -35.48 9.12
N SER D 424 -22.29 -36.75 9.18
CA SER D 424 -21.67 -37.77 8.36
C SER D 424 -22.59 -38.97 8.15
N LEU D 425 -22.17 -39.88 7.27
CA LEU D 425 -22.82 -41.15 7.07
C LEU D 425 -21.96 -42.25 7.69
N ILE D 426 -22.52 -42.97 8.67
CA ILE D 426 -21.84 -44.10 9.26
C ILE D 426 -22.32 -45.34 8.53
N VAL D 427 -21.42 -46.03 7.84
CA VAL D 427 -21.75 -47.25 7.12
C VAL D 427 -21.32 -48.46 7.94
N GLN D 428 -22.30 -49.26 8.38
CA GLN D 428 -22.02 -50.49 9.14
C GLN D 428 -21.99 -51.66 8.16
N VAL D 429 -20.81 -52.25 7.95
CA VAL D 429 -20.67 -53.36 7.02
C VAL D 429 -20.67 -54.71 7.73
N THR D 430 -21.45 -55.64 7.18
CA THR D 430 -21.46 -57.02 7.63
C THR D 430 -21.02 -57.90 6.48
N PHE D 431 -19.94 -58.63 6.66
CA PHE D 431 -19.47 -59.54 5.64
C PHE D 431 -20.17 -60.87 5.79
N ASP D 432 -20.85 -61.28 4.72
CA ASP D 432 -21.74 -62.42 4.73
C ASP D 432 -21.09 -63.61 3.99
N CYS D 433 -20.08 -64.21 4.63
CA CYS D 433 -19.30 -65.27 4.00
C CYS D 433 -19.66 -66.65 4.49
N ASP D 434 -20.44 -66.72 5.58
CA ASP D 434 -20.79 -67.99 6.19
C ASP D 434 -22.23 -68.37 5.84
N CYS D 435 -22.53 -69.65 5.95
CA CYS D 435 -23.87 -70.15 5.70
C CYS D 435 -24.61 -70.32 7.02
N ALA D 436 -25.91 -70.09 7.00
CA ALA D 436 -26.73 -70.20 8.20
C ALA D 436 -26.70 -71.60 8.79
N CYS D 437 -26.56 -72.62 7.94
CA CYS D 437 -26.52 -74.02 8.38
C CYS D 437 -25.22 -74.42 9.10
N GLN D 438 -24.23 -73.54 9.12
CA GLN D 438 -23.01 -73.78 9.91
C GLN D 438 -23.30 -73.74 11.41
N ALA D 439 -24.32 -72.99 11.79
CA ALA D 439 -24.78 -72.90 13.19
C ALA D 439 -25.41 -74.20 13.67
N GLN D 440 -25.96 -74.98 12.74
CA GLN D 440 -26.51 -76.30 13.04
C GLN D 440 -25.49 -77.42 12.77
N ALA D 441 -24.25 -77.04 12.43
CA ALA D 441 -23.19 -78.02 12.19
C ALA D 441 -23.08 -78.95 13.38
N GLU D 442 -22.76 -80.21 13.11
CA GLU D 442 -22.76 -81.24 14.13
C GLU D 442 -21.37 -81.82 14.22
N PRO D 443 -20.62 -81.42 15.26
CA PRO D 443 -19.25 -81.93 15.40
C PRO D 443 -19.25 -83.37 15.89
N ASN D 444 -18.15 -84.08 15.65
CA ASN D 444 -17.97 -85.48 16.06
C ASN D 444 -19.12 -86.38 15.60
N SER D 445 -19.59 -86.16 14.36
CA SER D 445 -20.82 -86.80 13.86
C SER D 445 -20.65 -88.27 13.48
N HIS D 446 -21.63 -89.09 13.84
CA HIS D 446 -21.65 -90.50 13.44
C HIS D 446 -21.72 -90.66 11.91
N ARG D 447 -22.28 -89.65 11.23
CA ARG D 447 -22.41 -89.65 9.77
C ARG D 447 -21.08 -89.42 9.05
N CYS D 448 -20.03 -89.02 9.78
CA CYS D 448 -18.75 -88.72 9.16
C CYS D 448 -17.61 -89.55 9.72
N ASN D 449 -17.39 -90.71 9.08
CA ASN D 449 -16.23 -91.55 9.35
C ASN D 449 -16.23 -92.10 10.78
N ASN D 450 -17.39 -92.57 11.22
CA ASN D 450 -17.55 -93.20 12.55
C ASN D 450 -17.38 -92.23 13.74
N GLY D 451 -17.39 -90.92 13.48
CA GLY D 451 -17.25 -89.90 14.54
C GLY D 451 -16.09 -88.91 14.40
N ASN D 452 -15.31 -88.99 13.33
CA ASN D 452 -14.09 -88.15 13.19
C ASN D 452 -14.35 -86.73 12.70
N GLY D 453 -15.18 -86.59 11.67
CA GLY D 453 -15.42 -85.30 11.04
C GLY D 453 -16.66 -84.58 11.53
N THR D 454 -16.96 -83.44 10.91
CA THR D 454 -18.11 -82.61 11.26
C THR D 454 -19.13 -82.66 10.12
N PHE D 455 -20.40 -82.83 10.47
CA PHE D 455 -21.47 -82.79 9.51
C PHE D 455 -22.08 -81.40 9.48
N GLU D 456 -21.76 -80.64 8.43
CA GLU D 456 -22.28 -79.27 8.29
C GLU D 456 -22.83 -79.07 6.89
N CYS D 457 -24.08 -78.64 6.82
CA CYS D 457 -24.71 -78.26 5.56
C CYS D 457 -24.75 -79.41 4.54
N GLY D 458 -25.06 -80.61 5.03
CA GLY D 458 -25.25 -81.79 4.17
C GLY D 458 -24.00 -82.57 3.79
N VAL D 459 -22.83 -82.10 4.22
CA VAL D 459 -21.56 -82.70 3.82
C VAL D 459 -20.65 -82.94 5.03
N CYS D 460 -19.64 -83.79 4.85
CA CYS D 460 -18.69 -84.11 5.89
C CYS D 460 -17.41 -83.30 5.73
N ARG D 461 -17.00 -82.63 6.81
CA ARG D 461 -15.76 -81.84 6.85
C ARG D 461 -14.75 -82.48 7.80
N CYS D 462 -13.47 -82.36 7.47
CA CYS D 462 -12.42 -82.77 8.39
C CYS D 462 -12.52 -81.88 9.63
N GLY D 463 -12.48 -82.49 10.80
CA GLY D 463 -12.61 -81.78 12.07
C GLY D 463 -11.33 -81.06 12.44
N PRO D 464 -11.35 -80.32 13.57
CA PRO D 464 -10.18 -79.53 13.96
C PRO D 464 -9.02 -80.43 14.30
N GLY D 465 -7.82 -80.08 13.83
CA GLY D 465 -6.62 -80.84 14.18
C GLY D 465 -6.22 -81.93 13.21
N TRP D 466 -6.97 -82.08 12.12
CA TRP D 466 -6.65 -83.06 11.08
C TRP D 466 -5.94 -82.36 9.90
N LEU D 467 -5.00 -83.08 9.29
CA LEU D 467 -4.20 -82.57 8.17
C LEU D 467 -3.54 -81.22 8.49
N GLU E 1 52.92 -4.57 -0.68
CA GLU E 1 53.53 -3.61 0.29
C GLU E 1 52.72 -2.32 0.32
N VAL E 2 52.22 -1.96 1.52
CA VAL E 2 51.51 -0.71 1.71
C VAL E 2 52.48 0.46 1.63
N GLN E 3 52.20 1.41 0.74
CA GLN E 3 53.05 2.58 0.53
C GLN E 3 52.26 3.74 -0.05
N LEU E 4 52.47 4.94 0.51
CA LEU E 4 51.74 6.14 0.07
C LEU E 4 52.64 7.10 -0.70
N GLN E 5 52.36 7.24 -2.00
CA GLN E 5 53.13 8.13 -2.86
C GLN E 5 52.39 9.45 -2.99
N GLN E 6 52.95 10.52 -2.46
CA GLN E 6 52.33 11.84 -2.54
C GLN E 6 52.87 12.62 -3.74
N SER E 7 52.31 13.80 -3.97
CA SER E 7 52.76 14.65 -5.08
C SER E 7 54.07 15.36 -4.74
N GLY E 8 54.67 15.97 -5.77
CA GLY E 8 55.93 16.69 -5.62
C GLY E 8 55.78 17.98 -4.85
N ALA E 9 56.91 18.59 -4.50
CA ALA E 9 56.94 19.85 -3.78
C ALA E 9 56.30 20.97 -4.61
N GLU E 10 55.43 21.77 -3.96
CA GLU E 10 54.68 22.84 -4.63
C GLU E 10 55.08 24.22 -4.13
N LEU E 11 55.06 25.20 -5.03
CA LEU E 11 55.38 26.59 -4.72
C LEU E 11 54.37 27.51 -5.41
N VAL E 12 53.50 28.13 -4.62
CA VAL E 12 52.34 28.86 -5.16
C VAL E 12 52.13 30.23 -4.51
N LYS E 13 51.33 31.07 -5.16
CA LYS E 13 51.08 32.45 -4.74
C LYS E 13 50.20 32.50 -3.48
N PRO E 14 50.22 33.63 -2.75
CA PRO E 14 49.34 33.77 -1.59
C PRO E 14 47.97 34.32 -1.99
N GLY E 15 46.97 33.43 -2.07
CA GLY E 15 45.61 33.82 -2.46
C GLY E 15 44.89 32.76 -3.27
N ALA E 16 45.63 32.05 -4.13
CA ALA E 16 45.06 30.98 -4.96
C ALA E 16 44.78 29.71 -4.15
N SER E 17 44.66 28.57 -4.83
CA SER E 17 44.48 27.28 -4.16
C SER E 17 45.40 26.20 -4.75
N VAL E 18 45.67 25.17 -3.95
CA VAL E 18 46.52 24.06 -4.38
C VAL E 18 45.92 22.74 -3.91
N LYS E 19 45.93 21.74 -4.79
CA LYS E 19 45.35 20.43 -4.52
C LYS E 19 46.46 19.39 -4.48
N LEU E 20 46.81 18.96 -3.27
CA LEU E 20 47.83 17.92 -3.07
C LEU E 20 47.17 16.55 -3.14
N SER E 21 47.94 15.53 -3.52
CA SER E 21 47.40 14.18 -3.69
C SER E 21 48.21 13.12 -2.94
N CYS E 22 47.53 12.04 -2.59
CA CYS E 22 48.13 10.89 -1.91
C CYS E 22 47.64 9.62 -2.59
N THR E 23 48.49 8.98 -3.37
CA THR E 23 48.10 7.83 -4.19
C THR E 23 48.56 6.51 -3.54
N ALA E 24 47.60 5.59 -3.35
CA ALA E 24 47.87 4.32 -2.71
C ALA E 24 48.54 3.35 -3.66
N SER E 25 49.67 2.77 -3.23
CA SER E 25 50.39 1.76 -4.00
C SER E 25 50.43 0.45 -3.22
N GLY E 26 49.98 -0.64 -3.86
CA GLY E 26 49.98 -1.96 -3.25
C GLY E 26 48.75 -2.27 -2.40
N PHE E 27 47.76 -1.39 -2.43
CA PHE E 27 46.50 -1.59 -1.72
C PHE E 27 45.45 -0.60 -2.25
N ASN E 28 44.17 -0.92 -2.06
CA ASN E 28 43.09 -0.03 -2.50
C ASN E 28 42.81 1.06 -1.46
N ILE E 29 42.59 2.28 -1.94
CA ILE E 29 42.43 3.46 -1.09
C ILE E 29 41.17 3.38 -0.21
N LYS E 30 40.19 2.60 -0.67
CA LYS E 30 38.92 2.38 0.03
C LYS E 30 39.08 1.68 1.39
N ASP E 31 40.18 0.94 1.56
CA ASP E 31 40.36 0.02 2.69
C ASP E 31 40.28 0.65 4.10
N THR E 32 40.85 1.85 4.25
CA THR E 32 40.97 2.48 5.57
C THR E 32 40.69 3.99 5.52
N TYR E 33 40.65 4.61 6.71
CA TYR E 33 40.63 6.06 6.82
C TYR E 33 41.93 6.65 6.30
N VAL E 34 41.84 7.78 5.59
CA VAL E 34 43.01 8.53 5.19
C VAL E 34 43.00 9.88 5.90
N HIS E 35 44.06 10.17 6.66
CA HIS E 35 44.18 11.44 7.37
C HIS E 35 45.17 12.34 6.66
N TRP E 36 45.02 13.64 6.85
CA TRP E 36 46.02 14.61 6.42
C TRP E 36 46.62 15.30 7.65
N VAL E 37 47.93 15.45 7.65
CA VAL E 37 48.67 15.99 8.80
C VAL E 37 49.64 17.08 8.35
N LYS E 38 49.81 18.11 9.18
CA LYS E 38 50.63 19.29 8.86
C LYS E 38 51.83 19.41 9.80
N GLN E 39 53.01 19.63 9.23
CA GLN E 39 54.22 19.80 10.03
C GLN E 39 54.93 21.11 9.75
N ARG E 40 55.11 21.90 10.81
CA ARG E 40 55.95 23.10 10.77
C ARG E 40 57.06 22.94 11.82
N PRO E 41 58.26 23.49 11.55
CA PRO E 41 59.40 23.41 12.46
C PRO E 41 59.17 23.86 13.91
N GLU E 42 58.52 25.01 14.10
CA GLU E 42 58.31 25.54 15.44
C GLU E 42 57.02 25.05 16.07
N GLN E 43 55.92 25.14 15.32
CA GLN E 43 54.58 24.79 15.83
C GLN E 43 54.38 23.28 15.94
N GLY E 44 55.07 22.52 15.09
CA GLY E 44 55.04 21.07 15.18
C GLY E 44 53.93 20.44 14.37
N LEU E 45 53.49 19.26 14.80
CA LEU E 45 52.52 18.45 14.08
C LEU E 45 51.07 18.84 14.38
N GLU E 46 50.26 18.93 13.33
CA GLU E 46 48.85 19.27 13.45
C GLU E 46 48.02 18.38 12.53
N TRP E 47 47.13 17.59 13.14
CA TRP E 47 46.11 16.83 12.42
C TRP E 47 45.14 17.79 11.74
N ILE E 48 44.95 17.63 10.43
CA ILE E 48 44.05 18.49 9.66
C ILE E 48 42.64 17.90 9.62
N GLY E 49 42.57 16.62 9.29
CA GLY E 49 41.27 15.94 9.15
C GLY E 49 41.43 14.54 8.60
N ARG E 50 40.32 13.86 8.35
CA ARG E 50 40.34 12.51 7.76
C ARG E 50 39.18 12.32 6.78
N ILE E 51 39.30 11.27 5.97
CA ILE E 51 38.24 10.90 5.03
C ILE E 51 38.12 9.39 4.98
N ASP E 52 36.91 8.92 4.65
CA ASP E 52 36.67 7.51 4.35
C ASP E 52 36.31 7.42 2.87
N PRO E 53 37.28 7.05 2.02
CA PRO E 53 37.07 7.05 0.56
C PRO E 53 35.97 6.14 0.05
N ALA E 54 35.54 5.17 0.86
CA ALA E 54 34.45 4.28 0.50
C ALA E 54 33.15 5.05 0.28
N ASN E 55 32.91 6.06 1.10
CA ASN E 55 31.68 6.86 1.04
C ASN E 55 31.91 8.37 0.93
N GLY E 56 33.10 8.83 1.33
CA GLY E 56 33.46 10.24 1.20
C GLY E 56 33.06 11.12 2.37
N TYR E 57 32.64 10.52 3.48
CA TYR E 57 32.34 11.29 4.69
C TYR E 57 33.64 11.74 5.35
N THR E 58 33.63 12.96 5.90
CA THR E 58 34.86 13.62 6.34
C THR E 58 34.78 14.06 7.80
N LYS E 59 35.94 14.29 8.39
CA LYS E 59 36.06 14.92 9.72
C LYS E 59 37.23 15.91 9.73
N TYR E 60 37.04 17.09 10.33
CA TYR E 60 38.08 18.12 10.39
C TYR E 60 38.27 18.67 11.80
N ASP E 61 39.51 19.08 12.10
CA ASP E 61 39.79 19.98 13.23
C ASP E 61 39.17 21.34 12.88
N PRO E 62 38.37 21.92 13.79
CA PRO E 62 37.69 23.21 13.51
C PRO E 62 38.61 24.37 13.14
N LYS E 63 39.91 24.24 13.44
CA LYS E 63 40.88 25.27 13.07
C LYS E 63 41.05 25.38 11.56
N PHE E 64 40.90 24.26 10.85
CA PHE E 64 41.12 24.21 9.40
C PHE E 64 39.83 24.31 8.58
N GLN E 65 38.69 24.56 9.21
CA GLN E 65 37.42 24.55 8.50
C GLN E 65 37.26 25.82 7.67
N GLY E 66 37.07 25.63 6.36
CA GLY E 66 37.04 26.75 5.41
C GLY E 66 38.37 26.89 4.68
N LYS E 67 39.40 26.20 5.17
CA LYS E 67 40.70 26.17 4.52
C LYS E 67 40.87 24.85 3.79
N ALA E 68 40.87 23.75 4.54
CA ALA E 68 41.15 22.44 3.99
C ALA E 68 39.85 21.75 3.56
N THR E 69 39.91 21.09 2.40
CA THR E 69 38.85 20.21 1.94
C THR E 69 39.46 18.89 1.49
N ILE E 70 39.16 17.81 2.21
CA ILE E 70 39.64 16.48 1.87
C ILE E 70 38.58 15.76 1.03
N THR E 71 38.99 15.21 -0.11
CA THR E 71 38.07 14.53 -1.03
C THR E 71 38.68 13.22 -1.51
N ALA E 72 37.84 12.38 -2.11
CA ALA E 72 38.24 11.02 -2.50
C ALA E 72 37.91 10.73 -3.96
N ASP E 73 38.56 9.70 -4.49
CA ASP E 73 38.23 9.17 -5.81
C ASP E 73 38.75 7.73 -5.88
N THR E 74 37.85 6.77 -5.73
CA THR E 74 38.20 5.36 -5.74
C THR E 74 38.59 4.86 -7.13
N SER E 75 38.16 5.58 -8.17
CA SER E 75 38.55 5.26 -9.54
C SER E 75 40.05 5.47 -9.76
N SER E 76 40.58 6.57 -9.23
CA SER E 76 42.00 6.89 -9.37
C SER E 76 42.84 6.46 -8.17
N ASN E 77 42.18 5.88 -7.16
CA ASN E 77 42.86 5.35 -5.98
C ASN E 77 43.73 6.40 -5.28
N THR E 78 43.16 7.59 -5.09
CA THR E 78 43.90 8.73 -4.58
C THR E 78 43.05 9.62 -3.68
N ALA E 79 43.64 10.03 -2.56
CA ALA E 79 43.01 10.99 -1.64
C ALA E 79 43.63 12.37 -1.84
N TYR E 80 42.79 13.40 -1.80
CA TYR E 80 43.24 14.76 -2.10
C TYR E 80 43.08 15.69 -0.90
N LEU E 81 43.81 16.80 -0.92
CA LEU E 81 43.68 17.86 0.09
C LEU E 81 43.78 19.22 -0.59
N GLN E 82 42.62 19.86 -0.79
CA GLN E 82 42.59 21.19 -1.39
C GLN E 82 42.69 22.24 -0.28
N LEU E 83 43.66 23.14 -0.42
CA LEU E 83 43.82 24.27 0.50
C LEU E 83 43.49 25.55 -0.25
N SER E 84 42.74 26.43 0.41
CA SER E 84 42.26 27.67 -0.21
C SER E 84 42.59 28.91 0.63
N SER E 85 42.63 30.07 -0.03
CA SER E 85 42.94 31.35 0.62
C SER E 85 44.22 31.24 1.46
N LEU E 86 45.37 31.19 0.78
CA LEU E 86 46.62 30.81 1.41
C LEU E 86 47.35 31.96 2.11
N THR E 87 48.03 31.61 3.20
CA THR E 87 48.87 32.53 3.95
C THR E 87 50.26 31.91 4.12
N SER E 88 51.20 32.69 4.66
CA SER E 88 52.56 32.19 4.95
C SER E 88 52.54 31.15 6.07
N GLU E 89 51.57 31.27 6.98
CA GLU E 89 51.39 30.29 8.06
C GLU E 89 50.99 28.91 7.52
N ASP E 90 50.51 28.86 6.27
CA ASP E 90 50.22 27.59 5.60
C ASP E 90 51.44 26.96 4.93
N THR E 91 52.60 27.63 5.01
CA THR E 91 53.87 27.05 4.52
C THR E 91 54.31 25.91 5.45
N ALA E 92 54.19 24.68 4.97
CA ALA E 92 54.55 23.51 5.78
C ALA E 92 54.74 22.26 4.91
N VAL E 93 55.11 21.16 5.57
CA VAL E 93 55.18 19.85 4.94
C VAL E 93 53.93 19.09 5.32
N TYR E 94 53.19 18.59 4.32
CA TYR E 94 51.90 17.93 4.55
C TYR E 94 51.98 16.42 4.28
N TYR E 95 51.43 15.63 5.20
CA TYR E 95 51.49 14.16 5.12
C TYR E 95 50.09 13.54 5.05
N CYS E 96 49.96 12.44 4.32
CA CYS E 96 48.76 11.61 4.40
C CYS E 96 49.09 10.38 5.24
N VAL E 97 48.11 9.92 6.02
CA VAL E 97 48.33 8.83 6.96
C VAL E 97 47.19 7.81 6.90
N ARG E 98 47.49 6.57 7.26
CA ARG E 98 46.48 5.52 7.43
C ARG E 98 46.94 4.49 8.46
N PRO E 99 45.98 3.78 9.09
CA PRO E 99 46.34 2.76 10.06
C PRO E 99 46.88 1.49 9.43
N LEU E 100 47.60 0.69 10.21
CA LEU E 100 47.97 -0.65 9.81
C LEU E 100 46.75 -1.53 10.05
N TYR E 101 46.45 -1.80 11.32
CA TYR E 101 45.35 -2.70 11.72
C TYR E 101 44.23 -1.94 12.42
N ASP E 102 44.59 -1.30 13.53
CA ASP E 102 43.65 -0.51 14.34
C ASP E 102 42.96 0.56 13.47
N TYR E 103 41.64 0.48 13.39
CA TYR E 103 40.85 1.44 12.58
C TYR E 103 41.25 2.88 12.81
N TYR E 104 41.56 3.20 14.06
CA TYR E 104 41.76 4.59 14.48
C TYR E 104 43.23 5.04 14.53
N ALA E 105 44.17 4.13 14.25
CA ALA E 105 45.60 4.42 14.44
C ALA E 105 46.25 5.20 13.29
N MET E 106 47.50 5.60 13.49
CA MET E 106 48.22 6.49 12.59
C MET E 106 49.62 5.94 12.31
N ASP E 107 49.66 4.86 11.52
CA ASP E 107 50.85 4.00 11.42
C ASP E 107 51.65 4.14 10.13
N TYR E 108 50.96 4.39 9.01
CA TYR E 108 51.61 4.48 7.69
C TYR E 108 51.54 5.91 7.17
N TRP E 109 52.69 6.45 6.77
CA TRP E 109 52.80 7.85 6.37
C TRP E 109 53.43 8.00 4.99
N GLY E 110 52.91 8.93 4.19
CA GLY E 110 53.50 9.26 2.90
C GLY E 110 54.81 9.99 3.11
N GLN E 111 55.54 10.26 2.04
CA GLN E 111 56.87 10.87 2.15
C GLN E 111 56.79 12.37 2.43
N GLY E 112 55.61 12.96 2.24
CA GLY E 112 55.37 14.36 2.55
C GLY E 112 55.49 15.24 1.34
N THR E 113 54.61 16.24 1.23
CA THR E 113 54.61 17.19 0.13
C THR E 113 54.85 18.61 0.66
N SER E 114 56.01 19.17 0.32
CA SER E 114 56.37 20.50 0.78
C SER E 114 55.56 21.57 0.05
N VAL E 115 54.85 22.40 0.81
CA VAL E 115 54.13 23.54 0.27
C VAL E 115 54.78 24.82 0.81
N THR E 116 55.04 25.76 -0.09
CA THR E 116 55.68 27.03 0.25
C THR E 116 54.89 28.19 -0.37
N VAL E 117 54.29 29.02 0.48
CA VAL E 117 53.53 30.19 0.04
C VAL E 117 54.40 31.44 0.11
N SER E 118 54.50 32.18 -0.99
CA SER E 118 55.31 33.39 -1.06
C SER E 118 54.93 34.29 -2.22
N SER E 119 55.13 35.60 -2.05
CA SER E 119 54.93 36.59 -3.12
C SER E 119 56.22 36.85 -3.93
N ALA E 120 57.25 36.05 -3.69
CA ALA E 120 58.56 36.27 -4.28
C ALA E 120 58.57 35.99 -5.79
N LYS E 121 59.52 36.62 -6.47
CA LYS E 121 59.74 36.41 -7.91
C LYS E 121 60.92 35.44 -8.07
N THR E 122 60.99 34.78 -9.23
CA THR E 122 62.11 33.87 -9.52
C THR E 122 63.42 34.66 -9.63
N THR E 123 64.07 34.88 -8.50
CA THR E 123 65.26 35.74 -8.41
C THR E 123 66.56 34.93 -8.30
N ALA E 124 67.61 35.43 -8.93
CA ALA E 124 68.94 34.78 -8.90
C ALA E 124 69.78 35.35 -7.75
N PRO E 125 70.53 34.48 -7.05
CA PRO E 125 71.28 34.88 -5.85
C PRO E 125 72.44 35.85 -6.09
N SER E 126 72.96 36.41 -5.02
CA SER E 126 74.12 37.31 -5.06
C SER E 126 75.22 36.80 -4.12
N VAL E 127 76.27 36.23 -4.70
CA VAL E 127 77.35 35.62 -3.92
C VAL E 127 78.43 36.64 -3.55
N TYR E 128 78.79 36.67 -2.26
CA TYR E 128 79.81 37.58 -1.74
C TYR E 128 80.86 36.82 -0.92
N PRO E 129 82.15 36.91 -1.31
CA PRO E 129 83.22 36.27 -0.55
C PRO E 129 83.65 37.11 0.65
N LEU E 130 83.85 36.47 1.81
CA LEU E 130 84.24 37.17 3.03
C LEU E 130 85.51 36.57 3.66
N ALA E 131 86.49 37.43 3.93
CA ALA E 131 87.76 37.05 4.55
C ALA E 131 88.10 38.01 5.70
N PRO E 132 89.06 37.63 6.57
CA PRO E 132 89.42 38.50 7.70
C PRO E 132 90.22 39.74 7.30
N VAL E 133 90.17 40.77 8.14
CA VAL E 133 90.85 42.04 7.86
C VAL E 133 92.37 41.86 7.89
N CYS E 134 92.94 41.56 6.73
CA CYS E 134 94.38 41.30 6.58
C CYS E 134 94.87 40.17 7.48
N THR E 137 102.01 33.62 9.01
CA THR E 137 101.79 34.77 9.88
C THR E 137 100.34 35.24 9.80
N THR E 138 99.42 34.42 10.32
CA THR E 138 97.99 34.77 10.39
C THR E 138 97.24 33.94 11.44
N GLY E 139 97.88 33.71 12.58
CA GLY E 139 97.34 32.87 13.64
C GLY E 139 97.83 31.43 13.52
N SER E 140 96.96 30.54 13.07
CA SER E 140 97.29 29.12 12.90
C SER E 140 96.43 28.45 11.83
N SER E 141 95.10 28.49 12.03
CA SER E 141 94.15 27.94 11.06
C SER E 141 92.99 28.91 10.81
N VAL E 142 93.11 29.68 9.73
CA VAL E 142 92.16 30.75 9.41
C VAL E 142 90.84 30.21 8.82
N THR E 143 89.76 30.97 8.99
CA THR E 143 88.44 30.62 8.46
C THR E 143 88.00 31.66 7.42
N LEU E 144 87.26 31.20 6.41
CA LEU E 144 86.81 32.06 5.30
C LEU E 144 85.32 31.84 5.02
N GLY E 145 84.62 32.92 4.62
CA GLY E 145 83.17 32.88 4.42
C GLY E 145 82.71 33.13 2.99
N CYS E 146 81.47 32.72 2.71
CA CYS E 146 80.84 32.90 1.39
C CYS E 146 79.32 33.07 1.54
N LEU E 147 78.89 34.33 1.62
CA LEU E 147 77.47 34.67 1.83
C LEU E 147 76.72 34.74 0.50
N VAL E 148 75.49 34.21 0.49
CA VAL E 148 74.64 34.22 -0.70
C VAL E 148 73.25 34.73 -0.35
N LYS E 149 72.87 35.89 -0.89
CA LYS E 149 71.63 36.57 -0.53
C LYS E 149 70.66 36.75 -1.69
N GLY E 150 69.38 36.88 -1.36
CA GLY E 150 68.34 37.29 -2.31
C GLY E 150 68.08 36.33 -3.45
N TYR E 151 67.38 35.24 -3.18
CA TYR E 151 67.01 34.28 -4.22
C TYR E 151 65.71 33.54 -3.90
N PHE E 152 65.08 33.01 -4.95
CA PHE E 152 63.82 32.29 -4.86
C PHE E 152 63.53 31.67 -6.23
N PRO E 153 62.94 30.46 -6.27
CA PRO E 153 62.64 29.54 -5.17
C PRO E 153 63.84 28.68 -4.78
N GLU E 154 63.65 27.80 -3.79
CA GLU E 154 64.66 26.83 -3.39
C GLU E 154 64.68 25.65 -4.38
N PRO E 155 65.76 24.85 -4.36
CA PRO E 155 66.97 24.91 -3.53
C PRO E 155 68.19 25.47 -4.28
N VAL E 156 69.33 25.41 -3.62
CA VAL E 156 70.63 25.73 -4.26
C VAL E 156 71.63 24.60 -3.98
N THR E 157 72.78 24.68 -4.62
CA THR E 157 73.84 23.69 -4.48
C THR E 157 75.21 24.38 -4.45
N LEU E 158 75.88 24.33 -3.30
CA LEU E 158 77.11 25.09 -3.06
C LEU E 158 78.24 24.23 -2.49
N THR E 159 79.41 24.29 -3.13
CA THR E 159 80.65 23.70 -2.62
C THR E 159 81.83 24.59 -2.96
N TRP E 160 82.96 24.36 -2.28
CA TRP E 160 84.18 25.12 -2.53
C TRP E 160 85.05 24.37 -3.53
N ASN E 161 85.46 25.07 -4.61
CA ASN E 161 86.22 24.48 -5.72
C ASN E 161 85.52 23.25 -6.31
N SER E 162 84.20 23.34 -6.47
CA SER E 162 83.35 22.24 -6.94
C SER E 162 83.50 20.98 -6.08
N GLY E 163 83.60 21.16 -4.77
CA GLY E 163 83.72 20.05 -3.82
C GLY E 163 85.12 19.48 -3.65
N SER E 164 86.14 20.24 -4.04
CA SER E 164 87.53 19.82 -3.83
C SER E 164 87.93 19.96 -2.38
N LEU E 165 87.52 21.08 -1.77
CA LEU E 165 87.77 21.34 -0.35
C LEU E 165 86.47 21.14 0.43
N SER E 166 85.91 19.93 0.32
CA SER E 166 84.63 19.59 0.95
C SER E 166 84.81 19.01 2.34
N SER E 167 85.77 18.10 2.49
CA SER E 167 86.03 17.42 3.76
C SER E 167 86.34 18.41 4.88
N GLY E 168 85.31 18.78 5.64
CA GLY E 168 85.44 19.70 6.78
C GLY E 168 84.83 21.08 6.52
N VAL E 169 83.62 21.09 5.95
CA VAL E 169 82.91 22.33 5.64
C VAL E 169 81.53 22.32 6.28
N HIS E 170 81.15 23.47 6.84
CA HIS E 170 79.86 23.63 7.52
C HIS E 170 78.97 24.59 6.72
N THR E 171 78.11 24.03 5.86
CA THR E 171 77.14 24.82 5.10
C THR E 171 75.81 24.86 5.86
N PHE E 172 75.25 26.06 5.99
CA PHE E 172 74.09 26.30 6.86
C PHE E 172 72.76 26.28 6.11
N PRO E 173 71.66 25.94 6.81
CA PRO E 173 70.31 26.04 6.24
C PRO E 173 69.89 27.46 5.91
N ALA E 174 69.27 27.64 4.74
CA ALA E 174 68.90 28.96 4.23
C ALA E 174 67.62 29.46 4.90
N VAL E 175 67.74 30.53 5.68
CA VAL E 175 66.59 31.12 6.39
C VAL E 175 66.00 32.28 5.59
N LEU E 176 64.69 32.46 5.70
CA LEU E 176 63.95 33.47 4.93
C LEU E 176 63.95 34.85 5.60
N GLN E 177 63.88 35.90 4.79
CA GLN E 177 63.81 37.28 5.27
C GLN E 177 63.23 38.20 4.20
N SER E 178 62.02 38.70 4.44
CA SER E 178 61.31 39.58 3.50
C SER E 178 61.14 38.93 2.13
N ASP E 179 60.57 37.73 2.13
CA ASP E 179 60.27 36.96 0.90
C ASP E 179 61.53 36.49 0.13
N LEU E 180 62.68 36.47 0.79
CA LEU E 180 63.95 36.11 0.13
C LEU E 180 64.86 35.32 1.08
N TYR E 181 65.65 34.41 0.50
CA TYR E 181 66.48 33.47 1.28
C TYR E 181 67.94 33.90 1.37
N THR E 182 68.54 33.70 2.55
CA THR E 182 69.97 33.98 2.78
C THR E 182 70.67 32.72 3.26
N LEU E 183 71.64 32.25 2.46
CA LEU E 183 72.41 31.05 2.77
C LEU E 183 73.88 31.43 2.99
N SER E 184 74.62 30.57 3.68
CA SER E 184 76.04 30.79 3.91
C SER E 184 76.82 29.48 4.00
N SER E 185 78.15 29.59 3.98
CA SER E 185 79.05 28.44 4.11
C SER E 185 80.38 28.90 4.69
N SER E 186 81.09 27.98 5.36
CA SER E 186 82.39 28.30 5.96
C SER E 186 83.34 27.11 5.93
N VAL E 187 84.62 27.40 5.70
CA VAL E 187 85.67 26.37 5.64
C VAL E 187 86.91 26.88 6.39
N THR E 188 87.54 25.98 7.14
CA THR E 188 88.72 26.30 7.94
C THR E 188 89.93 25.53 7.44
N VAL E 189 90.87 26.26 6.82
CA VAL E 189 92.13 25.70 6.33
C VAL E 189 93.30 26.25 7.14
N THR E 190 94.41 25.51 7.13
CA THR E 190 95.62 25.91 7.88
C THR E 190 96.31 27.12 7.23
N SER E 191 97.19 27.77 7.98
CA SER E 191 97.86 29.00 7.53
C SER E 191 98.83 28.79 6.36
N SER E 192 99.32 27.56 6.18
CA SER E 192 100.17 27.22 5.04
C SER E 192 99.36 27.16 3.73
N THR E 193 98.06 26.93 3.83
CA THR E 193 97.16 26.89 2.68
C THR E 193 96.80 28.29 2.19
N TRP E 194 96.36 29.15 3.11
CA TRP E 194 95.85 30.49 2.77
C TRP E 194 96.53 31.57 3.62
N PRO E 195 96.95 32.70 2.99
CA PRO E 195 96.88 33.00 1.56
C PRO E 195 98.10 32.52 0.78
N SER E 196 97.91 31.51 -0.08
CA SER E 196 98.98 31.00 -0.95
C SER E 196 98.45 30.24 -2.18
N GLN E 197 97.49 29.34 -1.96
CA GLN E 197 96.87 28.57 -3.04
C GLN E 197 95.62 29.26 -3.59
N SER E 198 95.08 28.72 -4.69
CA SER E 198 93.94 29.30 -5.39
C SER E 198 92.62 28.65 -4.94
N ILE E 199 91.68 29.46 -4.44
CA ILE E 199 90.42 28.96 -3.87
C ILE E 199 89.20 29.69 -4.47
N THR E 200 88.06 29.00 -4.53
CA THR E 200 86.81 29.58 -5.07
C THR E 200 85.57 28.95 -4.41
N CYS E 201 84.51 29.76 -4.29
CA CYS E 201 83.23 29.31 -3.71
C CYS E 201 82.19 29.07 -4.82
N ASN E 202 82.12 27.84 -5.30
CA ASN E 202 81.24 27.49 -6.43
C ASN E 202 79.77 27.46 -6.02
N VAL E 203 78.90 28.03 -6.85
CA VAL E 203 77.46 28.18 -6.54
C VAL E 203 76.60 27.92 -7.78
N ALA E 204 75.37 27.47 -7.56
CA ALA E 204 74.41 27.24 -8.65
C ALA E 204 72.97 27.41 -8.18
N HIS E 205 72.06 27.59 -9.14
CA HIS E 205 70.63 27.81 -8.84
C HIS E 205 69.75 27.26 -9.97
N PRO E 206 69.19 26.04 -9.79
CA PRO E 206 68.33 25.37 -10.78
C PRO E 206 67.15 26.20 -11.30
N ALA E 207 66.67 27.15 -10.51
CA ALA E 207 65.55 28.00 -10.93
C ALA E 207 65.94 28.94 -12.07
N SER E 208 67.00 29.72 -11.87
CA SER E 208 67.44 30.72 -12.85
C SER E 208 68.52 30.20 -13.82
N SER E 209 68.96 28.96 -13.63
CA SER E 209 70.02 28.36 -14.45
C SER E 209 71.28 29.23 -14.47
N THR E 210 71.72 29.66 -13.29
CA THR E 210 72.87 30.55 -13.15
C THR E 210 74.01 29.90 -12.37
N LYS E 211 75.24 30.30 -12.68
CA LYS E 211 76.44 29.80 -12.00
C LYS E 211 77.50 30.90 -11.85
N VAL E 212 77.24 31.82 -10.92
CA VAL E 212 78.17 32.93 -10.64
C VAL E 212 78.93 32.65 -9.33
N ASP E 213 80.25 32.67 -9.39
CA ASP E 213 81.10 32.40 -8.22
C ASP E 213 82.19 33.48 -8.04
N LYS E 214 82.76 33.53 -6.83
CA LYS E 214 83.70 34.58 -6.45
C LYS E 214 84.97 34.02 -5.80
N LYS E 215 85.95 34.89 -5.57
CA LYS E 215 87.26 34.53 -5.00
C LYS E 215 87.52 35.28 -3.70
N ILE E 216 88.25 34.63 -2.77
CA ILE E 216 88.58 35.22 -1.47
C ILE E 216 89.89 36.00 -1.56
N GLU E 217 89.86 37.28 -1.17
CA GLU E 217 91.04 38.16 -1.25
C GLU E 217 91.34 38.80 0.11
N PRO E 218 92.62 38.82 0.52
CA PRO E 218 92.99 39.43 1.79
C PRO E 218 93.05 40.95 1.70
N ASP F 1 40.07 20.28 22.96
CA ASP F 1 41.14 19.42 22.36
C ASP F 1 42.08 18.90 23.47
N ILE F 2 42.47 17.64 23.37
CA ILE F 2 43.36 17.01 24.34
C ILE F 2 44.81 17.45 24.11
N LEU F 3 45.46 17.95 25.16
CA LEU F 3 46.83 18.45 25.06
C LEU F 3 47.82 17.35 25.40
N MET F 4 48.75 17.06 24.49
CA MET F 4 49.80 16.06 24.72
C MET F 4 51.12 16.76 25.05
N THR F 5 51.62 16.56 26.27
CA THR F 5 52.86 17.17 26.73
C THR F 5 53.97 16.13 26.72
N GLN F 6 54.99 16.33 25.89
CA GLN F 6 56.03 15.34 25.72
C GLN F 6 57.36 15.76 26.37
N SER F 7 57.83 14.95 27.31
CA SER F 7 59.09 15.20 28.01
C SER F 7 60.08 14.05 27.80
N PRO F 8 61.40 14.39 27.72
CA PRO F 8 61.94 15.73 27.59
C PRO F 8 61.99 16.12 26.10
N SER F 9 62.11 17.41 25.82
CA SER F 9 62.16 17.89 24.42
C SER F 9 63.43 17.44 23.70
N SER F 10 64.50 17.16 24.45
CA SER F 10 65.70 16.53 23.91
C SER F 10 66.55 15.89 25.02
N MET F 11 67.32 14.87 24.65
CA MET F 11 68.23 14.21 25.60
C MET F 11 69.53 13.79 24.93
N SER F 12 70.65 14.06 25.62
CA SER F 12 71.97 13.71 25.13
C SER F 12 72.38 12.33 25.63
N VAL F 13 72.44 11.35 24.72
CA VAL F 13 72.72 9.96 25.07
C VAL F 13 73.63 9.31 24.02
N SER F 14 74.08 8.08 24.31
CA SER F 14 75.04 7.37 23.46
C SER F 14 74.55 5.97 23.06
N LEU F 15 75.32 5.33 22.16
CA LEU F 15 75.05 3.97 21.69
C LEU F 15 74.97 2.97 22.84
N GLY F 16 73.96 2.11 22.80
CA GLY F 16 73.81 1.08 23.82
C GLY F 16 73.20 1.54 25.13
N ASP F 17 72.70 2.78 25.17
CA ASP F 17 71.93 3.27 26.32
C ASP F 17 70.50 2.74 26.27
N THR F 18 69.85 2.68 27.44
CA THR F 18 68.41 2.41 27.53
C THR F 18 67.72 3.69 28.00
N VAL F 19 66.88 4.27 27.15
CA VAL F 19 66.26 5.56 27.40
C VAL F 19 64.74 5.52 27.30
N SER F 20 64.08 6.46 27.96
CA SER F 20 62.63 6.52 28.00
C SER F 20 62.09 7.93 27.69
N ILE F 21 61.02 7.96 26.90
CA ILE F 21 60.34 9.21 26.55
C ILE F 21 58.93 9.16 27.13
N THR F 22 58.55 10.20 27.87
CA THR F 22 57.21 10.24 28.46
C THR F 22 56.27 11.12 27.64
N CYS F 23 54.97 10.86 27.78
CA CYS F 23 53.93 11.68 27.17
C CYS F 23 52.79 11.81 28.19
N HIS F 24 52.41 13.03 28.53
CA HIS F 24 51.30 13.28 29.45
C HIS F 24 50.12 13.88 28.68
N ALA F 25 48.93 13.30 28.90
CA ALA F 25 47.70 13.79 28.31
C ALA F 25 46.91 14.55 29.36
N SER F 26 46.20 15.59 28.94
CA SER F 26 45.39 16.40 29.85
C SER F 26 44.25 15.60 30.48
N GLN F 27 43.86 14.50 29.83
CA GLN F 27 42.89 13.56 30.40
C GLN F 27 43.28 12.13 30.04
N GLY F 28 42.65 11.17 30.71
CA GLY F 28 42.89 9.75 30.43
C GLY F 28 42.52 9.38 29.00
N ILE F 29 43.36 8.56 28.35
CA ILE F 29 43.13 8.17 26.96
C ILE F 29 43.18 6.64 26.75
N SER F 30 43.00 5.88 27.83
CA SER F 30 42.95 4.41 27.80
C SER F 30 43.75 3.77 26.66
N SER F 31 45.04 4.10 26.63
CA SER F 31 46.02 3.49 25.72
C SER F 31 45.78 3.78 24.23
N ASN F 32 44.98 4.78 23.92
CA ASN F 32 44.73 5.15 22.52
C ASN F 32 45.78 6.15 22.07
N ILE F 33 47.02 5.65 21.98
CA ILE F 33 48.18 6.47 21.71
C ILE F 33 49.12 5.74 20.76
N GLY F 34 49.77 6.47 19.87
CA GLY F 34 50.77 5.90 18.98
C GLY F 34 52.10 6.59 19.19
N TRP F 35 53.19 5.94 18.81
CA TRP F 35 54.50 6.55 18.84
C TRP F 35 55.10 6.53 17.44
N LEU F 36 55.75 7.63 17.06
CA LEU F 36 56.22 7.86 15.70
C LEU F 36 57.70 8.21 15.68
N GLN F 37 58.37 7.87 14.59
CA GLN F 37 59.79 8.17 14.40
C GLN F 37 59.97 8.96 13.11
N GLN F 38 60.78 10.03 13.17
CA GLN F 38 61.17 10.79 12.00
C GLN F 38 62.69 10.92 11.97
N LYS F 39 63.33 10.19 11.07
CA LYS F 39 64.78 10.25 10.89
C LYS F 39 65.14 11.56 10.17
N PRO F 40 66.38 12.05 10.36
CA PRO F 40 66.77 13.31 9.75
C PRO F 40 66.51 13.36 8.24
N GLY F 41 65.79 14.39 7.80
CA GLY F 41 65.44 14.57 6.38
C GLY F 41 64.32 13.69 5.87
N LYS F 42 64.02 12.61 6.59
CA LYS F 42 63.10 11.57 6.14
C LYS F 42 61.69 11.80 6.65
N SER F 43 60.77 10.93 6.21
CA SER F 43 59.38 11.00 6.64
C SER F 43 59.17 10.19 7.93
N PHE F 44 57.90 9.91 8.25
CA PHE F 44 57.53 9.26 9.49
C PHE F 44 57.40 7.74 9.33
N MET F 45 57.82 7.01 10.35
CA MET F 45 57.58 5.58 10.45
C MET F 45 56.87 5.30 11.79
N GLY F 46 55.79 4.52 11.75
CA GLY F 46 55.08 4.17 12.97
C GLY F 46 55.85 3.13 13.77
N LEU F 47 55.81 3.26 15.10
CA LEU F 47 56.52 2.36 16.01
C LEU F 47 55.53 1.55 16.86
N ILE F 48 54.65 2.25 17.55
CA ILE F 48 53.71 1.63 18.48
C ILE F 48 52.30 2.05 18.10
N TYR F 49 51.35 1.13 18.25
CA TYR F 49 49.94 1.50 18.20
C TYR F 49 49.22 0.96 19.42
N TYR F 50 48.22 1.71 19.87
CA TYR F 50 47.42 1.34 21.03
C TYR F 50 48.30 1.05 22.24
N GLY F 51 49.23 1.94 22.53
CA GLY F 51 50.03 1.88 23.74
C GLY F 51 51.18 0.89 23.72
N THR F 52 50.90 -0.39 23.49
CA THR F 52 51.88 -1.44 23.71
C THR F 52 52.29 -2.24 22.47
N ASN F 53 51.52 -2.13 21.40
CA ASN F 53 51.69 -3.00 20.24
C ASN F 53 52.66 -2.45 19.20
N LEU F 54 53.69 -3.22 18.87
CA LEU F 54 54.66 -2.84 17.85
C LEU F 54 54.04 -2.91 16.46
N VAL F 55 54.33 -1.91 15.64
CA VAL F 55 53.99 -1.92 14.23
C VAL F 55 54.85 -3.01 13.55
N ASP F 56 54.31 -3.68 12.54
CA ASP F 56 55.03 -4.77 11.90
C ASP F 56 56.35 -4.28 11.32
N GLY F 57 57.42 -5.06 11.56
CA GLY F 57 58.76 -4.74 11.07
C GLY F 57 59.62 -3.96 12.05
N VAL F 58 58.99 -3.31 13.03
CA VAL F 58 59.70 -2.52 14.04
C VAL F 58 60.47 -3.44 14.98
N PRO F 59 61.75 -3.13 15.29
CA PRO F 59 62.52 -4.02 16.15
C PRO F 59 61.98 -4.08 17.58
N SER F 60 62.18 -5.21 18.26
CA SER F 60 61.64 -5.42 19.60
C SER F 60 62.39 -4.65 20.70
N ARG F 61 63.46 -3.95 20.33
CA ARG F 61 64.14 -3.05 21.27
C ARG F 61 63.31 -1.80 21.60
N PHE F 62 62.30 -1.51 20.77
CA PHE F 62 61.30 -0.50 21.11
C PHE F 62 60.19 -1.15 21.94
N SER F 63 59.70 -0.44 22.95
CA SER F 63 58.55 -0.91 23.73
C SER F 63 57.76 0.25 24.34
N GLY F 64 56.44 0.10 24.37
CA GLY F 64 55.53 1.09 24.93
C GLY F 64 54.91 0.63 26.22
N SER F 65 54.56 1.59 27.08
CA SER F 65 53.96 1.28 28.38
C SER F 65 53.09 2.43 28.85
N GLY F 66 52.24 2.15 29.85
CA GLY F 66 51.44 3.18 30.52
C GLY F 66 49.95 2.89 30.59
N SER F 67 49.27 3.63 31.46
CA SER F 67 47.80 3.60 31.55
C SER F 67 47.28 5.00 31.88
N GLY F 68 45.98 5.19 31.72
CA GLY F 68 45.35 6.47 32.03
C GLY F 68 45.90 7.62 31.19
N ALA F 69 46.57 8.56 31.86
CA ALA F 69 47.01 9.80 31.23
C ALA F 69 48.52 9.88 31.03
N ASP F 70 49.25 8.83 31.38
CA ASP F 70 50.72 8.86 31.32
C ASP F 70 51.30 7.61 30.65
N TYR F 71 52.10 7.83 29.61
CA TYR F 71 52.67 6.73 28.81
C TYR F 71 54.13 7.00 28.47
N SER F 72 54.83 5.93 28.08
CA SER F 72 56.26 6.00 27.81
C SER F 72 56.66 5.17 26.61
N LEU F 73 57.75 5.58 25.95
CA LEU F 73 58.38 4.81 24.88
C LEU F 73 59.80 4.53 25.30
N THR F 74 60.15 3.26 25.42
CA THR F 74 61.49 2.84 25.82
C THR F 74 62.26 2.26 24.63
N ILE F 75 63.51 2.68 24.48
CA ILE F 75 64.40 2.15 23.45
C ILE F 75 65.60 1.50 24.13
N SER F 76 65.63 0.17 24.18
CA SER F 76 66.70 -0.56 24.86
C SER F 76 67.86 -0.84 23.93
N SER F 77 69.06 -0.44 24.33
CA SER F 77 70.28 -0.59 23.52
C SER F 77 70.17 0.21 22.23
N LEU F 78 70.41 1.51 22.31
CA LEU F 78 70.32 2.42 21.16
C LEU F 78 71.26 2.04 20.03
N ASP F 79 70.73 2.08 18.81
CA ASP F 79 71.49 1.80 17.59
C ASP F 79 71.79 3.12 16.88
N SER F 80 72.80 3.11 16.01
CA SER F 80 73.10 4.23 15.11
C SER F 80 71.82 4.84 14.49
N GLU F 81 70.93 3.98 14.02
CA GLU F 81 69.69 4.41 13.35
C GLU F 81 68.70 5.15 14.25
N ASP F 82 68.75 4.90 15.56
CA ASP F 82 67.74 5.43 16.50
C ASP F 82 67.86 6.92 16.84
N PHE F 83 68.92 7.59 16.40
CA PHE F 83 69.08 9.02 16.67
C PHE F 83 68.19 9.84 15.73
N ALA F 84 66.96 10.08 16.17
CA ALA F 84 65.96 10.75 15.35
C ALA F 84 64.98 11.52 16.26
N ASP F 85 63.92 12.07 15.65
CA ASP F 85 62.82 12.69 16.39
C ASP F 85 61.77 11.65 16.72
N TYR F 86 61.05 11.85 17.82
CA TYR F 86 59.97 10.96 18.23
C TYR F 86 58.77 11.76 18.70
N TYR F 87 57.56 11.33 18.34
CA TYR F 87 56.34 12.02 18.70
C TYR F 87 55.28 11.04 19.20
N CYS F 88 54.57 11.39 20.27
CA CYS F 88 53.35 10.65 20.65
C CYS F 88 52.19 11.31 19.96
N VAL F 89 51.19 10.51 19.61
CA VAL F 89 49.92 10.98 19.06
C VAL F 89 48.79 10.29 19.81
N GLN F 90 47.76 11.04 20.22
CA GLN F 90 46.56 10.45 20.83
C GLN F 90 45.45 10.38 19.81
N TYR F 91 44.70 9.29 19.83
CA TYR F 91 43.52 9.18 18.99
C TYR F 91 42.30 8.67 19.78
N ALA F 92 42.23 9.09 21.05
CA ALA F 92 41.08 8.80 21.90
C ALA F 92 39.92 9.73 21.55
N GLN F 93 40.25 10.95 21.14
CA GLN F 93 39.24 11.91 20.71
C GLN F 93 39.66 12.65 19.44
N LEU F 94 38.67 13.17 18.74
CA LEU F 94 38.89 14.11 17.65
C LEU F 94 38.85 15.54 18.22
N PRO F 95 39.73 16.42 17.75
CA PRO F 95 40.80 16.17 16.79
C PRO F 95 41.96 15.39 17.40
N TYR F 96 42.55 14.48 16.62
CA TYR F 96 43.77 13.81 17.02
C TYR F 96 44.79 14.90 17.31
N THR F 97 45.58 14.72 18.36
CA THR F 97 46.60 15.71 18.73
C THR F 97 47.95 15.05 18.98
N PHE F 98 49.01 15.81 18.76
CA PHE F 98 50.38 15.34 18.86
C PHE F 98 51.14 16.02 20.01
N GLY F 99 52.20 15.37 20.47
CA GLY F 99 53.11 15.96 21.44
C GLY F 99 54.11 16.86 20.74
N GLY F 100 54.85 17.64 21.52
CA GLY F 100 55.82 18.60 20.96
C GLY F 100 57.06 17.97 20.33
N GLY F 101 57.30 16.70 20.61
CA GLY F 101 58.41 15.97 20.01
C GLY F 101 59.63 15.86 20.91
N THR F 102 60.41 14.81 20.69
CA THR F 102 61.66 14.58 21.40
C THR F 102 62.76 14.21 20.42
N LYS F 103 63.85 14.98 20.41
CA LYS F 103 65.00 14.67 19.56
C LYS F 103 66.06 13.93 20.36
N LEU F 104 66.62 12.87 19.78
CA LEU F 104 67.73 12.16 20.39
C LEU F 104 69.05 12.58 19.71
N GLU F 105 70.03 12.95 20.52
CA GLU F 105 71.31 13.45 20.02
C GLU F 105 72.48 12.78 20.73
N ILE F 106 73.62 12.75 20.05
CA ILE F 106 74.80 12.05 20.54
C ILE F 106 75.53 12.83 21.64
N LYS F 107 75.78 12.17 22.77
CA LYS F 107 76.54 12.75 23.88
C LYS F 107 78.04 12.59 23.59
N ARG F 108 78.80 13.64 23.91
CA ARG F 108 80.25 13.63 23.73
C ARG F 108 80.88 14.68 24.65
N ALA F 109 82.20 14.80 24.59
CA ALA F 109 82.93 15.80 25.40
C ALA F 109 82.54 17.22 24.98
N ASP F 110 82.45 18.12 25.95
CA ASP F 110 82.10 19.51 25.69
C ASP F 110 83.22 20.20 24.92
N ALA F 111 82.85 21.13 24.05
CA ALA F 111 83.82 21.85 23.21
C ALA F 111 83.42 23.29 23.01
N ALA F 112 84.34 24.21 23.25
CA ALA F 112 84.09 25.65 23.04
C ALA F 112 84.04 25.97 21.55
N PRO F 113 83.25 27.00 21.17
CA PRO F 113 83.12 27.37 19.77
C PRO F 113 84.35 28.10 19.21
N THR F 114 84.59 27.95 17.92
CA THR F 114 85.61 28.72 17.20
C THR F 114 84.92 29.90 16.50
N VAL F 115 84.92 31.06 17.16
CA VAL F 115 84.23 32.24 16.65
C VAL F 115 85.07 32.93 15.58
N SER F 116 84.40 33.44 14.55
CA SER F 116 85.07 34.10 13.43
C SER F 116 84.19 35.24 12.87
N ILE F 117 84.63 36.48 13.10
CA ILE F 117 83.87 37.67 12.66
C ILE F 117 84.38 38.18 11.30
N PHE F 118 83.45 38.53 10.42
CA PHE F 118 83.78 38.92 9.05
C PHE F 118 82.98 40.15 8.58
N PRO F 119 83.69 41.23 8.19
CA PRO F 119 83.03 42.44 7.72
C PRO F 119 82.52 42.32 6.28
N PRO F 120 81.71 43.29 5.82
CA PRO F 120 81.12 43.22 4.48
C PRO F 120 82.15 43.42 3.37
N SER F 121 82.01 42.66 2.28
CA SER F 121 82.93 42.73 1.15
C SER F 121 82.68 43.99 0.30
N SER F 122 83.57 44.23 -0.65
CA SER F 122 83.48 45.39 -1.55
C SER F 122 82.35 45.26 -2.58
N GLU F 123 81.90 44.03 -2.84
CA GLU F 123 80.82 43.76 -3.78
C GLU F 123 79.45 44.13 -3.19
N GLN F 124 79.27 43.86 -1.91
CA GLN F 124 78.01 44.15 -1.21
C GLN F 124 77.84 45.64 -0.93
N LEU F 125 78.90 46.26 -0.44
CA LEU F 125 78.89 47.70 -0.14
C LEU F 125 78.73 48.57 -1.40
N THR F 126 79.18 48.05 -2.55
CA THR F 126 79.06 48.78 -3.82
C THR F 126 77.61 48.83 -4.31
N SER F 127 77.02 47.66 -4.57
CA SER F 127 75.64 47.58 -5.05
C SER F 127 74.72 46.98 -3.98
N GLY F 128 74.36 47.79 -2.99
CA GLY F 128 73.46 47.36 -1.92
C GLY F 128 73.69 48.09 -0.60
N GLY F 129 73.50 47.36 0.50
CA GLY F 129 73.68 47.90 1.85
C GLY F 129 74.96 47.40 2.51
N ALA F 130 74.82 46.51 3.49
CA ALA F 130 75.96 45.96 4.23
C ALA F 130 75.55 44.83 5.18
N SER F 131 76.34 43.75 5.22
CA SER F 131 76.11 42.62 6.13
C SER F 131 77.39 42.14 6.82
N VAL F 132 77.32 42.02 8.15
CA VAL F 132 78.44 41.53 8.96
C VAL F 132 78.14 40.14 9.50
N VAL F 133 78.93 39.16 9.04
CA VAL F 133 78.68 37.75 9.33
C VAL F 133 79.56 37.25 10.47
N CYS F 134 79.04 36.26 11.21
CA CYS F 134 79.77 35.64 12.32
C CYS F 134 79.55 34.13 12.29
N PHE F 135 80.65 33.37 12.23
CA PHE F 135 80.60 31.91 12.13
C PHE F 135 81.12 31.25 13.40
N LEU F 136 80.21 30.73 14.22
CA LEU F 136 80.56 29.95 15.40
C LEU F 136 80.51 28.47 15.00
N ASN F 137 81.66 27.80 15.02
CA ASN F 137 81.76 26.43 14.51
C ASN F 137 82.29 25.42 15.54
N ASN F 138 81.84 24.17 15.38
CA ASN F 138 82.38 23.01 16.11
C ASN F 138 82.33 23.10 17.63
N PHE F 139 81.14 23.40 18.17
CA PHE F 139 80.95 23.46 19.63
C PHE F 139 79.96 22.42 20.14
N TYR F 140 80.00 22.17 21.45
CA TYR F 140 79.07 21.28 22.12
C TYR F 140 78.95 21.68 23.60
N PRO F 141 77.73 21.66 24.17
CA PRO F 141 76.42 21.26 23.63
C PRO F 141 75.78 22.28 22.69
N LYS F 142 74.58 21.97 22.20
CA LYS F 142 73.90 22.77 21.17
C LYS F 142 73.57 24.20 21.60
N ASP F 143 73.35 24.40 22.89
CA ASP F 143 72.90 25.70 23.41
C ASP F 143 73.99 26.76 23.35
N ILE F 144 73.64 27.90 22.76
CA ILE F 144 74.52 29.04 22.67
C ILE F 144 73.68 30.26 22.31
N ASN F 145 74.08 31.43 22.81
CA ASN F 145 73.36 32.67 22.54
C ASN F 145 74.32 33.79 22.15
N VAL F 146 74.14 34.32 20.95
CA VAL F 146 75.02 35.36 20.40
C VAL F 146 74.45 36.76 20.64
N LYS F 147 75.24 37.62 21.26
CA LYS F 147 74.86 38.99 21.54
C LYS F 147 75.59 39.93 20.59
N TRP F 148 74.83 40.77 19.87
CA TRP F 148 75.40 41.74 18.95
C TRP F 148 75.50 43.13 19.60
N LYS F 149 76.67 43.76 19.48
CA LYS F 149 76.92 45.09 20.05
C LYS F 149 77.41 46.07 18.97
N ILE F 150 76.86 47.28 18.99
CA ILE F 150 77.34 48.37 18.14
C ILE F 150 77.77 49.52 19.04
N ASP F 151 79.09 49.60 19.29
CA ASP F 151 79.67 50.58 20.22
C ASP F 151 79.07 50.46 21.63
N GLY F 152 78.95 49.23 22.12
CA GLY F 152 78.45 48.98 23.47
C GLY F 152 77.00 48.50 23.52
N SER F 153 76.11 49.26 22.87
CA SER F 153 74.67 49.00 22.96
C SER F 153 74.24 47.70 22.29
N GLU F 154 73.24 47.03 22.86
CA GLU F 154 72.69 45.79 22.33
C GLU F 154 71.84 46.09 21.09
N ARG F 155 71.80 45.14 20.15
CA ARG F 155 70.99 45.28 18.93
C ARG F 155 70.14 44.04 18.68
N GLN F 156 68.89 44.26 18.29
CA GLN F 156 67.93 43.19 17.97
C GLN F 156 67.36 43.26 16.55
N ASN F 157 67.67 44.32 15.81
CA ASN F 157 67.05 44.58 14.50
C ASN F 157 67.91 44.10 13.33
N GLY F 158 67.26 43.43 12.37
CA GLY F 158 67.92 43.01 11.13
C GLY F 158 68.87 41.83 11.23
N VAL F 159 68.72 41.03 12.29
CA VAL F 159 69.61 39.87 12.55
C VAL F 159 69.00 38.59 11.97
N LEU F 160 69.85 37.74 11.38
CA LEU F 160 69.42 36.49 10.76
C LEU F 160 70.35 35.33 11.15
N ASN F 161 69.87 34.47 12.04
CA ASN F 161 70.65 33.32 12.53
C ASN F 161 70.27 32.01 11.81
N SER F 162 71.21 31.07 11.78
CA SER F 162 70.96 29.73 11.23
C SER F 162 71.83 28.70 11.95
N TRP F 163 71.22 27.61 12.37
CA TRP F 163 71.91 26.54 13.08
C TRP F 163 71.95 25.29 12.20
N THR F 164 73.10 24.64 12.13
CA THR F 164 73.23 23.36 11.44
C THR F 164 72.84 22.23 12.39
N ASP F 165 72.49 21.08 11.83
CA ASP F 165 72.20 19.89 12.61
C ASP F 165 73.51 19.30 13.13
N GLN F 166 73.40 18.30 14.02
CA GLN F 166 74.58 17.66 14.59
C GLN F 166 75.42 17.03 13.46
N ASP F 167 76.71 17.34 13.44
CA ASP F 167 77.60 16.89 12.36
C ASP F 167 77.76 15.37 12.41
N SER F 168 77.88 14.76 11.23
CA SER F 168 77.87 13.29 11.10
C SER F 168 79.09 12.61 11.72
N LYS F 169 80.27 13.24 11.62
CA LYS F 169 81.50 12.63 12.11
C LYS F 169 81.85 13.06 13.53
N ASP F 170 82.13 14.34 13.73
CA ASP F 170 82.57 14.84 15.05
C ASP F 170 81.42 15.17 16.01
N SER F 171 80.18 15.03 15.55
CA SER F 171 78.98 15.26 16.39
C SER F 171 78.95 16.65 17.03
N THR F 172 79.35 17.65 16.26
CA THR F 172 79.35 19.04 16.72
C THR F 172 78.24 19.85 16.08
N TYR F 173 77.93 21.01 16.68
CA TYR F 173 76.97 21.95 16.14
C TYR F 173 77.69 23.26 15.81
N SER F 174 77.18 23.96 14.79
CA SER F 174 77.72 25.26 14.39
C SER F 174 76.57 26.28 14.30
N MET F 175 76.93 27.56 14.20
CA MET F 175 75.94 28.64 14.09
C MET F 175 76.40 29.75 13.15
N SER F 176 75.45 30.29 12.37
CA SER F 176 75.68 31.45 11.50
C SER F 176 74.84 32.61 12.00
N SER F 177 75.25 33.83 11.67
CA SER F 177 74.59 35.03 12.18
C SER F 177 74.96 36.25 11.32
N THR F 178 73.99 36.78 10.59
CA THR F 178 74.21 37.90 9.67
C THR F 178 73.44 39.15 10.12
N LEU F 179 74.14 40.28 10.18
CA LEU F 179 73.53 41.57 10.55
C LEU F 179 73.33 42.45 9.31
N THR F 180 72.15 42.33 8.68
CA THR F 180 71.84 43.06 7.45
C THR F 180 71.28 44.46 7.71
N LEU F 181 71.79 45.45 6.97
CA LEU F 181 71.28 46.83 7.06
C LEU F 181 71.70 47.65 5.83
N THR F 182 71.23 48.90 5.76
CA THR F 182 71.56 49.81 4.66
C THR F 182 73.02 50.27 4.69
N LYS F 183 73.50 50.81 3.58
CA LYS F 183 74.91 51.23 3.44
C LYS F 183 75.25 52.40 4.36
N ASP F 184 74.33 53.36 4.45
CA ASP F 184 74.53 54.55 5.29
C ASP F 184 74.66 54.21 6.77
N GLU F 185 73.88 53.22 7.23
CA GLU F 185 73.88 52.81 8.63
C GLU F 185 75.20 52.15 9.07
N TYR F 186 75.87 51.48 8.14
CA TYR F 186 77.13 50.78 8.44
C TYR F 186 78.28 51.74 8.74
N GLU F 187 78.45 52.75 7.88
CA GLU F 187 79.64 53.60 7.92
C GLU F 187 79.67 54.63 9.06
N ARG F 188 78.56 54.77 9.79
CA ARG F 188 78.49 55.72 10.90
C ARG F 188 79.17 55.23 12.18
N HIS F 189 79.45 53.93 12.26
CA HIS F 189 80.07 53.33 13.45
C HIS F 189 81.37 52.59 13.08
N ASN F 190 82.34 52.62 13.99
CA ASN F 190 83.68 52.04 13.75
C ASN F 190 83.82 50.62 14.28
N SER F 191 83.44 50.41 15.54
CA SER F 191 83.69 49.15 16.24
C SER F 191 82.42 48.28 16.32
N TYR F 192 82.49 47.09 15.74
CA TYR F 192 81.41 46.10 15.82
C TYR F 192 81.90 44.83 16.50
N THR F 193 81.14 44.34 17.47
CA THR F 193 81.54 43.19 18.28
C THR F 193 80.54 42.03 18.14
N CYS F 194 81.07 40.80 18.14
CA CYS F 194 80.26 39.59 18.02
C CYS F 194 80.53 38.67 19.21
N GLU F 195 79.70 38.78 20.25
CA GLU F 195 79.90 38.02 21.50
C GLU F 195 79.14 36.69 21.49
N ALA F 196 79.48 35.82 22.44
CA ALA F 196 78.90 34.48 22.51
C ALA F 196 79.10 33.83 23.89
N THR F 197 77.99 33.64 24.61
CA THR F 197 78.01 32.96 25.91
C THR F 197 77.77 31.45 25.70
N HIS F 198 78.45 30.65 26.53
CA HIS F 198 78.44 29.18 26.39
C HIS F 198 78.77 28.54 27.75
N LYS F 199 78.47 27.25 27.91
CA LYS F 199 78.69 26.56 29.19
C LYS F 199 80.15 26.17 29.45
N THR F 200 80.94 26.06 28.38
CA THR F 200 82.36 25.72 28.48
C THR F 200 83.18 26.85 29.09
N SER F 201 82.74 28.09 28.83
CA SER F 201 83.47 29.28 29.26
C SER F 201 82.68 30.10 30.29
N THR F 202 83.35 30.49 31.38
CA THR F 202 82.77 31.36 32.40
C THR F 202 82.42 32.74 31.83
N SER F 203 83.28 33.24 30.95
CA SER F 203 83.08 34.52 30.26
C SER F 203 82.85 34.29 28.77
N PRO F 204 82.26 35.28 28.07
CA PRO F 204 81.99 35.13 26.64
C PRO F 204 83.24 35.33 25.76
N ILE F 205 83.30 34.60 24.65
CA ILE F 205 84.39 34.75 23.68
C ILE F 205 84.08 35.94 22.79
N VAL F 206 84.99 36.91 22.75
CA VAL F 206 84.78 38.17 22.04
C VAL F 206 85.52 38.18 20.70
N LYS F 207 84.94 38.86 19.71
CA LYS F 207 85.62 39.13 18.43
C LYS F 207 85.24 40.53 17.94
N SER F 208 86.25 41.31 17.54
CA SER F 208 86.03 42.68 17.07
C SER F 208 86.96 43.03 15.90
N PHE F 209 86.79 44.23 15.33
CA PHE F 209 87.62 44.69 14.21
C PHE F 209 87.56 46.22 14.01
N ASN F 210 88.39 46.71 13.09
CA ASN F 210 88.38 48.12 12.67
C ASN F 210 87.73 48.27 11.29
N ARG F 211 86.89 49.29 11.14
CA ARG F 211 86.14 49.50 9.90
C ARG F 211 87.03 49.96 8.74
N ASN F 212 87.23 49.07 7.76
CA ASN F 212 88.04 49.36 6.57
C ASN F 212 89.42 49.93 6.90
N GLU F 213 90.31 49.08 7.41
CA GLU F 213 91.63 49.51 7.82
C GLU F 213 92.66 48.38 7.68
N CYS F 214 93.70 48.62 6.88
CA CYS F 214 94.82 47.69 6.72
C CYS F 214 96.12 48.46 6.50
N GLU G 1 -38.36 -9.73 -23.76
CA GLU G 1 -39.81 -9.72 -23.40
C GLU G 1 -39.96 -10.20 -21.96
N VAL G 2 -40.64 -9.40 -21.14
CA VAL G 2 -40.83 -9.73 -19.73
C VAL G 2 -41.76 -10.92 -19.59
N GLN G 3 -41.36 -11.90 -18.80
CA GLN G 3 -42.16 -13.09 -18.57
C GLN G 3 -41.83 -13.69 -17.21
N LEU G 4 -42.85 -13.92 -16.41
CA LEU G 4 -42.69 -14.50 -15.08
C LEU G 4 -43.10 -15.95 -15.19
N GLN G 5 -42.15 -16.86 -14.97
CA GLN G 5 -42.35 -18.29 -15.20
C GLN G 5 -42.42 -19.07 -13.89
N GLN G 6 -43.62 -19.52 -13.54
CA GLN G 6 -43.86 -20.18 -12.26
C GLN G 6 -43.74 -21.68 -12.34
N SER G 7 -43.51 -22.30 -11.18
CA SER G 7 -43.42 -23.74 -11.04
C SER G 7 -44.78 -24.41 -11.29
N GLY G 8 -44.75 -25.73 -11.49
CA GLY G 8 -45.94 -26.49 -11.82
C GLY G 8 -46.88 -26.73 -10.64
N ALA G 9 -48.02 -27.33 -10.93
CA ALA G 9 -49.03 -27.66 -9.93
C ALA G 9 -48.45 -28.51 -8.79
N GLU G 10 -48.66 -28.05 -7.55
CA GLU G 10 -48.20 -28.77 -6.36
C GLU G 10 -49.38 -29.56 -5.77
N LEU G 11 -49.04 -30.66 -5.10
CA LEU G 11 -50.04 -31.61 -4.59
C LEU G 11 -49.58 -32.23 -3.26
N VAL G 12 -49.93 -31.56 -2.16
CA VAL G 12 -49.33 -31.83 -0.84
C VAL G 12 -50.38 -32.15 0.23
N LYS G 13 -49.92 -32.60 1.40
CA LYS G 13 -50.81 -32.99 2.51
C LYS G 13 -51.04 -31.86 3.52
N PRO G 14 -52.12 -31.95 4.33
CA PRO G 14 -52.35 -30.94 5.37
C PRO G 14 -51.31 -31.03 6.49
N GLY G 15 -50.71 -29.90 6.83
CA GLY G 15 -49.63 -29.85 7.83
C GLY G 15 -48.27 -29.77 7.19
N ALA G 16 -48.18 -30.14 5.91
CA ALA G 16 -46.93 -30.05 5.16
C ALA G 16 -46.65 -28.62 4.74
N SER G 17 -45.45 -28.41 4.20
CA SER G 17 -45.03 -27.12 3.65
C SER G 17 -44.76 -27.27 2.16
N VAL G 18 -44.75 -26.14 1.46
CA VAL G 18 -44.49 -26.10 0.03
C VAL G 18 -43.84 -24.76 -0.35
N LYS G 19 -42.94 -24.80 -1.33
CA LYS G 19 -42.21 -23.62 -1.76
C LYS G 19 -42.35 -23.45 -3.26
N LEU G 20 -43.15 -22.45 -3.66
CA LEU G 20 -43.40 -22.18 -5.08
C LEU G 20 -42.33 -21.22 -5.58
N SER G 21 -41.98 -21.35 -6.85
CA SER G 21 -40.94 -20.50 -7.44
C SER G 21 -41.50 -19.68 -8.60
N CYS G 22 -40.90 -18.51 -8.81
CA CYS G 22 -41.27 -17.60 -9.88
C CYS G 22 -39.98 -17.06 -10.48
N THR G 23 -39.69 -17.47 -11.71
CA THR G 23 -38.39 -17.17 -12.35
C THR G 23 -38.55 -16.13 -13.46
N ALA G 24 -37.70 -15.11 -13.40
CA ALA G 24 -37.75 -14.00 -14.34
C ALA G 24 -37.07 -14.38 -15.65
N SER G 25 -37.76 -14.14 -16.76
CA SER G 25 -37.20 -14.33 -18.10
C SER G 25 -37.27 -13.00 -18.82
N GLY G 26 -36.16 -12.59 -19.42
CA GLY G 26 -36.10 -11.34 -20.18
C GLY G 26 -35.83 -10.11 -19.34
N PHE G 27 -35.53 -10.30 -18.05
CA PHE G 27 -35.18 -9.20 -17.16
C PHE G 27 -34.53 -9.68 -15.87
N ASN G 28 -33.97 -8.72 -15.13
CA ASN G 28 -33.34 -8.99 -13.84
CA ASN G 28 -33.34 -8.99 -13.84
C ASN G 28 -34.38 -8.85 -12.71
N ILE G 29 -34.48 -9.88 -11.88
CA ILE G 29 -35.51 -9.94 -10.82
C ILE G 29 -35.36 -8.81 -9.79
N LYS G 30 -34.15 -8.25 -9.64
CA LYS G 30 -33.92 -7.15 -8.70
C LYS G 30 -34.50 -5.82 -9.19
N ASP G 31 -34.89 -5.75 -10.45
CA ASP G 31 -35.37 -4.49 -11.07
C ASP G 31 -36.55 -3.86 -10.33
N THR G 32 -37.54 -4.68 -9.94
CA THR G 32 -38.77 -4.18 -9.34
C THR G 32 -39.22 -5.02 -8.15
N TYR G 33 -40.18 -4.50 -7.39
CA TYR G 33 -40.89 -5.31 -6.40
C TYR G 33 -41.48 -6.54 -7.09
N VAL G 34 -41.59 -7.65 -6.35
CA VAL G 34 -42.33 -8.81 -6.82
C VAL G 34 -43.37 -9.20 -5.76
N HIS G 35 -44.62 -9.33 -6.18
CA HIS G 35 -45.74 -9.61 -5.30
C HIS G 35 -46.26 -11.02 -5.53
N TRP G 36 -46.86 -11.59 -4.49
CA TRP G 36 -47.61 -12.84 -4.62
C TRP G 36 -49.09 -12.62 -4.33
N VAL G 37 -49.93 -13.28 -5.11
CA VAL G 37 -51.38 -13.09 -5.05
C VAL G 37 -52.08 -14.45 -5.06
N LYS G 38 -53.05 -14.61 -4.17
CA LYS G 38 -53.80 -15.84 -4.03
C LYS G 38 -55.16 -15.70 -4.70
N GLN G 39 -55.54 -16.68 -5.52
CA GLN G 39 -56.86 -16.68 -6.16
C GLN G 39 -57.62 -17.94 -5.83
N ARG G 40 -58.84 -17.77 -5.33
CA ARG G 40 -59.80 -18.84 -5.21
C ARG G 40 -61.06 -18.50 -6.03
N PRO G 41 -61.84 -19.51 -6.43
CA PRO G 41 -63.09 -19.27 -7.15
C PRO G 41 -64.12 -18.44 -6.36
N GLU G 42 -64.22 -18.67 -5.05
CA GLU G 42 -65.25 -18.05 -4.22
C GLU G 42 -64.78 -16.75 -3.59
N GLN G 43 -63.67 -16.80 -2.86
CA GLN G 43 -63.16 -15.62 -2.15
C GLN G 43 -62.50 -14.59 -3.08
N GLY G 44 -62.14 -15.01 -4.29
CA GLY G 44 -61.54 -14.11 -5.27
C GLY G 44 -60.05 -13.89 -5.04
N LEU G 45 -59.60 -12.66 -5.26
CA LEU G 45 -58.18 -12.33 -5.29
C LEU G 45 -57.71 -11.71 -3.97
N GLU G 46 -56.60 -12.22 -3.43
CA GLU G 46 -56.04 -11.70 -2.19
C GLU G 46 -54.52 -11.50 -2.30
N TRP G 47 -54.07 -10.29 -1.99
CA TRP G 47 -52.65 -9.95 -1.94
C TRP G 47 -52.00 -10.60 -0.73
N ILE G 48 -50.98 -11.42 -0.98
CA ILE G 48 -50.26 -12.08 0.11
C ILE G 48 -49.20 -11.16 0.67
N GLY G 49 -48.30 -10.71 -0.20
CA GLY G 49 -47.22 -9.83 0.21
C GLY G 49 -46.34 -9.50 -0.96
N ARG G 50 -45.22 -8.83 -0.69
CA ARG G 50 -44.25 -8.49 -1.73
C ARG G 50 -42.84 -8.56 -1.17
N ILE G 51 -41.87 -8.57 -2.09
CA ILE G 51 -40.45 -8.50 -1.72
C ILE G 51 -39.73 -7.59 -2.70
N ASP G 52 -38.70 -6.88 -2.22
CA ASP G 52 -37.72 -6.22 -3.09
C ASP G 52 -36.51 -7.13 -3.15
N PRO G 53 -36.35 -7.88 -4.27
CA PRO G 53 -35.28 -8.87 -4.34
C PRO G 53 -33.87 -8.28 -4.28
N ALA G 54 -33.75 -6.97 -4.54
CA ALA G 54 -32.46 -6.27 -4.47
C ALA G 54 -31.88 -6.28 -3.06
N ASN G 55 -32.76 -6.28 -2.06
CA ASN G 55 -32.37 -6.19 -0.64
C ASN G 55 -33.05 -7.21 0.27
N GLY G 56 -34.09 -7.87 -0.22
CA GLY G 56 -34.76 -8.95 0.53
C GLY G 56 -35.83 -8.49 1.50
N TYR G 57 -36.16 -7.20 1.48
CA TYR G 57 -37.18 -6.66 2.38
C TYR G 57 -38.58 -7.02 1.90
N THR G 58 -39.45 -7.41 2.83
CA THR G 58 -40.77 -7.93 2.52
C THR G 58 -41.88 -7.14 3.22
N LYS G 59 -43.09 -7.25 2.68
CA LYS G 59 -44.30 -6.76 3.33
C LYS G 59 -45.36 -7.83 3.14
N TYR G 60 -46.25 -7.96 4.13
CA TYR G 60 -47.31 -8.97 4.09
C TYR G 60 -48.65 -8.37 4.54
N ASP G 61 -49.74 -8.93 4.04
CA ASP G 61 -51.04 -8.73 4.67
C ASP G 61 -50.99 -9.47 6.00
N PRO G 62 -51.39 -8.82 7.10
CA PRO G 62 -51.34 -9.52 8.40
C PRO G 62 -52.17 -10.81 8.50
N LYS G 63 -53.10 -11.03 7.56
CA LYS G 63 -53.84 -12.30 7.49
C LYS G 63 -52.90 -13.47 7.20
N PHE G 64 -51.85 -13.23 6.42
CA PHE G 64 -50.90 -14.27 6.02
C PHE G 64 -49.63 -14.35 6.87
N GLN G 65 -49.55 -13.54 7.93
CA GLN G 65 -48.38 -13.56 8.82
C GLN G 65 -48.28 -14.94 9.47
N GLY G 66 -47.08 -15.53 9.44
CA GLY G 66 -46.84 -16.88 9.92
C GLY G 66 -46.91 -17.90 8.79
N LYS G 67 -48.03 -17.88 8.06
CA LYS G 67 -48.25 -18.82 6.96
C LYS G 67 -47.27 -18.66 5.80
N ALA G 68 -47.29 -17.48 5.17
CA ALA G 68 -46.53 -17.25 3.95
C ALA G 68 -45.19 -16.57 4.25
N THR G 69 -44.15 -17.03 3.57
CA THR G 69 -42.83 -16.42 3.67
C THR G 69 -42.26 -16.22 2.27
N ILE G 70 -42.07 -14.95 1.89
CA ILE G 70 -41.56 -14.63 0.57
C ILE G 70 -40.05 -14.42 0.63
N THR G 71 -39.32 -15.10 -0.26
CA THR G 71 -37.86 -14.92 -0.39
C THR G 71 -37.47 -14.79 -1.86
N ALA G 72 -36.20 -14.48 -2.10
CA ALA G 72 -35.69 -14.26 -3.44
C ALA G 72 -34.21 -14.59 -3.54
N ASP G 73 -33.79 -15.03 -4.71
CA ASP G 73 -32.38 -15.31 -4.97
C ASP G 73 -32.00 -14.67 -6.30
N THR G 74 -31.36 -13.51 -6.23
CA THR G 74 -30.98 -12.75 -7.43
C THR G 74 -30.06 -13.56 -8.34
N SER G 75 -29.28 -14.46 -7.73
CA SER G 75 -28.41 -15.37 -8.47
C SER G 75 -29.17 -16.20 -9.50
N SER G 76 -30.24 -16.86 -9.05
CA SER G 76 -31.07 -17.69 -9.94
C SER G 76 -32.26 -16.91 -10.50
N ASN G 77 -32.26 -15.60 -10.32
CA ASN G 77 -33.24 -14.69 -10.93
C ASN G 77 -34.67 -15.10 -10.58
N THR G 78 -34.85 -15.55 -9.34
CA THR G 78 -36.08 -16.24 -8.92
C THR G 78 -36.60 -15.73 -7.58
N ALA G 79 -37.93 -15.62 -7.46
CA ALA G 79 -38.58 -15.31 -6.20
C ALA G 79 -39.42 -16.51 -5.76
N TYR G 80 -39.58 -16.67 -4.45
CA TYR G 80 -40.27 -17.82 -3.88
C TYR G 80 -41.36 -17.41 -2.89
N LEU G 81 -42.42 -18.22 -2.84
CA LEU G 81 -43.43 -18.14 -1.80
C LEU G 81 -43.49 -19.47 -1.07
N GLN G 82 -43.09 -19.49 0.20
CA GLN G 82 -43.29 -20.67 1.04
C GLN G 82 -44.55 -20.53 1.87
N LEU G 83 -45.36 -21.58 1.87
CA LEU G 83 -46.55 -21.66 2.69
C LEU G 83 -46.37 -22.79 3.70
N SER G 84 -46.62 -22.52 4.98
CA SER G 84 -46.39 -23.51 6.04
C SER G 84 -47.67 -23.95 6.73
N SER G 85 -47.61 -25.10 7.38
CA SER G 85 -48.76 -25.66 8.11
C SER G 85 -50.03 -25.61 7.25
N LEU G 86 -49.97 -26.31 6.12
CA LEU G 86 -51.01 -26.21 5.08
C LEU G 86 -52.35 -26.75 5.55
N THR G 87 -53.44 -26.16 5.04
CA THR G 87 -54.81 -26.62 5.31
C THR G 87 -55.68 -26.49 4.06
N SER G 88 -56.94 -26.91 4.18
CA SER G 88 -57.90 -26.86 3.06
C SER G 88 -58.04 -25.46 2.47
N GLU G 89 -58.03 -24.45 3.33
CA GLU G 89 -58.20 -23.06 2.90
C GLU G 89 -57.04 -22.52 2.06
N ASP G 90 -55.89 -23.20 2.11
CA ASP G 90 -54.74 -22.82 1.30
C ASP G 90 -54.80 -23.38 -0.13
N THR G 91 -55.82 -24.18 -0.44
CA THR G 91 -56.01 -24.67 -1.81
C THR G 91 -56.47 -23.54 -2.72
N ALA G 92 -55.58 -23.12 -3.62
CA ALA G 92 -55.84 -21.98 -4.49
C ALA G 92 -54.81 -21.91 -5.61
N VAL G 93 -54.97 -20.92 -6.48
CA VAL G 93 -54.01 -20.66 -7.54
C VAL G 93 -53.16 -19.46 -7.13
N TYR G 94 -51.84 -19.60 -7.17
CA TYR G 94 -50.93 -18.57 -6.69
C TYR G 94 -50.17 -17.94 -7.85
N TYR G 95 -50.15 -16.61 -7.86
CA TYR G 95 -49.53 -15.84 -8.93
C TYR G 95 -48.41 -14.97 -8.40
N CYS G 96 -47.34 -14.82 -9.18
CA CYS G 96 -46.33 -13.80 -8.88
C CYS G 96 -46.56 -12.64 -9.85
N VAL G 97 -46.32 -11.43 -9.36
CA VAL G 97 -46.67 -10.20 -10.08
C VAL G 97 -45.57 -9.14 -9.97
N ARG G 98 -45.36 -8.37 -11.04
CA ARG G 98 -44.50 -7.19 -10.98
C ARG G 98 -45.08 -6.02 -11.77
N PRO G 99 -44.63 -4.79 -11.46
CA PRO G 99 -45.09 -3.64 -12.22
C PRO G 99 -44.41 -3.50 -13.57
N LEU G 100 -45.07 -2.77 -14.47
CA LEU G 100 -44.46 -2.36 -15.73
C LEU G 100 -43.56 -1.14 -15.48
N TYR G 101 -44.17 0.01 -15.20
CA TYR G 101 -43.43 1.26 -15.00
C TYR G 101 -43.57 1.79 -13.58
N ASP G 102 -44.82 1.98 -13.15
CA ASP G 102 -45.14 2.49 -11.82
C ASP G 102 -44.58 1.56 -10.74
N TYR G 103 -43.77 2.09 -9.82
CA TYR G 103 -43.14 1.27 -8.77
C TYR G 103 -44.14 0.42 -8.04
N TYR G 104 -45.33 0.98 -7.82
CA TYR G 104 -46.34 0.37 -6.96
C TYR G 104 -47.40 -0.48 -7.67
N ALA G 105 -47.32 -0.59 -8.99
CA ALA G 105 -48.41 -1.20 -9.77
C ALA G 105 -48.30 -2.71 -9.88
N MET G 106 -49.32 -3.30 -10.51
CA MET G 106 -49.51 -4.74 -10.59
C MET G 106 -49.87 -5.15 -12.03
N ASP G 107 -48.87 -5.15 -12.91
CA ASP G 107 -49.11 -5.17 -14.35
C ASP G 107 -48.76 -6.48 -15.08
N TYR G 108 -47.67 -7.12 -14.67
CA TYR G 108 -47.21 -8.36 -15.30
C TYR G 108 -47.44 -9.52 -14.33
N TRP G 109 -48.03 -10.60 -14.84
CA TRP G 109 -48.41 -11.74 -14.01
C TRP G 109 -47.80 -13.03 -14.55
N GLY G 110 -47.36 -13.90 -13.65
CA GLY G 110 -46.94 -15.25 -14.02
C GLY G 110 -48.20 -16.04 -14.38
N GLN G 111 -48.01 -17.25 -14.90
CA GLN G 111 -49.14 -18.07 -15.36
C GLN G 111 -49.91 -18.74 -14.21
N GLY G 112 -49.38 -18.64 -12.99
CA GLY G 112 -50.04 -19.21 -11.81
C GLY G 112 -49.59 -20.62 -11.50
N THR G 113 -49.44 -20.91 -10.21
CA THR G 113 -49.16 -22.27 -9.74
C THR G 113 -50.34 -22.72 -8.90
N SER G 114 -50.95 -23.84 -9.29
CA SER G 114 -52.08 -24.42 -8.56
C SER G 114 -51.58 -25.28 -7.42
N VAL G 115 -52.11 -25.04 -6.22
CA VAL G 115 -51.80 -25.87 -5.07
C VAL G 115 -53.08 -26.54 -4.58
N THR G 116 -53.00 -27.85 -4.31
CA THR G 116 -54.11 -28.60 -3.75
C THR G 116 -53.68 -29.31 -2.46
N VAL G 117 -54.43 -29.08 -1.39
CA VAL G 117 -54.15 -29.66 -0.09
C VAL G 117 -55.22 -30.69 0.23
N SER G 118 -54.81 -31.96 0.30
CA SER G 118 -55.74 -33.07 0.56
C SER G 118 -54.98 -34.24 1.16
N SER G 119 -55.69 -35.07 1.94
CA SER G 119 -55.13 -36.32 2.48
C SER G 119 -55.39 -37.51 1.56
N ALA G 120 -56.12 -37.27 0.47
CA ALA G 120 -56.55 -38.34 -0.43
C ALA G 120 -55.40 -39.14 -1.03
N LYS G 121 -55.39 -40.44 -0.80
CA LYS G 121 -54.48 -41.35 -1.51
C LYS G 121 -54.96 -41.47 -2.96
N THR G 122 -54.03 -41.55 -3.90
CA THR G 122 -54.37 -41.69 -5.32
C THR G 122 -55.37 -42.82 -5.53
N THR G 123 -56.57 -42.47 -5.98
CA THR G 123 -57.68 -43.43 -6.14
C THR G 123 -58.22 -43.41 -7.56
N ALA G 124 -58.42 -44.59 -8.15
CA ALA G 124 -58.96 -44.71 -9.50
C ALA G 124 -60.47 -44.42 -9.52
N PRO G 125 -60.98 -43.85 -10.62
CA PRO G 125 -62.41 -43.56 -10.77
C PRO G 125 -63.27 -44.78 -11.06
N SER G 126 -64.42 -44.87 -10.38
CA SER G 126 -65.48 -45.79 -10.79
C SER G 126 -66.27 -45.12 -11.91
N VAL G 127 -66.45 -45.82 -13.02
CA VAL G 127 -67.08 -45.25 -14.21
C VAL G 127 -68.39 -45.97 -14.50
N TYR G 128 -69.50 -45.24 -14.40
CA TYR G 128 -70.85 -45.82 -14.53
C TYR G 128 -71.59 -45.31 -15.76
N PRO G 129 -72.20 -46.23 -16.54
CA PRO G 129 -72.96 -45.81 -17.71
C PRO G 129 -74.29 -45.18 -17.30
N LEU G 130 -74.77 -44.23 -18.11
CA LEU G 130 -76.06 -43.59 -17.87
C LEU G 130 -76.93 -43.67 -19.11
N ALA G 131 -77.72 -44.73 -19.19
CA ALA G 131 -78.73 -44.88 -20.23
C ALA G 131 -80.06 -44.36 -19.70
N PRO G 132 -80.92 -43.83 -20.57
CA PRO G 132 -82.23 -43.34 -20.13
C PRO G 132 -83.17 -44.46 -19.73
N VAL G 133 -84.32 -44.11 -19.16
CA VAL G 133 -85.29 -45.10 -18.69
C VAL G 133 -86.71 -44.76 -19.16
N CYS G 134 -87.50 -44.13 -18.30
CA CYS G 134 -88.93 -43.88 -18.58
C CYS G 134 -89.43 -42.64 -17.82
N THR G 137 -89.34 -41.01 -23.65
CA THR G 137 -89.07 -42.43 -23.87
C THR G 137 -89.01 -42.73 -25.37
N THR G 138 -90.08 -42.42 -26.09
CA THR G 138 -90.15 -42.64 -27.54
C THR G 138 -89.88 -41.33 -28.31
N GLY G 139 -88.89 -40.57 -27.85
CA GLY G 139 -88.57 -39.25 -28.40
C GLY G 139 -87.79 -39.29 -29.70
N SER G 140 -87.42 -38.11 -30.21
CA SER G 140 -86.67 -37.97 -31.46
C SER G 140 -85.19 -37.68 -31.19
N SER G 141 -84.92 -36.78 -30.24
CA SER G 141 -83.56 -36.55 -29.76
C SER G 141 -83.33 -37.39 -28.50
N VAL G 142 -82.11 -37.90 -28.34
CA VAL G 142 -81.77 -38.74 -27.19
C VAL G 142 -80.49 -38.25 -26.51
N THR G 143 -80.34 -38.53 -25.22
CA THR G 143 -79.17 -38.12 -24.45
C THR G 143 -78.71 -39.23 -23.52
N LEU G 144 -77.40 -39.48 -23.52
CA LEU G 144 -76.78 -40.50 -22.66
C LEU G 144 -75.82 -39.82 -21.69
N GLY G 145 -75.13 -40.60 -20.86
CA GLY G 145 -74.18 -40.01 -19.92
C GLY G 145 -73.11 -40.95 -19.37
N CYS G 146 -72.16 -40.36 -18.64
CA CYS G 146 -71.07 -41.11 -18.03
C CYS G 146 -70.68 -40.47 -16.71
N LEU G 147 -70.82 -41.22 -15.62
CA LEU G 147 -70.49 -40.73 -14.28
C LEU G 147 -69.13 -41.27 -13.85
N VAL G 148 -68.22 -40.36 -13.51
CA VAL G 148 -66.88 -40.71 -13.03
C VAL G 148 -66.84 -40.32 -11.55
N LYS G 149 -66.74 -41.32 -10.66
CA LYS G 149 -66.91 -41.07 -9.23
C LYS G 149 -65.73 -41.52 -8.37
N GLY G 150 -65.39 -40.67 -7.40
CA GLY G 150 -64.44 -41.03 -6.34
C GLY G 150 -63.01 -41.17 -6.79
N TYR G 151 -62.51 -40.23 -7.58
CA TYR G 151 -61.11 -40.27 -8.04
C TYR G 151 -60.27 -39.16 -7.43
N PHE G 152 -58.96 -39.43 -7.39
CA PHE G 152 -57.98 -38.45 -6.92
C PHE G 152 -56.59 -38.86 -7.40
N PRO G 153 -55.77 -37.89 -7.87
CA PRO G 153 -56.10 -36.47 -8.07
C PRO G 153 -56.73 -36.23 -9.44
N GLU G 154 -56.96 -34.96 -9.77
CA GLU G 154 -57.31 -34.55 -11.12
C GLU G 154 -56.06 -34.65 -12.01
N PRO G 155 -56.24 -34.59 -13.34
CA PRO G 155 -57.50 -34.53 -14.09
C PRO G 155 -57.91 -35.89 -14.66
N VAL G 156 -59.07 -35.91 -15.30
CA VAL G 156 -59.49 -37.06 -16.09
C VAL G 156 -59.90 -36.57 -17.47
N THR G 157 -59.34 -37.18 -18.50
CA THR G 157 -59.73 -36.88 -19.87
C THR G 157 -60.86 -37.84 -20.26
N LEU G 158 -62.01 -37.28 -20.62
CA LEU G 158 -63.18 -38.07 -20.98
C LEU G 158 -63.52 -37.86 -22.46
N THR G 159 -63.75 -38.97 -23.17
CA THR G 159 -64.14 -38.93 -24.58
C THR G 159 -65.19 -40.00 -24.89
N TRP G 160 -65.69 -40.00 -26.12
CA TRP G 160 -66.67 -40.99 -26.57
C TRP G 160 -66.19 -41.67 -27.85
N ASN G 161 -66.24 -43.01 -27.86
CA ASN G 161 -65.73 -43.82 -28.98
C ASN G 161 -64.30 -43.43 -29.39
N SER G 162 -63.45 -43.25 -28.38
CA SER G 162 -62.06 -42.79 -28.56
C SER G 162 -61.99 -41.42 -29.23
N GLY G 163 -62.88 -40.51 -28.82
CA GLY G 163 -62.91 -39.15 -29.33
C GLY G 163 -63.50 -38.98 -30.73
N SER G 164 -64.16 -40.04 -31.24
CA SER G 164 -64.80 -39.98 -32.56
C SER G 164 -66.04 -39.10 -32.48
N LEU G 165 -66.93 -39.43 -31.54
CA LEU G 165 -68.07 -38.58 -31.22
C LEU G 165 -67.58 -37.45 -30.31
N SER G 166 -67.53 -36.24 -30.85
CA SER G 166 -67.04 -35.06 -30.12
C SER G 166 -68.07 -33.94 -29.98
N SER G 167 -68.92 -33.78 -31.00
CA SER G 167 -69.93 -32.72 -31.00
C SER G 167 -71.22 -33.17 -30.30
N GLY G 168 -71.94 -32.20 -29.72
CA GLY G 168 -73.14 -32.49 -28.92
C GLY G 168 -72.81 -32.99 -27.52
N VAL G 169 -71.59 -32.68 -27.06
CA VAL G 169 -71.04 -33.25 -25.82
C VAL G 169 -70.86 -32.16 -24.75
N HIS G 170 -71.09 -32.55 -23.49
CA HIS G 170 -70.88 -31.66 -22.35
C HIS G 170 -70.24 -32.43 -21.19
N THR G 171 -68.93 -32.25 -21.02
CA THR G 171 -68.21 -32.80 -19.86
C THR G 171 -68.09 -31.72 -18.78
N PHE G 172 -68.78 -31.93 -17.66
CA PHE G 172 -68.89 -30.90 -16.62
C PHE G 172 -67.65 -30.83 -15.73
N PRO G 173 -67.30 -29.64 -15.25
CA PRO G 173 -66.16 -29.50 -14.35
C PRO G 173 -66.25 -30.43 -13.16
N ALA G 174 -65.15 -31.10 -12.83
CA ALA G 174 -65.08 -31.97 -11.66
C ALA G 174 -65.43 -31.17 -10.39
N VAL G 175 -66.07 -31.84 -9.44
CA VAL G 175 -66.38 -31.24 -8.14
C VAL G 175 -65.86 -32.14 -7.02
N LEU G 176 -65.41 -31.53 -5.93
CA LEU G 176 -64.86 -32.27 -4.80
C LEU G 176 -65.97 -32.70 -3.84
N GLN G 177 -65.93 -33.97 -3.45
CA GLN G 177 -66.90 -34.54 -2.52
C GLN G 177 -66.18 -35.36 -1.44
N SER G 178 -65.90 -34.70 -0.31
CA SER G 178 -65.20 -35.33 0.82
C SER G 178 -63.90 -36.02 0.37
N ASP G 179 -62.94 -35.21 -0.06
CA ASP G 179 -61.59 -35.66 -0.41
C ASP G 179 -61.51 -36.52 -1.68
N LEU G 180 -62.54 -36.52 -2.52
CA LEU G 180 -62.51 -37.23 -3.81
C LEU G 180 -63.32 -36.48 -4.87
N TYR G 181 -62.96 -36.65 -6.14
CA TYR G 181 -63.59 -35.91 -7.23
C TYR G 181 -64.63 -36.75 -7.96
N THR G 182 -65.67 -36.07 -8.43
CA THR G 182 -66.69 -36.67 -9.29
C THR G 182 -66.89 -35.77 -10.50
N LEU G 183 -67.10 -36.39 -11.65
CA LEU G 183 -67.28 -35.67 -12.90
C LEU G 183 -68.34 -36.40 -13.72
N SER G 184 -68.99 -35.69 -14.63
CA SER G 184 -69.98 -36.30 -15.51
C SER G 184 -69.96 -35.68 -16.90
N SER G 185 -70.38 -36.47 -17.89
CA SER G 185 -70.50 -36.02 -19.27
C SER G 185 -71.83 -36.46 -19.88
N SER G 186 -72.38 -35.62 -20.74
CA SER G 186 -73.58 -35.96 -21.50
C SER G 186 -73.28 -35.88 -22.98
N VAL G 187 -73.90 -36.77 -23.76
CA VAL G 187 -73.79 -36.74 -25.22
C VAL G 187 -75.17 -36.93 -25.83
N THR G 188 -75.47 -36.14 -26.87
CA THR G 188 -76.79 -36.10 -27.47
C THR G 188 -76.72 -36.43 -28.96
N VAL G 189 -77.66 -37.25 -29.40
CA VAL G 189 -77.68 -37.79 -30.76
C VAL G 189 -79.13 -38.02 -31.21
N THR G 190 -79.30 -38.46 -32.45
CA THR G 190 -80.63 -38.77 -32.99
C THR G 190 -81.08 -40.16 -32.55
N SER G 191 -82.40 -40.35 -32.40
CA SER G 191 -82.97 -41.57 -31.83
C SER G 191 -82.64 -42.85 -32.60
N SER G 192 -82.51 -42.74 -33.93
CA SER G 192 -82.17 -43.89 -34.76
C SER G 192 -80.77 -44.43 -34.48
N THR G 193 -79.83 -43.52 -34.23
CA THR G 193 -78.43 -43.87 -33.96
C THR G 193 -78.30 -44.91 -32.84
N TRP G 194 -78.67 -44.52 -31.63
CA TRP G 194 -78.50 -45.39 -30.46
C TRP G 194 -79.79 -46.16 -30.18
N PRO G 195 -79.67 -47.47 -29.84
CA PRO G 195 -78.46 -48.28 -29.66
C PRO G 195 -77.97 -49.04 -30.90
N SER G 196 -78.53 -48.75 -32.08
CA SER G 196 -78.11 -49.45 -33.31
C SER G 196 -76.64 -49.20 -33.66
N GLN G 197 -76.16 -47.98 -33.38
CA GLN G 197 -74.73 -47.66 -33.45
C GLN G 197 -74.18 -47.53 -32.03
N SER G 198 -73.13 -48.29 -31.74
CA SER G 198 -72.59 -48.39 -30.39
C SER G 198 -71.99 -47.07 -29.89
N ILE G 199 -72.26 -46.75 -28.62
CA ILE G 199 -71.67 -45.58 -27.96
C ILE G 199 -70.96 -46.02 -26.68
N THR G 200 -69.73 -45.54 -26.51
CA THR G 200 -68.87 -45.97 -25.39
C THR G 200 -68.18 -44.78 -24.74
N CYS G 201 -68.07 -44.82 -23.42
CA CYS G 201 -67.43 -43.77 -22.64
C CYS G 201 -65.99 -44.18 -22.32
N ASN G 202 -65.03 -43.36 -22.72
CA ASN G 202 -63.62 -43.64 -22.47
C ASN G 202 -63.05 -42.64 -21.48
N VAL G 203 -62.78 -43.11 -20.26
CA VAL G 203 -62.26 -42.26 -19.20
C VAL G 203 -60.83 -42.66 -18.86
N ALA G 204 -59.89 -41.77 -19.14
CA ALA G 204 -58.49 -41.96 -18.80
C ALA G 204 -58.17 -41.21 -17.50
N HIS G 205 -57.43 -41.89 -16.61
CA HIS G 205 -56.96 -41.28 -15.38
C HIS G 205 -55.46 -41.57 -15.25
N PRO G 206 -54.62 -40.77 -15.94
CA PRO G 206 -53.18 -41.01 -15.98
C PRO G 206 -52.53 -41.26 -14.61
N ALA G 207 -53.01 -40.58 -13.57
CA ALA G 207 -52.46 -40.72 -12.22
C ALA G 207 -52.49 -42.17 -11.71
N SER G 208 -53.60 -42.87 -11.94
CA SER G 208 -53.72 -44.28 -11.53
C SER G 208 -53.46 -45.27 -12.67
N SER G 209 -53.03 -44.75 -13.82
CA SER G 209 -52.74 -45.57 -15.00
C SER G 209 -53.89 -46.51 -15.36
N THR G 210 -55.10 -45.94 -15.44
CA THR G 210 -56.30 -46.70 -15.81
C THR G 210 -57.02 -46.03 -16.99
N LYS G 211 -57.62 -46.87 -17.84
CA LYS G 211 -58.40 -46.40 -18.99
C LYS G 211 -59.58 -47.33 -19.21
N VAL G 212 -60.64 -47.13 -18.42
CA VAL G 212 -61.82 -47.99 -18.47
C VAL G 212 -62.67 -47.64 -19.69
N ASP G 213 -63.28 -48.67 -20.28
CA ASP G 213 -64.16 -48.53 -21.44
C ASP G 213 -65.55 -49.03 -21.10
N LYS G 214 -66.50 -48.10 -20.93
CA LYS G 214 -67.89 -48.44 -20.60
C LYS G 214 -68.83 -48.19 -21.78
N LYS G 215 -69.35 -49.26 -22.37
CA LYS G 215 -70.35 -49.15 -23.42
C LYS G 215 -71.71 -48.88 -22.77
N ILE G 216 -72.46 -47.93 -23.33
CA ILE G 216 -73.78 -47.60 -22.82
C ILE G 216 -74.83 -48.54 -23.41
N GLU G 217 -75.38 -49.41 -22.56
CA GLU G 217 -76.42 -50.37 -22.96
C GLU G 217 -77.76 -49.96 -22.38
N PRO G 218 -78.87 -50.24 -23.10
CA PRO G 218 -80.20 -49.96 -22.56
C PRO G 218 -80.58 -50.97 -21.47
N ARG G 219 -81.77 -50.80 -20.89
CA ARG G 219 -82.17 -51.54 -19.69
C ARG G 219 -83.22 -52.61 -19.97
N GLY G 220 -82.79 -53.67 -20.65
CA GLY G 220 -83.67 -54.78 -21.01
C GLY G 220 -84.41 -54.61 -22.33
N PRO G 221 -83.65 -54.50 -23.45
CA PRO G 221 -84.27 -54.32 -24.76
C PRO G 221 -84.94 -55.60 -25.26
N ASP H 1 -58.20 -1.93 6.24
CA ASP H 1 -57.96 -2.25 4.79
C ASP H 1 -59.03 -1.57 3.94
N ILE H 2 -58.67 -1.23 2.70
CA ILE H 2 -59.59 -0.56 1.78
C ILE H 2 -60.46 -1.58 1.04
N LEU H 3 -61.77 -1.43 1.14
CA LEU H 3 -62.72 -2.30 0.46
C LEU H 3 -62.95 -1.79 -0.96
N MET H 4 -62.78 -2.68 -1.94
CA MET H 4 -63.03 -2.37 -3.34
C MET H 4 -64.31 -3.06 -3.76
N THR H 5 -65.37 -2.28 -3.95
CA THR H 5 -66.66 -2.81 -4.39
C THR H 5 -66.78 -2.63 -5.90
N GLN H 6 -66.65 -3.72 -6.63
CA GLN H 6 -66.73 -3.71 -8.09
C GLN H 6 -68.13 -4.05 -8.54
N SER H 7 -68.65 -3.28 -9.50
CA SER H 7 -69.99 -3.48 -10.05
C SER H 7 -69.97 -3.37 -11.57
N PRO H 8 -70.86 -4.12 -12.25
CA PRO H 8 -71.70 -5.20 -11.75
C PRO H 8 -70.91 -6.49 -11.72
N SER H 9 -71.38 -7.48 -10.97
CA SER H 9 -70.70 -8.78 -10.90
C SER H 9 -70.71 -9.51 -12.25
N SER H 10 -71.68 -9.19 -13.11
CA SER H 10 -71.69 -9.65 -14.52
C SER H 10 -72.63 -8.84 -15.39
N MET H 11 -72.41 -8.92 -16.69
CA MET H 11 -73.29 -8.28 -17.66
C MET H 11 -73.31 -9.12 -18.95
N SER H 12 -74.51 -9.26 -19.53
CA SER H 12 -74.67 -9.96 -20.80
C SER H 12 -74.77 -8.93 -21.92
N VAL H 13 -73.73 -8.87 -22.74
CA VAL H 13 -73.59 -7.84 -23.77
C VAL H 13 -73.23 -8.46 -25.13
N SER H 14 -73.14 -7.62 -26.16
CA SER H 14 -72.87 -8.08 -27.52
C SER H 14 -71.63 -7.40 -28.13
N LEU H 15 -71.11 -8.00 -29.20
CA LEU H 15 -70.01 -7.41 -29.95
C LEU H 15 -70.39 -6.01 -30.43
N GLY H 16 -69.47 -5.07 -30.29
CA GLY H 16 -69.68 -3.70 -30.76
C GLY H 16 -70.22 -2.73 -29.72
N ASP H 17 -70.65 -3.24 -28.57
CA ASP H 17 -71.17 -2.39 -27.51
C ASP H 17 -70.07 -1.57 -26.83
N THR H 18 -70.46 -0.44 -26.26
CA THR H 18 -69.64 0.25 -25.28
C THR H 18 -70.20 -0.11 -23.89
N VAL H 19 -69.37 -0.71 -23.05
CA VAL H 19 -69.79 -1.08 -21.70
C VAL H 19 -68.83 -0.49 -20.68
N SER H 20 -69.29 -0.42 -19.44
CA SER H 20 -68.48 0.15 -18.36
C SER H 20 -68.54 -0.70 -17.10
N ILE H 21 -67.38 -0.88 -16.48
CA ILE H 21 -67.23 -1.58 -15.22
C ILE H 21 -66.76 -0.56 -14.18
N THR H 22 -67.55 -0.34 -13.13
CA THR H 22 -67.16 0.60 -12.07
C THR H 22 -66.58 -0.12 -10.87
N CYS H 23 -65.80 0.63 -10.10
CA CYS H 23 -65.15 0.14 -8.89
C CYS H 23 -65.19 1.28 -7.86
N HIS H 24 -65.69 0.98 -6.67
CA HIS H 24 -65.83 1.95 -5.58
C HIS H 24 -64.95 1.57 -4.39
N ALA H 25 -64.05 2.46 -4.00
CA ALA H 25 -63.20 2.25 -2.84
C ALA H 25 -63.84 2.87 -1.60
N SER H 26 -63.56 2.28 -0.44
CA SER H 26 -64.12 2.74 0.84
C SER H 26 -63.61 4.13 1.26
N GLN H 27 -62.48 4.55 0.68
CA GLN H 27 -61.97 5.91 0.85
C GLN H 27 -61.30 6.37 -0.45
N GLY H 28 -60.91 7.64 -0.51
CA GLY H 28 -60.20 8.17 -1.67
C GLY H 28 -58.88 7.44 -1.89
N ILE H 29 -58.57 7.11 -3.14
CA ILE H 29 -57.31 6.44 -3.47
C ILE H 29 -56.51 7.16 -4.57
N SER H 30 -56.86 8.43 -4.82
CA SER H 30 -56.16 9.31 -5.75
C SER H 30 -55.58 8.61 -6.99
N SER H 31 -56.43 7.87 -7.69
CA SER H 31 -56.10 7.20 -8.95
C SER H 31 -55.08 6.06 -8.85
N ASN H 32 -54.76 5.59 -7.64
CA ASN H 32 -53.83 4.46 -7.49
C ASN H 32 -54.58 3.16 -7.64
N ILE H 33 -55.07 2.95 -8.86
CA ILE H 33 -55.91 1.81 -9.19
C ILE H 33 -55.41 1.21 -10.48
N GLY H 34 -55.46 -0.12 -10.55
CA GLY H 34 -55.15 -0.84 -11.78
C GLY H 34 -56.37 -1.66 -12.19
N TRP H 35 -56.45 -1.97 -13.47
CA TRP H 35 -57.49 -2.84 -13.99
C TRP H 35 -56.82 -4.04 -14.66
N LEU H 36 -57.39 -5.22 -14.44
CA LEU H 36 -56.79 -6.50 -14.84
C LEU H 36 -57.78 -7.33 -15.65
N GLN H 37 -57.25 -8.16 -16.54
CA GLN H 37 -58.07 -9.04 -17.36
C GLN H 37 -57.62 -10.47 -17.23
N GLN H 38 -58.58 -11.39 -17.05
CA GLN H 38 -58.33 -12.82 -17.02
C GLN H 38 -59.26 -13.49 -18.03
N LYS H 39 -58.71 -13.99 -19.12
CA LYS H 39 -59.49 -14.73 -20.11
C LYS H 39 -59.79 -16.14 -19.57
N PRO H 40 -60.82 -16.80 -20.13
CA PRO H 40 -61.20 -18.10 -19.59
C PRO H 40 -60.05 -19.09 -19.50
N GLY H 41 -59.85 -19.64 -18.30
CA GLY H 41 -58.80 -20.64 -18.07
C GLY H 41 -57.39 -20.15 -18.30
N LYS H 42 -57.21 -18.83 -18.30
CA LYS H 42 -55.93 -18.20 -18.59
C LYS H 42 -55.41 -17.44 -17.37
N SER H 43 -54.22 -16.88 -17.48
CA SER H 43 -53.68 -16.04 -16.42
C SER H 43 -54.20 -14.60 -16.61
N PHE H 44 -53.59 -13.67 -15.87
CA PHE H 44 -54.00 -12.28 -15.85
C PHE H 44 -53.15 -11.45 -16.80
N MET H 45 -53.75 -10.39 -17.34
CA MET H 45 -53.01 -9.38 -18.10
C MET H 45 -53.41 -8.01 -17.58
N GLY H 46 -52.43 -7.13 -17.40
CA GLY H 46 -52.69 -5.76 -16.97
C GLY H 46 -53.24 -4.91 -18.11
N LEU H 47 -54.29 -4.14 -17.82
CA LEU H 47 -54.88 -3.23 -18.79
C LEU H 47 -54.50 -1.79 -18.51
N ILE H 48 -54.75 -1.35 -17.27
CA ILE H 48 -54.52 0.03 -16.85
C ILE H 48 -53.71 0.09 -15.58
N TYR H 49 -52.84 1.09 -15.47
CA TYR H 49 -52.22 1.46 -14.22
C TYR H 49 -52.44 2.95 -13.96
N TYR H 50 -52.30 3.33 -12.69
CA TYR H 50 -52.55 4.68 -12.21
C TYR H 50 -53.78 5.31 -12.86
N GLY H 51 -54.88 4.56 -12.86
CA GLY H 51 -56.18 5.11 -13.24
C GLY H 51 -56.48 5.21 -14.72
N THR H 52 -55.57 5.81 -15.48
CA THR H 52 -55.83 6.17 -16.88
C THR H 52 -54.81 5.67 -17.90
N ASN H 53 -53.71 5.06 -17.44
CA ASN H 53 -52.60 4.73 -18.32
C ASN H 53 -52.65 3.31 -18.85
N LEU H 54 -52.81 3.19 -20.16
CA LEU H 54 -52.79 1.88 -20.81
C LEU H 54 -51.45 1.19 -20.62
N VAL H 55 -51.50 -0.08 -20.23
CA VAL H 55 -50.31 -0.93 -20.20
C VAL H 55 -49.84 -1.10 -21.65
N ASP H 56 -48.53 -1.18 -21.86
CA ASP H 56 -47.97 -1.37 -23.21
C ASP H 56 -48.57 -2.61 -23.85
N GLY H 57 -49.11 -2.46 -25.06
CA GLY H 57 -49.68 -3.57 -25.80
C GLY H 57 -51.19 -3.60 -25.81
N VAL H 58 -51.82 -2.93 -24.85
CA VAL H 58 -53.26 -2.91 -24.73
C VAL H 58 -53.90 -1.95 -25.74
N PRO H 59 -54.95 -2.41 -26.47
CA PRO H 59 -55.65 -1.55 -27.43
C PRO H 59 -56.39 -0.37 -26.80
N SER H 60 -56.51 0.73 -27.56
CA SER H 60 -57.10 1.97 -27.05
C SER H 60 -58.63 1.94 -26.90
N ARG H 61 -59.28 0.88 -27.37
CA ARG H 61 -60.69 0.69 -27.05
C ARG H 61 -60.90 0.56 -25.52
N PHE H 62 -59.87 0.11 -24.80
CA PHE H 62 -59.87 0.16 -23.33
C PHE H 62 -59.48 1.56 -22.86
N SER H 63 -60.21 2.08 -21.88
CA SER H 63 -59.90 3.37 -21.29
C SER H 63 -60.34 3.42 -19.83
N GLY H 64 -59.54 4.10 -19.01
CA GLY H 64 -59.81 4.23 -17.58
C GLY H 64 -60.05 5.68 -17.21
N SER H 65 -60.98 5.88 -16.29
CA SER H 65 -61.34 7.22 -15.83
C SER H 65 -61.68 7.16 -14.34
N GLY H 66 -61.99 8.33 -13.77
CA GLY H 66 -62.43 8.43 -12.39
C GLY H 66 -61.48 9.19 -11.51
N SER H 67 -61.90 9.39 -10.27
CA SER H 67 -61.11 10.13 -9.28
C SER H 67 -61.71 9.88 -7.91
N GLY H 68 -60.98 10.29 -6.88
CA GLY H 68 -61.45 10.10 -5.51
C GLY H 68 -61.60 8.62 -5.21
N ALA H 69 -62.83 8.19 -4.98
CA ALA H 69 -63.12 6.80 -4.62
C ALA H 69 -63.88 6.04 -5.72
N ASP H 70 -64.09 6.66 -6.88
CA ASP H 70 -64.99 6.11 -7.89
C ASP H 70 -64.33 6.05 -9.27
N TYR H 71 -64.18 4.83 -9.81
CA TYR H 71 -63.40 4.61 -11.03
C TYR H 71 -64.14 3.70 -12.01
N SER H 72 -63.81 3.86 -13.29
CA SER H 72 -64.48 3.15 -14.37
C SER H 72 -63.49 2.61 -15.39
N LEU H 73 -63.74 1.39 -15.86
CA LEU H 73 -63.08 0.83 -17.04
C LEU H 73 -64.11 0.75 -18.14
N THR H 74 -63.88 1.48 -19.23
CA THR H 74 -64.80 1.47 -20.37
C THR H 74 -64.18 0.72 -21.53
N ILE H 75 -65.00 -0.09 -22.22
CA ILE H 75 -64.53 -0.86 -23.36
C ILE H 75 -65.41 -0.54 -24.56
N SER H 76 -64.91 0.31 -25.45
CA SER H 76 -65.64 0.72 -26.65
C SER H 76 -65.57 -0.39 -27.69
N SER H 77 -66.71 -0.69 -28.32
CA SER H 77 -66.74 -1.62 -29.44
C SER H 77 -66.16 -2.99 -29.05
N LEU H 78 -66.92 -3.75 -28.26
CA LEU H 78 -66.48 -5.05 -27.76
C LEU H 78 -66.01 -6.01 -28.85
N ASP H 79 -64.84 -6.59 -28.61
CA ASP H 79 -64.26 -7.61 -29.45
C ASP H 79 -64.61 -8.96 -28.84
N SER H 80 -64.48 -10.03 -29.63
CA SER H 80 -64.75 -11.39 -29.13
C SER H 80 -63.74 -11.84 -28.06
N GLU H 81 -62.54 -11.27 -28.09
CA GLU H 81 -61.52 -11.54 -27.08
C GLU H 81 -61.83 -10.86 -25.73
N ASP H 82 -62.73 -9.87 -25.73
CA ASP H 82 -63.03 -9.09 -24.53
C ASP H 82 -64.03 -9.78 -23.59
N PHE H 83 -64.56 -10.93 -23.97
CA PHE H 83 -65.42 -11.70 -23.08
C PHE H 83 -64.54 -12.48 -22.11
N ALA H 84 -64.48 -11.96 -20.88
CA ALA H 84 -63.49 -12.39 -19.91
C ALA H 84 -63.83 -11.82 -18.55
N ASP H 85 -62.97 -12.09 -17.57
CA ASP H 85 -63.14 -11.55 -16.23
C ASP H 85 -62.27 -10.30 -16.08
N TYR H 86 -62.81 -9.30 -15.39
CA TYR H 86 -62.07 -8.07 -15.11
C TYR H 86 -62.11 -7.77 -13.63
N TYR H 87 -60.98 -7.32 -13.08
CA TYR H 87 -60.86 -6.95 -11.67
C TYR H 87 -60.17 -5.59 -11.52
N CYS H 88 -60.56 -4.84 -10.49
CA CYS H 88 -59.78 -3.67 -10.07
C CYS H 88 -58.85 -4.07 -8.91
N VAL H 89 -57.75 -3.35 -8.77
CA VAL H 89 -56.85 -3.49 -7.64
C VAL H 89 -56.43 -2.09 -7.19
N GLN H 90 -56.47 -1.81 -5.89
CA GLN H 90 -55.97 -0.53 -5.38
C GLN H 90 -54.59 -0.71 -4.77
N TYR H 91 -53.73 0.28 -4.98
CA TYR H 91 -52.43 0.27 -4.33
C TYR H 91 -52.07 1.59 -3.64
N ALA H 92 -53.11 2.36 -3.30
CA ALA H 92 -52.99 3.51 -2.42
C ALA H 92 -52.42 3.11 -1.06
N GLN H 93 -52.87 1.98 -0.52
CA GLN H 93 -52.39 1.48 0.77
C GLN H 93 -52.07 -0.01 0.75
N LEU H 94 -51.09 -0.39 1.58
CA LEU H 94 -50.89 -1.79 1.96
C LEU H 94 -51.91 -2.11 3.06
N PRO H 95 -52.54 -3.30 2.99
CA PRO H 95 -52.39 -4.29 1.93
C PRO H 95 -53.14 -3.89 0.67
N TYR H 96 -52.60 -4.26 -0.49
CA TYR H 96 -53.31 -4.10 -1.75
C TYR H 96 -54.58 -4.94 -1.68
N THR H 97 -55.67 -4.42 -2.23
CA THR H 97 -56.96 -5.14 -2.21
C THR H 97 -57.63 -5.08 -3.58
N PHE H 98 -58.42 -6.11 -3.88
CA PHE H 98 -58.99 -6.30 -5.20
C PHE H 98 -60.51 -6.18 -5.19
N GLY H 99 -61.06 -5.79 -6.33
CA GLY H 99 -62.50 -5.92 -6.54
C GLY H 99 -62.89 -7.39 -6.60
N GLY H 100 -64.18 -7.67 -6.44
CA GLY H 100 -64.69 -9.03 -6.52
C GLY H 100 -64.80 -9.56 -7.94
N GLY H 101 -64.61 -8.69 -8.92
CA GLY H 101 -64.55 -9.07 -10.32
C GLY H 101 -65.85 -8.88 -11.08
N THR H 102 -65.72 -8.83 -12.41
CA THR H 102 -66.84 -8.70 -13.32
C THR H 102 -66.62 -9.63 -14.50
N LYS H 103 -67.62 -10.47 -14.80
CA LYS H 103 -67.54 -11.35 -15.96
C LYS H 103 -68.40 -10.80 -17.08
N LEU H 104 -67.80 -10.59 -18.25
CA LEU H 104 -68.55 -10.24 -19.46
C LEU H 104 -68.93 -11.52 -20.19
N GLU H 105 -70.23 -11.70 -20.41
CA GLU H 105 -70.75 -12.88 -21.09
C GLU H 105 -71.56 -12.48 -22.31
N ILE H 106 -71.83 -13.45 -23.18
CA ILE H 106 -72.45 -13.19 -24.48
C ILE H 106 -73.97 -13.13 -24.37
N LYS H 107 -74.54 -12.03 -24.87
CA LYS H 107 -75.99 -11.83 -24.94
C LYS H 107 -76.57 -12.70 -26.05
N ARG H 108 -77.73 -13.29 -25.78
CA ARG H 108 -78.44 -14.08 -26.80
C ARG H 108 -79.91 -14.28 -26.41
N ALA H 109 -80.66 -14.94 -27.29
CA ALA H 109 -82.08 -15.17 -27.07
C ALA H 109 -82.31 -16.23 -25.99
N ASP H 110 -83.37 -16.04 -25.21
CA ASP H 110 -83.70 -16.98 -24.14
C ASP H 110 -83.93 -18.37 -24.73
N ALA H 111 -83.43 -19.39 -24.03
CA ALA H 111 -83.60 -20.78 -24.45
C ALA H 111 -83.89 -21.64 -23.23
N ALA H 112 -84.96 -22.42 -23.30
CA ALA H 112 -85.32 -23.35 -22.23
C ALA H 112 -84.33 -24.52 -22.20
N PRO H 113 -84.14 -25.14 -21.02
CA PRO H 113 -83.24 -26.28 -20.89
C PRO H 113 -83.84 -27.62 -21.33
N THR H 114 -83.00 -28.46 -21.94
CA THR H 114 -83.36 -29.85 -22.18
C THR H 114 -82.99 -30.63 -20.92
N VAL H 115 -84.02 -31.12 -20.22
CA VAL H 115 -83.85 -31.83 -18.96
C VAL H 115 -83.97 -33.33 -19.19
N SER H 116 -82.97 -34.07 -18.71
CA SER H 116 -82.95 -35.53 -18.80
C SER H 116 -82.59 -36.09 -17.44
N ILE H 117 -83.23 -37.18 -17.04
CA ILE H 117 -82.96 -37.82 -15.75
C ILE H 117 -82.49 -39.26 -15.96
N PHE H 118 -81.54 -39.68 -15.12
CA PHE H 118 -80.92 -41.00 -15.25
C PHE H 118 -80.87 -41.71 -13.89
N PRO H 119 -81.45 -42.92 -13.81
CA PRO H 119 -81.35 -43.67 -12.56
C PRO H 119 -79.97 -44.30 -12.39
N PRO H 120 -79.73 -44.94 -11.23
CA PRO H 120 -78.44 -45.57 -10.97
C PRO H 120 -78.15 -46.73 -11.91
N SER H 121 -76.87 -46.91 -12.24
CA SER H 121 -76.43 -48.07 -13.02
C SER H 121 -76.47 -49.32 -12.15
N SER H 122 -76.55 -50.48 -12.80
CA SER H 122 -76.44 -51.75 -12.10
C SER H 122 -75.07 -51.86 -11.44
N GLU H 123 -74.04 -51.43 -12.15
CA GLU H 123 -72.67 -51.44 -11.64
C GLU H 123 -72.58 -50.82 -10.25
N GLN H 124 -73.06 -49.58 -10.14
CA GLN H 124 -72.99 -48.82 -8.88
C GLN H 124 -73.78 -49.51 -7.77
N LEU H 125 -74.96 -50.01 -8.11
CA LEU H 125 -75.84 -50.64 -7.13
C LEU H 125 -75.20 -51.85 -6.45
N THR H 126 -74.53 -52.70 -7.22
CA THR H 126 -73.93 -53.90 -6.65
C THR H 126 -72.77 -53.55 -5.69
N SER H 127 -72.12 -52.41 -5.92
CA SER H 127 -71.05 -51.94 -5.02
C SER H 127 -71.58 -51.20 -3.78
N GLY H 128 -72.88 -50.93 -3.75
CA GLY H 128 -73.52 -50.36 -2.55
C GLY H 128 -74.02 -48.93 -2.67
N GLY H 129 -73.76 -48.27 -3.80
CA GLY H 129 -74.16 -46.87 -4.01
C GLY H 129 -75.36 -46.71 -4.94
N ALA H 130 -75.93 -45.51 -4.94
CA ALA H 130 -77.08 -45.18 -5.80
C ALA H 130 -77.07 -43.69 -6.15
N SER H 131 -76.63 -43.37 -7.36
CA SER H 131 -76.56 -41.99 -7.83
C SER H 131 -77.60 -41.73 -8.91
N VAL H 132 -78.48 -40.76 -8.66
CA VAL H 132 -79.45 -40.32 -9.65
C VAL H 132 -78.92 -39.03 -10.29
N VAL H 133 -78.72 -39.07 -11.60
CA VAL H 133 -78.17 -37.94 -12.33
C VAL H 133 -79.25 -37.23 -13.14
N CYS H 134 -79.12 -35.90 -13.21
CA CYS H 134 -80.00 -35.06 -14.00
C CYS H 134 -79.20 -34.01 -14.74
N PHE H 135 -79.31 -33.99 -16.08
CA PHE H 135 -78.66 -32.98 -16.92
C PHE H 135 -79.66 -31.92 -17.35
N LEU H 136 -79.26 -30.66 -17.24
CA LEU H 136 -80.04 -29.53 -17.75
C LEU H 136 -79.17 -28.81 -18.78
N ASN H 137 -79.42 -29.08 -20.05
CA ASN H 137 -78.52 -28.68 -21.13
C ASN H 137 -79.02 -27.53 -22.00
N ASN H 138 -78.07 -26.69 -22.41
CA ASN H 138 -78.31 -25.65 -23.43
C ASN H 138 -79.46 -24.69 -23.11
N PHE H 139 -79.31 -23.95 -22.01
CA PHE H 139 -80.28 -22.93 -21.63
C PHE H 139 -79.67 -21.53 -21.56
N TYR H 140 -80.53 -20.52 -21.70
CA TYR H 140 -80.14 -19.12 -21.51
C TYR H 140 -81.35 -18.34 -21.02
N PRO H 141 -81.17 -17.44 -20.03
CA PRO H 141 -79.96 -17.01 -19.34
C PRO H 141 -79.41 -18.03 -18.34
N LYS H 142 -78.34 -17.67 -17.63
CA LYS H 142 -77.59 -18.62 -16.79
C LYS H 142 -78.28 -18.97 -15.47
N ASP H 143 -79.20 -18.14 -15.01
CA ASP H 143 -79.85 -18.33 -13.70
C ASP H 143 -80.84 -19.48 -13.76
N ILE H 144 -80.53 -20.57 -13.07
CA ILE H 144 -81.37 -21.75 -13.04
C ILE H 144 -81.41 -22.35 -11.64
N ASN H 145 -82.51 -23.04 -11.33
CA ASN H 145 -82.70 -23.67 -10.03
C ASN H 145 -83.19 -25.10 -10.22
N VAL H 146 -82.47 -26.04 -9.63
CA VAL H 146 -82.84 -27.46 -9.68
C VAL H 146 -83.31 -27.89 -8.30
N LYS H 147 -84.34 -28.74 -8.27
CA LYS H 147 -84.91 -29.25 -7.03
C LYS H 147 -85.10 -30.74 -7.21
N TRP H 148 -84.63 -31.52 -6.23
CA TRP H 148 -84.82 -32.97 -6.24
C TRP H 148 -86.00 -33.31 -5.36
N LYS H 149 -86.84 -34.25 -5.80
CA LYS H 149 -87.94 -34.77 -4.99
C LYS H 149 -87.90 -36.29 -4.95
N ILE H 150 -88.09 -36.84 -3.75
CA ILE H 150 -88.18 -38.28 -3.54
C ILE H 150 -89.59 -38.54 -3.04
N ASP H 151 -90.35 -39.34 -3.79
CA ASP H 151 -91.76 -39.57 -3.51
C ASP H 151 -92.49 -38.24 -3.29
N GLY H 152 -92.20 -37.27 -4.15
CA GLY H 152 -92.88 -35.98 -4.13
C GLY H 152 -92.41 -34.98 -3.10
N SER H 153 -91.47 -35.36 -2.22
CA SER H 153 -90.97 -34.47 -1.17
C SER H 153 -89.53 -34.04 -1.44
N GLU H 154 -89.25 -32.75 -1.23
CA GLU H 154 -87.95 -32.18 -1.58
C GLU H 154 -86.81 -32.87 -0.83
N ARG H 155 -85.69 -33.07 -1.51
CA ARG H 155 -84.48 -33.59 -0.92
C ARG H 155 -83.32 -32.63 -1.18
N GLN H 156 -82.61 -32.25 -0.12
CA GLN H 156 -81.51 -31.27 -0.21
C GLN H 156 -80.12 -31.83 0.11
N ASN H 157 -80.04 -32.75 1.05
CA ASN H 157 -78.77 -33.41 1.40
C ASN H 157 -78.29 -34.39 0.32
N GLY H 158 -76.98 -34.52 0.18
CA GLY H 158 -76.39 -35.47 -0.77
C GLY H 158 -76.43 -35.07 -2.23
N VAL H 159 -76.66 -33.78 -2.50
CA VAL H 159 -76.76 -33.28 -3.88
C VAL H 159 -75.50 -32.51 -4.28
N LEU H 160 -75.09 -32.72 -5.52
CA LEU H 160 -73.83 -32.22 -6.03
C LEU H 160 -74.04 -31.64 -7.43
N ASN H 161 -73.75 -30.35 -7.58
CA ASN H 161 -74.03 -29.63 -8.81
C ASN H 161 -72.77 -29.22 -9.54
N SER H 162 -72.84 -29.18 -10.87
CA SER H 162 -71.74 -28.65 -11.68
C SER H 162 -72.29 -27.91 -12.89
N TRP H 163 -71.63 -26.80 -13.24
CA TRP H 163 -72.07 -25.92 -14.31
C TRP H 163 -70.92 -25.75 -15.29
N THR H 164 -71.23 -25.79 -16.59
CA THR H 164 -70.23 -25.53 -17.61
C THR H 164 -70.08 -24.04 -17.82
N ASP H 165 -68.93 -23.61 -18.35
CA ASP H 165 -68.79 -22.25 -18.88
C ASP H 165 -69.71 -22.11 -20.08
N GLN H 166 -70.09 -20.86 -20.39
CA GLN H 166 -70.84 -20.55 -21.60
C GLN H 166 -70.18 -21.25 -22.79
N ASP H 167 -70.97 -22.01 -23.55
CA ASP H 167 -70.44 -22.81 -24.65
C ASP H 167 -70.04 -21.91 -25.82
N SER H 168 -68.90 -22.20 -26.42
CA SER H 168 -68.23 -21.27 -27.33
C SER H 168 -68.99 -20.99 -28.63
N LYS H 169 -69.76 -21.97 -29.10
CA LYS H 169 -70.40 -21.87 -30.43
C LYS H 169 -71.92 -21.93 -30.43
N ASP H 170 -72.55 -21.88 -29.25
CA ASP H 170 -73.98 -21.54 -29.16
C ASP H 170 -74.34 -20.61 -27.99
N SER H 171 -73.34 -20.25 -27.18
CA SER H 171 -73.52 -19.29 -26.06
C SER H 171 -74.55 -19.71 -24.99
N THR H 172 -74.89 -21.00 -24.94
CA THR H 172 -75.81 -21.49 -23.92
C THR H 172 -75.02 -21.93 -22.70
N TYR H 173 -75.75 -22.19 -21.63
CA TYR H 173 -75.17 -22.72 -20.39
C TYR H 173 -75.78 -24.10 -20.14
N SER H 174 -75.06 -24.94 -19.42
CA SER H 174 -75.55 -26.27 -19.03
C SER H 174 -75.17 -26.62 -17.60
N MET H 175 -75.93 -27.55 -17.02
CA MET H 175 -75.80 -27.90 -15.61
C MET H 175 -75.95 -29.41 -15.41
N SER H 176 -75.26 -29.94 -14.41
CA SER H 176 -75.41 -31.33 -14.00
C SER H 176 -75.70 -31.40 -12.50
N SER H 177 -76.74 -32.14 -12.13
CA SER H 177 -77.10 -32.33 -10.73
C SER H 177 -77.11 -33.83 -10.42
N THR H 178 -76.48 -34.21 -9.31
CA THR H 178 -76.36 -35.60 -8.92
C THR H 178 -76.79 -35.81 -7.48
N LEU H 179 -77.81 -36.62 -7.27
CA LEU H 179 -78.25 -37.01 -5.94
C LEU H 179 -77.68 -38.39 -5.65
N THR H 180 -76.80 -38.49 -4.66
CA THR H 180 -76.21 -39.77 -4.29
C THR H 180 -76.78 -40.27 -2.96
N LEU H 181 -77.24 -41.51 -2.96
CA LEU H 181 -77.76 -42.18 -1.78
C LEU H 181 -77.09 -43.55 -1.64
N THR H 182 -77.25 -44.16 -0.47
CA THR H 182 -76.84 -45.56 -0.28
C THR H 182 -77.86 -46.45 -0.99
N LYS H 183 -77.44 -47.63 -1.41
CA LYS H 183 -78.33 -48.58 -2.07
C LYS H 183 -79.60 -48.79 -1.24
N ASP H 184 -79.42 -49.15 0.03
CA ASP H 184 -80.56 -49.48 0.90
C ASP H 184 -81.54 -48.30 1.01
N GLU H 185 -81.02 -47.08 1.10
CA GLU H 185 -81.86 -45.88 1.15
C GLU H 185 -82.61 -45.63 -0.16
N TYR H 186 -81.96 -45.85 -1.29
CA TYR H 186 -82.58 -45.71 -2.60
C TYR H 186 -83.76 -46.68 -2.77
N GLU H 187 -83.64 -47.86 -2.16
CA GLU H 187 -84.67 -48.90 -2.25
C GLU H 187 -85.85 -48.70 -1.28
N ARG H 188 -85.75 -47.73 -0.38
CA ARG H 188 -86.89 -47.38 0.50
C ARG H 188 -87.98 -46.60 -0.24
N HIS H 189 -87.64 -46.00 -1.38
CA HIS H 189 -88.58 -45.13 -2.10
C HIS H 189 -88.79 -45.56 -3.54
N ASN H 190 -89.82 -45.00 -4.18
CA ASN H 190 -90.21 -45.38 -5.53
C ASN H 190 -89.98 -44.27 -6.56
N SER H 191 -90.43 -43.05 -6.25
CA SER H 191 -90.41 -41.95 -7.21
C SER H 191 -89.18 -41.04 -7.01
N TYR H 192 -88.54 -40.67 -8.12
CA TYR H 192 -87.36 -39.79 -8.13
C TYR H 192 -87.51 -38.75 -9.23
N THR H 193 -87.41 -37.48 -8.84
CA THR H 193 -87.82 -36.38 -9.70
C THR H 193 -86.81 -35.23 -9.70
N CYS H 194 -86.61 -34.65 -10.89
CA CYS H 194 -85.71 -33.52 -11.09
C CYS H 194 -86.55 -32.35 -11.61
N GLU H 195 -86.56 -31.24 -10.87
CA GLU H 195 -87.41 -30.08 -11.21
C GLU H 195 -86.58 -28.84 -11.54
N ALA H 196 -86.65 -28.40 -12.80
CA ALA H 196 -85.88 -27.24 -13.28
C ALA H 196 -86.75 -25.99 -13.41
N THR H 197 -86.34 -24.93 -12.71
CA THR H 197 -87.05 -23.65 -12.73
C THR H 197 -86.20 -22.59 -13.44
N HIS H 198 -86.82 -21.88 -14.39
CA HIS H 198 -86.11 -20.98 -15.30
C HIS H 198 -87.04 -19.87 -15.77
N LYS H 199 -86.49 -18.72 -16.15
CA LYS H 199 -87.31 -17.55 -16.54
C LYS H 199 -88.15 -17.76 -17.80
N THR H 200 -87.82 -18.80 -18.57
CA THR H 200 -88.55 -19.13 -19.80
C THR H 200 -89.95 -19.71 -19.54
N SER H 201 -90.24 -20.11 -18.31
CA SER H 201 -91.53 -20.69 -17.95
C SER H 201 -91.96 -20.31 -16.53
N THR H 202 -93.25 -20.03 -16.35
CA THR H 202 -93.79 -19.70 -15.02
C THR H 202 -93.80 -20.94 -14.12
N SER H 203 -94.05 -22.10 -14.70
CA SER H 203 -94.00 -23.37 -13.98
C SER H 203 -92.76 -24.18 -14.38
N PRO H 204 -92.30 -25.08 -13.49
CA PRO H 204 -91.04 -25.79 -13.71
C PRO H 204 -91.12 -26.94 -14.71
N ILE H 205 -89.95 -27.31 -15.25
CA ILE H 205 -89.81 -28.50 -16.10
C ILE H 205 -89.48 -29.69 -15.20
N VAL H 206 -90.37 -30.68 -15.18
CA VAL H 206 -90.28 -31.82 -14.27
C VAL H 206 -89.93 -33.11 -15.03
N LYS H 207 -88.93 -33.83 -14.55
CA LYS H 207 -88.57 -35.14 -15.11
C LYS H 207 -88.44 -36.17 -14.00
N SER H 208 -89.23 -37.23 -14.10
CA SER H 208 -89.33 -38.27 -13.06
C SER H 208 -89.15 -39.66 -13.62
N PHE H 209 -89.02 -40.62 -12.70
CA PHE H 209 -89.05 -42.04 -13.02
C PHE H 209 -89.40 -42.82 -11.76
N ASN H 210 -90.02 -43.99 -11.94
CA ASN H 210 -90.29 -44.90 -10.84
C ASN H 210 -89.30 -46.06 -10.87
N ARG H 211 -88.72 -46.36 -9.70
CA ARG H 211 -87.73 -47.43 -9.56
C ARG H 211 -88.33 -48.77 -10.02
N ASN H 212 -87.54 -49.54 -10.78
CA ASN H 212 -87.98 -50.81 -11.40
C ASN H 212 -88.90 -50.63 -12.62
N GLU H 213 -89.95 -49.83 -12.46
CA GLU H 213 -90.99 -49.67 -13.49
C GLU H 213 -90.50 -48.94 -14.74
N CYS H 214 -91.05 -49.31 -15.89
CA CYS H 214 -90.76 -48.65 -17.16
C CYS H 214 -91.88 -48.93 -18.18
C1 NAG I . 0.72 13.70 -0.12
C2 NAG I . -0.17 12.55 -0.52
C3 NAG I . 0.57 11.26 -0.85
C4 NAG I . 1.78 11.53 -1.73
C5 NAG I . 2.59 12.68 -1.15
C6 NAG I . 3.82 13.04 -1.97
C7 NAG I . -2.32 12.92 0.48
C8 NAG I . -3.31 12.48 1.52
N2 NAG I . -1.18 12.24 0.46
O3 NAG I . -0.37 10.42 -1.47
O4 NAG I . 2.60 10.38 -1.69
O5 NAG I . 1.74 13.81 -1.09
O6 NAG I . 3.42 13.42 -3.27
O7 NAG I . -2.51 13.86 -0.29
C1 NAG I . 2.80 9.81 -3.00
C2 NAG I . 4.03 8.92 -2.95
C3 NAG I . 4.22 8.05 -4.18
C4 NAG I . 2.92 7.58 -4.83
C5 NAG I . 1.80 8.62 -4.74
C6 NAG I . 0.45 8.04 -5.17
C7 NAG I . 5.86 9.84 -1.64
C8 NAG I . 7.08 10.71 -1.65
N2 NAG I . 5.23 9.73 -2.80
O3 NAG I . 5.00 6.94 -3.76
O4 NAG I . 3.17 7.32 -6.20
O5 NAG I . 1.68 9.06 -3.40
O6 NAG I . -0.08 7.26 -4.13
O7 NAG I . 5.47 9.28 -0.61
C1 MAN I . 3.82 6.05 -6.39
C2 MAN I . 3.30 5.45 -7.68
C3 MAN I . 3.83 4.02 -7.81
C4 MAN I . 5.34 3.94 -7.57
C5 MAN I . 5.85 4.86 -6.45
C6 MAN I . 7.38 5.08 -6.53
O2 MAN I . 3.74 6.27 -8.74
O3 MAN I . 3.51 3.50 -9.09
O4 MAN I . 5.66 2.61 -7.25
O5 MAN I . 5.22 6.13 -6.48
O6 MAN I . 8.01 4.73 -5.32
C1 MAN I . 2.39 2.58 -9.08
C2 MAN I . 2.32 1.86 -10.42
C3 MAN I . 2.02 2.86 -11.53
C4 MAN I . 0.77 3.66 -11.20
C5 MAN I . 0.81 4.23 -9.79
C6 MAN I . -0.52 4.88 -9.38
O2 MAN I . 1.32 0.88 -10.39
O3 MAN I . 1.84 2.15 -12.74
O4 MAN I . 0.68 4.73 -12.13
O5 MAN I . 1.13 3.21 -8.85
O6 MAN I . -0.32 5.74 -8.26
C1 NAG J . 30.30 35.70 -1.12
C2 NAG J . 30.80 37.09 -1.50
C3 NAG J . 31.77 37.02 -2.68
C4 NAG J . 32.65 35.77 -2.74
C5 NAG J . 32.06 34.51 -2.08
C6 NAG J . 33.15 33.50 -1.74
C7 NAG J . 29.21 38.90 -1.03
C8 NAG J . 28.00 39.64 -1.53
N2 NAG J . 29.65 37.93 -1.82
O3 NAG J . 32.62 38.15 -2.64
O4 NAG J . 32.94 35.46 -4.09
O5 NAG J . 31.40 34.86 -0.88
O6 NAG J . 32.56 32.22 -1.57
O7 NAG J . 29.72 39.21 0.04
C1 NAG J . 34.32 35.68 -4.41
C2 NAG J . 34.47 35.89 -5.91
C3 NAG J . 35.96 35.82 -6.23
C4 NAG J . 36.72 36.87 -5.42
C5 NAG J . 36.29 36.92 -3.94
C6 NAG J . 36.71 38.23 -3.28
C7 NAG J . 32.49 35.29 -7.26
C8 NAG J . 31.95 36.69 -7.09
N2 NAG J . 33.66 34.97 -6.69
O3 NAG J . 36.17 36.04 -7.61
O4 NAG J . 38.10 36.60 -5.50
O5 NAG J . 34.89 36.82 -3.79
O6 NAG J . 38.09 38.42 -3.39
O7 NAG J . 31.83 34.48 -7.90
C1 NAG K . 4.17 -18.97 -7.14
C2 NAG K . 5.42 -18.16 -7.47
C3 NAG K . 5.67 -17.98 -8.96
C4 NAG K . 5.56 -19.31 -9.71
C5 NAG K . 4.24 -19.98 -9.32
C6 NAG K . 4.01 -21.34 -9.99
C7 NAG K . 5.95 -16.68 -5.60
C8 NAG K . 5.88 -15.29 -5.05
N2 NAG K . 5.41 -16.87 -6.81
O3 NAG K . 6.95 -17.43 -9.12
O4 NAG K . 5.62 -19.08 -11.10
O5 NAG K . 4.20 -20.16 -7.91
O6 NAG K . 4.97 -22.29 -9.56
O7 NAG K . 6.50 -17.58 -4.96
C1 NAG K . 6.71 -19.73 -11.80
C2 NAG K . 6.36 -19.83 -13.30
C3 NAG K . 7.54 -20.30 -14.15
C4 NAG K . 8.78 -19.48 -13.84
C5 NAG K . 9.03 -19.58 -12.32
C6 NAG K . 10.32 -18.90 -11.87
C7 NAG K . 3.95 -20.23 -13.63
C8 NAG K . 2.91 -21.29 -13.80
N2 NAG K . 5.21 -20.69 -13.48
O3 NAG K . 7.21 -20.20 -15.53
O4 NAG K . 9.90 -19.88 -14.64
O5 NAG K . 7.93 -19.03 -11.62
O6 NAG K . 10.23 -17.49 -12.01
O7 NAG K . 3.66 -19.04 -13.65
C1 MAN K . 10.40 -18.81 -15.51
C2 MAN K . 11.94 -18.77 -15.52
C3 MAN K . 12.55 -19.04 -16.90
C4 MAN K . 11.81 -20.16 -17.61
C5 MAN K . 10.31 -19.86 -17.73
C6 MAN K . 9.47 -21.13 -17.62
O2 MAN K . 12.51 -19.65 -14.57
O3 MAN K . 13.93 -19.35 -16.79
O4 MAN K . 12.34 -20.33 -18.90
O5 MAN K . 9.87 -18.85 -16.82
O6 MAN K . 8.27 -20.97 -18.33
C1 NAG L . -21.75 -44.32 -12.40
C2 NAG L . -22.12 -45.58 -11.62
C3 NAG L . -21.92 -46.86 -12.44
C4 NAG L . -21.43 -46.55 -13.86
C5 NAG L . -20.28 -45.54 -13.87
C6 NAG L . -20.01 -45.01 -15.28
C7 NAG L . -21.92 -45.58 -9.19
C8 NAG L . -20.98 -45.70 -8.02
N2 NAG L . -21.35 -45.68 -10.39
O3 NAG L . -23.13 -47.59 -12.47
O4 NAG L . -20.98 -47.75 -14.46
O5 NAG L . -20.47 -44.43 -12.99
O6 NAG L . -21.12 -44.27 -15.74
O7 NAG L . -23.12 -45.40 -9.02
C1 NAG L . -21.91 -48.26 -15.45
C2 NAG L . -21.18 -49.30 -16.30
C3 NAG L . -22.13 -49.91 -17.32
C4 NAG L . -23.39 -50.43 -16.63
C5 NAG L . -24.01 -49.32 -15.77
C6 NAG L . -25.24 -49.85 -15.02
C7 NAG L . -18.76 -48.84 -16.46
C8 NAG L . -18.52 -49.57 -15.17
N2 NAG L . -20.00 -48.74 -16.94
O3 NAG L . -21.49 -50.97 -18.01
O4 NAG L . -24.30 -50.90 -17.59
O5 NAG L . -23.06 -48.83 -14.85
O6 NAG L . -25.71 -48.88 -14.11
O7 NAG L . -17.79 -48.34 -17.04
CA CA M . -15.54 2.21 -28.56
CA CA N . -5.85 12.39 -32.27
CA CA O . -8.13 24.01 -37.66
CA CA P . -20.93 30.05 -39.35
C1 NIF Q . -21.31 9.24 7.14
N1 NIF Q . -20.31 9.72 6.39
O1 NIF Q . -18.40 10.17 4.48
S1 NIF Q . -22.00 7.68 6.43
C2 NIF Q . -20.85 7.82 5.14
N2 NIF Q . -20.05 8.91 5.25
C3 NIF Q . -19.69 7.24 3.09
N3 NIF Q . -20.73 6.99 4.15
C4 NIF Q . -18.89 8.30 3.20
N4 NIF Q . -19.79 4.19 0.11
C5 NIF Q . -19.07 9.19 4.34
N5 NIF Q . -19.66 6.21 2.06
C6 NIF Q . -21.85 9.85 8.42
C7 NIF Q . -23.28 9.34 8.65
C8 NIF Q . -20.53 5.09 2.26
C9 NIF Q . -21.00 4.53 0.92
C10 NIF Q . -19.19 5.49 -0.26
C11 NIF Q . -18.75 6.26 0.98
C1 GOL R . -17.18 48.10 -17.80
O1 GOL R . -16.98 49.47 -17.51
C2 GOL R . -16.43 47.22 -16.80
O2 GOL R . -17.30 46.77 -15.78
C3 GOL R . -15.26 47.94 -16.17
O3 GOL R . -14.43 47.03 -15.48
C1 GOL S . 3.18 27.26 -31.98
O1 GOL S . 2.79 28.27 -31.08
C2 GOL S . 3.49 25.99 -31.21
O2 GOL S . 4.74 26.09 -30.56
C3 GOL S . 3.51 24.80 -32.16
O3 GOL S . 4.06 23.69 -31.50
C1 GOL T . -0.14 13.88 -14.06
O1 GOL T . -0.66 14.77 -13.12
C2 GOL T . -0.27 14.48 -15.46
O2 GOL T . 0.54 15.62 -15.53
C3 GOL T . -1.73 14.82 -15.76
O3 GOL T . -2.54 13.65 -15.76
C1 GOL U . -9.82 38.51 -35.61
O1 GOL U . -8.55 37.91 -35.67
C2 GOL U . -10.62 38.37 -36.92
O2 GOL U . -9.89 37.70 -37.94
C3 GOL U . -11.06 39.76 -37.36
O3 GOL U . -11.75 39.72 -38.59
C1 GOL V . -33.66 23.19 -0.66
O1 GOL V . -32.96 24.38 -0.32
C2 GOL V . -35.15 23.34 -0.44
O2 GOL V . -35.88 22.26 -1.00
C3 GOL V . -35.59 24.63 -1.10
O3 GOL V . -34.95 25.72 -0.45
C1 GOL W . -22.78 42.90 -14.79
O1 GOL W . -22.09 41.70 -15.14
C2 GOL W . -24.19 43.01 -15.39
O2 GOL W . -25.10 42.17 -14.68
C3 GOL W . -24.24 42.73 -16.89
O3 GOL W . -24.30 43.86 -17.74
S SO4 X . -10.88 0.55 -7.72
O1 SO4 X . -9.76 1.49 -7.88
O2 SO4 X . -10.73 -0.54 -8.67
O3 SO4 X . -10.87 0.03 -6.35
O4 SO4 X . -12.14 1.24 -7.96
S SO4 Y . -29.88 0.44 0.84
O1 SO4 Y . -29.22 1.29 1.86
O2 SO4 Y . -30.82 1.22 0.04
O3 SO4 Y . -28.85 -0.13 -0.02
O4 SO4 Y . -30.60 -0.65 1.51
S SO4 Z . -3.73 4.38 -11.64
O1 SO4 Z . -3.81 5.85 -11.69
O2 SO4 Z . -4.54 3.79 -12.70
O3 SO4 Z . -2.35 3.95 -11.82
O4 SO4 Z . -4.20 3.92 -10.34
S SO4 AA . -6.01 47.35 -15.86
O1 SO4 AA . -4.68 47.03 -15.35
O2 SO4 AA . -6.12 48.80 -16.03
O3 SO4 AA . -6.22 46.67 -17.13
O4 SO4 AA . -7.04 46.90 -14.93
S SO4 BA . -28.89 28.15 -7.52
O1 SO4 BA . -27.70 28.96 -7.74
O2 SO4 BA . -29.74 28.17 -8.71
O3 SO4 BA . -28.48 26.77 -7.26
O4 SO4 BA . -29.62 28.67 -6.37
MG MG CA . -17.04 16.15 10.68
CA CA DA . -12.65 13.82 18.84
CA CA EA . -19.22 18.86 5.87
C1 NAG FA . 32.13 45.01 1.93
C2 NAG FA . 31.80 45.62 3.29
C3 NAG FA . 33.11 45.89 4.05
C4 NAG FA . 33.94 44.62 4.12
C5 NAG FA . 34.16 44.07 2.72
C6 NAG FA . 34.94 42.76 2.77
C7 NAG FA . 29.95 47.11 3.93
C8 NAG FA . 29.29 48.44 3.67
N2 NAG FA . 31.04 46.85 3.19
O3 NAG FA . 32.82 46.38 5.35
O4 NAG FA . 35.19 44.90 4.73
O5 NAG FA . 32.90 43.85 2.12
O6 NAG FA . 34.85 42.11 1.52
O7 NAG FA . 29.47 46.34 4.76
C1 GOL GA . 2.25 34.26 5.83
O1 GOL GA . 1.86 32.91 5.99
C2 GOL GA . 3.66 34.43 6.40
O2 GOL GA . 4.59 34.02 5.43
C3 GOL GA . 3.92 35.88 6.80
O3 GOL GA . 3.99 35.98 8.21
S SO4 HA . 8.38 38.29 14.23
O1 SO4 HA . 7.94 39.68 14.35
O2 SO4 HA . 7.35 37.37 14.69
O3 SO4 HA . 8.66 38.01 12.83
O4 SO4 HA . 9.61 38.09 15.01
CA CA IA . 38.41 -24.85 -8.72
CA CA JA . 31.30 -37.55 -8.55
CA CA KA . 31.72 -47.01 0.35
CA CA LA . 37.86 -46.19 13.06
C1 NIF MA . 13.77 -1.81 5.88
N1 NIF MA . 13.53 -3.01 5.36
O1 NIF MA . 13.59 -5.38 3.97
S1 NIF MA . 15.33 -1.08 5.17
C2 NIF MA . 15.52 -2.51 4.22
N2 NIF MA . 14.52 -3.41 4.41
C3 NIF MA . 16.53 -4.07 2.61
N3 NIF MA . 16.50 -2.76 3.37
C4 NIF MA . 15.54 -4.94 2.80
N4 NIF MA . 20.06 -4.57 0.20
C5 NIF MA . 14.48 -4.61 3.75
N5 NIF MA . 17.65 -4.22 1.69
C6 NIF MA . 12.90 -1.09 6.91
C7 NIF MA . 13.56 0.23 7.34
C8 NIF MA . 18.59 -3.15 1.59
C9 NIF MA . 20.01 -3.68 1.40
C10 NIF MA . 19.24 -5.74 0.57
C11 NIF MA . 17.79 -5.36 0.86
S SO4 NA . 5.06 -45.86 18.90
O1 SO4 NA . 5.46 -44.51 19.27
O2 SO4 NA . 4.52 -45.87 17.54
O3 SO4 NA . 6.25 -46.71 18.99
O4 SO4 NA . 4.02 -46.38 19.80
S SO4 OA . 15.27 -29.32 -7.63
O1 SO4 OA . 14.28 -28.26 -7.88
O2 SO4 OA . 15.17 -29.73 -6.24
O3 SO4 OA . 14.96 -30.46 -8.50
O4 SO4 OA . 16.64 -28.84 -7.86
S SO4 PA . 18.75 -19.33 -12.41
O1 SO4 PA . 20.21 -19.43 -12.55
O2 SO4 PA . 18.14 -19.65 -13.70
O3 SO4 PA . 18.24 -20.26 -11.40
O4 SO4 PA . 18.37 -17.97 -12.01
S SO4 QA . 22.08 -11.27 -9.91
O1 SO4 QA . 23.51 -11.53 -9.71
O2 SO4 QA . 21.83 -10.98 -11.32
O3 SO4 QA . 21.30 -12.44 -9.52
O4 SO4 QA . 21.67 -10.13 -9.09
S SO4 RA . 21.59 -9.77 24.10
O1 SO4 RA . 22.80 -8.93 24.10
O2 SO4 RA . 20.61 -9.21 23.17
O3 SO4 RA . 21.91 -11.12 23.67
O4 SO4 RA . 21.01 -9.83 25.43
S SO4 SA . 19.69 -48.87 -5.97
O1 SO4 SA . 19.22 -47.56 -6.42
O2 SO4 SA . 19.13 -49.89 -6.85
O3 SO4 SA . 21.14 -48.92 -6.05
O4 SO4 SA . 19.24 -49.11 -4.60
MG MG TA . 6.26 -4.91 8.73
CA CA UA . -1.37 -0.03 5.23
CA CA VA . 9.44 -9.06 11.21
C1 NAG WA . -27.85 -48.37 -7.25
C2 NAG WA . -28.39 -48.73 -8.63
C3 NAG WA . -29.64 -47.90 -8.91
C4 NAG WA . -30.65 -48.06 -7.78
C5 NAG WA . -30.00 -47.77 -6.43
C6 NAG WA . -30.97 -48.02 -5.28
C7 NAG WA . -26.37 -49.39 -9.84
C8 NAG WA . -25.40 -49.03 -10.93
N2 NAG WA . -27.36 -48.53 -9.64
O3 NAG WA . -30.21 -48.30 -10.13
O4 NAG WA . -31.74 -47.21 -8.00
O5 NAG WA . -28.84 -48.56 -6.25
O6 NAG WA . -30.26 -47.98 -4.06
O7 NAG WA . -26.22 -50.42 -9.20
C1 GOL XA . 18.56 -14.99 22.53
O1 GOL XA . 17.65 -16.07 22.37
C2 GOL XA . 19.47 -14.85 21.30
O2 GOL XA . 20.53 -15.78 21.40
C3 GOL XA . 19.98 -13.43 21.15
O3 GOL XA . 19.33 -12.77 20.09
S SO4 YA . -20.53 -26.20 7.20
O1 SO4 YA . -20.44 -24.93 7.89
O2 SO4 YA . -21.77 -26.28 6.43
O3 SO4 YA . -19.40 -26.31 6.27
O4 SO4 YA . -20.49 -27.29 8.18
S SO4 ZA . -14.65 -77.41 10.11
O1 SO4 ZA . -14.01 -78.11 9.00
O2 SO4 ZA . -14.38 -75.98 9.98
O3 SO4 ZA . -16.09 -77.64 10.07
O4 SO4 ZA . -14.09 -77.90 11.38
S SO4 AB . -11.22 -27.52 7.25
O1 SO4 AB . -9.97 -26.92 7.69
O2 SO4 AB . -12.36 -26.93 7.95
O3 SO4 AB . -11.38 -27.33 5.81
O4 SO4 AB . -11.18 -28.96 7.56
S SO4 BB . -56.85 -16.56 3.47
O1 SO4 BB . -55.57 -16.49 4.16
O2 SO4 BB . -57.69 -15.44 3.90
O3 SO4 BB . -56.63 -16.50 2.03
O4 SO4 BB . -57.48 -17.84 3.81
S SO4 CB . -55.54 -7.66 -23.95
O1 SO4 CB . -56.22 -6.70 -24.84
O2 SO4 CB . -56.08 -7.50 -22.61
O3 SO4 CB . -55.82 -9.01 -24.41
O4 SO4 CB . -54.09 -7.44 -23.92
S SO4 DB . -58.20 12.79 -6.19
O1 SO4 DB . -56.95 12.64 -5.44
O2 SO4 DB . -58.23 14.10 -6.84
O3 SO4 DB . -58.30 11.74 -7.21
O4 SO4 DB . -59.33 12.67 -5.27
#